data_8H3M
#
_entry.id   8H3M
#
_cell.length_a   1.00
_cell.length_b   1.00
_cell.length_c   1.00
_cell.angle_alpha   90.00
_cell.angle_beta   90.00
_cell.angle_gamma   90.00
#
_symmetry.space_group_name_H-M   'P 1'
#
loop_
_entity.id
_entity.type
_entity.pdbx_description
1 polymer 'Spike glycoprotein'
2 polymer 'MO1 heavy chain'
3 non-polymer 2-acetamido-2-deoxy-beta-D-glucopyranose
#
loop_
_entity_poly.entity_id
_entity_poly.type
_entity_poly.pdbx_seq_one_letter_code
_entity_poly.pdbx_strand_id
1 'polypeptide(L)'
;MFVFLVLLPLVSSQCVNLTTRTQLPPAYTNSFTRGVYYPDKVFRSSVLHSTQDLFLPFFSNVTWFHVISGTNGTKRFDNP
VLPFNDGVYFASIEKSNIIRGWIFGTTLDSKTQSLLIVNNATNVVIKVCEFQFCNDPFLDHKNNKSWMESEFRVYSSANN
CTFEYVSQPFLMDLEGKQGNFKNLREFVFKNIDGYFKIYSKHTPIIVREPEDLPQGFSALEPLVDLPIGINITRFQTLLA
LHRSYLTPGDSSSGWTAGAAAYYVGYLQPRTFLLKYNENGTITDAVDCALDPLSETKCTLKSFTVEKGIYQTSNFRVQPT
ESIVRFPNITNLCPFDEVFNATRFASVYAWNRKRISNCVADYSVLYNLAPFFTFKCYGVSPTKLNDLCFTNVYADSFVIR
GDEVRQIAPGQTGNIADYNYKLPDDFTGCVIAWNSNKLDSKVSGNYNYLYRLFRKSNLKPFERDISTEIYQAGNKPCNGV
AGFNCYFPLRSYSFRPTYGVGHQPYRVVVLSFELLHAPATVCGPKKSTNLVKNKCVNFNFNGLKGTGVLTESNKKFLPFQ
QFGRDIADTTDAVRDPQTLEILDITPCSFGGVSVITPGTNTSNQVAVLYQGVNCTEVPVAIHADQLTPTWRVYSTGSNVF
QTRAGCLIGAEYVNNSYECDIPIGAGICASYQTQTKSHASVASQSIIAYTMSLGAENSVAYSNNSIAIPTNFTISVTTEI
LPVSMTKTSVDCTMYICGDSTECSNLLLQYGSFCTQLKRALTGIAVEQDKNTQEVFAQVKQIYKTPPIKYFGGFNFSQIL
PDPSKPSKRSPIEDLLFNKVTLADAGFIKQYGDCLGDIAARDLICAQKFKGLTVLPPLLTDEMIAQYTSALLAGTITSGW
TFGAGPALQIPFPMQMAYRFNGIGVTQNVLYENQKLIANQFNSAIGKIQDSLSSTPSALGKLQDVVNHNAQALNTLVKQL
SSKFGAISSVLNDIFSRLDPPEAEVQIDRLITGRLQSLQTYVTQQLIRAAEIRASANLAATKMSECVLGQSKRVDFCGKG
YHLMSFPQSAPHGVVFLHVTYVPAQEKNFTTAPAICHDGKAHFPREGVFVSNGTHWFVTQRNFYEPQIITTDNTFVSGNC
DVVIGIVNNTVYDPLQPELDSFKEELDKYFKNHTSPDVDLGDISGINASVVNIQKEIDRLNEVAKNLNESLIDLQELGKY
EQYIKWPLEVLFQGPGYIPEAPRDGQAYVRKDGEWVFLSTFLGHHHHHH
;
A,B,C
2 'polypeptide(L)'
;EVQLVESGGGMVQPGRSLRLSCAASGFTFDDYAMHWVRQIPGKGLEWVSGISWNSGDIGYADSVKGRFTISRDNAKNSLH
LQMNSLRAEDTALYYCAKDKTYDSPGYFLNSFDYWGQGTLVTVSSASTKGPSVFPLAPSSKSTSGGTAALGCLVKDYFPE
PVTVSWNSGALTSGVHTFPAVLQSSGLYSLSSVVTVPSSSLGTQTYICNVNHKPSNTKVDKKVEPKSCDKTHKCLDIQMT
QSPSSLSASVGDRVTITCRASQGISSYLVWYQQKPGKAPKFLIYAASTLQSGVPSRFSGSGSGTDFTLTISSLQPEDFAT
YYCQQLYSYPITFGQGTRLEIKRTVAAPSVFIFPPSDEQLKSGTASVVCLLNNFYPREAKVQWKVDNALQSGNSQESVTE
QDSKDSTYSLSSTLTLSKADYEKHKVYACEVTHQGLSSPVTKSFNRGEC
;
D,H
#
# COMPACT_ATOMS: atom_id res chain seq x y z
N ALA A 27 56.13 -19.31 4.13
CA ALA A 27 55.57 -18.76 5.36
C ALA A 27 54.31 -17.95 5.08
N TYR A 28 53.27 -18.21 5.87
CA TYR A 28 52.00 -17.50 5.73
C TYR A 28 51.64 -16.91 7.09
N THR A 29 50.80 -15.88 7.04
CA THR A 29 50.38 -15.18 8.25
C THR A 29 48.98 -14.62 8.04
N ASN A 30 48.43 -14.02 9.09
CA ASN A 30 47.05 -13.55 9.09
C ASN A 30 47.03 -12.06 8.75
N SER A 31 46.22 -11.70 7.75
CA SER A 31 46.12 -10.30 7.36
C SER A 31 45.25 -9.49 8.31
N PHE A 32 44.45 -10.14 9.14
CA PHE A 32 43.57 -9.48 10.11
C PHE A 32 42.65 -8.52 9.36
N THR A 33 42.37 -7.36 9.94
CA THR A 33 41.58 -6.32 9.28
C THR A 33 42.56 -5.25 8.80
N ARG A 34 43.16 -5.51 7.64
CA ARG A 34 44.12 -4.59 7.03
C ARG A 34 43.83 -4.46 5.54
N GLY A 35 44.33 -3.39 4.96
CA GLY A 35 44.20 -3.18 3.53
C GLY A 35 42.94 -2.45 3.10
N VAL A 36 42.22 -1.83 4.02
CA VAL A 36 41.08 -0.99 3.66
C VAL A 36 41.60 0.32 3.09
N TYR A 37 41.08 0.73 1.95
CA TYR A 37 41.44 2.00 1.33
C TYR A 37 40.17 2.81 1.08
N TYR A 38 40.35 4.10 0.84
CA TYR A 38 39.23 4.97 0.55
C TYR A 38 38.70 4.68 -0.85
N PRO A 39 37.43 4.26 -0.99
CA PRO A 39 36.94 3.82 -2.30
C PRO A 39 36.79 4.92 -3.33
N ASP A 40 36.70 6.19 -2.92
CA ASP A 40 36.51 7.27 -3.86
C ASP A 40 37.06 8.56 -3.25
N LYS A 41 36.99 9.64 -4.04
CA LYS A 41 37.51 10.93 -3.66
C LYS A 41 36.51 11.78 -2.88
N VAL A 42 35.33 11.23 -2.59
CA VAL A 42 34.27 11.99 -1.94
C VAL A 42 34.50 12.01 -0.43
N PHE A 43 34.28 13.18 0.18
CA PHE A 43 34.32 13.29 1.63
C PHE A 43 32.99 12.87 2.23
N ARG A 44 33.07 12.06 3.28
CA ARG A 44 31.90 11.64 4.04
C ARG A 44 32.27 11.69 5.51
N SER A 45 31.26 11.83 6.37
CA SER A 45 31.53 11.91 7.80
C SER A 45 30.35 11.38 8.58
N SER A 46 30.64 10.63 9.65
CA SER A 46 29.65 10.10 10.57
C SER A 46 28.57 9.30 9.84
N VAL A 47 29.00 8.43 8.94
CA VAL A 47 28.09 7.59 8.17
C VAL A 47 28.63 6.17 8.05
N LEU A 48 27.73 5.25 7.76
CA LEU A 48 28.07 3.89 7.37
C LEU A 48 27.79 3.75 5.88
N HIS A 49 28.83 3.46 5.10
CA HIS A 49 28.74 3.45 3.65
C HIS A 49 29.12 2.09 3.12
N SER A 50 28.30 1.56 2.21
CA SER A 50 28.56 0.27 1.60
C SER A 50 29.24 0.46 0.25
N THR A 51 30.34 -0.26 0.05
CA THR A 51 31.13 -0.16 -1.17
C THR A 51 31.40 -1.55 -1.72
N GLN A 52 31.15 -1.72 -3.01
CA GLN A 52 31.48 -2.96 -3.71
C GLN A 52 32.74 -2.71 -4.53
N ASP A 53 33.85 -3.29 -4.09
CA ASP A 53 35.14 -2.97 -4.71
C ASP A 53 36.13 -4.09 -4.46
N LEU A 54 37.29 -3.98 -5.10
CA LEU A 54 38.36 -4.95 -4.95
C LEU A 54 39.06 -4.70 -3.61
N PHE A 55 38.87 -5.61 -2.66
CA PHE A 55 39.42 -5.46 -1.32
C PHE A 55 40.27 -6.68 -0.96
N LEU A 56 40.95 -6.58 0.18
CA LEU A 56 41.63 -7.71 0.76
C LEU A 56 40.74 -8.29 1.85
N PRO A 57 40.23 -9.52 1.69
CA PRO A 57 39.29 -10.05 2.68
C PRO A 57 39.91 -10.11 4.08
N PHE A 58 39.07 -9.86 5.09
CA PHE A 58 39.52 -9.92 6.46
C PHE A 58 40.02 -11.32 6.80
N PHE A 59 41.08 -11.37 7.60
CA PHE A 59 41.67 -12.64 8.04
C PHE A 59 42.08 -13.52 6.87
N SER A 60 42.64 -12.89 5.83
CA SER A 60 43.16 -13.63 4.69
C SER A 60 44.54 -14.19 4.99
N ASN A 61 44.87 -15.29 4.31
CA ASN A 61 46.20 -15.89 4.42
C ASN A 61 47.12 -15.19 3.42
N VAL A 62 47.90 -14.23 3.91
CA VAL A 62 48.81 -13.46 3.08
C VAL A 62 50.17 -14.13 3.12
N THR A 63 50.83 -14.21 1.96
CA THR A 63 52.15 -14.83 1.89
C THR A 63 53.21 -13.88 2.42
N TRP A 64 54.17 -14.42 3.16
CA TRP A 64 55.15 -13.66 3.91
C TRP A 64 56.54 -14.03 3.39
N PHE A 65 57.31 -13.03 2.98
CA PHE A 65 58.69 -13.23 2.54
C PHE A 65 59.64 -12.50 3.48
N HIS A 66 60.83 -13.09 3.65
CA HIS A 66 61.85 -12.58 4.53
C HIS A 66 63.14 -12.36 3.76
N VAL A 67 63.76 -11.20 3.96
CA VAL A 67 65.05 -10.91 3.33
C VAL A 67 66.06 -10.53 4.40
N ASN A 79 63.97 -12.36 -5.36
CA ASN A 79 62.72 -12.88 -4.81
C ASN A 79 61.74 -13.17 -5.95
N PRO A 80 60.86 -14.15 -5.75
CA PRO A 80 60.13 -14.74 -6.89
C PRO A 80 59.18 -13.76 -7.54
N VAL A 81 58.74 -14.14 -8.74
CA VAL A 81 57.79 -13.36 -9.53
C VAL A 81 56.40 -13.84 -9.17
N LEU A 82 55.73 -13.10 -8.29
CA LEU A 82 54.39 -13.47 -7.85
C LEU A 82 53.36 -13.04 -8.89
N PRO A 83 52.26 -13.79 -9.03
CA PRO A 83 51.22 -13.41 -9.98
C PRO A 83 50.52 -12.13 -9.58
N PHE A 84 49.97 -11.45 -10.59
CA PHE A 84 49.15 -10.26 -10.40
C PHE A 84 47.75 -10.62 -10.86
N ASN A 85 46.96 -11.18 -9.94
CA ASN A 85 45.69 -11.80 -10.31
C ASN A 85 44.62 -10.75 -10.58
N ASP A 86 44.24 -9.98 -9.56
CA ASP A 86 43.22 -8.96 -9.70
C ASP A 86 43.57 -7.69 -8.94
N GLY A 87 44.82 -7.53 -8.53
CA GLY A 87 45.21 -6.44 -7.65
C GLY A 87 45.92 -7.00 -6.45
N VAL A 88 46.85 -6.25 -5.89
CA VAL A 88 47.75 -6.77 -4.86
C VAL A 88 47.83 -5.78 -3.71
N TYR A 89 47.72 -6.31 -2.50
CA TYR A 89 48.07 -5.58 -1.28
C TYR A 89 49.49 -5.96 -0.89
N PHE A 90 50.32 -4.95 -0.65
CA PHE A 90 51.74 -5.15 -0.40
C PHE A 90 52.13 -4.39 0.85
N ALA A 91 52.49 -5.11 1.90
CA ALA A 91 52.94 -4.50 3.14
C ALA A 91 54.44 -4.73 3.31
N SER A 92 55.09 -3.80 3.99
CA SER A 92 56.54 -3.90 4.21
C SER A 92 56.86 -3.32 5.58
N ILE A 93 57.45 -4.14 6.44
CA ILE A 93 57.90 -3.72 7.77
C ILE A 93 59.42 -3.69 7.74
N GLU A 94 59.98 -2.49 7.61
CA GLU A 94 61.42 -2.33 7.52
C GLU A 94 61.80 -0.92 7.96
N LYS A 95 63.10 -0.73 8.22
CA LYS A 95 63.61 0.58 8.57
C LYS A 95 64.85 0.94 7.74
N SER A 96 65.18 0.15 6.72
CA SER A 96 66.39 0.37 5.94
C SER A 96 66.13 0.60 4.46
N ASN A 97 64.87 0.69 4.03
CA ASN A 97 64.52 0.91 2.63
C ASN A 97 65.11 -0.16 1.72
N ILE A 98 65.00 -1.43 2.14
CA ILE A 98 65.39 -2.54 1.27
C ILE A 98 64.46 -2.60 0.05
N ILE A 99 63.16 -2.47 0.28
CA ILE A 99 62.19 -2.46 -0.80
C ILE A 99 62.25 -1.11 -1.51
N ARG A 100 62.31 -1.14 -2.84
CA ARG A 100 62.38 0.08 -3.62
C ARG A 100 61.22 0.21 -4.59
N GLY A 101 60.85 -0.88 -5.25
CA GLY A 101 59.87 -0.81 -6.31
C GLY A 101 59.55 -2.18 -6.87
N TRP A 102 58.86 -2.17 -8.00
CA TRP A 102 58.31 -3.39 -8.57
C TRP A 102 58.33 -3.33 -10.08
N ILE A 103 58.31 -4.49 -10.70
CA ILE A 103 58.17 -4.64 -12.15
C ILE A 103 56.87 -5.37 -12.41
N PHE A 104 56.11 -4.89 -13.40
CA PHE A 104 54.82 -5.47 -13.74
C PHE A 104 54.80 -5.84 -15.22
N GLY A 105 54.26 -7.00 -15.54
CA GLY A 105 54.17 -7.43 -16.92
C GLY A 105 53.51 -8.78 -17.04
N THR A 106 53.50 -9.29 -18.26
CA THR A 106 52.90 -10.58 -18.57
C THR A 106 53.93 -11.67 -18.80
N THR A 107 55.04 -11.37 -19.46
CA THR A 107 56.13 -12.31 -19.64
C THR A 107 57.48 -11.81 -19.14
N LEU A 108 57.63 -10.50 -18.91
CA LEU A 108 58.87 -9.91 -18.41
C LEU A 108 60.02 -10.14 -19.38
N ASP A 109 59.71 -10.19 -20.67
CA ASP A 109 60.70 -10.31 -21.73
C ASP A 109 60.60 -9.09 -22.65
N SER A 110 61.38 -9.13 -23.75
CA SER A 110 61.35 -8.02 -24.70
C SER A 110 60.22 -8.13 -25.70
N LYS A 111 59.57 -9.30 -25.81
CA LYS A 111 58.50 -9.47 -26.77
C LYS A 111 57.21 -8.81 -26.31
N THR A 112 56.98 -8.70 -25.00
CA THR A 112 55.78 -8.09 -24.46
C THR A 112 56.15 -6.85 -23.64
N GLN A 113 55.31 -5.83 -23.75
CA GLN A 113 55.53 -4.58 -23.03
C GLN A 113 55.28 -4.79 -21.53
N SER A 114 56.13 -4.17 -20.71
CA SER A 114 56.09 -4.36 -19.27
C SER A 114 56.21 -3.01 -18.56
N LEU A 115 55.72 -2.96 -17.33
CA LEU A 115 55.79 -1.78 -16.48
C LEU A 115 56.96 -1.88 -15.51
N LEU A 116 57.41 -0.73 -15.02
CA LEU A 116 58.57 -0.68 -14.12
C LEU A 116 58.39 0.52 -13.20
N ILE A 117 58.45 0.27 -11.89
CA ILE A 117 58.34 1.32 -10.88
C ILE A 117 59.47 1.15 -9.89
N VAL A 118 60.24 2.22 -9.67
CA VAL A 118 61.32 2.24 -8.70
C VAL A 118 61.26 3.54 -7.92
N ASN A 119 61.47 3.44 -6.61
CA ASN A 119 61.52 4.62 -5.74
C ASN A 119 62.99 4.85 -5.43
N ASN A 120 63.58 5.81 -6.14
CA ASN A 120 64.93 6.26 -5.84
C ASN A 120 64.90 7.18 -4.62
N ALA A 121 66.08 7.40 -4.02
CA ALA A 121 66.17 8.28 -2.86
C ALA A 121 65.74 9.71 -3.17
N THR A 122 65.71 10.09 -4.45
CA THR A 122 65.28 11.44 -4.83
C THR A 122 63.88 11.46 -5.41
N ASN A 123 63.57 10.55 -6.34
CA ASN A 123 62.30 10.56 -7.04
C ASN A 123 61.88 9.12 -7.35
N VAL A 124 60.66 8.96 -7.82
CA VAL A 124 60.10 7.67 -8.22
C VAL A 124 59.87 7.71 -9.72
N VAL A 125 60.37 6.69 -10.42
CA VAL A 125 60.40 6.68 -11.89
C VAL A 125 59.53 5.53 -12.38
N ILE A 126 58.59 5.85 -13.27
CA ILE A 126 57.69 4.88 -13.87
C ILE A 126 57.94 4.89 -15.38
N LYS A 127 58.12 3.70 -15.96
CA LYS A 127 58.26 3.57 -17.41
C LYS A 127 57.53 2.33 -17.86
N VAL A 128 57.12 2.32 -19.13
CA VAL A 128 56.38 1.19 -19.69
C VAL A 128 57.20 0.51 -20.77
N THR A 162 56.30 3.57 -24.17
CA THR A 162 55.11 4.27 -24.63
C THR A 162 54.52 5.15 -23.54
N PHE A 163 55.19 5.17 -22.39
CA PHE A 163 54.76 6.01 -21.27
C PHE A 163 55.89 6.08 -20.26
N GLU A 164 56.18 7.30 -19.80
CA GLU A 164 57.14 7.53 -18.73
C GLU A 164 56.50 8.47 -17.73
N TYR A 165 56.96 8.39 -16.47
CA TYR A 165 56.38 9.21 -15.43
C TYR A 165 57.38 9.32 -14.28
N VAL A 166 57.50 10.53 -13.73
CA VAL A 166 58.38 10.81 -12.61
C VAL A 166 57.63 11.68 -11.62
N SER A 167 57.83 11.42 -10.34
CA SER A 167 57.21 12.21 -9.27
C SER A 167 58.12 12.17 -8.06
N GLN A 168 57.60 12.59 -6.90
CA GLN A 168 58.35 12.66 -5.67
C GLN A 168 59.02 11.34 -5.31
N LYS A 182 60.40 0.43 13.51
CA LYS A 182 60.25 0.14 12.09
C LYS A 182 59.02 0.85 11.51
N ASN A 183 59.02 1.04 10.19
CA ASN A 183 57.92 1.70 9.51
C ASN A 183 57.19 0.70 8.63
N LEU A 184 55.87 0.69 8.73
CA LEU A 184 55.02 -0.17 7.93
C LEU A 184 54.50 0.62 6.72
N ARG A 185 54.89 0.19 5.53
CA ARG A 185 54.40 0.78 4.29
C ARG A 185 53.40 -0.17 3.66
N GLU A 186 52.17 0.29 3.48
CA GLU A 186 51.11 -0.51 2.88
C GLU A 186 50.71 0.09 1.55
N PHE A 187 50.53 -0.76 0.55
CA PHE A 187 50.23 -0.33 -0.80
C PHE A 187 49.14 -1.22 -1.38
N VAL A 188 48.35 -0.65 -2.29
CA VAL A 188 47.35 -1.39 -3.05
C VAL A 188 47.54 -1.03 -4.51
N PHE A 189 47.65 -2.06 -5.36
CA PHE A 189 47.83 -1.89 -6.79
C PHE A 189 46.68 -2.57 -7.52
N LYS A 190 46.08 -1.85 -8.47
CA LYS A 190 44.98 -2.38 -9.27
C LYS A 190 45.21 -2.04 -10.73
N ASN A 191 44.65 -2.87 -11.61
CA ASN A 191 44.75 -2.67 -13.06
C ASN A 191 43.36 -2.89 -13.68
N ILE A 192 42.65 -1.80 -13.93
CA ILE A 192 41.30 -1.88 -14.51
C ILE A 192 41.18 -0.87 -15.64
N ASP A 193 40.66 -1.32 -16.78
CA ASP A 193 40.33 -0.46 -17.92
C ASP A 193 41.55 0.33 -18.41
N GLY A 194 42.69 -0.36 -18.50
CA GLY A 194 43.90 0.29 -18.94
C GLY A 194 44.50 1.26 -17.94
N TYR A 195 43.96 1.33 -16.73
CA TYR A 195 44.44 2.21 -15.68
C TYR A 195 45.12 1.39 -14.60
N PHE A 196 46.33 1.82 -14.22
CA PHE A 196 47.06 1.22 -13.10
C PHE A 196 46.93 2.19 -11.92
N LYS A 197 46.17 1.79 -10.91
CA LYS A 197 45.85 2.63 -9.77
C LYS A 197 46.64 2.18 -8.54
N ILE A 198 47.18 3.16 -7.82
CA ILE A 198 48.04 2.92 -6.67
C ILE A 198 47.51 3.72 -5.50
N TYR A 199 47.22 3.03 -4.39
CA TYR A 199 46.90 3.60 -3.10
C TYR A 199 47.99 3.22 -2.11
N SER A 200 48.14 4.00 -1.04
CA SER A 200 49.20 3.70 -0.09
C SER A 200 48.87 4.32 1.27
N LYS A 201 49.66 3.92 2.26
CA LYS A 201 49.58 4.44 3.62
C LYS A 201 50.88 4.10 4.34
N HIS A 202 51.26 4.95 5.29
CA HIS A 202 52.49 4.81 6.06
C HIS A 202 52.14 4.80 7.55
N THR A 203 52.79 3.94 8.32
CA THR A 203 52.47 3.81 9.72
C THR A 203 53.73 3.62 10.55
N PRO A 204 53.86 4.31 11.69
CA PRO A 204 54.96 4.11 12.62
C PRO A 204 55.05 2.67 13.12
N LEU A 213 51.95 -9.04 10.89
CA LEU A 213 51.20 -7.82 10.62
C LEU A 213 50.50 -7.30 11.88
N PRO A 214 50.45 -5.99 12.03
CA PRO A 214 49.81 -5.41 13.22
C PRO A 214 48.32 -5.70 13.26
N GLN A 215 47.74 -5.45 14.42
CA GLN A 215 46.34 -5.80 14.66
C GLN A 215 45.49 -4.54 14.85
N GLY A 216 45.73 -3.53 14.01
CA GLY A 216 44.97 -2.30 14.04
C GLY A 216 44.23 -2.06 12.73
N PHE A 217 43.63 -0.88 12.65
CA PHE A 217 42.87 -0.47 11.47
C PHE A 217 43.45 0.81 10.92
N SER A 218 43.77 0.81 9.63
CA SER A 218 44.31 1.98 8.96
C SER A 218 43.84 1.97 7.51
N ALA A 219 43.42 3.13 7.03
CA ALA A 219 42.85 3.25 5.70
C ALA A 219 43.86 3.88 4.75
N LEU A 220 44.05 3.27 3.58
CA LEU A 220 45.05 3.71 2.62
C LEU A 220 44.46 4.79 1.71
N GLU A 221 45.21 5.88 1.55
CA GLU A 221 44.86 6.99 0.68
C GLU A 221 45.38 6.76 -0.73
N PRO A 222 44.69 7.25 -1.75
CA PRO A 222 45.14 7.03 -3.12
C PRO A 222 46.43 7.79 -3.42
N LEU A 223 47.19 7.24 -4.36
CA LEU A 223 48.39 7.91 -4.85
C LEU A 223 48.25 8.34 -6.30
N VAL A 224 47.99 7.43 -7.23
CA VAL A 224 48.03 7.83 -8.63
C VAL A 224 47.40 6.81 -9.57
N ASP A 225 46.81 7.31 -10.66
CA ASP A 225 46.36 6.48 -11.78
C ASP A 225 47.29 6.73 -12.97
N LEU A 226 47.74 5.65 -13.61
CA LEU A 226 48.59 5.74 -14.78
C LEU A 226 47.95 5.04 -15.97
N PRO A 227 47.87 5.69 -17.13
CA PRO A 227 47.30 5.03 -18.33
C PRO A 227 48.33 4.19 -19.06
N ILE A 228 48.78 3.12 -18.40
CA ILE A 228 49.80 2.26 -18.97
C ILE A 228 49.25 1.48 -20.16
N GLY A 229 48.01 1.01 -20.06
CA GLY A 229 47.37 0.31 -21.16
C GLY A 229 47.97 -1.02 -21.52
N ILE A 230 48.44 -1.78 -20.53
CA ILE A 230 49.01 -3.11 -20.75
C ILE A 230 48.41 -4.07 -19.73
N ASN A 231 48.16 -5.30 -20.16
CA ASN A 231 47.65 -6.34 -19.27
C ASN A 231 48.79 -6.88 -18.42
N ILE A 232 48.59 -6.88 -17.11
CA ILE A 232 49.63 -7.31 -16.16
C ILE A 232 49.17 -8.60 -15.50
N THR A 233 50.01 -9.63 -15.57
CA THR A 233 49.71 -10.90 -14.93
C THR A 233 50.72 -11.32 -13.86
N ARG A 234 51.90 -10.70 -13.82
CA ARG A 234 52.93 -11.07 -12.87
C ARG A 234 53.62 -9.81 -12.36
N PHE A 235 54.29 -9.94 -11.21
CA PHE A 235 55.04 -8.82 -10.65
C PHE A 235 56.11 -9.36 -9.70
N GLN A 236 57.07 -8.49 -9.38
CA GLN A 236 58.18 -8.84 -8.52
C GLN A 236 58.61 -7.60 -7.75
N THR A 237 59.05 -7.82 -6.51
CA THR A 237 59.58 -6.73 -5.68
C THR A 237 61.05 -6.51 -6.03
N LEU A 238 61.46 -5.25 -6.09
CA LEU A 238 62.82 -4.89 -6.50
C LEU A 238 63.64 -4.58 -5.25
N LEU A 239 64.60 -5.46 -4.95
CA LEU A 239 65.49 -5.24 -3.82
C LEU A 239 66.77 -4.53 -4.26
N ALA A 261 61.11 -8.19 5.95
CA ALA A 261 59.82 -8.87 5.95
C ALA A 261 58.79 -8.09 5.14
N TYR A 262 58.26 -8.72 4.09
CA TYR A 262 57.22 -8.09 3.28
C TYR A 262 56.12 -9.10 2.96
N TYR A 263 54.90 -8.60 2.89
CA TYR A 263 53.69 -9.42 2.86
C TYR A 263 52.89 -9.11 1.60
N VAL A 264 52.38 -10.15 0.96
CA VAL A 264 51.60 -10.01 -0.27
C VAL A 264 50.25 -10.67 -0.06
N GLY A 265 49.18 -9.92 -0.29
CA GLY A 265 47.83 -10.45 -0.30
C GLY A 265 47.14 -10.12 -1.60
N TYR A 266 46.10 -10.86 -1.95
CA TYR A 266 45.43 -10.67 -3.23
C TYR A 266 44.02 -10.14 -3.02
N LEU A 267 43.65 -9.13 -3.81
CA LEU A 267 42.34 -8.53 -3.72
C LEU A 267 41.33 -9.32 -4.53
N GLN A 268 40.09 -9.31 -4.06
CA GLN A 268 38.95 -9.87 -4.77
C GLN A 268 37.79 -8.91 -4.64
N PRO A 269 36.81 -8.97 -5.55
CA PRO A 269 35.64 -8.10 -5.42
C PRO A 269 34.77 -8.48 -4.22
N ARG A 270 34.77 -7.62 -3.20
CA ARG A 270 34.00 -7.83 -1.98
C ARG A 270 33.16 -6.59 -1.70
N THR A 271 32.11 -6.79 -0.90
CA THR A 271 31.30 -5.70 -0.39
C THR A 271 31.72 -5.40 1.05
N PHE A 272 32.03 -4.14 1.31
CA PHE A 272 32.50 -3.71 2.63
C PHE A 272 31.59 -2.62 3.16
N LEU A 273 31.38 -2.62 4.46
CA LEU A 273 30.65 -1.57 5.16
C LEU A 273 31.67 -0.75 5.94
N LEU A 274 31.94 0.46 5.49
CA LEU A 274 32.95 1.32 6.09
C LEU A 274 32.30 2.37 6.98
N LYS A 275 32.90 2.60 8.14
CA LYS A 275 32.41 3.59 9.09
C LYS A 275 33.30 4.83 9.03
N TYR A 276 32.71 5.97 8.74
CA TYR A 276 33.45 7.22 8.69
C TYR A 276 33.34 7.97 10.02
N ASN A 277 34.45 8.56 10.45
CA ASN A 277 34.54 9.27 11.71
C ASN A 277 33.77 10.59 11.63
N GLU A 278 33.77 11.33 12.73
CA GLU A 278 33.18 12.67 12.71
C GLU A 278 34.00 13.64 11.86
N ASN A 279 35.32 13.51 11.86
CA ASN A 279 36.17 14.20 10.91
C ASN A 279 36.45 13.40 9.64
N GLY A 280 35.58 12.47 9.28
CA GLY A 280 35.66 11.86 7.98
C GLY A 280 36.71 10.78 7.80
N THR A 281 37.16 10.15 8.88
CA THR A 281 38.18 9.11 8.82
C THR A 281 37.52 7.74 8.91
N ILE A 282 37.92 6.84 8.01
CA ILE A 282 37.43 5.45 8.07
C ILE A 282 38.08 4.78 9.29
N THR A 283 37.29 4.54 10.32
CA THR A 283 37.81 3.98 11.57
C THR A 283 37.50 2.50 11.75
N ASP A 284 36.52 1.97 11.02
CA ASP A 284 36.13 0.57 11.17
C ASP A 284 35.52 0.08 9.87
N ALA A 285 35.51 -1.23 9.70
CA ALA A 285 34.92 -1.82 8.50
C ALA A 285 34.37 -3.20 8.83
N VAL A 286 33.42 -3.63 7.99
CA VAL A 286 32.84 -4.96 8.06
C VAL A 286 32.95 -5.60 6.69
N ASP A 287 33.51 -6.80 6.64
CA ASP A 287 33.62 -7.58 5.41
C ASP A 287 32.36 -8.42 5.29
N CYS A 288 31.46 -8.02 4.38
CA CYS A 288 30.12 -8.59 4.35
C CYS A 288 30.12 -10.09 4.10
N ALA A 289 31.13 -10.61 3.41
CA ALA A 289 31.17 -12.02 3.04
C ALA A 289 32.04 -12.86 3.97
N LEU A 290 32.55 -12.28 5.06
CA LEU A 290 33.48 -13.00 5.91
C LEU A 290 32.80 -14.18 6.63
N ASP A 291 31.66 -13.93 7.25
CA ASP A 291 30.97 -14.95 8.03
C ASP A 291 29.52 -14.53 8.25
N PRO A 292 28.65 -15.39 8.78
CA PRO A 292 27.23 -15.00 8.93
C PRO A 292 27.01 -13.75 9.77
N LEU A 293 27.81 -13.55 10.82
CA LEU A 293 27.64 -12.35 11.64
C LEU A 293 27.92 -11.09 10.84
N SER A 294 28.94 -11.12 9.99
CA SER A 294 29.26 -9.94 9.17
C SER A 294 28.20 -9.71 8.11
N GLU A 295 27.65 -10.77 7.53
CA GLU A 295 26.55 -10.62 6.60
C GLU A 295 25.33 -10.00 7.29
N THR A 296 25.06 -10.42 8.53
CA THR A 296 23.97 -9.83 9.29
C THR A 296 24.23 -8.36 9.56
N LYS A 297 25.47 -8.01 9.92
CA LYS A 297 25.81 -6.62 10.16
C LYS A 297 25.63 -5.78 8.90
N CYS A 298 25.99 -6.33 7.75
CA CYS A 298 25.85 -5.59 6.50
C CYS A 298 24.38 -5.46 6.11
N THR A 299 23.56 -6.48 6.40
CA THR A 299 22.14 -6.40 6.10
C THR A 299 21.46 -5.31 6.93
N LEU A 300 21.81 -5.20 8.20
CA LEU A 300 21.23 -4.21 9.08
C LEU A 300 21.89 -2.84 8.98
N LYS A 301 23.00 -2.73 8.25
CA LYS A 301 23.77 -1.49 8.15
C LYS A 301 24.13 -0.98 9.54
N SER A 302 24.72 -1.86 10.35
CA SER A 302 25.10 -1.53 11.71
C SER A 302 26.28 -2.38 12.12
N PHE A 303 27.02 -1.89 13.12
CA PHE A 303 28.13 -2.65 13.69
C PHE A 303 27.74 -3.42 14.94
N THR A 304 26.57 -3.15 15.50
CA THR A 304 26.06 -3.89 16.65
C THR A 304 24.75 -4.57 16.25
N VAL A 305 24.62 -5.83 16.64
CA VAL A 305 23.42 -6.61 16.36
C VAL A 305 22.80 -7.02 17.68
N GLU A 306 21.50 -6.77 17.82
CA GLU A 306 20.77 -7.19 19.01
C GLU A 306 20.37 -8.66 18.90
N LYS A 307 19.98 -9.22 20.04
CA LYS A 307 19.53 -10.61 20.07
C LYS A 307 18.32 -10.81 19.17
N GLY A 308 18.35 -11.85 18.36
CA GLY A 308 17.23 -12.17 17.50
C GLY A 308 17.67 -13.06 16.36
N ILE A 309 16.74 -13.22 15.40
CA ILE A 309 16.96 -14.00 14.19
C ILE A 309 16.71 -13.08 13.00
N TYR A 310 17.61 -13.10 12.03
CA TYR A 310 17.60 -12.12 10.95
C TYR A 310 17.69 -12.83 9.61
N GLN A 311 16.74 -12.55 8.73
CA GLN A 311 16.83 -12.99 7.33
C GLN A 311 17.93 -12.19 6.65
N THR A 312 19.05 -12.84 6.32
CA THR A 312 20.20 -12.15 5.78
C THR A 312 20.24 -12.18 4.26
N SER A 313 20.08 -13.36 3.66
CA SER A 313 20.22 -13.52 2.22
C SER A 313 19.63 -14.86 1.82
N ASN A 314 19.86 -15.21 0.56
CA ASN A 314 19.45 -16.49 0.01
C ASN A 314 20.67 -17.21 -0.55
N PHE A 315 20.80 -18.49 -0.21
CA PHE A 315 21.84 -19.31 -0.81
C PHE A 315 21.36 -19.83 -2.16
N ARG A 316 22.26 -19.80 -3.13
CA ARG A 316 21.96 -20.23 -4.50
C ARG A 316 23.14 -21.03 -5.02
N VAL A 317 22.89 -22.29 -5.40
CA VAL A 317 23.91 -23.08 -6.07
C VAL A 317 24.24 -22.45 -7.41
N GLN A 318 25.54 -22.36 -7.72
CA GLN A 318 25.98 -21.67 -8.93
C GLN A 318 26.14 -22.65 -10.09
N PRO A 319 25.95 -22.19 -11.33
CA PRO A 319 26.10 -23.08 -12.47
C PRO A 319 27.52 -23.59 -12.62
N THR A 320 27.65 -24.91 -12.82
CA THR A 320 28.97 -25.51 -12.92
C THR A 320 29.64 -25.17 -14.25
N GLU A 321 28.90 -25.24 -15.34
CA GLU A 321 29.44 -24.98 -16.67
C GLU A 321 28.36 -24.35 -17.53
N SER A 322 28.65 -24.22 -18.83
CA SER A 322 27.71 -23.68 -19.81
C SER A 322 27.63 -24.63 -20.99
N ILE A 323 26.41 -24.85 -21.49
CA ILE A 323 26.18 -25.73 -22.62
C ILE A 323 25.38 -24.98 -23.67
N VAL A 324 25.66 -25.28 -24.94
CA VAL A 324 24.94 -24.74 -26.08
C VAL A 324 24.42 -25.89 -26.91
N ARG A 325 23.14 -25.83 -27.29
CA ARG A 325 22.52 -26.86 -28.11
C ARG A 325 21.78 -26.18 -29.25
N PHE A 326 22.31 -26.32 -30.47
CA PHE A 326 21.73 -25.77 -31.68
C PHE A 326 21.48 -26.92 -32.65
N PRO A 327 20.74 -26.71 -33.74
CA PRO A 327 20.52 -27.80 -34.69
C PRO A 327 21.82 -28.23 -35.37
N ASN A 328 21.75 -29.41 -36.00
CA ASN A 328 22.92 -30.03 -36.62
C ASN A 328 23.23 -29.49 -38.02
N ILE A 329 22.34 -28.69 -38.60
CA ILE A 329 22.48 -28.20 -39.97
C ILE A 329 23.75 -27.38 -40.11
N THR A 330 24.38 -27.47 -41.30
CA THR A 330 25.59 -26.69 -41.56
C THR A 330 25.57 -25.96 -42.90
N ASN A 331 24.55 -26.12 -43.73
CA ASN A 331 24.51 -25.44 -45.02
C ASN A 331 24.31 -23.94 -44.83
N LEU A 332 24.96 -23.16 -45.69
CA LEU A 332 24.85 -21.71 -45.64
C LEU A 332 23.59 -21.25 -46.37
N CYS A 333 22.95 -20.21 -45.82
CA CYS A 333 21.74 -19.69 -46.41
C CYS A 333 22.04 -19.01 -47.75
N PRO A 334 21.09 -19.05 -48.69
CA PRO A 334 21.28 -18.42 -50.01
C PRO A 334 21.16 -16.89 -49.97
N PHE A 335 21.91 -16.26 -49.07
CA PHE A 335 21.88 -14.81 -48.96
C PHE A 335 22.52 -14.15 -50.17
N ASP A 336 23.52 -14.80 -50.75
CA ASP A 336 24.18 -14.24 -51.93
C ASP A 336 23.21 -14.13 -53.10
N GLU A 337 22.34 -15.12 -53.27
CA GLU A 337 21.36 -15.10 -54.36
C GLU A 337 20.28 -14.04 -54.17
N VAL A 338 20.21 -13.42 -52.99
CA VAL A 338 19.24 -12.35 -52.74
C VAL A 338 19.92 -11.01 -52.88
N PHE A 339 20.96 -10.78 -52.08
CA PHE A 339 21.63 -9.48 -52.10
C PHE A 339 22.42 -9.27 -53.38
N ASN A 340 23.15 -10.29 -53.83
CA ASN A 340 23.91 -10.22 -55.07
C ASN A 340 23.10 -10.71 -56.26
N ALA A 341 21.90 -10.16 -56.43
CA ALA A 341 21.06 -10.48 -57.57
C ALA A 341 21.37 -9.52 -58.71
N THR A 342 21.39 -10.06 -59.93
CA THR A 342 21.73 -9.25 -61.10
C THR A 342 20.71 -8.13 -61.30
N ARG A 343 19.42 -8.45 -61.18
CA ARG A 343 18.37 -7.45 -61.32
C ARG A 343 17.32 -7.66 -60.23
N PHE A 344 17.00 -6.59 -59.52
CA PHE A 344 15.98 -6.63 -58.48
C PHE A 344 14.60 -6.36 -59.08
N ALA A 345 13.58 -6.87 -58.40
CA ALA A 345 12.21 -6.69 -58.84
C ALA A 345 11.77 -5.24 -58.62
N SER A 346 10.53 -4.93 -58.96
CA SER A 346 9.97 -3.60 -58.80
C SER A 346 9.25 -3.52 -57.46
N VAL A 347 9.15 -2.30 -56.93
CA VAL A 347 8.60 -2.10 -55.58
C VAL A 347 7.16 -2.60 -55.50
N TYR A 348 6.40 -2.46 -56.58
CA TYR A 348 5.03 -2.98 -56.57
C TYR A 348 5.01 -4.50 -56.69
N ALA A 349 5.82 -5.06 -57.59
CA ALA A 349 5.94 -6.52 -57.72
C ALA A 349 7.16 -7.02 -56.96
N TRP A 350 7.18 -6.75 -55.65
CA TRP A 350 8.34 -7.08 -54.83
C TRP A 350 8.56 -8.58 -54.76
N ASN A 351 9.83 -8.98 -54.77
CA ASN A 351 10.18 -10.39 -54.78
C ASN A 351 10.28 -10.92 -53.36
N ARG A 352 9.81 -12.15 -53.15
CA ARG A 352 9.87 -12.80 -51.84
C ARG A 352 10.52 -14.18 -51.98
N LYS A 353 11.46 -14.46 -51.09
CA LYS A 353 12.15 -15.74 -51.04
C LYS A 353 12.09 -16.29 -49.62
N ARG A 354 11.91 -17.60 -49.50
CA ARG A 354 11.89 -18.27 -48.20
C ARG A 354 13.27 -18.82 -47.88
N ILE A 355 13.62 -18.80 -46.61
CA ILE A 355 14.92 -19.24 -46.13
C ILE A 355 14.67 -20.29 -45.06
N SER A 356 15.18 -21.51 -45.28
CA SER A 356 14.85 -22.62 -44.39
C SER A 356 15.99 -23.64 -44.40
N ASN A 357 16.20 -24.28 -43.25
CA ASN A 357 17.21 -25.32 -43.07
C ASN A 357 18.59 -24.86 -43.57
N CYS A 358 19.08 -23.77 -42.99
CA CYS A 358 20.42 -23.29 -43.29
C CYS A 358 20.97 -22.54 -42.07
N VAL A 359 22.20 -22.06 -42.21
CA VAL A 359 22.89 -21.36 -41.12
C VAL A 359 23.13 -19.91 -41.53
N ALA A 360 22.23 -19.02 -41.13
CA ALA A 360 22.29 -17.62 -41.54
C ALA A 360 23.42 -16.91 -40.82
N ASP A 361 24.53 -16.68 -41.51
CA ASP A 361 25.66 -15.93 -40.98
C ASP A 361 25.51 -14.50 -41.48
N TYR A 362 25.04 -13.62 -40.60
CA TYR A 362 24.73 -12.24 -40.98
C TYR A 362 25.98 -11.38 -41.11
N SER A 363 27.16 -11.88 -40.74
CA SER A 363 28.39 -11.13 -40.91
C SER A 363 28.72 -10.88 -42.38
N VAL A 364 28.18 -11.70 -43.28
CA VAL A 364 28.41 -11.51 -44.72
C VAL A 364 27.83 -10.20 -45.21
N LEU A 365 26.69 -9.78 -44.67
CA LEU A 365 26.06 -8.52 -45.07
C LEU A 365 26.98 -7.32 -44.88
N PHE A 372 26.03 1.93 -45.97
CA PHE A 372 24.74 1.29 -46.23
C PHE A 372 23.83 1.36 -45.00
N THR A 373 22.53 1.42 -45.24
CA THR A 373 21.57 1.50 -44.14
C THR A 373 21.13 0.10 -43.74
N PHE A 374 21.27 -0.22 -42.45
CA PHE A 374 20.94 -1.55 -41.93
C PHE A 374 20.31 -1.31 -40.56
N LYS A 375 18.99 -1.20 -40.52
CA LYS A 375 18.27 -1.01 -39.27
C LYS A 375 17.44 -2.25 -38.96
N CYS A 376 17.05 -2.40 -37.71
CA CYS A 376 16.28 -3.58 -37.31
C CYS A 376 15.20 -3.18 -36.31
N TYR A 377 14.02 -3.78 -36.48
CA TYR A 377 12.88 -3.56 -35.60
C TYR A 377 12.71 -4.80 -34.72
N GLY A 378 12.77 -4.59 -33.40
CA GLY A 378 12.62 -5.66 -32.44
C GLY A 378 13.86 -6.48 -32.20
N VAL A 379 14.98 -6.14 -32.85
CA VAL A 379 16.22 -6.90 -32.72
C VAL A 379 17.38 -5.97 -33.03
N SER A 380 18.59 -6.38 -32.63
CA SER A 380 19.79 -5.60 -32.87
C SER A 380 20.67 -6.27 -33.90
N PRO A 381 21.21 -5.51 -34.86
CA PRO A 381 22.06 -6.12 -35.91
C PRO A 381 23.27 -6.84 -35.36
N THR A 382 23.80 -6.42 -34.22
CA THR A 382 24.98 -7.05 -33.63
C THR A 382 24.65 -8.34 -32.89
N LYS A 383 23.39 -8.76 -32.87
CA LYS A 383 22.98 -9.96 -32.15
C LYS A 383 22.42 -11.05 -33.05
N LEU A 384 22.19 -10.78 -34.34
CA LEU A 384 21.51 -11.73 -35.20
C LEU A 384 22.27 -13.05 -35.35
N ASN A 385 23.57 -13.03 -35.10
CA ASN A 385 24.35 -14.25 -35.21
C ASN A 385 24.04 -15.25 -34.10
N ASP A 386 23.39 -14.81 -33.02
CA ASP A 386 23.17 -15.67 -31.85
C ASP A 386 21.78 -16.24 -31.77
N LEU A 387 20.80 -15.67 -32.48
CA LEU A 387 19.40 -16.05 -32.33
C LEU A 387 19.02 -17.13 -33.33
N CYS A 388 17.94 -17.85 -33.03
CA CYS A 388 17.39 -18.84 -33.94
C CYS A 388 16.01 -18.40 -34.41
N PHE A 389 15.81 -18.43 -35.71
CA PHE A 389 14.62 -17.89 -36.36
C PHE A 389 13.76 -19.02 -36.90
N THR A 390 12.46 -18.74 -37.03
CA THR A 390 11.49 -19.75 -37.48
C THR A 390 11.11 -19.58 -38.94
N ASN A 391 10.60 -18.41 -39.30
CA ASN A 391 10.02 -18.17 -40.63
C ASN A 391 10.73 -16.98 -41.27
N VAL A 392 11.83 -17.26 -41.97
CA VAL A 392 12.65 -16.21 -42.56
C VAL A 392 12.23 -16.00 -44.00
N TYR A 393 11.77 -14.79 -44.31
CA TYR A 393 11.42 -14.38 -45.66
C TYR A 393 12.18 -13.11 -46.00
N ALA A 394 12.78 -13.10 -47.20
CA ALA A 394 13.53 -11.96 -47.70
C ALA A 394 12.76 -11.36 -48.87
N ASP A 395 12.41 -10.09 -48.75
CA ASP A 395 11.67 -9.37 -49.79
C ASP A 395 12.57 -8.29 -50.38
N SER A 396 12.75 -8.33 -51.69
CA SER A 396 13.70 -7.45 -52.37
C SER A 396 12.98 -6.64 -53.44
N PHE A 397 13.37 -5.36 -53.55
CA PHE A 397 12.85 -4.47 -54.59
C PHE A 397 13.76 -3.26 -54.70
N VAL A 398 13.35 -2.28 -55.51
CA VAL A 398 14.11 -1.07 -55.77
C VAL A 398 13.20 0.14 -55.58
N ILE A 399 13.70 1.14 -54.84
CA ILE A 399 12.97 2.39 -54.61
C ILE A 399 13.91 3.55 -54.87
N ARG A 400 13.46 4.77 -54.59
CA ARG A 400 14.33 5.93 -54.63
C ARG A 400 14.65 6.40 -53.21
N GLY A 401 15.81 7.02 -53.06
CA GLY A 401 16.26 7.52 -51.77
C GLY A 401 15.46 8.70 -51.28
N PHE A 426 5.75 -5.76 -36.49
CA PHE A 426 6.76 -6.27 -37.40
C PHE A 426 8.13 -6.36 -36.73
N THR A 427 8.69 -7.56 -36.69
CA THR A 427 10.03 -7.81 -36.21
C THR A 427 10.89 -8.28 -37.37
N GLY A 428 12.05 -7.66 -37.53
CA GLY A 428 12.92 -8.00 -38.65
C GLY A 428 13.96 -6.93 -38.86
N CYS A 429 14.41 -6.82 -40.11
CA CYS A 429 15.45 -5.85 -40.45
C CYS A 429 15.22 -5.30 -41.85
N VAL A 430 15.68 -4.06 -42.05
CA VAL A 430 15.61 -3.38 -43.34
C VAL A 430 17.03 -3.01 -43.73
N ILE A 431 17.45 -3.44 -44.93
CA ILE A 431 18.76 -3.13 -45.47
C ILE A 431 18.55 -2.42 -46.79
N ALA A 432 18.93 -1.14 -46.83
CA ALA A 432 18.83 -0.32 -48.03
C ALA A 432 20.22 0.15 -48.43
N TRP A 433 20.51 0.13 -49.73
CA TRP A 433 21.79 0.63 -50.19
C TRP A 433 21.67 1.23 -51.58
N ASN A 434 22.41 2.31 -51.82
CA ASN A 434 22.36 3.02 -53.09
C ASN A 434 22.81 2.11 -54.23
N SER A 435 21.95 1.94 -55.22
CA SER A 435 22.22 1.12 -56.40
C SER A 435 22.38 2.00 -57.64
N ASN A 436 23.04 3.16 -57.47
CA ASN A 436 23.22 4.09 -58.58
C ASN A 436 24.04 3.48 -59.69
N LYS A 437 25.13 2.79 -59.34
CA LYS A 437 26.01 2.15 -60.31
C LYS A 437 25.52 0.77 -60.73
N LEU A 438 24.25 0.46 -60.47
CA LEU A 438 23.70 -0.85 -60.82
C LEU A 438 22.41 -0.68 -61.61
N ASP A 439 21.69 0.42 -61.38
CA ASP A 439 20.44 0.69 -62.07
C ASP A 439 20.51 2.02 -62.80
N SER A 491 7.06 5.10 -63.67
CA SER A 491 8.42 4.57 -63.68
C SER A 491 9.41 5.60 -63.18
N TYR A 492 10.34 5.17 -62.33
CA TYR A 492 11.33 6.07 -61.76
C TYR A 492 12.24 6.64 -62.84
N SER A 493 12.69 5.81 -63.78
CA SER A 493 13.62 6.21 -64.83
C SER A 493 14.89 6.84 -64.24
N PHE A 494 15.61 6.03 -63.47
CA PHE A 494 16.81 6.51 -62.79
C PHE A 494 17.90 6.87 -63.79
N ARG A 495 18.60 7.97 -63.51
CA ARG A 495 19.66 8.45 -64.38
C ARG A 495 20.87 8.83 -63.55
N PRO A 496 22.07 8.70 -64.11
CA PRO A 496 23.28 8.99 -63.34
C PRO A 496 23.39 10.43 -62.86
N THR A 497 22.70 11.37 -63.52
CA THR A 497 22.79 12.78 -63.13
C THR A 497 21.74 13.17 -62.10
N TYR A 498 20.93 12.23 -61.62
CA TYR A 498 20.00 12.53 -60.53
C TYR A 498 20.75 12.64 -59.21
N GLY A 499 20.08 13.23 -58.23
CA GLY A 499 20.66 13.39 -56.92
C GLY A 499 20.46 12.17 -56.04
N VAL A 500 21.08 12.23 -54.85
CA VAL A 500 21.00 11.12 -53.91
C VAL A 500 19.56 10.85 -53.49
N GLY A 501 18.76 11.92 -53.34
CA GLY A 501 17.37 11.76 -52.98
C GLY A 501 16.54 11.08 -54.03
N HIS A 502 17.03 11.00 -55.26
CA HIS A 502 16.30 10.34 -56.35
C HIS A 502 17.11 9.25 -57.04
N GLN A 503 18.30 8.92 -56.53
CA GLN A 503 19.07 7.82 -57.09
C GLN A 503 18.42 6.48 -56.74
N PRO A 504 18.63 5.45 -57.55
CA PRO A 504 18.06 4.14 -57.23
C PRO A 504 18.68 3.53 -55.99
N TYR A 505 17.84 2.84 -55.21
CA TYR A 505 18.27 2.17 -54.00
C TYR A 505 17.69 0.76 -53.99
N ARG A 506 18.55 -0.23 -53.78
CA ARG A 506 18.11 -1.61 -53.64
C ARG A 506 17.80 -1.87 -52.17
N VAL A 507 16.63 -2.46 -51.91
CA VAL A 507 16.10 -2.62 -50.56
C VAL A 507 15.73 -4.08 -50.34
N VAL A 508 16.20 -4.63 -49.22
CA VAL A 508 15.87 -5.99 -48.78
C VAL A 508 15.29 -5.91 -47.38
N VAL A 509 14.16 -6.59 -47.18
CA VAL A 509 13.49 -6.68 -45.89
C VAL A 509 13.56 -8.12 -45.43
N LEU A 510 14.16 -8.36 -44.27
CA LEU A 510 14.21 -9.67 -43.66
C LEU A 510 13.16 -9.76 -42.57
N SER A 511 12.24 -10.70 -42.70
CA SER A 511 11.17 -10.89 -41.73
C SER A 511 11.28 -12.29 -41.14
N PHE A 512 11.26 -12.37 -39.82
CA PHE A 512 11.33 -13.65 -39.12
C PHE A 512 10.47 -13.58 -37.87
N GLU A 513 10.10 -14.76 -37.37
CA GLU A 513 9.30 -14.88 -36.17
C GLU A 513 10.18 -15.45 -35.06
N LEU A 514 10.39 -14.63 -34.02
CA LEU A 514 11.14 -15.07 -32.85
C LEU A 514 10.25 -15.67 -31.77
N LEU A 515 9.02 -16.06 -32.12
CA LEU A 515 8.10 -16.72 -31.19
C LEU A 515 8.42 -18.22 -31.17
N HIS A 516 9.60 -18.52 -30.62
CA HIS A 516 10.24 -19.84 -30.61
C HIS A 516 9.71 -20.79 -31.67
N ALA A 517 9.05 -21.89 -31.26
CA ALA A 517 8.60 -22.95 -32.18
C ALA A 517 9.85 -23.60 -32.78
N PRO A 518 9.77 -24.69 -33.55
CA PRO A 518 11.01 -25.35 -33.96
C PRO A 518 11.82 -24.55 -34.98
N ALA A 519 13.11 -24.46 -34.70
CA ALA A 519 14.00 -23.53 -35.39
C ALA A 519 14.58 -24.18 -36.63
N THR A 520 14.39 -23.51 -37.76
CA THR A 520 14.92 -23.97 -39.04
C THR A 520 16.11 -23.18 -39.55
N VAL A 521 16.28 -21.93 -39.13
CA VAL A 521 17.37 -21.09 -39.60
C VAL A 521 17.96 -20.35 -38.41
N CYS A 522 19.28 -20.44 -38.24
CA CYS A 522 19.99 -19.58 -37.31
C CYS A 522 21.49 -19.65 -37.50
N GLY A 523 22.17 -18.71 -36.84
CA GLY A 523 23.54 -18.38 -37.12
C GLY A 523 24.55 -19.38 -36.63
N PRO A 524 25.84 -19.07 -36.84
CA PRO A 524 26.89 -20.02 -36.49
C PRO A 524 27.11 -20.13 -34.99
N LYS A 525 26.67 -21.25 -34.41
CA LYS A 525 26.89 -21.53 -33.00
C LYS A 525 27.35 -22.97 -32.86
N LYS A 526 28.39 -23.16 -32.06
CA LYS A 526 28.96 -24.47 -31.82
C LYS A 526 28.25 -25.10 -30.63
N SER A 527 27.68 -26.28 -30.84
CA SER A 527 26.98 -27.00 -29.79
C SER A 527 27.98 -27.78 -28.94
N THR A 528 27.74 -27.80 -27.64
CA THR A 528 28.55 -28.57 -26.72
C THR A 528 27.83 -29.87 -26.39
N ASN A 529 28.40 -30.67 -25.50
CA ASN A 529 27.71 -31.86 -25.03
C ASN A 529 26.54 -31.47 -24.14
N LEU A 530 25.63 -32.41 -23.94
CA LEU A 530 24.45 -32.19 -23.11
C LEU A 530 24.76 -32.66 -21.69
N VAL A 531 24.83 -31.72 -20.75
CA VAL A 531 25.11 -32.01 -19.36
C VAL A 531 23.79 -32.10 -18.61
N LYS A 532 23.57 -33.22 -17.92
CA LYS A 532 22.35 -33.46 -17.18
C LYS A 532 22.65 -33.62 -15.69
N ASN A 533 21.60 -33.47 -14.89
CA ASN A 533 21.67 -33.67 -13.44
C ASN A 533 22.71 -32.76 -12.79
N LYS A 534 22.78 -31.51 -13.25
CA LYS A 534 23.78 -30.57 -12.76
C LYS A 534 23.37 -29.16 -13.15
N CYS A 535 23.49 -28.23 -12.20
CA CYS A 535 23.14 -26.84 -12.48
C CYS A 535 24.12 -26.27 -13.50
N VAL A 536 23.60 -25.92 -14.68
CA VAL A 536 24.41 -25.42 -15.79
C VAL A 536 23.72 -24.21 -16.41
N ASN A 537 24.50 -23.41 -17.11
CA ASN A 537 23.96 -22.42 -18.03
C ASN A 537 23.66 -23.10 -19.36
N PHE A 538 22.42 -23.02 -19.82
CA PHE A 538 22.00 -23.69 -21.03
C PHE A 538 21.47 -22.69 -22.05
N ASN A 539 21.61 -23.07 -23.32
CA ASN A 539 21.18 -22.26 -24.45
C ASN A 539 20.64 -23.22 -25.50
N PHE A 540 19.32 -23.32 -25.59
CA PHE A 540 18.63 -24.19 -26.54
C PHE A 540 18.03 -23.33 -27.63
N ASN A 541 18.74 -23.24 -28.76
CA ASN A 541 18.28 -22.48 -29.93
C ASN A 541 17.94 -21.04 -29.56
N GLY A 542 18.75 -20.43 -28.70
CA GLY A 542 18.53 -19.09 -28.24
C GLY A 542 17.80 -18.99 -26.91
N LEU A 543 17.10 -20.03 -26.50
CA LEU A 543 16.47 -20.06 -25.18
C LEU A 543 17.55 -20.22 -24.12
N LYS A 544 17.89 -19.13 -23.45
CA LYS A 544 18.97 -19.12 -22.47
C LYS A 544 18.39 -19.22 -21.06
N GLY A 545 19.15 -19.87 -20.18
CA GLY A 545 18.73 -19.98 -18.80
C GLY A 545 19.78 -20.65 -17.98
N THR A 546 19.47 -20.84 -16.70
CA THR A 546 20.34 -21.53 -15.76
C THR A 546 19.50 -22.51 -14.96
N GLY A 547 20.00 -23.73 -14.80
CA GLY A 547 19.30 -24.71 -14.00
C GLY A 547 19.79 -26.11 -14.28
N VAL A 548 19.08 -27.06 -13.68
CA VAL A 548 19.37 -28.49 -13.79
C VAL A 548 18.44 -29.08 -14.84
N LEU A 549 19.02 -29.85 -15.76
CA LEU A 549 18.28 -30.52 -16.82
C LEU A 549 18.22 -32.01 -16.53
N THR A 550 17.02 -32.57 -16.55
CA THR A 550 16.81 -33.97 -16.23
C THR A 550 15.94 -34.62 -17.30
N GLU A 551 15.90 -35.95 -17.29
CA GLU A 551 15.01 -36.67 -18.18
C GLU A 551 13.56 -36.39 -17.81
N SER A 552 12.75 -36.10 -18.82
CA SER A 552 11.37 -35.68 -18.63
C SER A 552 10.41 -36.80 -19.00
N ASN A 553 9.40 -37.00 -18.16
CA ASN A 553 8.36 -37.96 -18.44
C ASN A 553 7.15 -37.34 -19.14
N LYS A 554 7.18 -36.04 -19.41
CA LYS A 554 6.10 -35.37 -20.12
C LYS A 554 5.90 -35.97 -21.50
N LYS A 555 4.65 -36.24 -21.85
CA LYS A 555 4.30 -36.84 -23.14
C LYS A 555 4.09 -35.73 -24.16
N PHE A 556 5.19 -35.25 -24.73
CA PHE A 556 5.12 -34.24 -25.78
C PHE A 556 4.47 -34.81 -27.03
N LEU A 557 4.26 -33.95 -28.04
CA LEU A 557 3.74 -34.36 -29.31
C LEU A 557 4.74 -33.81 -30.33
N PRO A 558 4.86 -34.44 -31.51
CA PRO A 558 5.97 -34.11 -32.42
C PRO A 558 6.14 -32.63 -32.73
N PHE A 559 5.02 -31.91 -32.90
CA PHE A 559 5.11 -30.48 -33.20
C PHE A 559 5.55 -29.66 -31.98
N GLN A 560 5.59 -30.25 -30.79
CA GLN A 560 5.85 -29.50 -29.57
C GLN A 560 7.35 -29.42 -29.30
N GLN A 561 7.89 -28.20 -29.30
CA GLN A 561 9.30 -27.95 -29.01
C GLN A 561 9.56 -27.46 -27.60
N PHE A 562 8.52 -27.07 -26.86
CA PHE A 562 8.71 -26.46 -25.56
C PHE A 562 7.53 -26.80 -24.65
N GLY A 563 7.75 -26.65 -23.36
CA GLY A 563 6.69 -26.78 -22.38
C GLY A 563 6.73 -25.61 -21.42
N ARG A 564 5.55 -25.24 -20.92
CA ARG A 564 5.41 -24.07 -20.07
C ARG A 564 4.65 -24.45 -18.80
N ASP A 565 4.96 -23.72 -17.72
CA ASP A 565 4.29 -23.88 -16.45
C ASP A 565 3.18 -22.84 -16.32
N ILE A 566 2.58 -22.76 -15.13
CA ILE A 566 1.43 -21.89 -14.91
C ILE A 566 1.81 -20.42 -15.07
N ALA A 567 3.09 -20.08 -14.86
CA ALA A 567 3.56 -18.72 -14.97
C ALA A 567 4.02 -18.35 -16.38
N ASP A 568 3.79 -19.23 -17.35
CA ASP A 568 4.18 -19.00 -18.74
C ASP A 568 5.70 -18.86 -18.88
N THR A 569 6.43 -19.66 -18.09
CA THR A 569 7.87 -19.74 -18.18
C THR A 569 8.28 -21.14 -18.62
N THR A 570 9.38 -21.23 -19.36
CA THR A 570 9.79 -22.51 -19.92
C THR A 570 10.14 -23.50 -18.81
N ASP A 571 9.60 -24.71 -18.93
CA ASP A 571 9.73 -25.74 -17.91
C ASP A 571 10.22 -27.05 -18.52
N ALA A 572 9.93 -27.31 -19.79
CA ALA A 572 10.47 -28.47 -20.49
C ALA A 572 10.96 -28.03 -21.86
N VAL A 573 11.94 -28.74 -22.39
CA VAL A 573 12.52 -28.36 -23.67
C VAL A 573 12.86 -29.64 -24.44
N ARG A 574 12.58 -29.63 -25.74
CA ARG A 574 12.97 -30.71 -26.62
C ARG A 574 14.35 -30.41 -27.18
N ASP A 575 15.30 -31.32 -26.93
CA ASP A 575 16.67 -31.07 -27.36
C ASP A 575 16.74 -31.04 -28.88
N PRO A 576 17.34 -30.00 -29.46
CA PRO A 576 17.27 -29.86 -30.93
C PRO A 576 17.93 -31.00 -31.69
N GLN A 577 18.91 -31.67 -31.10
CA GLN A 577 19.65 -32.70 -31.82
C GLN A 577 19.11 -34.11 -31.57
N THR A 578 19.01 -34.50 -30.30
CA THR A 578 18.56 -35.85 -29.96
C THR A 578 17.05 -35.95 -29.77
N LEU A 579 16.33 -34.84 -29.83
CA LEU A 579 14.87 -34.82 -29.79
C LEU A 579 14.31 -35.44 -28.52
N GLU A 580 15.06 -35.38 -27.42
CA GLU A 580 14.56 -35.89 -26.14
C GLU A 580 14.02 -34.74 -25.31
N ILE A 581 13.03 -35.05 -24.49
CA ILE A 581 12.37 -34.05 -23.65
C ILE A 581 13.12 -33.96 -22.33
N LEU A 582 13.59 -32.77 -22.00
CA LEU A 582 14.33 -32.51 -20.77
C LEU A 582 13.55 -31.54 -19.90
N ASP A 583 13.36 -31.92 -18.64
CA ASP A 583 12.81 -31.01 -17.64
C ASP A 583 13.89 -30.03 -17.19
N ILE A 584 13.49 -28.77 -17.04
CA ILE A 584 14.35 -27.71 -16.52
C ILE A 584 13.83 -27.34 -15.14
N THR A 585 14.72 -27.43 -14.14
CA THR A 585 14.33 -27.05 -12.79
C THR A 585 15.47 -26.20 -12.23
N PRO A 586 15.17 -25.03 -11.65
CA PRO A 586 16.26 -24.19 -11.13
C PRO A 586 17.05 -24.93 -10.07
N CYS A 587 18.37 -24.75 -10.10
CA CYS A 587 19.22 -25.47 -9.16
C CYS A 587 19.01 -24.93 -7.75
N SER A 588 19.49 -25.71 -6.78
CA SER A 588 19.05 -25.56 -5.40
C SER A 588 19.28 -24.14 -4.87
N PHE A 589 18.28 -23.63 -4.16
CA PHE A 589 18.35 -22.31 -3.54
C PHE A 589 17.45 -22.32 -2.32
N GLY A 590 17.55 -21.26 -1.52
CA GLY A 590 16.70 -21.13 -0.36
C GLY A 590 17.11 -19.95 0.49
N GLY A 591 16.34 -19.72 1.54
CA GLY A 591 16.59 -18.61 2.44
C GLY A 591 17.49 -18.98 3.60
N VAL A 592 18.25 -17.99 4.08
CA VAL A 592 19.19 -18.17 5.18
C VAL A 592 18.86 -17.15 6.26
N SER A 593 18.73 -17.63 7.50
CA SER A 593 18.53 -16.77 8.65
C SER A 593 19.69 -16.97 9.63
N VAL A 594 20.02 -15.91 10.36
CA VAL A 594 21.12 -15.94 11.31
C VAL A 594 20.58 -15.67 12.71
N ILE A 595 20.86 -16.59 13.63
CA ILE A 595 20.46 -16.47 15.03
C ILE A 595 21.65 -15.97 15.81
N THR A 596 21.51 -14.80 16.44
CA THR A 596 22.56 -14.20 17.24
C THR A 596 22.05 -13.93 18.66
N PRO A 597 22.87 -14.23 19.68
CA PRO A 597 22.54 -13.79 21.04
C PRO A 597 22.75 -12.30 21.26
N GLY A 598 23.16 -11.56 20.24
CA GLY A 598 23.51 -10.17 20.40
C GLY A 598 25.01 -9.99 20.47
N THR A 599 25.55 -8.99 19.76
CA THR A 599 26.99 -8.76 19.76
C THR A 599 27.48 -8.25 21.10
N ASN A 600 26.60 -7.72 21.95
CA ASN A 600 27.01 -7.29 23.28
C ASN A 600 27.31 -8.48 24.18
N THR A 601 26.82 -9.67 23.83
CA THR A 601 27.04 -10.87 24.62
C THR A 601 28.06 -11.81 23.99
N SER A 602 27.96 -12.07 22.69
CA SER A 602 28.84 -13.02 22.05
C SER A 602 28.87 -12.75 20.55
N ASN A 603 29.84 -13.36 19.87
CA ASN A 603 29.92 -13.32 18.42
C ASN A 603 29.55 -14.65 17.78
N GLN A 604 29.23 -15.67 18.57
CA GLN A 604 28.77 -16.93 18.03
C GLN A 604 27.40 -16.75 17.38
N VAL A 605 27.18 -17.45 16.27
CA VAL A 605 25.91 -17.41 15.57
C VAL A 605 25.51 -18.82 15.18
N ALA A 606 24.20 -19.00 14.99
CA ALA A 606 23.65 -20.19 14.36
C ALA A 606 23.03 -19.80 13.04
N VAL A 607 22.91 -20.76 12.13
CA VAL A 607 22.41 -20.50 10.79
C VAL A 607 21.28 -21.46 10.48
N LEU A 608 20.14 -20.91 10.07
CA LEU A 608 18.98 -21.69 9.67
C LEU A 608 18.83 -21.63 8.16
N TYR A 609 18.85 -22.79 7.52
CA TYR A 609 18.57 -22.92 6.10
C TYR A 609 17.10 -23.29 5.99
N GLN A 610 16.28 -22.33 5.55
CA GLN A 610 14.84 -22.46 5.64
C GLN A 610 14.30 -23.39 4.57
N GLY A 611 13.40 -24.30 4.99
CA GLY A 611 12.74 -25.20 4.05
C GLY A 611 13.66 -26.18 3.38
N VAL A 612 14.65 -26.70 4.10
CA VAL A 612 15.67 -27.59 3.54
C VAL A 612 16.04 -28.62 4.60
N ASN A 613 16.12 -29.89 4.21
CA ASN A 613 16.64 -30.88 5.14
C ASN A 613 18.16 -30.86 5.11
N CYS A 614 18.74 -31.33 6.22
CA CYS A 614 20.19 -31.26 6.38
C CYS A 614 20.93 -32.14 5.37
N THR A 615 20.27 -33.17 4.84
CA THR A 615 20.87 -33.98 3.79
C THR A 615 21.02 -33.22 2.48
N GLU A 616 20.19 -32.20 2.26
CA GLU A 616 20.26 -31.37 1.07
C GLU A 616 20.88 -30.01 1.32
N VAL A 617 21.37 -29.75 2.53
CA VAL A 617 22.02 -28.47 2.82
C VAL A 617 23.23 -28.32 1.91
N PRO A 618 23.46 -27.14 1.32
CA PRO A 618 24.58 -27.00 0.38
C PRO A 618 25.92 -27.30 1.03
N VAL A 619 26.56 -28.37 0.59
CA VAL A 619 27.88 -28.76 1.10
C VAL A 619 28.82 -28.65 -0.10
N ALA A 620 29.57 -27.57 -0.15
CA ALA A 620 30.48 -27.29 -1.25
C ALA A 620 31.87 -26.98 -0.72
N ILE A 621 32.89 -27.53 -1.38
CA ILE A 621 34.28 -27.32 -0.98
C ILE A 621 34.94 -26.20 -1.79
N HIS A 622 34.18 -25.55 -2.67
CA HIS A 622 34.70 -24.45 -3.48
C HIS A 622 33.65 -23.35 -3.57
N ALA A 623 34.09 -22.17 -4.00
CA ALA A 623 33.18 -21.06 -4.18
C ALA A 623 32.44 -21.16 -5.50
N ASP A 624 31.64 -22.22 -5.67
CA ASP A 624 30.80 -22.42 -6.84
C ASP A 624 29.41 -22.88 -6.37
N GLN A 625 29.00 -22.35 -5.23
CA GLN A 625 27.78 -22.75 -4.55
C GLN A 625 27.58 -21.85 -3.33
N LEU A 626 26.47 -22.03 -2.61
CA LEU A 626 26.26 -21.36 -1.33
C LEU A 626 26.52 -19.86 -1.44
N THR A 627 25.64 -19.15 -2.14
CA THR A 627 25.84 -17.74 -2.46
C THR A 627 26.41 -16.88 -1.33
N PRO A 628 26.02 -17.05 -0.05
CA PRO A 628 26.65 -16.24 1.01
C PRO A 628 28.17 -16.39 1.08
N THR A 629 28.68 -17.47 0.50
CA THR A 629 30.11 -17.71 0.21
C THR A 629 30.91 -18.03 1.47
N TRP A 630 30.30 -17.90 2.64
CA TRP A 630 30.94 -18.39 3.84
C TRP A 630 30.44 -19.81 4.12
N ARG A 631 31.12 -20.50 5.05
CA ARG A 631 30.79 -21.88 5.35
C ARG A 631 30.64 -22.08 6.85
N VAL A 632 29.57 -22.75 7.25
CA VAL A 632 29.40 -23.26 8.60
C VAL A 632 29.39 -24.78 8.50
N TYR A 633 30.42 -25.41 9.04
CA TYR A 633 30.61 -26.84 8.85
C TYR A 633 29.91 -27.65 9.93
N SER A 634 29.48 -28.86 9.56
CA SER A 634 28.85 -29.76 10.51
C SER A 634 29.91 -30.41 11.39
N THR A 635 29.64 -30.44 12.69
CA THR A 635 30.52 -31.08 13.67
C THR A 635 29.74 -32.12 14.46
N GLY A 636 28.75 -32.75 13.83
CA GLY A 636 27.98 -33.78 14.51
C GLY A 636 26.79 -33.26 15.28
N SER A 637 26.97 -33.09 16.58
CA SER A 637 25.89 -32.71 17.50
C SER A 637 25.43 -31.27 17.32
N ASN A 638 25.97 -30.52 16.37
CA ASN A 638 25.58 -29.14 16.15
C ASN A 638 24.73 -28.94 14.90
N VAL A 639 24.16 -30.02 14.35
CA VAL A 639 23.26 -29.94 13.20
C VAL A 639 21.94 -30.57 13.60
N PHE A 640 20.86 -29.82 13.46
CA PHE A 640 19.54 -30.23 13.90
C PHE A 640 18.53 -30.00 12.78
N GLN A 641 17.53 -30.87 12.70
CA GLN A 641 16.49 -30.77 11.69
C GLN A 641 15.21 -30.25 12.35
N THR A 642 14.60 -29.23 11.75
CA THR A 642 13.35 -28.67 12.20
C THR A 642 12.42 -28.59 11.01
N ARG A 643 11.12 -28.53 11.29
CA ARG A 643 10.15 -28.33 10.22
C ARG A 643 10.30 -26.97 9.55
N ALA A 644 11.06 -26.06 10.16
CA ALA A 644 11.39 -24.79 9.55
C ALA A 644 12.67 -24.84 8.72
N GLY A 645 13.47 -25.89 8.84
CA GLY A 645 14.68 -26.03 8.06
C GLY A 645 15.79 -26.65 8.86
N CYS A 646 17.00 -26.57 8.33
CA CYS A 646 18.17 -27.17 8.98
C CYS A 646 18.92 -26.10 9.78
N LEU A 647 19.13 -26.36 11.06
CA LEU A 647 19.78 -25.43 11.96
C LEU A 647 21.18 -25.94 12.27
N ILE A 648 22.20 -25.15 11.92
CA ILE A 648 23.60 -25.51 12.10
C ILE A 648 24.23 -24.49 13.05
N GLY A 649 24.91 -24.99 14.08
CA GLY A 649 25.54 -24.12 15.06
C GLY A 649 24.86 -24.08 16.40
N ALA A 650 23.81 -24.86 16.60
CA ALA A 650 23.13 -24.97 17.89
C ALA A 650 22.89 -26.44 18.19
N GLU A 651 23.16 -26.83 19.42
CA GLU A 651 22.92 -28.20 19.86
C GLU A 651 21.51 -28.31 20.44
N TYR A 652 20.79 -29.35 20.06
CA TYR A 652 19.43 -29.55 20.52
C TYR A 652 19.46 -30.23 21.88
N VAL A 653 18.93 -29.58 22.90
CA VAL A 653 18.86 -30.12 24.25
C VAL A 653 17.44 -30.62 24.50
N ASN A 654 17.33 -31.63 25.36
CA ASN A 654 16.03 -32.22 25.68
C ASN A 654 15.23 -31.40 26.67
N ASN A 655 15.86 -30.43 27.33
CA ASN A 655 15.14 -29.56 28.25
C ASN A 655 14.22 -28.62 27.49
N SER A 656 13.26 -28.05 28.21
CA SER A 656 12.33 -27.07 27.66
C SER A 656 12.38 -25.81 28.50
N TYR A 657 12.45 -24.66 27.82
CA TYR A 657 12.46 -23.36 28.47
C TYR A 657 11.46 -22.46 27.78
N GLU A 658 11.30 -21.24 28.30
CA GLU A 658 10.54 -20.23 27.58
C GLU A 658 11.27 -19.85 26.31
N CYS A 659 10.51 -19.44 25.30
CA CYS A 659 11.10 -19.07 24.02
C CYS A 659 11.92 -17.79 24.18
N ASP A 660 13.16 -17.83 23.69
CA ASP A 660 14.03 -16.66 23.67
C ASP A 660 14.17 -16.08 22.26
N ILE A 661 14.60 -16.90 21.31
CA ILE A 661 14.65 -16.51 19.90
C ILE A 661 13.82 -17.52 19.12
N PRO A 662 12.68 -17.10 18.55
CA PRO A 662 11.81 -18.07 17.85
C PRO A 662 12.45 -18.55 16.55
N ILE A 663 12.58 -19.87 16.44
CA ILE A 663 13.03 -20.50 15.21
C ILE A 663 11.85 -20.93 14.36
N GLY A 664 10.85 -21.55 14.97
CA GLY A 664 9.67 -21.96 14.25
C GLY A 664 9.26 -23.39 14.53
N ALA A 665 7.99 -23.71 14.27
CA ALA A 665 7.44 -25.05 14.46
C ALA A 665 7.73 -25.59 15.86
N GLY A 666 7.61 -24.71 16.86
CA GLY A 666 7.80 -25.07 18.24
C GLY A 666 9.23 -25.03 18.72
N ILE A 667 10.19 -24.72 17.85
CA ILE A 667 11.61 -24.73 18.21
C ILE A 667 12.06 -23.29 18.44
N CYS A 668 12.80 -23.08 19.54
CA CYS A 668 13.42 -21.81 19.87
C CYS A 668 14.90 -22.04 20.15
N ALA A 669 15.64 -20.94 20.32
CA ALA A 669 17.07 -21.01 20.57
C ALA A 669 17.47 -19.93 21.55
N SER A 670 18.55 -20.20 22.29
CA SER A 670 19.04 -19.24 23.28
C SER A 670 20.51 -19.49 23.57
N TYR A 671 21.15 -18.47 24.14
CA TYR A 671 22.55 -18.57 24.57
C TYR A 671 22.58 -19.20 25.96
N GLN A 672 23.17 -20.39 26.06
CA GLN A 672 23.09 -21.16 27.31
C GLN A 672 23.88 -20.48 28.42
N THR A 673 25.18 -20.29 28.23
CA THR A 673 26.11 -19.71 29.20
C THR A 673 25.78 -20.03 30.66
N GLN A 684 27.99 -19.48 26.52
CA GLN A 684 29.02 -20.45 26.18
C GLN A 684 28.73 -21.09 24.83
N SER A 685 27.46 -21.35 24.57
CA SER A 685 27.04 -21.94 23.30
C SER A 685 25.57 -21.61 23.07
N ILE A 686 25.14 -21.80 21.82
CA ILE A 686 23.76 -21.62 21.42
C ILE A 686 23.06 -22.97 21.44
N ILE A 687 21.92 -23.04 22.11
CA ILE A 687 21.15 -24.27 22.24
C ILE A 687 19.79 -24.06 21.59
N ALA A 688 19.32 -25.11 20.90
CA ALA A 688 17.98 -25.16 20.36
C ALA A 688 17.15 -26.14 21.18
N TYR A 689 15.87 -25.82 21.34
CA TYR A 689 15.00 -26.65 22.17
C TYR A 689 13.56 -26.47 21.73
N THR A 690 12.72 -27.39 22.19
CA THR A 690 11.28 -27.24 22.06
C THR A 690 10.79 -26.30 23.16
N MET A 691 10.03 -25.28 22.78
CA MET A 691 9.57 -24.31 23.76
C MET A 691 8.60 -24.96 24.75
N SER A 692 8.62 -24.45 25.98
CA SER A 692 7.71 -24.91 27.01
C SER A 692 6.53 -23.94 27.10
N LEU A 693 5.32 -24.51 27.14
CA LEU A 693 4.12 -23.69 27.22
C LEU A 693 3.83 -23.21 28.63
N GLY A 694 4.57 -23.67 29.63
CA GLY A 694 4.35 -23.32 31.01
C GLY A 694 4.43 -24.52 31.92
N ALA A 695 4.39 -24.24 33.21
CA ALA A 695 4.47 -25.28 34.22
C ALA A 695 3.16 -26.05 34.31
N GLU A 696 3.26 -27.38 34.30
CA GLU A 696 2.07 -28.22 34.42
C GLU A 696 1.46 -28.05 35.80
N ASN A 697 0.14 -28.18 35.87
CA ASN A 697 -0.59 -27.99 37.11
C ASN A 697 -1.86 -28.83 37.03
N SER A 698 -2.17 -29.54 38.12
CA SER A 698 -3.40 -30.32 38.21
C SER A 698 -4.26 -29.75 39.32
N VAL A 699 -5.47 -29.32 38.98
CA VAL A 699 -6.40 -28.80 39.98
C VAL A 699 -7.11 -29.97 40.64
N ALA A 700 -7.07 -30.00 41.97
CA ALA A 700 -7.64 -31.11 42.74
C ALA A 700 -9.16 -30.98 42.76
N TYR A 701 -9.77 -31.48 41.69
CA TYR A 701 -11.23 -31.46 41.57
C TYR A 701 -11.83 -32.69 42.24
N SER A 702 -13.00 -32.49 42.86
CA SER A 702 -13.75 -33.59 43.49
C SER A 702 -15.22 -33.21 43.52
N ASN A 703 -16.03 -34.14 44.05
CA ASN A 703 -17.47 -33.88 44.14
C ASN A 703 -17.76 -32.66 45.01
N ASN A 704 -17.01 -32.49 46.10
CA ASN A 704 -17.45 -31.59 47.16
C ASN A 704 -16.32 -30.78 47.79
N SER A 705 -15.27 -30.48 47.05
CA SER A 705 -14.13 -29.73 47.58
C SER A 705 -14.07 -28.36 46.92
N ILE A 706 -13.94 -27.32 47.74
CA ILE A 706 -13.84 -25.95 47.25
C ILE A 706 -12.64 -25.28 47.91
N ALA A 707 -11.93 -24.46 47.14
CA ALA A 707 -10.81 -23.68 47.66
C ALA A 707 -11.24 -22.24 47.84
N ILE A 708 -11.06 -21.71 49.04
CA ILE A 708 -11.48 -20.35 49.38
C ILE A 708 -10.23 -19.56 49.74
N PRO A 709 -10.03 -18.37 49.16
CA PRO A 709 -8.87 -17.57 49.55
C PRO A 709 -9.03 -17.01 50.96
N THR A 710 -7.93 -17.02 51.71
CA THR A 710 -7.90 -16.47 53.05
C THR A 710 -7.19 -15.13 53.12
N ASN A 711 -6.57 -14.69 52.03
CA ASN A 711 -5.83 -13.44 52.03
C ASN A 711 -5.90 -12.86 50.62
N PHE A 712 -5.22 -11.74 50.41
CA PHE A 712 -5.23 -11.11 49.10
C PHE A 712 -3.96 -10.32 48.91
N THR A 713 -3.73 -9.94 47.65
CA THR A 713 -2.64 -9.08 47.25
C THR A 713 -3.21 -7.93 46.43
N ILE A 714 -2.73 -6.73 46.70
CA ILE A 714 -3.04 -5.57 45.87
C ILE A 714 -1.95 -5.47 44.81
N SER A 715 -2.33 -5.63 43.56
CA SER A 715 -1.39 -5.67 42.46
C SER A 715 -1.54 -4.41 41.62
N VAL A 716 -0.42 -3.80 41.27
CA VAL A 716 -0.39 -2.66 40.36
C VAL A 716 0.40 -3.07 39.13
N THR A 717 -0.28 -3.14 38.00
CA THR A 717 0.32 -3.56 36.74
C THR A 717 0.28 -2.41 35.75
N THR A 718 1.11 -2.50 34.72
CA THR A 718 1.29 -1.43 33.76
C THR A 718 0.77 -1.87 32.39
N GLU A 719 0.08 -0.96 31.70
CA GLU A 719 -0.31 -1.17 30.31
C GLU A 719 0.05 0.07 29.51
N ILE A 720 0.86 -0.10 28.47
CA ILE A 720 1.31 1.01 27.64
C ILE A 720 0.55 0.97 26.33
N LEU A 721 -0.03 2.10 25.93
CA LEU A 721 -0.78 2.18 24.69
C LEU A 721 -0.34 3.40 23.89
N PRO A 722 0.08 3.21 22.64
CA PRO A 722 0.29 4.37 21.76
C PRO A 722 -1.02 5.09 21.48
N VAL A 723 -0.94 6.42 21.41
CA VAL A 723 -2.14 7.21 21.18
C VAL A 723 -1.99 8.04 19.90
N SER A 724 -0.76 8.42 19.57
CA SER A 724 -0.53 9.27 18.41
C SER A 724 0.86 9.01 17.88
N MET A 725 1.07 9.37 16.63
CA MET A 725 2.38 9.28 16.00
C MET A 725 2.78 10.65 15.47
N THR A 726 4.02 10.73 15.00
CA THR A 726 4.57 11.99 14.49
C THR A 726 3.75 12.50 13.32
N LYS A 727 3.41 13.78 13.35
CA LYS A 727 2.74 14.43 12.24
C LYS A 727 3.79 14.90 11.24
N THR A 728 3.68 14.41 10.01
CA THR A 728 4.67 14.66 8.99
C THR A 728 4.08 15.48 7.85
N SER A 729 4.89 16.39 7.32
CA SER A 729 4.56 17.16 6.13
C SER A 729 5.67 16.97 5.10
N VAL A 730 5.30 16.92 3.83
CA VAL A 730 6.25 16.71 2.75
C VAL A 730 6.10 17.83 1.73
N ASP A 731 7.22 18.48 1.41
CA ASP A 731 7.28 19.44 0.30
C ASP A 731 7.59 18.62 -0.95
N CYS A 732 6.54 18.34 -1.73
CA CYS A 732 6.65 17.41 -2.83
C CYS A 732 7.68 17.85 -3.86
N THR A 733 7.62 19.12 -4.27
CA THR A 733 8.58 19.64 -5.25
C THR A 733 10.00 19.63 -4.69
N MET A 734 10.17 20.05 -3.43
CA MET A 734 11.49 20.10 -2.84
C MET A 734 12.11 18.70 -2.74
N TYR A 735 11.30 17.70 -2.37
CA TYR A 735 11.80 16.34 -2.31
C TYR A 735 12.15 15.83 -3.70
N ILE A 736 11.22 15.97 -4.65
CA ILE A 736 11.44 15.39 -5.98
C ILE A 736 12.50 16.16 -6.74
N CYS A 737 12.47 17.49 -6.68
CA CYS A 737 13.34 18.31 -7.52
C CYS A 737 14.49 18.95 -6.74
N GLY A 738 14.18 19.66 -5.66
CA GLY A 738 15.21 20.24 -4.82
C GLY A 738 16.12 21.23 -5.52
N ASP A 739 15.60 22.43 -5.80
CA ASP A 739 16.25 23.62 -6.37
C ASP A 739 16.41 23.56 -7.89
N SER A 740 16.00 22.48 -8.55
CA SER A 740 16.09 22.38 -10.01
C SER A 740 14.79 22.90 -10.61
N THR A 741 14.87 24.05 -11.27
CA THR A 741 13.66 24.67 -11.83
C THR A 741 13.14 23.88 -13.04
N GLU A 742 14.05 23.34 -13.85
CA GLU A 742 13.63 22.51 -14.98
C GLU A 742 12.89 21.28 -14.49
N CYS A 743 13.37 20.67 -13.40
CA CYS A 743 12.66 19.55 -12.81
C CYS A 743 11.28 19.97 -12.36
N SER A 744 11.14 21.17 -11.78
CA SER A 744 9.84 21.65 -11.34
C SER A 744 8.88 21.81 -12.52
N ASN A 745 9.37 22.38 -13.61
CA ASN A 745 8.53 22.55 -14.79
C ASN A 745 8.09 21.20 -15.35
N LEU A 746 9.01 20.22 -15.38
CA LEU A 746 8.64 18.88 -15.82
C LEU A 746 7.64 18.24 -14.85
N LEU A 747 7.82 18.46 -13.55
CA LEU A 747 6.96 17.84 -12.55
C LEU A 747 5.55 18.41 -12.60
N LEU A 748 5.40 19.66 -13.02
CA LEU A 748 4.06 20.25 -13.13
C LEU A 748 3.16 19.53 -14.12
N GLN A 749 3.68 18.53 -14.86
CA GLN A 749 2.90 17.80 -15.85
C GLN A 749 2.44 16.43 -15.36
N TYR A 750 2.62 16.12 -14.08
CA TYR A 750 2.21 14.83 -13.53
C TYR A 750 0.91 14.89 -12.75
N GLY A 751 0.16 15.98 -12.88
CA GLY A 751 -1.17 16.06 -12.30
C GLY A 751 -1.16 16.43 -10.83
N SER A 752 -2.22 15.97 -10.14
CA SER A 752 -2.46 16.31 -8.75
C SER A 752 -1.88 15.30 -7.78
N PHE A 753 -0.79 14.63 -8.14
CA PHE A 753 -0.14 13.66 -7.26
C PHE A 753 0.22 14.29 -5.92
N CYS A 754 0.92 15.43 -5.97
CA CYS A 754 1.35 16.08 -4.74
C CYS A 754 0.16 16.62 -3.95
N THR A 755 -0.90 17.04 -4.64
CA THR A 755 -2.11 17.47 -3.94
C THR A 755 -2.74 16.32 -3.16
N GLN A 756 -2.82 15.13 -3.78
CA GLN A 756 -3.35 13.98 -3.07
C GLN A 756 -2.48 13.63 -1.86
N LEU A 757 -1.16 13.64 -2.03
CA LEU A 757 -0.28 13.30 -0.92
C LEU A 757 -0.42 14.31 0.22
N LYS A 758 -0.49 15.60 -0.12
CA LYS A 758 -0.68 16.62 0.90
C LYS A 758 -2.00 16.45 1.63
N ARG A 759 -3.07 16.13 0.90
CA ARG A 759 -4.36 15.90 1.54
C ARG A 759 -4.31 14.72 2.50
N ALA A 760 -3.70 13.61 2.07
CA ALA A 760 -3.61 12.43 2.91
C ALA A 760 -2.81 12.70 4.18
N LEU A 761 -1.66 13.36 4.02
CA LEU A 761 -0.83 13.65 5.19
C LEU A 761 -1.50 14.64 6.13
N THR A 762 -2.23 15.63 5.58
CA THR A 762 -2.97 16.55 6.43
C THR A 762 -4.07 15.84 7.21
N GLY A 763 -4.77 14.90 6.55
CA GLY A 763 -5.75 14.11 7.26
C GLY A 763 -5.15 13.30 8.39
N ILE A 764 -3.98 12.68 8.14
CA ILE A 764 -3.30 11.93 9.19
C ILE A 764 -2.92 12.86 10.35
N ALA A 765 -2.39 14.04 10.03
CA ALA A 765 -1.96 14.97 11.07
C ALA A 765 -3.13 15.42 11.92
N VAL A 766 -4.28 15.71 11.29
CA VAL A 766 -5.46 16.09 12.06
C VAL A 766 -5.94 14.93 12.91
N GLU A 767 -5.88 13.70 12.38
CA GLU A 767 -6.31 12.54 13.14
C GLU A 767 -5.43 12.33 14.38
N GLN A 768 -4.15 12.67 14.32
CA GLN A 768 -3.30 12.49 15.49
C GLN A 768 -3.78 13.37 16.66
N ASP A 769 -4.07 14.64 16.39
CA ASP A 769 -4.59 15.53 17.42
C ASP A 769 -5.97 15.08 17.89
N LYS A 770 -6.80 14.56 16.97
CA LYS A 770 -8.08 14.01 17.37
C LYS A 770 -7.91 12.83 18.31
N ASN A 771 -6.95 11.95 18.02
CA ASN A 771 -6.67 10.81 18.89
C ASN A 771 -6.29 11.26 20.29
N THR A 772 -5.35 12.22 20.37
CA THR A 772 -4.94 12.72 21.67
C THR A 772 -6.11 13.33 22.44
N GLN A 773 -6.94 14.12 21.76
CA GLN A 773 -8.08 14.75 22.41
C GLN A 773 -9.07 13.70 22.91
N GLU A 774 -9.37 12.69 22.09
CA GLU A 774 -10.31 11.66 22.49
C GLU A 774 -9.79 10.85 23.66
N VAL A 775 -8.47 10.66 23.77
CA VAL A 775 -7.94 9.91 24.89
C VAL A 775 -7.93 10.75 26.17
N PHE A 776 -7.38 11.96 26.10
CA PHE A 776 -7.05 12.70 27.31
C PHE A 776 -8.07 13.77 27.70
N ALA A 777 -8.81 14.32 26.74
CA ALA A 777 -9.75 15.40 27.05
C ALA A 777 -11.15 14.87 27.36
N GLN A 778 -11.23 13.96 28.32
CA GLN A 778 -12.53 13.40 28.71
C GLN A 778 -13.23 14.22 29.78
N VAL A 779 -12.47 14.89 30.65
CA VAL A 779 -13.05 15.65 31.74
C VAL A 779 -13.39 17.06 31.28
N LYS A 780 -14.57 17.53 31.68
CA LYS A 780 -14.94 18.92 31.42
C LYS A 780 -14.11 19.87 32.27
N GLN A 781 -13.96 19.57 33.56
CA GLN A 781 -13.27 20.44 34.49
C GLN A 781 -11.82 20.00 34.67
N ILE A 782 -10.99 20.94 35.09
CA ILE A 782 -9.60 20.67 35.44
C ILE A 782 -9.56 20.60 36.97
N TYR A 783 -9.72 19.39 37.49
CA TYR A 783 -9.73 19.18 38.93
C TYR A 783 -8.32 19.29 39.50
N LYS A 784 -8.24 19.80 40.72
CA LYS A 784 -7.00 19.94 41.45
C LYS A 784 -7.08 19.15 42.74
N THR A 785 -5.94 18.61 43.16
CA THR A 785 -5.86 17.89 44.41
C THR A 785 -5.87 18.86 45.59
N PRO A 786 -6.39 18.43 46.75
CA PRO A 786 -6.43 19.32 47.91
C PRO A 786 -5.04 19.56 48.47
N PRO A 787 -4.84 20.64 49.22
CA PRO A 787 -3.50 20.93 49.75
C PRO A 787 -2.94 19.82 50.62
N ILE A 788 -3.77 19.19 51.43
CA ILE A 788 -3.34 18.12 52.32
C ILE A 788 -3.50 16.79 51.58
N LYS A 789 -2.40 16.09 51.36
CA LYS A 789 -2.40 14.84 50.62
C LYS A 789 -2.50 13.62 51.52
N TYR A 790 -3.51 13.58 52.38
CA TYR A 790 -3.80 12.40 53.20
C TYR A 790 -5.03 11.72 52.65
N PHE A 791 -4.91 10.44 52.33
CA PHE A 791 -5.99 9.65 51.73
C PHE A 791 -6.11 8.30 52.42
N GLY A 792 -6.12 8.33 53.76
CA GLY A 792 -6.26 7.10 54.52
C GLY A 792 -5.05 6.20 54.50
N GLY A 793 -3.87 6.75 54.25
CA GLY A 793 -2.65 5.97 54.19
C GLY A 793 -2.19 5.63 52.79
N PHE A 794 -3.00 5.87 51.78
CA PHE A 794 -2.59 5.63 50.40
C PHE A 794 -1.72 6.80 49.93
N ASN A 795 -0.57 6.47 49.35
CA ASN A 795 0.44 7.44 48.96
C ASN A 795 0.44 7.54 47.44
N PHE A 796 0.04 8.69 46.91
CA PHE A 796 -0.04 8.92 45.48
C PHE A 796 1.06 9.83 44.96
N SER A 797 2.12 10.04 45.74
CA SER A 797 3.15 11.00 45.35
C SER A 797 3.86 10.60 44.06
N GLN A 798 3.91 9.30 43.77
CA GLN A 798 4.60 8.85 42.56
C GLN A 798 3.81 9.15 41.29
N ILE A 799 2.49 9.29 41.40
CA ILE A 799 1.66 9.59 40.25
C ILE A 799 1.16 11.02 40.21
N LEU A 800 1.18 11.72 41.34
CA LEU A 800 0.69 13.09 41.37
C LEU A 800 1.77 14.06 40.88
N PRO A 801 1.38 15.20 40.32
CA PRO A 801 2.38 16.14 39.78
C PRO A 801 3.30 16.68 40.87
N ASP A 802 4.53 16.96 40.48
CA ASP A 802 5.54 17.50 41.40
C ASP A 802 5.72 18.99 41.13
N PRO A 803 5.36 19.87 42.06
CA PRO A 803 5.52 21.31 41.82
C PRO A 803 6.96 21.73 41.59
N SER A 804 7.94 20.99 42.13
CA SER A 804 9.33 21.37 41.96
C SER A 804 9.75 21.34 40.50
N LYS A 805 9.32 20.32 39.76
CA LYS A 805 9.67 20.23 38.35
C LYS A 805 8.99 21.35 37.57
N PRO A 806 9.69 21.98 36.63
CA PRO A 806 9.04 23.01 35.80
C PRO A 806 7.86 22.48 34.99
N SER A 807 7.95 21.23 34.53
CA SER A 807 6.89 20.64 33.72
C SER A 807 5.68 20.23 34.53
N LYS A 808 5.78 20.21 35.86
CA LYS A 808 4.71 19.75 36.73
C LYS A 808 4.28 18.32 36.38
N ARG A 809 5.27 17.46 36.19
CA ARG A 809 5.03 16.05 35.92
C ARG A 809 5.24 15.21 37.17
N SER A 810 4.64 14.03 37.17
CA SER A 810 4.85 13.07 38.23
C SER A 810 6.23 12.43 38.10
N PRO A 811 6.77 11.88 39.18
CA PRO A 811 8.01 11.10 39.05
C PRO A 811 7.93 9.98 38.05
N ILE A 812 6.80 9.26 38.00
CA ILE A 812 6.64 8.19 37.01
C ILE A 812 6.57 8.77 35.61
N GLU A 813 5.86 9.89 35.44
CA GLU A 813 5.80 10.53 34.13
C GLU A 813 7.16 11.05 33.70
N ASP A 814 7.94 11.57 34.65
CA ASP A 814 9.30 12.00 34.33
C ASP A 814 10.15 10.81 33.90
N LEU A 815 10.02 9.68 34.59
CA LEU A 815 10.74 8.48 34.17
C LEU A 815 10.33 8.04 32.77
N LEU A 816 9.03 8.06 32.47
CA LEU A 816 8.55 7.65 31.16
C LEU A 816 9.07 8.56 30.07
N PHE A 817 9.10 9.88 30.33
CA PHE A 817 9.62 10.80 29.32
C PHE A 817 11.14 10.73 29.19
N ASN A 818 11.84 10.29 30.23
CA ASN A 818 13.27 10.05 30.11
C ASN A 818 13.57 8.76 29.35
N LYS A 819 12.69 7.77 29.44
CA LYS A 819 12.94 6.45 28.88
C LYS A 819 12.52 6.31 27.42
N VAL A 820 11.91 7.33 26.83
CA VAL A 820 11.50 7.30 25.43
C VAL A 820 12.21 8.44 24.71
N THR A 821 13.00 8.10 23.69
CA THR A 821 13.79 9.08 22.95
C THR A 821 12.94 9.63 21.81
N LEU A 822 12.42 10.84 21.99
CA LEU A 822 11.53 11.44 21.00
C LEU A 822 12.30 12.31 20.02
N ASP A 842 21.56 15.84 13.72
CA ASP A 842 21.68 16.41 12.39
C ASP A 842 20.86 15.63 11.37
N LEU A 843 20.31 14.50 11.79
CA LEU A 843 19.41 13.74 10.93
C LEU A 843 18.13 14.54 10.64
N ILE A 844 17.62 15.24 11.64
CA ILE A 844 16.43 16.05 11.46
C ILE A 844 16.70 17.16 10.44
N CYS A 845 17.86 17.81 10.52
CA CYS A 845 18.21 18.84 9.56
C CYS A 845 18.38 18.24 8.16
N ALA A 846 18.97 17.05 8.07
CA ALA A 846 19.12 16.39 6.78
C ALA A 846 17.76 16.10 6.15
N GLN A 847 16.80 15.64 6.96
CA GLN A 847 15.45 15.43 6.46
C GLN A 847 14.79 16.74 6.05
N LYS A 848 15.00 17.79 6.85
CA LYS A 848 14.40 19.09 6.58
C LYS A 848 14.89 19.65 5.25
N PHE A 849 16.18 19.51 4.96
CA PHE A 849 16.73 20.02 3.72
C PHE A 849 16.15 19.32 2.49
N LYS A 850 15.61 18.12 2.65
CA LYS A 850 14.96 17.41 1.57
C LYS A 850 13.45 17.65 1.53
N GLY A 851 12.92 18.52 2.40
CA GLY A 851 11.52 18.86 2.36
C GLY A 851 10.61 18.05 3.23
N LEU A 852 11.15 17.29 4.18
CA LEU A 852 10.37 16.47 5.09
C LEU A 852 10.41 17.10 6.48
N THR A 853 9.25 17.52 6.97
CA THR A 853 9.17 18.25 8.23
C THR A 853 8.22 17.55 9.18
N VAL A 854 8.35 17.89 10.46
CA VAL A 854 7.52 17.35 11.53
C VAL A 854 6.66 18.49 12.08
N LEU A 855 5.35 18.29 12.07
CA LEU A 855 4.51 19.34 12.63
C LEU A 855 4.28 19.12 14.11
N PRO A 856 4.36 20.17 14.92
CA PRO A 856 4.15 20.01 16.35
C PRO A 856 2.72 19.60 16.64
N PRO A 857 2.52 18.77 17.66
CA PRO A 857 1.16 18.45 18.09
C PRO A 857 0.46 19.67 18.67
N LEU A 858 -0.88 19.64 18.61
CA LEU A 858 -1.67 20.75 19.12
C LEU A 858 -1.58 20.86 20.63
N LEU A 859 -1.65 19.73 21.33
CA LEU A 859 -1.54 19.72 22.78
C LEU A 859 -0.08 19.52 23.16
N THR A 860 0.46 20.44 23.96
CA THR A 860 1.82 20.29 24.45
C THR A 860 1.88 19.17 25.48
N ASP A 861 3.10 18.77 25.83
CA ASP A 861 3.28 17.78 26.88
C ASP A 861 2.77 18.30 28.22
N GLU A 862 2.95 19.60 28.46
CA GLU A 862 2.42 20.21 29.69
C GLU A 862 0.91 20.13 29.74
N MET A 863 0.24 20.39 28.61
CA MET A 863 -1.22 20.32 28.57
C MET A 863 -1.72 18.90 28.79
N ILE A 864 -1.06 17.91 28.19
CA ILE A 864 -1.45 16.52 28.38
C ILE A 864 -1.24 16.10 29.83
N ALA A 865 -0.12 16.53 30.43
CA ALA A 865 0.09 16.26 31.84
C ALA A 865 -0.96 16.94 32.72
N GLN A 866 -1.40 18.14 32.33
CA GLN A 866 -2.47 18.81 33.07
C GLN A 866 -3.78 18.03 32.98
N TYR A 867 -4.10 17.52 31.80
CA TYR A 867 -5.29 16.67 31.65
C TYR A 867 -5.18 15.43 32.51
N THR A 868 -4.00 14.80 32.52
CA THR A 868 -3.79 13.61 33.33
C THR A 868 -3.94 13.91 34.82
N SER A 869 -3.40 15.06 35.26
CA SER A 869 -3.54 15.46 36.65
C SER A 869 -5.01 15.71 37.00
N ALA A 870 -5.76 16.31 36.09
CA ALA A 870 -7.18 16.52 36.33
C ALA A 870 -7.91 15.20 36.49
N LEU A 871 -7.60 14.22 35.62
CA LEU A 871 -8.22 12.90 35.74
C LEU A 871 -7.87 12.24 37.06
N LEU A 872 -6.59 12.31 37.46
CA LEU A 872 -6.15 11.70 38.71
C LEU A 872 -6.80 12.36 39.91
N ALA A 873 -6.86 13.69 39.92
CA ALA A 873 -7.50 14.39 41.03
C ALA A 873 -8.98 14.05 41.10
N GLY A 874 -9.66 13.99 39.95
CA GLY A 874 -11.05 13.62 39.95
C GLY A 874 -11.29 12.24 40.52
N THR A 875 -10.49 11.26 40.10
CA THR A 875 -10.71 9.90 40.58
C THR A 875 -10.31 9.75 42.05
N ILE A 876 -9.29 10.49 42.49
CA ILE A 876 -8.84 10.39 43.88
C ILE A 876 -9.84 11.03 44.82
N THR A 877 -10.42 12.17 44.44
CA THR A 877 -11.27 12.92 45.34
C THR A 877 -12.76 12.60 45.19
N SER A 878 -13.18 11.98 44.10
CA SER A 878 -14.59 11.75 43.89
C SER A 878 -14.95 10.35 43.40
N GLY A 879 -13.97 9.49 43.16
CA GLY A 879 -14.29 8.14 42.71
C GLY A 879 -14.68 8.14 41.25
N TRP A 880 -15.79 7.47 40.94
CA TRP A 880 -16.29 7.39 39.58
C TRP A 880 -17.38 8.40 39.28
N THR A 881 -17.70 9.29 40.22
CA THR A 881 -18.85 10.17 40.05
C THR A 881 -18.58 11.25 38.99
N PHE A 882 -17.36 11.76 38.93
CA PHE A 882 -17.07 12.87 38.01
C PHE A 882 -17.15 12.44 36.55
N GLY A 883 -17.06 11.14 36.25
CA GLY A 883 -17.23 10.68 34.89
C GLY A 883 -18.67 10.53 34.44
N ALA A 884 -19.62 10.57 35.38
CA ALA A 884 -21.03 10.41 35.06
C ALA A 884 -21.86 11.64 35.40
N GLY A 885 -21.21 12.74 35.79
CA GLY A 885 -21.91 13.94 36.20
C GLY A 885 -21.07 14.82 37.09
N PRO A 886 -21.72 15.56 37.97
CA PRO A 886 -20.98 16.41 38.92
C PRO A 886 -20.08 15.57 39.82
N ALA A 887 -18.89 16.09 40.11
CA ALA A 887 -17.96 15.41 40.98
C ALA A 887 -18.46 15.45 42.41
N LEU A 888 -18.63 14.28 43.02
CA LEU A 888 -19.13 14.15 44.39
C LEU A 888 -17.99 13.67 45.26
N GLN A 889 -17.55 14.51 46.19
CA GLN A 889 -16.45 14.12 47.06
C GLN A 889 -16.85 12.94 47.93
N ILE A 890 -15.87 12.08 48.22
CA ILE A 890 -16.05 10.93 49.07
C ILE A 890 -14.68 10.59 49.66
N PRO A 891 -14.59 10.23 50.94
CA PRO A 891 -13.28 9.84 51.50
C PRO A 891 -12.72 8.63 50.77
N PHE A 892 -11.40 8.63 50.55
CA PHE A 892 -10.79 7.58 49.77
C PHE A 892 -10.99 6.18 50.35
N PRO A 893 -10.88 5.94 51.66
CA PRO A 893 -11.25 4.61 52.18
C PRO A 893 -12.68 4.20 51.87
N MET A 894 -13.63 5.15 51.87
CA MET A 894 -15.00 4.81 51.52
C MET A 894 -15.13 4.45 50.04
N GLN A 895 -14.42 5.17 49.17
CA GLN A 895 -14.40 4.81 47.75
C GLN A 895 -13.78 3.43 47.55
N MET A 896 -12.72 3.13 48.29
CA MET A 896 -12.12 1.81 48.23
C MET A 896 -13.06 0.74 48.72
N ALA A 897 -13.87 1.04 49.75
CA ALA A 897 -14.90 0.10 50.19
C ALA A 897 -15.93 -0.14 49.10
N TYR A 898 -16.34 0.93 48.41
CA TYR A 898 -17.24 0.78 47.26
C TYR A 898 -16.65 -0.17 46.23
N ARG A 899 -15.38 0.03 45.88
CA ARG A 899 -14.74 -0.81 44.87
C ARG A 899 -14.57 -2.25 45.33
N PHE A 900 -14.31 -2.46 46.63
CA PHE A 900 -14.31 -3.82 47.16
C PHE A 900 -15.67 -4.46 47.03
N ASN A 901 -16.74 -3.70 47.31
CA ASN A 901 -18.09 -4.19 47.06
C ASN A 901 -18.28 -4.54 45.59
N GLY A 902 -17.64 -3.80 44.69
CA GLY A 902 -17.76 -4.03 43.27
C GLY A 902 -17.20 -5.35 42.78
N ILE A 903 -16.36 -6.02 43.57
CA ILE A 903 -15.78 -7.30 43.19
C ILE A 903 -16.28 -8.42 44.09
N GLY A 904 -17.44 -8.24 44.72
CA GLY A 904 -17.99 -9.26 45.59
C GLY A 904 -17.22 -9.52 46.87
N VAL A 905 -16.70 -8.47 47.50
CA VAL A 905 -16.07 -8.56 48.81
C VAL A 905 -16.74 -7.54 49.72
N THR A 906 -17.11 -7.97 50.92
CA THR A 906 -17.82 -7.09 51.83
C THR A 906 -16.94 -5.91 52.26
N GLN A 907 -17.59 -4.80 52.63
CA GLN A 907 -16.87 -3.56 52.90
C GLN A 907 -15.93 -3.69 54.08
N ASN A 908 -16.36 -4.38 55.14
CA ASN A 908 -15.56 -4.48 56.35
C ASN A 908 -14.18 -5.06 56.07
N VAL A 909 -14.10 -5.98 55.09
CA VAL A 909 -12.82 -6.58 54.73
C VAL A 909 -11.80 -5.51 54.40
N LEU A 910 -12.22 -4.48 53.67
CA LEU A 910 -11.32 -3.35 53.45
C LEU A 910 -11.01 -2.61 54.75
N TYR A 911 -12.06 -2.22 55.49
CA TYR A 911 -11.84 -1.38 56.66
C TYR A 911 -10.96 -2.10 57.68
N GLU A 912 -11.31 -3.34 58.01
CA GLU A 912 -10.54 -4.10 58.98
C GLU A 912 -9.13 -4.41 58.51
N ASN A 913 -8.82 -4.21 57.23
CA ASN A 913 -7.48 -4.43 56.73
C ASN A 913 -6.90 -3.15 56.11
N GLN A 914 -7.53 -2.00 56.41
CA GLN A 914 -7.22 -0.77 55.71
C GLN A 914 -5.71 -0.53 55.60
N LYS A 915 -5.04 -0.40 56.74
CA LYS A 915 -3.61 -0.11 56.75
C LYS A 915 -2.86 -1.11 55.87
N LEU A 916 -3.09 -2.40 56.09
CA LEU A 916 -2.39 -3.41 55.30
C LEU A 916 -2.61 -3.15 53.82
N ILE A 917 -3.87 -2.94 53.42
CA ILE A 917 -4.16 -2.70 52.02
C ILE A 917 -3.35 -1.50 51.52
N ALA A 918 -3.39 -0.41 52.28
CA ALA A 918 -2.64 0.78 51.89
C ALA A 918 -1.17 0.42 51.67
N ASN A 919 -0.59 -0.30 52.64
CA ASN A 919 0.82 -0.65 52.54
C ASN A 919 1.08 -1.41 51.24
N GLN A 920 0.23 -2.39 50.94
CA GLN A 920 0.42 -3.17 49.72
C GLN A 920 0.41 -2.25 48.51
N PHE A 921 -0.57 -1.36 48.44
CA PHE A 921 -0.60 -0.43 47.32
C PHE A 921 0.67 0.42 47.31
N ASN A 922 1.05 0.94 48.47
CA ASN A 922 2.24 1.78 48.54
C ASN A 922 3.47 0.99 48.13
N SER A 923 3.49 -0.31 48.42
CA SER A 923 4.59 -1.14 47.96
C SER A 923 4.50 -1.33 46.45
N ALA A 924 3.31 -1.67 45.94
CA ALA A 924 3.19 -2.02 44.54
C ALA A 924 3.55 -0.83 43.64
N ILE A 925 2.96 0.33 43.94
CA ILE A 925 3.30 1.54 43.21
C ILE A 925 4.79 1.81 43.33
N GLY A 926 5.38 1.54 44.49
CA GLY A 926 6.81 1.76 44.66
C GLY A 926 7.63 0.92 43.70
N LYS A 927 7.16 -0.29 43.40
CA LYS A 927 7.90 -1.14 42.47
C LYS A 927 7.77 -0.66 41.03
N ILE A 928 6.73 0.10 40.70
CA ILE A 928 6.43 0.41 39.31
C ILE A 928 7.63 1.08 38.65
N GLN A 929 8.21 2.07 39.32
CA GLN A 929 9.37 2.78 38.80
C GLN A 929 10.46 1.78 38.39
N ASP A 930 10.80 0.87 39.30
CA ASP A 930 11.82 -0.12 38.99
C ASP A 930 11.41 -0.96 37.78
N SER A 931 10.15 -1.40 37.75
CA SER A 931 9.68 -2.24 36.67
C SER A 931 9.70 -1.51 35.33
N LEU A 932 9.84 -0.19 35.34
CA LEU A 932 10.02 0.56 34.11
C LEU A 932 11.46 1.02 33.90
N SER A 933 12.25 1.12 34.97
CA SER A 933 13.62 1.62 34.84
C SER A 933 14.66 0.52 34.86
N SER A 934 14.27 -0.74 35.11
CA SER A 934 15.19 -1.85 35.09
C SER A 934 15.03 -2.68 33.82
N THR A 935 13.80 -2.96 33.42
CA THR A 935 13.57 -3.70 32.19
C THR A 935 13.99 -2.87 30.99
N PRO A 936 14.73 -3.44 30.03
CA PRO A 936 15.18 -2.63 28.89
C PRO A 936 14.05 -2.15 27.99
N SER A 937 13.16 -3.07 27.57
CA SER A 937 12.12 -2.78 26.59
C SER A 937 10.75 -2.64 27.22
N ALA A 938 10.67 -2.03 28.42
CA ALA A 938 9.37 -1.82 29.06
C ALA A 938 8.49 -0.90 28.22
N LEU A 939 9.07 0.15 27.64
CA LEU A 939 8.37 1.11 26.79
C LEU A 939 8.55 0.78 25.32
N GLY A 940 8.55 -0.50 24.99
CA GLY A 940 8.86 -0.92 23.63
C GLY A 940 7.89 -0.43 22.58
N LYS A 941 6.61 -0.29 22.94
CA LYS A 941 5.61 0.08 21.94
C LYS A 941 5.73 1.55 21.51
N LEU A 942 5.90 2.46 22.48
CA LEU A 942 6.08 3.86 22.13
C LEU A 942 7.40 4.08 21.38
N GLN A 943 8.47 3.42 21.85
CA GLN A 943 9.73 3.48 21.13
C GLN A 943 9.60 2.90 19.73
N ASP A 944 8.77 1.88 19.56
CA ASP A 944 8.51 1.33 18.23
C ASP A 944 7.83 2.35 17.33
N VAL A 945 6.88 3.11 17.88
CA VAL A 945 6.22 4.16 17.10
C VAL A 945 7.24 5.19 16.64
N VAL A 946 8.07 5.65 17.58
CA VAL A 946 9.09 6.66 17.25
C VAL A 946 10.06 6.12 16.22
N ASN A 947 10.51 4.88 16.41
CA ASN A 947 11.49 4.28 15.51
C ASN A 947 10.89 4.05 14.12
N HIS A 948 9.61 3.68 14.05
CA HIS A 948 8.98 3.52 12.75
C HIS A 948 8.92 4.83 12.00
N ASN A 949 8.55 5.92 12.68
CA ASN A 949 8.54 7.22 12.01
C ASN A 949 9.93 7.61 11.52
N ALA A 950 10.93 7.46 12.40
CA ALA A 950 12.29 7.84 12.04
C ALA A 950 12.82 6.98 10.90
N GLN A 951 12.53 5.68 10.92
CA GLN A 951 12.98 4.78 9.89
C GLN A 951 12.33 5.12 8.55
N ALA A 952 11.04 5.43 8.55
CA ALA A 952 10.36 5.80 7.32
C ALA A 952 10.96 7.07 6.72
N LEU A 953 11.21 8.07 7.56
CA LEU A 953 11.78 9.31 7.04
C LEU A 953 13.22 9.10 6.54
N ASN A 954 14.00 8.30 7.27
CA ASN A 954 15.37 8.03 6.84
C ASN A 954 15.40 7.25 5.53
N THR A 955 14.49 6.29 5.36
CA THR A 955 14.37 5.57 4.11
C THR A 955 14.01 6.51 2.97
N LEU A 956 13.06 7.43 3.22
CA LEU A 956 12.70 8.41 2.21
C LEU A 956 13.91 9.25 1.81
N VAL A 957 14.72 9.67 2.78
CA VAL A 957 15.90 10.46 2.48
C VAL A 957 16.91 9.65 1.67
N LYS A 958 17.16 8.41 2.09
CA LYS A 958 18.15 7.58 1.41
C LYS A 958 17.70 7.21 -0.01
N GLN A 959 16.39 7.22 -0.27
CA GLN A 959 15.92 6.90 -1.61
C GLN A 959 16.30 7.95 -2.64
N LEU A 960 16.76 9.13 -2.21
CA LEU A 960 17.17 10.17 -3.15
C LEU A 960 18.50 9.87 -3.82
N SER A 961 19.26 8.90 -3.32
CA SER A 961 20.51 8.49 -3.95
C SER A 961 20.33 7.38 -4.97
N SER A 962 19.11 6.88 -5.14
CA SER A 962 18.85 5.84 -6.12
C SER A 962 18.79 6.43 -7.53
N LYS A 963 19.27 5.67 -8.50
CA LYS A 963 19.27 6.12 -9.89
C LYS A 963 18.04 5.69 -10.66
N PHE A 964 17.40 4.59 -10.24
CA PHE A 964 16.21 4.06 -10.90
C PHE A 964 16.45 3.80 -12.38
N GLY A 965 17.68 3.42 -12.73
CA GLY A 965 18.04 3.16 -14.11
C GLY A 965 18.61 4.36 -14.86
N ALA A 966 18.56 5.55 -14.28
CA ALA A 966 19.10 6.72 -14.95
C ALA A 966 20.62 6.74 -14.84
N ILE A 967 21.24 7.73 -15.50
CA ILE A 967 22.69 7.82 -15.50
C ILE A 967 23.24 8.44 -14.21
N SER A 968 22.43 9.20 -13.48
CA SER A 968 22.84 9.71 -12.18
C SER A 968 21.60 10.03 -11.37
N SER A 969 21.80 10.21 -10.06
CA SER A 969 20.74 10.60 -9.14
C SER A 969 20.68 12.10 -8.91
N VAL A 970 21.55 12.87 -9.56
CA VAL A 970 21.58 14.32 -9.42
C VAL A 970 20.96 14.94 -10.66
N LEU A 971 19.90 15.72 -10.48
CA LEU A 971 19.20 16.31 -11.61
C LEU A 971 20.05 17.35 -12.31
N ASN A 972 20.76 18.18 -11.55
CA ASN A 972 21.59 19.22 -12.15
C ASN A 972 22.78 18.64 -12.90
N ASP A 973 23.19 17.40 -12.59
CA ASP A 973 24.21 16.74 -13.39
C ASP A 973 23.65 16.25 -14.71
N ILE A 974 22.40 15.78 -14.71
CA ILE A 974 21.78 15.33 -15.95
C ILE A 974 21.50 16.52 -16.86
N PHE A 975 21.05 17.63 -16.29
CA PHE A 975 20.69 18.79 -17.11
C PHE A 975 21.92 19.50 -17.67
N SER A 976 23.05 19.41 -16.98
CA SER A 976 24.27 20.08 -17.41
C SER A 976 25.15 19.24 -18.31
N ARG A 977 24.73 18.01 -18.64
CA ARG A 977 25.55 17.15 -19.49
C ARG A 977 24.78 16.50 -20.63
N LEU A 978 23.48 16.70 -20.73
CA LEU A 978 22.69 16.02 -21.74
C LEU A 978 21.80 17.00 -22.48
N ASP A 979 21.52 16.67 -23.74
CA ASP A 979 20.56 17.41 -24.52
C ASP A 979 19.15 17.16 -23.98
N PRO A 980 18.26 18.14 -24.10
CA PRO A 980 16.91 18.01 -23.51
C PRO A 980 16.18 16.77 -23.96
N PRO A 981 16.30 16.32 -25.23
CA PRO A 981 15.57 15.10 -25.62
C PRO A 981 15.90 13.87 -24.77
N GLU A 982 17.16 13.66 -24.40
CA GLU A 982 17.52 12.51 -23.59
C GLU A 982 17.55 12.83 -22.10
N ALA A 983 17.87 14.08 -21.76
CA ALA A 983 17.72 14.53 -20.38
C ALA A 983 16.30 14.34 -19.91
N GLU A 984 15.31 14.51 -20.80
CA GLU A 984 13.93 14.27 -20.43
C GLU A 984 13.70 12.82 -20.03
N VAL A 985 14.30 11.88 -20.77
CA VAL A 985 14.14 10.46 -20.44
C VAL A 985 14.75 10.16 -19.07
N GLN A 986 15.98 10.64 -18.85
CA GLN A 986 16.64 10.36 -17.57
C GLN A 986 15.88 11.00 -16.41
N ILE A 987 15.46 12.25 -16.58
CA ILE A 987 14.75 12.95 -15.52
C ILE A 987 13.40 12.32 -15.28
N ASP A 988 12.74 11.80 -16.32
CA ASP A 988 11.48 11.10 -16.12
C ASP A 988 11.69 9.84 -15.30
N ARG A 989 12.77 9.10 -15.56
CA ARG A 989 13.08 7.94 -14.73
C ARG A 989 13.22 8.35 -13.27
N LEU A 990 14.02 9.40 -13.01
CA LEU A 990 14.23 9.84 -11.63
C LEU A 990 12.92 10.31 -10.98
N ILE A 991 12.12 11.07 -11.72
CA ILE A 991 10.88 11.62 -11.19
C ILE A 991 9.90 10.51 -10.86
N THR A 992 9.75 9.52 -11.76
CA THR A 992 8.85 8.41 -11.48
C THR A 992 9.33 7.62 -10.26
N GLY A 993 10.64 7.39 -10.14
CA GLY A 993 11.14 6.70 -8.96
C GLY A 993 10.82 7.43 -7.67
N ARG A 994 11.06 8.75 -7.66
CA ARG A 994 10.84 9.51 -6.44
C ARG A 994 9.36 9.66 -6.12
N LEU A 995 8.52 9.82 -7.15
CA LEU A 995 7.08 9.86 -6.93
C LEU A 995 6.57 8.54 -6.37
N GLN A 996 7.08 7.42 -6.89
CA GLN A 996 6.70 6.12 -6.34
C GLN A 996 7.15 6.00 -4.90
N SER A 997 8.34 6.49 -4.56
CA SER A 997 8.79 6.47 -3.18
C SER A 997 7.84 7.26 -2.28
N LEU A 998 7.44 8.45 -2.72
CA LEU A 998 6.53 9.27 -1.93
C LEU A 998 5.17 8.59 -1.76
N GLN A 999 4.63 8.01 -2.83
CA GLN A 999 3.34 7.32 -2.73
C GLN A 999 3.41 6.12 -1.80
N THR A 1000 4.50 5.36 -1.88
CA THR A 1000 4.68 4.23 -0.96
C THR A 1000 4.74 4.71 0.48
N TYR A 1001 5.48 5.80 0.72
CA TYR A 1001 5.57 6.34 2.07
C TYR A 1001 4.19 6.76 2.58
N VAL A 1002 3.39 7.41 1.73
CA VAL A 1002 2.08 7.90 2.16
C VAL A 1002 1.14 6.72 2.43
N THR A 1003 1.19 5.68 1.60
CA THR A 1003 0.35 4.52 1.83
C THR A 1003 0.71 3.83 3.15
N GLN A 1004 2.01 3.66 3.41
CA GLN A 1004 2.41 3.07 4.68
C GLN A 1004 2.00 3.96 5.85
N GLN A 1005 2.08 5.29 5.68
CA GLN A 1005 1.63 6.19 6.72
C GLN A 1005 0.14 6.03 6.99
N LEU A 1006 -0.66 5.87 5.93
CA LEU A 1006 -2.10 5.68 6.12
C LEU A 1006 -2.39 4.38 6.88
N ILE A 1007 -1.69 3.31 6.53
CA ILE A 1007 -1.91 2.04 7.23
C ILE A 1007 -1.50 2.14 8.70
N ARG A 1008 -0.34 2.74 8.95
CA ARG A 1008 0.12 2.91 10.33
C ARG A 1008 -0.80 3.84 11.10
N ALA A 1009 -1.35 4.85 10.43
CA ALA A 1009 -2.32 5.75 11.07
C ALA A 1009 -3.58 5.01 11.46
N ALA A 1010 -4.06 4.10 10.60
CA ALA A 1010 -5.20 3.28 10.97
C ALA A 1010 -4.90 2.43 12.20
N GLU A 1011 -3.71 1.83 12.25
CA GLU A 1011 -3.36 1.02 13.42
C GLU A 1011 -3.27 1.87 14.67
N ILE A 1012 -2.65 3.05 14.57
CA ILE A 1012 -2.53 3.95 15.72
C ILE A 1012 -3.91 4.44 16.16
N ARG A 1013 -4.81 4.66 15.21
CA ARG A 1013 -6.17 5.07 15.54
C ARG A 1013 -6.90 3.98 16.30
N ALA A 1014 -6.72 2.71 15.89
CA ALA A 1014 -7.30 1.62 16.66
C ALA A 1014 -6.74 1.60 18.08
N SER A 1015 -5.42 1.78 18.21
CA SER A 1015 -4.80 1.83 19.53
C SER A 1015 -5.35 2.99 20.36
N ALA A 1016 -5.59 4.14 19.72
CA ALA A 1016 -6.08 5.32 20.43
C ALA A 1016 -7.54 5.13 20.84
N ASN A 1017 -8.35 4.50 20.00
CA ASN A 1017 -9.72 4.18 20.39
C ASN A 1017 -9.72 3.23 21.58
N LEU A 1018 -8.84 2.24 21.57
CA LEU A 1018 -8.73 1.33 22.72
C LEU A 1018 -8.29 2.09 23.97
N ALA A 1019 -7.34 3.02 23.84
CA ALA A 1019 -6.89 3.79 24.99
C ALA A 1019 -8.00 4.67 25.54
N ALA A 1020 -8.80 5.27 24.66
CA ALA A 1020 -9.95 6.06 25.11
C ALA A 1020 -10.97 5.18 25.83
N THR A 1021 -11.22 3.98 25.31
CA THR A 1021 -12.11 3.05 25.99
C THR A 1021 -11.58 2.67 27.37
N LYS A 1022 -10.27 2.43 27.47
CA LYS A 1022 -9.68 2.12 28.78
C LYS A 1022 -9.78 3.30 29.72
N MET A 1023 -9.58 4.52 29.21
CA MET A 1023 -9.73 5.70 30.06
C MET A 1023 -11.16 5.81 30.59
N SER A 1024 -12.14 5.52 29.74
CA SER A 1024 -13.53 5.61 30.18
C SER A 1024 -13.88 4.50 31.18
N GLU A 1025 -13.48 3.27 30.90
CA GLU A 1025 -14.00 2.12 31.63
C GLU A 1025 -13.12 1.68 32.79
N CYS A 1026 -11.84 2.03 32.80
CA CYS A 1026 -10.93 1.68 33.88
C CYS A 1026 -10.58 2.85 34.79
N VAL A 1027 -10.56 4.07 34.26
CA VAL A 1027 -10.21 5.25 35.05
C VAL A 1027 -11.45 5.98 35.55
N LEU A 1028 -12.47 6.12 34.70
CA LEU A 1028 -13.71 6.79 35.09
C LEU A 1028 -14.72 5.84 35.71
N GLY A 1029 -14.37 4.58 35.86
CA GLY A 1029 -15.28 3.62 36.48
C GLY A 1029 -14.55 2.34 36.76
N GLN A 1030 -15.24 1.44 37.47
CA GLN A 1030 -14.72 0.12 37.77
C GLN A 1030 -15.28 -0.87 36.76
N SER A 1031 -14.40 -1.67 36.17
CA SER A 1031 -14.78 -2.58 35.10
C SER A 1031 -14.91 -4.00 35.59
N LYS A 1032 -16.00 -4.65 35.18
CA LYS A 1032 -16.19 -6.08 35.43
C LYS A 1032 -15.75 -6.94 34.26
N ARG A 1033 -15.26 -6.33 33.18
CA ARG A 1033 -14.77 -7.10 32.04
C ARG A 1033 -13.45 -7.76 32.40
N VAL A 1034 -13.37 -9.09 32.24
CA VAL A 1034 -12.20 -9.83 32.65
C VAL A 1034 -11.00 -9.44 31.78
N ASP A 1035 -9.89 -9.10 32.43
CA ASP A 1035 -8.59 -8.81 31.82
C ASP A 1035 -8.57 -7.51 31.02
N PHE A 1036 -9.64 -6.73 31.06
CA PHE A 1036 -9.63 -5.45 30.34
C PHE A 1036 -8.82 -4.39 31.06
N CYS A 1037 -8.81 -4.40 32.39
CA CYS A 1037 -8.12 -3.37 33.17
C CYS A 1037 -7.15 -4.01 34.16
N GLY A 1038 -6.33 -4.94 33.69
CA GLY A 1038 -5.41 -5.67 34.54
C GLY A 1038 -5.81 -7.12 34.72
N LYS A 1039 -4.89 -7.88 35.32
CA LYS A 1039 -5.05 -9.33 35.39
C LYS A 1039 -6.17 -9.73 36.34
N GLY A 1040 -6.05 -9.38 37.62
CA GLY A 1040 -7.02 -9.81 38.60
C GLY A 1040 -8.34 -9.06 38.57
N TYR A 1041 -9.04 -9.00 39.70
CA TYR A 1041 -10.29 -8.28 39.79
C TYR A 1041 -10.00 -6.79 39.86
N HIS A 1042 -10.52 -6.04 38.90
CA HIS A 1042 -10.17 -4.64 38.77
C HIS A 1042 -10.73 -3.82 39.91
N LEU A 1043 -9.87 -3.09 40.60
CA LEU A 1043 -10.27 -2.12 41.61
C LEU A 1043 -10.36 -0.72 41.02
N MET A 1044 -9.27 -0.24 40.44
CA MET A 1044 -9.26 1.12 39.88
C MET A 1044 -8.03 1.28 39.00
N SER A 1045 -7.93 2.40 38.33
CA SER A 1045 -6.79 2.61 37.43
C SER A 1045 -6.40 4.08 37.42
N PHE A 1046 -5.11 4.33 37.16
CA PHE A 1046 -4.54 5.66 37.09
C PHE A 1046 -3.85 5.90 35.76
N PRO A 1047 -4.13 6.99 35.07
CA PRO A 1047 -3.40 7.30 33.84
C PRO A 1047 -2.15 8.13 34.09
N GLN A 1048 -1.16 7.92 33.23
CA GLN A 1048 0.06 8.71 33.20
C GLN A 1048 0.41 9.00 31.75
N SER A 1049 0.65 10.27 31.43
CA SER A 1049 1.01 10.63 30.07
C SER A 1049 2.41 10.13 29.74
N ALA A 1050 2.61 9.73 28.49
CA ALA A 1050 3.88 9.29 27.98
C ALA A 1050 4.08 9.94 26.63
N PRO A 1051 5.35 10.09 26.17
CA PRO A 1051 5.65 10.91 24.98
C PRO A 1051 4.66 10.81 23.83
N HIS A 1052 4.39 9.60 23.35
CA HIS A 1052 3.45 9.43 22.25
C HIS A 1052 2.26 8.56 22.66
N GLY A 1053 1.90 8.58 23.94
CA GLY A 1053 0.81 7.73 24.37
C GLY A 1053 0.47 7.80 25.84
N VAL A 1054 -0.06 6.70 26.36
CA VAL A 1054 -0.59 6.68 27.72
C VAL A 1054 -0.15 5.40 28.41
N VAL A 1055 0.02 5.49 29.72
CA VAL A 1055 0.35 4.35 30.56
C VAL A 1055 -0.72 4.25 31.64
N PHE A 1056 -1.37 3.11 31.71
CA PHE A 1056 -2.36 2.84 32.74
C PHE A 1056 -1.73 2.00 33.83
N LEU A 1057 -1.82 2.47 35.06
CA LEU A 1057 -1.48 1.69 36.24
C LEU A 1057 -2.78 1.11 36.79
N HIS A 1058 -2.96 -0.19 36.59
CA HIS A 1058 -4.15 -0.89 37.01
C HIS A 1058 -3.93 -1.46 38.41
N VAL A 1059 -4.78 -1.06 39.35
CA VAL A 1059 -4.81 -1.61 40.70
C VAL A 1059 -5.91 -2.67 40.74
N THR A 1060 -5.51 -3.91 40.97
CA THR A 1060 -6.38 -5.07 40.97
C THR A 1060 -6.21 -5.85 42.26
N TYR A 1061 -7.23 -6.66 42.55
CA TYR A 1061 -7.30 -7.50 43.74
C TYR A 1061 -7.04 -8.94 43.31
N VAL A 1062 -5.97 -9.53 43.84
CA VAL A 1062 -5.61 -10.91 43.52
C VAL A 1062 -5.84 -11.76 44.77
N PRO A 1063 -6.76 -12.71 44.74
CA PRO A 1063 -6.91 -13.61 45.91
C PRO A 1063 -5.63 -14.40 46.14
N ALA A 1064 -5.38 -14.73 47.41
CA ALA A 1064 -4.15 -15.39 47.78
C ALA A 1064 -4.38 -16.27 49.00
N GLN A 1065 -3.49 -17.24 49.18
CA GLN A 1065 -3.48 -18.13 50.34
C GLN A 1065 -4.80 -18.88 50.46
N GLU A 1066 -5.10 -19.67 49.44
CA GLU A 1066 -6.33 -20.44 49.43
C GLU A 1066 -6.24 -21.63 50.37
N LYS A 1067 -7.40 -22.07 50.84
CA LYS A 1067 -7.50 -23.22 51.74
C LYS A 1067 -8.64 -24.11 51.27
N ASN A 1068 -8.42 -25.42 51.42
CA ASN A 1068 -9.43 -26.41 51.05
C ASN A 1068 -10.55 -26.45 52.09
N PHE A 1069 -11.76 -26.70 51.62
CA PHE A 1069 -12.90 -26.92 52.49
C PHE A 1069 -13.84 -27.90 51.80
N THR A 1070 -14.63 -28.58 52.62
CA THR A 1070 -15.73 -29.39 52.12
C THR A 1070 -16.95 -28.50 51.92
N THR A 1071 -17.66 -28.72 50.83
CA THR A 1071 -18.78 -27.87 50.46
C THR A 1071 -19.98 -28.73 50.11
N ALA A 1072 -21.16 -28.12 50.21
CA ALA A 1072 -22.42 -28.77 49.89
C ALA A 1072 -23.31 -27.78 49.15
N PRO A 1073 -24.20 -28.28 48.27
CA PRO A 1073 -25.09 -27.36 47.55
C PRO A 1073 -26.12 -26.71 48.45
N ALA A 1074 -26.68 -27.47 49.39
CA ALA A 1074 -27.75 -27.00 50.25
C ALA A 1074 -27.70 -27.79 51.55
N ILE A 1075 -28.44 -27.30 52.55
CA ILE A 1075 -28.48 -27.94 53.86
C ILE A 1075 -29.93 -28.28 54.20
N CYS A 1076 -30.17 -29.54 54.57
CA CYS A 1076 -31.49 -29.98 54.98
C CYS A 1076 -31.67 -29.75 56.47
N HIS A 1077 -32.73 -29.06 56.85
CA HIS A 1077 -32.99 -28.74 58.24
C HIS A 1077 -34.50 -28.63 58.43
N ASP A 1078 -35.02 -29.34 59.43
CA ASP A 1078 -36.47 -29.48 59.63
C ASP A 1078 -37.17 -29.95 58.35
N GLY A 1079 -36.48 -30.74 57.55
CA GLY A 1079 -37.04 -31.24 56.30
C GLY A 1079 -37.12 -30.22 55.19
N LYS A 1080 -36.48 -29.06 55.32
CA LYS A 1080 -36.47 -28.04 54.29
C LYS A 1080 -35.06 -27.83 53.77
N ALA A 1081 -34.96 -27.51 52.48
CA ALA A 1081 -33.68 -27.27 51.83
C ALA A 1081 -33.31 -25.80 51.95
N HIS A 1082 -32.08 -25.55 52.38
CA HIS A 1082 -31.58 -24.20 52.61
C HIS A 1082 -30.42 -23.94 51.66
N PHE A 1083 -30.50 -22.84 50.93
CA PHE A 1083 -29.45 -22.40 50.04
C PHE A 1083 -28.84 -21.09 50.54
N PRO A 1084 -27.53 -20.90 50.36
CA PRO A 1084 -26.90 -19.69 50.88
C PRO A 1084 -27.33 -18.46 50.11
N ARG A 1085 -27.54 -17.37 50.84
CA ARG A 1085 -28.04 -16.15 50.22
C ARG A 1085 -26.97 -15.48 49.37
N GLU A 1086 -25.81 -15.21 49.94
CA GLU A 1086 -24.74 -14.49 49.25
C GLU A 1086 -23.40 -15.18 49.48
N GLY A 1087 -23.39 -16.50 49.57
CA GLY A 1087 -22.17 -17.20 49.86
C GLY A 1087 -22.19 -18.64 49.44
N VAL A 1088 -21.34 -19.42 50.09
CA VAL A 1088 -21.16 -20.84 49.84
C VAL A 1088 -21.00 -21.53 51.19
N PHE A 1089 -21.53 -22.75 51.28
CA PHE A 1089 -21.40 -23.55 52.49
C PHE A 1089 -20.03 -24.20 52.55
N VAL A 1090 -19.34 -24.04 53.67
CA VAL A 1090 -18.05 -24.65 53.90
C VAL A 1090 -18.06 -25.27 55.30
N SER A 1091 -17.03 -26.07 55.58
CA SER A 1091 -16.90 -26.72 56.87
C SER A 1091 -15.43 -26.90 57.25
N ASN A 1092 -15.12 -26.69 58.53
CA ASN A 1092 -13.86 -27.20 59.06
C ASN A 1092 -13.74 -28.71 58.86
N GLY A 1093 -14.85 -29.44 58.97
CA GLY A 1093 -14.85 -30.88 59.02
C GLY A 1093 -15.90 -31.37 60.01
N THR A 1094 -16.26 -30.50 60.97
CA THR A 1094 -17.30 -30.80 61.93
C THR A 1094 -18.48 -29.84 61.88
N HIS A 1095 -18.22 -28.54 61.95
CA HIS A 1095 -19.26 -27.53 61.87
C HIS A 1095 -19.36 -26.94 60.47
N TRP A 1096 -20.54 -26.42 60.15
CA TRP A 1096 -20.83 -25.89 58.81
C TRP A 1096 -21.07 -24.39 58.93
N PHE A 1097 -20.34 -23.62 58.15
CA PHE A 1097 -20.50 -22.18 58.04
C PHE A 1097 -20.92 -21.80 56.62
N VAL A 1098 -21.31 -20.55 56.47
CA VAL A 1098 -21.49 -19.92 55.16
C VAL A 1098 -20.48 -18.80 55.04
N THR A 1099 -19.84 -18.69 53.87
CA THR A 1099 -18.81 -17.69 53.67
C THR A 1099 -18.99 -17.02 52.32
N GLN A 1100 -18.45 -15.80 52.19
CA GLN A 1100 -18.42 -15.09 50.89
C GLN A 1100 -17.44 -15.87 50.01
N ARG A 1101 -17.55 -15.79 48.70
CA ARG A 1101 -16.75 -16.70 47.83
C ARG A 1101 -15.31 -16.24 47.59
N ASN A 1102 -14.97 -14.97 47.81
CA ASN A 1102 -13.59 -14.52 47.44
C ASN A 1102 -12.78 -14.14 48.68
N PHE A 1103 -13.30 -14.41 49.87
CA PHE A 1103 -12.53 -14.14 51.08
C PHE A 1103 -13.11 -14.98 52.19
N TYR A 1104 -12.29 -15.84 52.79
CA TYR A 1104 -12.78 -16.75 53.81
C TYR A 1104 -13.20 -16.01 55.07
N GLU A 1105 -14.51 -15.85 55.26
CA GLU A 1105 -15.08 -15.23 56.45
C GLU A 1105 -16.24 -16.08 56.94
N PRO A 1106 -15.97 -17.22 57.56
CA PRO A 1106 -17.04 -18.14 57.95
C PRO A 1106 -17.97 -17.52 58.97
N GLN A 1107 -19.26 -17.82 58.84
CA GLN A 1107 -20.28 -17.28 59.72
C GLN A 1107 -21.29 -18.37 60.06
N ILE A 1108 -21.95 -18.20 61.21
CA ILE A 1108 -22.93 -19.17 61.67
C ILE A 1108 -24.11 -19.18 60.71
N ILE A 1109 -24.53 -20.38 60.30
CA ILE A 1109 -25.61 -20.54 59.32
C ILE A 1109 -26.93 -20.26 60.03
N THR A 1110 -27.53 -19.12 59.75
CA THR A 1110 -28.79 -18.71 60.35
C THR A 1110 -29.84 -18.55 59.25
N THR A 1111 -31.09 -18.31 59.69
CA THR A 1111 -32.18 -18.01 58.78
C THR A 1111 -31.96 -16.72 58.00
N ASP A 1112 -31.10 -15.83 58.50
CA ASP A 1112 -30.86 -14.53 57.89
C ASP A 1112 -29.90 -14.58 56.70
N ASN A 1113 -28.92 -15.49 56.70
CA ASN A 1113 -27.99 -15.64 55.58
C ASN A 1113 -28.31 -16.86 54.73
N THR A 1114 -29.58 -17.18 54.57
CA THR A 1114 -30.01 -18.40 53.92
C THR A 1114 -31.46 -18.25 53.49
N PHE A 1115 -31.81 -18.88 52.36
CA PHE A 1115 -33.20 -18.88 51.92
C PHE A 1115 -33.64 -20.31 51.67
N VAL A 1116 -34.95 -20.53 51.81
CA VAL A 1116 -35.54 -21.86 51.79
C VAL A 1116 -36.21 -22.08 50.45
N SER A 1117 -35.98 -23.26 49.86
CA SER A 1117 -36.62 -23.63 48.61
C SER A 1117 -36.79 -25.14 48.58
N GLY A 1118 -38.03 -25.61 48.71
CA GLY A 1118 -38.32 -27.01 48.59
C GLY A 1118 -37.84 -27.84 49.77
N ASN A 1119 -37.87 -29.16 49.57
CA ASN A 1119 -37.43 -30.11 50.56
C ASN A 1119 -36.05 -30.65 50.22
N CYS A 1120 -35.47 -31.40 51.15
CA CYS A 1120 -34.15 -32.00 50.95
C CYS A 1120 -34.29 -33.38 50.32
N ASP A 1121 -35.01 -33.43 49.20
CA ASP A 1121 -35.25 -34.68 48.48
C ASP A 1121 -34.84 -34.64 47.01
N VAL A 1122 -34.54 -33.47 46.44
CA VAL A 1122 -34.14 -33.39 45.05
C VAL A 1122 -32.73 -32.82 44.88
N VAL A 1123 -32.19 -32.10 45.86
CA VAL A 1123 -30.88 -31.47 45.73
C VAL A 1123 -29.82 -32.53 45.94
N ILE A 1124 -29.13 -32.89 44.86
CA ILE A 1124 -28.04 -33.87 44.94
C ILE A 1124 -26.88 -33.25 45.71
N GLY A 1125 -26.44 -33.93 46.76
CA GLY A 1125 -25.36 -33.45 47.59
C GLY A 1125 -25.79 -32.70 48.84
N ILE A 1126 -27.10 -32.58 49.08
CA ILE A 1126 -27.58 -31.88 50.27
C ILE A 1126 -27.03 -32.56 51.52
N VAL A 1127 -26.73 -31.75 52.53
CA VAL A 1127 -26.04 -32.19 53.73
C VAL A 1127 -26.81 -31.74 54.96
N ASN A 1128 -26.99 -32.65 55.91
CA ASN A 1128 -27.72 -32.40 57.14
C ASN A 1128 -26.93 -31.47 58.06
N ASN A 1129 -27.60 -30.45 58.58
CA ASN A 1129 -27.03 -29.55 59.59
C ASN A 1129 -28.17 -28.73 60.18
N THR A 1130 -27.83 -27.85 61.11
CA THR A 1130 -28.80 -27.03 61.80
C THR A 1130 -28.68 -25.57 61.36
N VAL A 1131 -29.82 -24.89 61.26
CA VAL A 1131 -29.88 -23.50 60.85
C VAL A 1131 -30.40 -22.71 62.05
N TYR A 1132 -29.49 -21.99 62.72
CA TYR A 1132 -29.85 -21.20 63.88
C TYR A 1132 -30.74 -20.03 63.47
N PHE B 27 24.70 -20.48 -67.72
CA PHE B 27 24.24 -19.36 -66.90
C PHE B 27 22.79 -19.02 -67.20
N THR B 28 22.26 -18.03 -66.48
CA THR B 28 20.87 -17.60 -66.65
C THR B 28 20.82 -16.57 -67.78
N PHE B 29 20.37 -17.02 -68.96
CA PHE B 29 20.26 -16.11 -70.09
C PHE B 29 19.23 -15.02 -69.85
N ASP B 30 18.24 -15.28 -68.98
CA ASP B 30 17.20 -14.31 -68.68
C ASP B 30 17.70 -13.14 -67.85
N ASP B 31 18.91 -13.22 -67.30
CA ASP B 31 19.43 -12.18 -66.41
C ASP B 31 20.42 -11.24 -67.10
N TYR B 32 20.58 -11.35 -68.41
CA TYR B 32 21.52 -10.48 -69.12
C TYR B 32 20.94 -10.01 -70.45
N SER B 52 17.94 -6.64 -74.65
CA SER B 52 17.96 -6.71 -73.20
C SER B 52 17.38 -8.04 -72.70
N TRP B 53 17.09 -8.10 -71.40
CA TRP B 53 16.58 -9.33 -70.82
C TRP B 53 15.11 -9.54 -71.16
N ASN B 54 14.33 -8.47 -71.18
CA ASN B 54 12.90 -8.54 -71.45
C ASN B 54 12.53 -8.11 -72.87
N SER B 55 13.52 -7.78 -73.70
CA SER B 55 13.30 -7.29 -75.05
C SER B 55 12.43 -6.03 -75.04
N ASP B 73 14.36 -15.71 -77.18
CA ASP B 73 13.85 -16.87 -76.46
C ASP B 73 14.60 -17.04 -75.14
N ASN B 74 14.10 -16.37 -74.10
CA ASN B 74 14.75 -16.44 -72.79
C ASN B 74 14.65 -17.83 -72.19
N ALA B 75 13.58 -18.56 -72.51
CA ALA B 75 13.38 -19.87 -71.89
C ALA B 75 14.46 -20.87 -72.30
N LYS B 76 14.77 -20.93 -73.60
CA LYS B 76 15.68 -21.93 -74.13
C LYS B 76 17.08 -21.38 -74.39
N ASN B 77 17.44 -20.29 -73.72
CA ASN B 77 18.73 -19.59 -73.89
C ASN B 77 19.26 -19.59 -75.32
N LYS B 98 27.73 -11.92 -74.56
CA LYS B 98 26.75 -11.71 -73.50
C LYS B 98 27.02 -10.39 -72.76
N ASP B 99 25.97 -9.63 -72.54
CA ASP B 99 26.10 -8.38 -71.79
C ASP B 99 26.33 -8.67 -70.31
N LYS B 100 27.21 -7.88 -69.70
CA LYS B 100 27.46 -8.03 -68.27
C LYS B 100 26.24 -7.65 -67.45
N THR B 101 25.41 -6.74 -67.94
CA THR B 101 24.19 -6.31 -67.27
C THR B 101 22.98 -6.81 -68.06
N TYR B 102 21.80 -6.41 -67.62
CA TYR B 102 20.54 -6.91 -68.17
C TYR B 102 19.90 -5.97 -69.18
N ASP B 103 20.45 -4.78 -69.39
CA ASP B 103 19.77 -3.76 -70.19
C ASP B 103 20.77 -3.08 -71.11
N SER B 104 20.33 -1.96 -71.70
CA SER B 104 21.00 -1.19 -72.75
C SER B 104 22.41 -0.74 -72.34
N PRO B 105 23.27 -0.41 -73.31
CA PRO B 105 24.65 -0.01 -72.96
C PRO B 105 24.77 1.22 -72.09
N GLY B 106 23.68 1.95 -71.84
CA GLY B 106 23.83 3.14 -71.01
C GLY B 106 23.71 2.83 -69.53
N TYR B 107 24.85 2.62 -68.89
CA TYR B 107 24.96 2.19 -67.49
C TYR B 107 26.40 2.36 -67.05
N PHE B 108 26.65 2.08 -65.77
CA PHE B 108 28.01 2.14 -65.26
C PHE B 108 28.77 0.83 -65.46
N LEU B 109 28.08 -0.25 -65.81
CA LEU B 109 28.67 -1.59 -65.75
C LEU B 109 28.51 -2.35 -67.07
N ASN B 110 27.92 -1.73 -68.08
CA ASN B 110 27.66 -2.40 -69.35
C ASN B 110 28.98 -2.71 -70.06
N SER B 111 29.12 -3.96 -70.48
CA SER B 111 30.29 -4.44 -71.22
C SER B 111 30.02 -5.85 -71.73
N PHE B 112 30.90 -6.38 -72.57
CA PHE B 112 30.72 -7.73 -73.09
C PHE B 112 31.71 -8.69 -72.43
N ALA C 27 -29.39 -28.51 -46.48
CA ALA C 27 -29.18 -29.50 -45.43
C ALA C 27 -28.23 -28.96 -44.36
N TYR C 28 -28.78 -28.68 -43.17
CA TYR C 28 -28.01 -28.11 -42.08
C TYR C 28 -28.07 -29.03 -40.87
N THR C 29 -27.04 -28.93 -40.02
CA THR C 29 -27.00 -29.65 -38.76
C THR C 29 -26.15 -28.87 -37.79
N ASN C 30 -26.16 -29.30 -36.53
CA ASN C 30 -25.53 -28.57 -35.43
C ASN C 30 -24.11 -29.09 -35.23
N SER C 31 -23.18 -28.17 -34.95
CA SER C 31 -21.77 -28.55 -34.86
C SER C 31 -21.40 -29.10 -33.49
N PHE C 32 -22.27 -28.93 -32.49
CA PHE C 32 -22.07 -29.47 -31.14
C PHE C 32 -20.83 -28.81 -30.55
N THR C 33 -19.83 -29.57 -30.08
CA THR C 33 -18.61 -28.97 -29.55
C THR C 33 -17.39 -29.53 -30.29
N ARG C 34 -17.51 -29.66 -31.60
CA ARG C 34 -16.43 -30.16 -32.44
C ARG C 34 -15.62 -29.01 -33.01
N GLY C 35 -14.42 -29.33 -33.48
CA GLY C 35 -13.59 -28.37 -34.16
C GLY C 35 -12.53 -27.69 -33.33
N VAL C 36 -12.32 -28.12 -32.09
CA VAL C 36 -11.27 -27.54 -31.25
C VAL C 36 -9.94 -28.17 -31.66
N TYR C 37 -8.95 -27.33 -31.90
CA TYR C 37 -7.61 -27.78 -32.27
C TYR C 37 -6.58 -27.15 -31.32
N TYR C 38 -5.37 -27.68 -31.37
CA TYR C 38 -4.30 -27.15 -30.53
C TYR C 38 -3.84 -25.80 -31.08
N PRO C 39 -3.96 -24.72 -30.31
CA PRO C 39 -3.66 -23.39 -30.84
C PRO C 39 -2.19 -23.02 -30.84
N ASP C 40 -1.32 -23.84 -30.25
CA ASP C 40 0.09 -23.50 -30.15
C ASP C 40 0.91 -24.78 -30.09
N LYS C 41 2.22 -24.62 -30.31
CA LYS C 41 3.15 -25.73 -30.21
C LYS C 41 3.59 -26.00 -28.77
N VAL C 42 3.15 -25.17 -27.81
CA VAL C 42 3.56 -25.32 -26.43
C VAL C 42 2.86 -26.53 -25.82
N PHE C 43 3.56 -27.20 -24.91
CA PHE C 43 3.00 -28.31 -24.15
C PHE C 43 2.51 -27.80 -22.79
N ARG C 44 1.26 -28.12 -22.46
CA ARG C 44 0.66 -27.70 -21.20
C ARG C 44 -0.03 -28.89 -20.56
N SER C 45 0.08 -29.01 -19.24
CA SER C 45 -0.48 -30.15 -18.54
C SER C 45 -1.21 -29.69 -17.28
N SER C 46 -2.41 -30.21 -17.08
CA SER C 46 -3.23 -29.93 -15.89
C SER C 46 -3.38 -28.43 -15.66
N VAL C 47 -4.02 -27.78 -16.63
CA VAL C 47 -4.12 -26.33 -16.63
C VAL C 47 -5.37 -25.93 -17.39
N LEU C 48 -5.83 -24.70 -17.16
CA LEU C 48 -6.87 -24.06 -17.97
C LEU C 48 -6.23 -22.86 -18.64
N HIS C 49 -6.34 -22.79 -19.97
CA HIS C 49 -5.64 -21.76 -20.73
C HIS C 49 -6.61 -21.09 -21.70
N SER C 50 -6.54 -19.77 -21.78
CA SER C 50 -7.43 -18.98 -22.62
C SER C 50 -6.74 -18.58 -23.91
N THR C 51 -7.41 -18.82 -25.03
CA THR C 51 -6.86 -18.52 -26.35
C THR C 51 -7.87 -17.74 -27.17
N GLN C 52 -7.37 -17.01 -28.16
CA GLN C 52 -8.19 -16.12 -28.99
C GLN C 52 -7.95 -16.43 -30.47
N ASP C 53 -8.00 -17.71 -30.81
CA ASP C 53 -7.74 -18.15 -32.18
C ASP C 53 -9.03 -18.20 -32.99
N LEU C 54 -8.89 -18.72 -34.22
CA LEU C 54 -10.01 -18.91 -35.12
C LEU C 54 -10.63 -20.28 -34.83
N PHE C 55 -11.85 -20.27 -34.30
CA PHE C 55 -12.49 -21.51 -33.88
C PHE C 55 -13.87 -21.62 -34.50
N LEU C 56 -14.36 -22.84 -34.56
CA LEU C 56 -15.76 -23.07 -34.90
C LEU C 56 -16.58 -22.86 -33.65
N PRO C 57 -17.46 -21.85 -33.62
CA PRO C 57 -18.26 -21.61 -32.41
C PRO C 57 -19.12 -22.82 -32.08
N PHE C 58 -19.27 -23.09 -30.79
CA PHE C 58 -20.03 -24.25 -30.37
C PHE C 58 -21.48 -24.13 -30.81
N PHE C 59 -22.06 -25.28 -31.17
CA PHE C 59 -23.45 -25.36 -31.62
C PHE C 59 -23.72 -24.44 -32.81
N SER C 60 -22.75 -24.33 -33.70
CA SER C 60 -22.95 -23.57 -34.93
C SER C 60 -23.80 -24.38 -35.92
N ASN C 61 -24.30 -23.69 -36.93
CA ASN C 61 -25.04 -24.33 -38.01
C ASN C 61 -24.08 -24.66 -39.14
N VAL C 62 -23.88 -25.96 -39.40
CA VAL C 62 -22.98 -26.42 -40.44
C VAL C 62 -23.80 -27.16 -41.50
N THR C 63 -23.46 -26.92 -42.76
CA THR C 63 -24.22 -27.49 -43.88
C THR C 63 -23.81 -28.93 -44.12
N TRP C 64 -24.79 -29.84 -44.07
CA TRP C 64 -24.57 -31.24 -44.39
C TRP C 64 -24.58 -31.44 -45.91
N PHE C 65 -23.82 -32.41 -46.38
CA PHE C 65 -23.77 -32.74 -47.79
C PHE C 65 -23.81 -34.26 -47.99
N HIS C 66 -24.23 -34.66 -49.18
CA HIS C 66 -24.28 -36.08 -49.54
C HIS C 66 -23.60 -36.32 -50.88
N ASN C 79 -21.16 -31.23 -54.56
CA ASN C 79 -19.88 -30.54 -54.48
C ASN C 79 -19.96 -29.14 -55.08
N PRO C 80 -20.67 -28.23 -54.40
CA PRO C 80 -20.83 -26.87 -54.93
C PRO C 80 -19.60 -26.01 -54.69
N VAL C 81 -19.71 -24.72 -54.99
CA VAL C 81 -18.63 -23.78 -54.71
C VAL C 81 -18.79 -23.26 -53.28
N LEU C 82 -18.30 -24.03 -52.32
CA LEU C 82 -18.40 -23.66 -50.92
C LEU C 82 -17.32 -22.64 -50.57
N PRO C 83 -17.68 -21.46 -50.07
CA PRO C 83 -16.65 -20.50 -49.69
C PRO C 83 -15.84 -20.97 -48.49
N PHE C 84 -14.61 -20.46 -48.42
CA PHE C 84 -13.74 -20.61 -47.26
C PHE C 84 -14.05 -19.57 -46.20
N ASN C 85 -13.84 -18.30 -46.54
CA ASN C 85 -14.35 -17.11 -45.90
C ASN C 85 -13.73 -16.79 -44.55
N ASP C 86 -13.17 -17.80 -43.85
CA ASP C 86 -12.21 -17.53 -42.80
C ASP C 86 -11.34 -18.76 -42.52
N GLY C 87 -11.43 -19.76 -43.38
CA GLY C 87 -11.04 -21.09 -42.98
C GLY C 87 -12.24 -21.87 -42.47
N VAL C 88 -12.19 -23.19 -42.63
CA VAL C 88 -13.38 -24.02 -42.45
C VAL C 88 -13.06 -25.22 -41.57
N TYR C 89 -14.11 -25.84 -41.04
CA TYR C 89 -14.03 -27.11 -40.31
C TYR C 89 -14.47 -28.23 -41.25
N PHE C 90 -14.05 -28.16 -42.52
CA PHE C 90 -14.37 -29.20 -43.49
C PHE C 90 -14.08 -30.58 -42.92
N ALA C 91 -15.11 -31.41 -42.80
CA ALA C 91 -14.95 -32.75 -42.23
C ALA C 91 -15.22 -33.82 -43.27
N ARG C 100 -11.34 -35.10 -51.74
CA ARG C 100 -9.99 -35.13 -51.19
C ARG C 100 -9.24 -33.82 -51.50
N GLY C 101 -9.35 -33.35 -52.73
CA GLY C 101 -8.74 -32.10 -53.11
C GLY C 101 -9.59 -30.90 -52.78
N TRP C 102 -8.97 -29.73 -52.86
CA TRP C 102 -9.66 -28.48 -52.57
C TRP C 102 -9.09 -27.40 -53.48
N ILE C 103 -9.93 -26.41 -53.80
CA ILE C 103 -9.55 -25.30 -54.66
C ILE C 103 -9.90 -24.01 -53.96
N PHE C 104 -9.14 -22.96 -54.23
CA PHE C 104 -9.40 -21.64 -53.67
C PHE C 104 -9.07 -20.60 -54.74
N GLY C 105 -9.14 -19.33 -54.33
CA GLY C 105 -8.80 -18.24 -55.23
C GLY C 105 -9.85 -17.15 -55.30
N THR C 106 -9.39 -15.90 -55.40
CA THR C 106 -10.30 -14.76 -55.52
C THR C 106 -11.10 -14.82 -56.82
N SER C 114 -4.57 -18.04 -57.96
CA SER C 114 -5.53 -18.84 -57.20
C SER C 114 -4.85 -20.08 -56.63
N LEU C 115 -5.28 -20.49 -55.44
CA LEU C 115 -4.70 -21.63 -54.75
C LEU C 115 -5.42 -22.92 -55.13
N LEU C 116 -4.66 -23.92 -55.58
CA LEU C 116 -5.15 -25.26 -55.81
C LEU C 116 -4.39 -26.23 -54.92
N ILE C 117 -5.14 -27.08 -54.22
CA ILE C 117 -4.53 -28.05 -53.32
C ILE C 117 -5.16 -29.43 -53.58
N VAL C 118 -4.40 -30.32 -54.20
CA VAL C 118 -4.89 -31.65 -54.55
C VAL C 118 -4.25 -32.64 -53.58
N ASN C 119 -5.06 -33.28 -52.75
CA ASN C 119 -4.56 -34.24 -51.78
C ASN C 119 -4.89 -35.67 -52.20
N VAL C 124 0.45 -34.59 -51.53
CA VAL C 124 -0.42 -33.47 -51.83
C VAL C 124 0.32 -32.44 -52.67
N VAL C 125 -0.38 -31.87 -53.65
CA VAL C 125 0.22 -30.88 -54.54
C VAL C 125 -0.42 -29.52 -54.31
N ILE C 126 0.40 -28.48 -54.20
CA ILE C 126 -0.08 -27.12 -54.01
C ILE C 126 0.50 -26.24 -55.10
N LYS C 127 -0.37 -25.51 -55.79
CA LYS C 127 0.05 -24.62 -56.88
C LYS C 127 -0.73 -23.32 -56.76
N VAL C 128 -0.05 -22.21 -56.97
CA VAL C 128 -0.70 -20.90 -56.96
C VAL C 128 -0.91 -20.39 -58.38
N GLU C 164 4.65 -22.99 -56.63
CA GLU C 164 4.40 -24.43 -56.72
C GLU C 164 5.03 -25.15 -55.54
N TYR C 165 4.37 -26.22 -55.08
CA TYR C 165 4.83 -26.98 -53.94
C TYR C 165 4.24 -28.38 -53.99
N VAL C 166 5.00 -29.34 -53.46
CA VAL C 166 4.60 -30.74 -53.41
C VAL C 166 4.96 -31.28 -52.03
N SER C 167 4.23 -32.30 -51.58
CA SER C 167 4.45 -32.91 -50.28
C SER C 167 4.10 -34.39 -50.32
N GLN C 168 3.90 -34.98 -49.15
CA GLN C 168 3.49 -36.39 -49.01
C GLN C 168 4.63 -37.34 -49.36
N ASN C 183 -16.51 -43.93 -37.94
CA ASN C 183 -15.06 -43.77 -37.96
C ASN C 183 -14.67 -42.33 -37.60
N LEU C 184 -15.38 -41.38 -38.19
CA LEU C 184 -15.17 -39.94 -38.01
C LEU C 184 -13.89 -39.48 -38.70
N ARG C 185 -13.96 -38.35 -39.40
CA ARG C 185 -12.80 -37.82 -40.09
C ARG C 185 -12.84 -36.30 -40.08
N GLU C 186 -12.13 -35.69 -39.13
CA GLU C 186 -12.22 -34.25 -38.94
C GLU C 186 -10.97 -33.56 -39.46
N PHE C 187 -11.18 -32.40 -40.07
CA PHE C 187 -10.09 -31.62 -40.64
C PHE C 187 -10.39 -30.14 -40.42
N VAL C 188 -9.35 -29.36 -40.13
CA VAL C 188 -9.44 -27.91 -40.02
C VAL C 188 -8.41 -27.30 -40.96
N PHE C 189 -8.85 -26.39 -41.80
CA PHE C 189 -7.97 -25.72 -42.76
C PHE C 189 -8.00 -24.23 -42.51
N LYS C 190 -6.82 -23.63 -42.30
CA LYS C 190 -6.68 -22.20 -42.09
C LYS C 190 -5.61 -21.67 -43.02
N ASN C 191 -5.75 -20.41 -43.40
CA ASN C 191 -4.80 -19.76 -44.30
C ASN C 191 -4.81 -18.26 -44.12
N PHE C 196 -0.76 -21.68 -44.97
CA PHE C 196 -1.93 -22.55 -45.07
C PHE C 196 -1.85 -23.68 -44.06
N LYS C 197 -2.38 -23.43 -42.85
CA LYS C 197 -2.34 -24.40 -41.76
C LYS C 197 -3.43 -25.45 -41.93
N ILE C 198 -3.15 -26.64 -41.42
CA ILE C 198 -4.07 -27.78 -41.51
C ILE C 198 -4.07 -28.52 -40.18
N TYR C 199 -5.26 -28.92 -39.74
CA TYR C 199 -5.41 -29.76 -38.56
C TYR C 199 -6.31 -30.93 -38.90
N SER C 200 -6.16 -32.03 -38.16
CA SER C 200 -6.85 -33.26 -38.54
C SER C 200 -6.98 -34.17 -37.33
N LYS C 201 -7.85 -35.17 -37.47
CA LYS C 201 -8.06 -36.20 -36.47
C LYS C 201 -8.76 -37.38 -37.16
N HIS C 202 -8.83 -38.52 -36.48
CA HIS C 202 -9.47 -39.70 -37.03
C HIS C 202 -10.68 -40.09 -36.18
N LEU C 213 -23.60 -35.40 -36.70
CA LEU C 213 -22.28 -35.34 -36.08
C LEU C 213 -22.34 -35.86 -34.66
N PRO C 214 -21.29 -36.55 -34.22
CA PRO C 214 -21.31 -37.17 -32.90
C PRO C 214 -21.20 -36.14 -31.79
N GLN C 215 -21.50 -36.60 -30.58
CA GLN C 215 -21.39 -35.78 -29.37
C GLN C 215 -20.14 -36.18 -28.60
N GLY C 216 -19.42 -35.19 -28.10
CA GLY C 216 -18.22 -35.44 -27.32
C GLY C 216 -17.21 -34.34 -27.53
N PHE C 217 -15.95 -34.67 -27.26
CA PHE C 217 -14.85 -33.74 -27.44
C PHE C 217 -13.62 -34.49 -27.98
N SER C 218 -12.95 -33.86 -28.94
CA SER C 218 -11.72 -34.43 -29.51
C SER C 218 -10.95 -33.30 -30.16
N ALA C 219 -9.70 -33.11 -29.74
CA ALA C 219 -8.87 -32.06 -30.29
C ALA C 219 -8.10 -32.54 -31.52
N LEU C 220 -7.66 -31.59 -32.34
CA LEU C 220 -7.01 -31.87 -33.61
C LEU C 220 -5.58 -31.35 -33.60
N GLU C 221 -4.68 -32.10 -34.26
CA GLU C 221 -3.24 -31.85 -34.31
C GLU C 221 -2.86 -31.09 -35.57
N PRO C 222 -1.80 -30.28 -35.52
CA PRO C 222 -1.52 -29.32 -36.59
C PRO C 222 -0.74 -29.91 -37.76
N LEU C 223 -0.40 -29.03 -38.71
CA LEU C 223 0.34 -29.35 -39.92
C LEU C 223 1.14 -28.13 -40.38
N VAL C 224 1.50 -28.08 -41.67
CA VAL C 224 2.44 -27.09 -42.21
C VAL C 224 1.65 -25.91 -42.77
N ASP C 225 2.33 -24.81 -43.08
CA ASP C 225 1.71 -23.52 -43.36
C ASP C 225 2.22 -22.84 -44.63
N LEU C 226 2.19 -23.55 -45.76
CA LEU C 226 2.67 -23.03 -47.03
C LEU C 226 2.20 -21.59 -47.25
N PRO C 227 3.11 -20.64 -47.48
CA PRO C 227 2.71 -19.23 -47.66
C PRO C 227 2.26 -18.95 -49.08
N ILE C 228 1.26 -18.09 -49.21
CA ILE C 228 0.70 -17.78 -50.51
C ILE C 228 0.64 -16.29 -50.85
N GLY C 229 0.52 -15.44 -49.84
CA GLY C 229 0.38 -14.01 -50.06
C GLY C 229 -0.63 -13.59 -51.12
N ILE C 230 -1.84 -14.15 -51.10
CA ILE C 230 -2.88 -13.80 -52.06
C ILE C 230 -4.19 -13.61 -51.33
N ASN C 231 -5.18 -13.07 -52.04
CA ASN C 231 -6.54 -12.91 -51.52
C ASN C 231 -7.33 -14.17 -51.89
N ILE C 232 -7.66 -14.97 -50.87
CA ILE C 232 -8.50 -16.14 -51.08
C ILE C 232 -9.94 -15.77 -50.75
N THR C 233 -10.72 -15.45 -51.79
CA THR C 233 -12.10 -15.07 -51.58
C THR C 233 -13.05 -16.26 -51.59
N ARG C 234 -12.71 -17.34 -52.30
CA ARG C 234 -13.60 -18.46 -52.51
C ARG C 234 -12.88 -19.77 -52.23
N PHE C 235 -13.62 -20.87 -52.37
CA PHE C 235 -13.12 -22.20 -52.06
C PHE C 235 -14.03 -23.19 -52.78
N GLN C 236 -13.55 -24.43 -52.93
CA GLN C 236 -14.35 -25.50 -53.52
C GLN C 236 -13.63 -26.82 -53.24
N THR C 237 -14.41 -27.90 -53.15
CA THR C 237 -13.85 -29.23 -52.99
C THR C 237 -13.73 -29.91 -54.34
N ALA C 261 -21.84 -37.40 -46.46
CA ALA C 261 -20.58 -37.12 -47.14
C ALA C 261 -19.66 -36.28 -46.26
N TYR C 262 -19.91 -34.97 -46.22
CA TYR C 262 -19.03 -34.06 -45.51
C TYR C 262 -19.84 -32.89 -44.97
N TYR C 263 -19.29 -32.26 -43.94
CA TYR C 263 -19.89 -31.08 -43.32
C TYR C 263 -18.92 -29.91 -43.45
N VAL C 264 -19.47 -28.70 -43.50
CA VAL C 264 -18.64 -27.51 -43.63
C VAL C 264 -19.04 -26.48 -42.58
N GLY C 265 -18.22 -26.36 -41.53
CA GLY C 265 -18.42 -25.28 -40.57
C GLY C 265 -17.38 -24.19 -40.75
N TYR C 266 -17.79 -22.96 -40.49
CA TYR C 266 -16.93 -21.81 -40.69
C TYR C 266 -16.36 -21.31 -39.36
N LEU C 267 -15.09 -20.93 -39.39
CA LEU C 267 -14.41 -20.45 -38.20
C LEU C 267 -14.56 -18.94 -38.07
N GLN C 268 -14.58 -18.48 -36.83
CA GLN C 268 -14.64 -17.07 -36.48
C GLN C 268 -13.64 -16.80 -35.37
N PRO C 269 -13.20 -15.56 -35.21
CA PRO C 269 -12.30 -15.23 -34.10
C PRO C 269 -13.03 -15.36 -32.76
N ARG C 270 -12.65 -16.37 -31.99
CA ARG C 270 -13.35 -16.63 -30.74
C ARG C 270 -12.33 -16.84 -29.61
N THR C 271 -12.79 -16.59 -28.39
CA THR C 271 -11.99 -16.86 -27.20
C THR C 271 -12.49 -18.15 -26.56
N PHE C 272 -11.58 -19.10 -26.40
CA PHE C 272 -11.88 -20.39 -25.80
C PHE C 272 -11.08 -20.58 -24.52
N LEU C 273 -11.65 -21.35 -23.61
CA LEU C 273 -10.97 -21.78 -22.39
C LEU C 273 -10.76 -23.29 -22.50
N LEU C 274 -9.50 -23.70 -22.68
CA LEU C 274 -9.15 -25.09 -22.93
C LEU C 274 -8.62 -25.73 -21.67
N LYS C 275 -9.08 -26.95 -21.39
CA LYS C 275 -8.62 -27.73 -20.24
C LYS C 275 -7.60 -28.74 -20.73
N TYR C 276 -6.32 -28.51 -20.40
CA TYR C 276 -5.29 -29.50 -20.61
C TYR C 276 -5.25 -30.43 -19.40
N ASN C 277 -5.37 -31.73 -19.64
CA ASN C 277 -5.29 -32.71 -18.58
C ASN C 277 -3.83 -32.93 -18.18
N GLU C 278 -3.57 -33.92 -17.34
CA GLU C 278 -2.20 -34.18 -16.90
C GLU C 278 -1.33 -34.76 -18.01
N ASN C 279 -1.92 -35.39 -19.02
CA ASN C 279 -1.17 -35.95 -20.13
C ASN C 279 -0.93 -34.95 -21.25
N GLY C 280 -1.40 -33.70 -21.08
CA GLY C 280 -1.18 -32.68 -22.08
C GLY C 280 -2.18 -32.64 -23.20
N THR C 281 -3.25 -33.42 -23.14
CA THR C 281 -4.26 -33.45 -24.19
C THR C 281 -5.51 -32.71 -23.73
N ILE C 282 -6.06 -31.88 -24.61
CA ILE C 282 -7.25 -31.09 -24.32
C ILE C 282 -8.43 -32.03 -24.16
N THR C 283 -9.08 -31.99 -23.00
CA THR C 283 -10.23 -32.84 -22.72
C THR C 283 -11.54 -32.08 -22.63
N ASP C 284 -11.51 -30.76 -22.69
CA ASP C 284 -12.73 -29.96 -22.57
C ASP C 284 -12.41 -28.53 -23.00
N ALA C 285 -13.46 -27.81 -23.38
CA ALA C 285 -13.31 -26.41 -23.75
C ALA C 285 -14.59 -25.66 -23.43
N VAL C 286 -14.46 -24.35 -23.28
CA VAL C 286 -15.57 -23.44 -23.06
C VAL C 286 -15.52 -22.32 -24.10
N ASP C 287 -16.62 -22.14 -24.82
CA ASP C 287 -16.74 -21.05 -25.79
C ASP C 287 -17.25 -19.80 -25.07
N CYS C 288 -16.37 -18.80 -24.92
CA CYS C 288 -16.67 -17.68 -24.04
C CYS C 288 -17.89 -16.89 -24.48
N ALA C 289 -18.09 -16.72 -25.79
CA ALA C 289 -19.16 -15.89 -26.30
C ALA C 289 -20.43 -16.66 -26.63
N LEU C 290 -20.49 -17.94 -26.25
CA LEU C 290 -21.67 -18.75 -26.57
C LEU C 290 -22.91 -18.26 -25.85
N ASP C 291 -22.83 -18.08 -24.53
CA ASP C 291 -23.99 -17.75 -23.71
C ASP C 291 -23.48 -17.16 -22.40
N PRO C 292 -24.38 -16.56 -21.59
CA PRO C 292 -23.92 -15.94 -20.34
C PRO C 292 -23.18 -16.89 -19.41
N LEU C 293 -23.61 -18.14 -19.31
CA LEU C 293 -22.94 -19.07 -18.42
C LEU C 293 -21.51 -19.34 -18.86
N SER C 294 -21.29 -19.48 -20.16
CA SER C 294 -19.93 -19.69 -20.67
C SER C 294 -19.07 -18.45 -20.44
N GLU C 295 -19.67 -17.26 -20.58
CA GLU C 295 -18.95 -16.03 -20.27
C GLU C 295 -18.53 -15.99 -18.81
N THR C 296 -19.42 -16.42 -17.91
CA THR C 296 -19.08 -16.50 -16.50
C THR C 296 -17.96 -17.50 -16.25
N LYS C 297 -18.03 -18.67 -16.90
CA LYS C 297 -16.98 -19.67 -16.76
C LYS C 297 -15.63 -19.14 -17.25
N CYS C 298 -15.65 -18.33 -18.31
CA CYS C 298 -14.40 -17.74 -18.79
C CYS C 298 -13.89 -16.68 -17.82
N THR C 299 -14.79 -15.88 -17.26
CA THR C 299 -14.38 -14.86 -16.30
C THR C 299 -13.76 -15.48 -15.06
N LEU C 300 -14.34 -16.55 -14.55
CA LEU C 300 -13.87 -17.21 -13.34
C LEU C 300 -12.72 -18.18 -13.61
N LYS C 301 -12.36 -18.40 -14.87
CA LYS C 301 -11.30 -19.33 -15.24
C LYS C 301 -11.54 -20.72 -14.65
N SER C 302 -12.79 -21.18 -14.76
CA SER C 302 -13.20 -22.46 -14.21
C SER C 302 -14.28 -23.07 -15.09
N PHE C 303 -14.49 -24.38 -14.90
CA PHE C 303 -15.56 -25.08 -15.59
C PHE C 303 -16.78 -25.32 -14.71
N THR C 304 -16.65 -25.18 -13.39
CA THR C 304 -17.76 -25.19 -12.47
C THR C 304 -17.94 -23.80 -11.87
N VAL C 305 -19.19 -23.43 -11.60
CA VAL C 305 -19.52 -22.11 -11.07
C VAL C 305 -20.37 -22.30 -9.83
N GLU C 306 -19.97 -21.65 -8.73
CA GLU C 306 -20.77 -21.66 -7.52
C GLU C 306 -21.98 -20.74 -7.68
N LYS C 307 -22.98 -20.98 -6.85
CA LYS C 307 -24.19 -20.16 -6.87
C LYS C 307 -23.86 -18.73 -6.47
N GLY C 308 -24.36 -17.77 -7.26
CA GLY C 308 -24.14 -16.38 -6.96
C GLY C 308 -24.32 -15.52 -8.20
N ILE C 309 -23.98 -14.25 -8.03
CA ILE C 309 -24.06 -13.25 -9.09
C ILE C 309 -22.64 -12.78 -9.39
N TYR C 310 -22.30 -12.71 -10.67
CA TYR C 310 -20.93 -12.47 -11.11
C TYR C 310 -20.91 -11.36 -12.14
N GLN C 311 -20.05 -10.38 -11.95
CA GLN C 311 -19.82 -9.35 -12.96
C GLN C 311 -18.90 -9.92 -14.03
N THR C 312 -19.41 -10.04 -15.26
CA THR C 312 -18.70 -10.77 -16.30
C THR C 312 -18.11 -9.89 -17.38
N SER C 313 -18.83 -8.88 -17.84
CA SER C 313 -18.36 -7.99 -18.90
C SER C 313 -19.25 -6.76 -18.93
N ASN C 314 -19.06 -5.93 -19.96
CA ASN C 314 -19.83 -4.73 -20.15
C ASN C 314 -20.38 -4.71 -21.57
N PHE C 315 -21.62 -4.27 -21.71
CA PHE C 315 -22.26 -4.13 -23.01
C PHE C 315 -22.16 -2.68 -23.46
N ARG C 316 -22.29 -2.47 -24.78
CA ARG C 316 -22.21 -1.13 -25.34
C ARG C 316 -22.73 -1.15 -26.78
N VAL C 317 -23.38 -0.07 -27.19
CA VAL C 317 -23.79 0.09 -28.58
C VAL C 317 -22.63 0.67 -29.38
N GLN C 318 -22.49 0.22 -30.62
CA GLN C 318 -21.32 0.49 -31.43
C GLN C 318 -21.58 1.60 -32.45
N PRO C 319 -20.53 2.33 -32.89
CA PRO C 319 -20.73 3.57 -33.65
C PRO C 319 -21.54 3.45 -34.94
N THR C 320 -21.24 2.44 -35.76
CA THR C 320 -21.99 1.94 -36.92
C THR C 320 -22.04 2.89 -38.12
N GLU C 321 -21.52 4.12 -38.00
CA GLU C 321 -21.36 4.98 -39.17
C GLU C 321 -20.35 6.08 -38.83
N SER C 322 -19.99 6.92 -39.80
CA SER C 322 -18.84 7.82 -39.68
C SER C 322 -19.10 9.24 -40.18
N ILE C 323 -20.17 9.88 -39.70
CA ILE C 323 -20.56 11.21 -40.19
C ILE C 323 -19.45 12.21 -39.93
N VAL C 324 -19.36 13.25 -40.78
CA VAL C 324 -18.29 14.23 -40.74
C VAL C 324 -18.87 15.59 -41.12
N ARG C 325 -18.39 16.65 -40.48
CA ARG C 325 -18.72 18.02 -40.87
C ARG C 325 -17.44 18.84 -40.97
N PHE C 326 -16.44 18.28 -41.67
CA PHE C 326 -15.16 18.96 -41.88
C PHE C 326 -15.38 20.24 -42.66
N PRO C 327 -14.71 21.34 -42.26
CA PRO C 327 -14.74 22.57 -43.05
C PRO C 327 -14.09 22.42 -44.42
N LYS C 526 -15.10 18.56 -47.50
CA LYS C 526 -15.83 17.33 -47.24
C LYS C 526 -16.81 17.47 -46.09
N SER C 527 -18.05 17.02 -46.31
CA SER C 527 -19.08 17.06 -45.28
C SER C 527 -20.16 16.05 -45.65
N THR C 528 -20.82 15.52 -44.62
CA THR C 528 -21.88 14.53 -44.81
C THR C 528 -23.14 15.03 -44.14
N ASN C 529 -24.20 14.23 -44.23
CA ASN C 529 -25.47 14.58 -43.62
C ASN C 529 -25.42 14.42 -42.11
N LEU C 530 -26.15 15.28 -41.41
CA LEU C 530 -26.19 15.24 -39.94
C LEU C 530 -27.14 14.14 -39.50
N VAL C 531 -26.60 13.12 -38.85
CA VAL C 531 -27.39 11.98 -38.37
C VAL C 531 -27.75 12.26 -36.92
N LYS C 532 -29.03 12.51 -36.68
CA LYS C 532 -29.52 12.87 -35.35
C LYS C 532 -30.19 11.66 -34.70
N ASN C 533 -30.16 11.63 -33.37
CA ASN C 533 -30.85 10.68 -32.51
C ASN C 533 -30.29 9.27 -32.57
N LYS C 534 -29.14 9.04 -33.21
CA LYS C 534 -28.59 7.70 -33.37
C LYS C 534 -27.13 7.68 -32.93
N CYS C 535 -26.72 6.53 -32.40
CA CYS C 535 -25.33 6.32 -32.00
C CYS C 535 -24.44 6.27 -33.23
N VAL C 536 -23.60 7.29 -33.42
CA VAL C 536 -22.75 7.41 -34.60
C VAL C 536 -21.36 7.88 -34.17
N ASN C 537 -20.39 7.67 -35.06
CA ASN C 537 -19.11 8.34 -35.00
C ASN C 537 -19.21 9.65 -35.77
N PHE C 538 -18.57 10.69 -35.23
CA PHE C 538 -18.71 12.02 -35.79
C PHE C 538 -17.36 12.75 -35.71
N ASN C 539 -17.22 13.77 -36.56
CA ASN C 539 -16.03 14.60 -36.65
C ASN C 539 -16.45 16.03 -36.96
N PHE C 540 -16.55 16.87 -35.92
CA PHE C 540 -16.96 18.26 -36.07
C PHE C 540 -15.70 19.14 -36.04
N ASN C 541 -15.23 19.55 -37.22
CA ASN C 541 -14.12 20.49 -37.36
C ASN C 541 -12.78 19.91 -36.90
N GLY C 542 -12.79 18.67 -36.42
CA GLY C 542 -11.60 18.08 -35.85
C GLY C 542 -11.89 17.46 -34.50
N LEU C 543 -12.98 17.89 -33.88
CA LEU C 543 -13.49 17.26 -32.66
C LEU C 543 -14.09 15.91 -33.06
N LYS C 544 -13.29 14.86 -32.87
CA LYS C 544 -13.71 13.52 -33.22
C LYS C 544 -14.31 12.84 -32.00
N GLY C 545 -15.39 12.09 -32.22
CA GLY C 545 -16.02 11.43 -31.08
C GLY C 545 -17.07 10.43 -31.53
N THR C 546 -17.74 9.84 -30.54
CA THR C 546 -18.79 8.87 -30.76
C THR C 546 -19.91 9.12 -29.76
N GLY C 547 -21.15 9.00 -30.22
CA GLY C 547 -22.28 9.16 -29.34
C GLY C 547 -23.55 9.47 -30.10
N VAL C 548 -24.53 9.98 -29.35
CA VAL C 548 -25.87 10.26 -29.86
C VAL C 548 -26.09 11.77 -29.79
N LEU C 549 -26.48 12.37 -30.91
CA LEU C 549 -26.73 13.80 -30.97
C LEU C 549 -28.23 14.08 -30.90
N THR C 550 -28.65 14.91 -29.93
CA THR C 550 -30.08 15.08 -29.65
C THR C 550 -30.45 16.55 -29.45
N GLU C 551 -29.82 17.45 -30.21
CA GLU C 551 -30.23 18.85 -30.30
C GLU C 551 -30.48 19.52 -28.95
N SER C 552 -29.43 19.69 -28.14
CA SER C 552 -29.57 20.37 -26.85
C SER C 552 -29.98 21.82 -27.04
N ASN C 553 -30.81 22.30 -26.11
CA ASN C 553 -31.18 23.71 -26.15
C ASN C 553 -29.95 24.59 -25.93
N LYS C 554 -29.42 24.58 -24.70
CA LYS C 554 -28.23 25.32 -24.27
C LYS C 554 -28.20 26.78 -24.71
N LYS C 555 -27.23 27.55 -24.19
CA LYS C 555 -27.04 28.93 -24.59
C LYS C 555 -25.56 29.16 -24.90
N PHE C 556 -25.15 28.85 -26.12
CA PHE C 556 -23.77 29.08 -26.52
C PHE C 556 -23.58 30.54 -26.91
N LEU C 557 -22.55 31.17 -26.35
CA LEU C 557 -22.17 32.49 -26.83
C LEU C 557 -21.71 32.37 -28.28
N PRO C 558 -22.06 33.34 -29.14
CA PRO C 558 -21.81 33.22 -30.58
C PRO C 558 -20.44 32.68 -30.98
N PHE C 559 -19.41 33.00 -30.19
CA PHE C 559 -18.05 32.55 -30.49
C PHE C 559 -17.74 31.15 -29.97
N GLN C 560 -18.61 30.57 -29.15
CA GLN C 560 -18.29 29.32 -28.47
C GLN C 560 -18.62 28.14 -29.38
N GLN C 561 -17.62 27.32 -29.67
CA GLN C 561 -17.79 26.20 -30.58
C GLN C 561 -18.45 25.00 -29.90
N PHE C 562 -17.81 24.46 -28.85
CA PHE C 562 -18.31 23.27 -28.19
C PHE C 562 -18.33 23.47 -26.68
N GLY C 563 -19.25 22.77 -26.02
CA GLY C 563 -19.37 22.83 -24.58
C GLY C 563 -18.64 21.68 -23.89
N ARG C 564 -18.67 21.73 -22.56
CA ARG C 564 -18.03 20.71 -21.74
C ARG C 564 -18.79 20.53 -20.44
N ASP C 565 -18.83 19.29 -19.96
CA ASP C 565 -19.45 18.97 -18.68
C ASP C 565 -18.48 19.30 -17.55
N ILE C 566 -18.89 18.94 -16.32
CA ILE C 566 -18.05 19.19 -15.16
C ILE C 566 -16.78 18.35 -15.19
N ALA C 567 -16.83 17.16 -15.78
CA ALA C 567 -15.68 16.26 -15.84
C ALA C 567 -14.76 16.54 -17.02
N ASP C 568 -14.88 17.71 -17.65
CA ASP C 568 -14.08 18.08 -18.82
C ASP C 568 -14.25 17.07 -19.95
N THR C 569 -15.49 16.65 -20.19
CA THR C 569 -15.84 15.82 -21.33
C THR C 569 -16.82 16.59 -22.20
N THR C 570 -16.56 16.65 -23.50
CA THR C 570 -17.38 17.43 -24.41
C THR C 570 -18.79 16.88 -24.50
N ASP C 571 -19.75 17.57 -23.88
CA ASP C 571 -21.14 17.13 -23.88
C ASP C 571 -22.03 17.93 -24.82
N ALA C 572 -21.48 18.87 -25.58
CA ALA C 572 -22.25 19.63 -26.55
C ALA C 572 -21.32 20.11 -27.64
N VAL C 573 -21.89 20.30 -28.84
CA VAL C 573 -21.13 20.79 -29.99
C VAL C 573 -22.02 21.74 -30.77
N ARG C 574 -21.41 22.49 -31.68
CA ARG C 574 -22.13 23.36 -32.59
C ARG C 574 -21.85 22.93 -34.03
N ASP C 575 -22.92 22.77 -34.81
CA ASP C 575 -22.77 22.36 -36.21
C ASP C 575 -22.12 23.47 -37.00
N PRO C 576 -21.03 23.20 -37.73
CA PRO C 576 -20.41 24.26 -38.54
C PRO C 576 -21.16 24.55 -39.84
N GLN C 577 -22.35 23.97 -40.01
CA GLN C 577 -23.14 24.19 -41.23
C GLN C 577 -24.39 25.01 -40.92
N THR C 578 -25.23 24.58 -39.99
CA THR C 578 -26.42 25.34 -39.63
C THR C 578 -26.23 26.20 -38.39
N LEU C 579 -25.02 26.17 -37.79
CA LEU C 579 -24.72 26.95 -36.59
C LEU C 579 -25.73 26.68 -35.48
N GLU C 580 -26.04 25.41 -35.27
CA GLU C 580 -26.96 24.97 -34.24
C GLU C 580 -26.24 24.06 -33.26
N ILE C 581 -26.79 23.96 -32.04
CA ILE C 581 -26.14 23.29 -30.93
C ILE C 581 -26.76 21.90 -30.74
N LEU C 582 -25.90 20.89 -30.67
CA LEU C 582 -26.31 19.49 -30.54
C LEU C 582 -25.74 18.93 -29.25
N ASP C 583 -26.61 18.29 -28.46
CA ASP C 583 -26.15 17.54 -27.29
C ASP C 583 -25.35 16.33 -27.73
N ILE C 584 -24.33 15.99 -26.95
CA ILE C 584 -23.54 14.78 -27.18
C ILE C 584 -23.67 13.90 -25.94
N THR C 585 -24.17 12.69 -26.14
CA THR C 585 -24.22 11.69 -25.08
C THR C 585 -23.66 10.38 -25.62
N PRO C 586 -22.88 9.66 -24.81
CA PRO C 586 -22.29 8.41 -25.28
C PRO C 586 -23.36 7.36 -25.55
N CYS C 587 -23.02 6.43 -26.44
CA CYS C 587 -23.89 5.30 -26.70
C CYS C 587 -24.06 4.47 -25.43
N SER C 588 -25.23 3.86 -25.27
CA SER C 588 -25.79 3.46 -23.98
C SER C 588 -24.81 2.90 -22.97
N PHE C 589 -24.16 1.78 -23.30
CA PHE C 589 -23.21 1.06 -22.45
C PHE C 589 -23.72 0.74 -21.04
N GLY C 590 -23.00 -0.10 -20.33
CA GLY C 590 -23.36 -0.48 -18.98
C GLY C 590 -22.72 -1.78 -18.58
N GLY C 591 -22.92 -2.15 -17.32
CA GLY C 591 -22.39 -3.37 -16.76
C GLY C 591 -23.35 -4.53 -16.90
N VAL C 592 -22.80 -5.73 -17.01
CA VAL C 592 -23.59 -6.96 -17.19
C VAL C 592 -23.19 -7.93 -16.09
N SER C 593 -24.19 -8.46 -15.39
CA SER C 593 -23.99 -9.45 -14.35
C SER C 593 -24.79 -10.71 -14.68
N VAL C 594 -24.27 -11.86 -14.28
CA VAL C 594 -24.91 -13.14 -14.51
C VAL C 594 -25.24 -13.76 -13.16
N ILE C 595 -26.50 -14.12 -12.98
CA ILE C 595 -26.99 -14.78 -11.77
C ILE C 595 -27.15 -16.25 -12.07
N THR C 596 -26.50 -17.11 -11.28
CA THR C 596 -26.57 -18.54 -11.50
C THR C 596 -26.81 -19.26 -10.19
N PRO C 597 -27.60 -20.34 -10.19
CA PRO C 597 -27.74 -21.17 -9.00
C PRO C 597 -26.60 -22.17 -8.82
N GLY C 598 -25.59 -22.13 -9.68
CA GLY C 598 -24.51 -23.07 -9.63
C GLY C 598 -24.64 -24.14 -10.70
N THR C 599 -23.57 -24.40 -11.44
CA THR C 599 -23.61 -25.43 -12.49
C THR C 599 -23.88 -26.80 -11.92
N ASN C 600 -23.55 -27.04 -10.65
CA ASN C 600 -23.87 -28.31 -10.01
C ASN C 600 -25.38 -28.50 -9.89
N THR C 601 -26.14 -27.41 -9.87
CA THR C 601 -27.59 -27.47 -9.76
C THR C 601 -28.28 -27.36 -11.11
N SER C 602 -27.91 -26.36 -11.91
CA SER C 602 -28.56 -26.13 -13.20
C SER C 602 -27.65 -25.26 -14.06
N ASN C 603 -27.93 -25.26 -15.35
CA ASN C 603 -27.24 -24.38 -16.30
C ASN C 603 -28.06 -23.15 -16.67
N GLN C 604 -29.22 -22.97 -16.05
CA GLN C 604 -30.03 -21.79 -16.29
C GLN C 604 -29.43 -20.59 -15.58
N VAL C 605 -29.46 -19.44 -16.25
CA VAL C 605 -28.93 -18.20 -15.68
C VAL C 605 -29.93 -17.08 -15.92
N ALA C 606 -29.78 -16.02 -15.13
CA ALA C 606 -30.43 -14.75 -15.40
C ALA C 606 -29.37 -13.69 -15.66
N VAL C 607 -29.75 -12.63 -16.36
CA VAL C 607 -28.80 -11.58 -16.73
C VAL C 607 -29.33 -10.26 -16.23
N LEU C 608 -28.50 -9.53 -15.48
CA LEU C 608 -28.83 -8.21 -14.99
C LEU C 608 -28.01 -7.17 -15.75
N TYR C 609 -28.69 -6.28 -16.44
CA TYR C 609 -28.07 -5.15 -17.12
C TYR C 609 -28.13 -3.98 -16.15
N GLN C 610 -26.97 -3.58 -15.65
CA GLN C 610 -26.89 -2.66 -14.52
C GLN C 610 -27.05 -1.21 -14.98
N GLY C 611 -27.80 -0.44 -14.20
CA GLY C 611 -27.97 0.97 -14.46
C GLY C 611 -28.61 1.27 -15.80
N VAL C 612 -29.53 0.43 -16.24
CA VAL C 612 -30.14 0.56 -17.56
C VAL C 612 -31.65 0.54 -17.41
N ASN C 613 -32.30 1.56 -17.96
CA ASN C 613 -33.73 1.50 -18.19
C ASN C 613 -33.96 0.56 -19.37
N CYS C 614 -34.71 -0.50 -19.13
CA CYS C 614 -34.63 -1.63 -20.03
C CYS C 614 -35.84 -1.72 -20.95
N THR C 615 -36.48 -0.59 -21.25
CA THR C 615 -37.25 -0.43 -22.47
C THR C 615 -36.28 -0.10 -23.61
N GLU C 616 -34.99 -0.29 -23.31
CA GLU C 616 -33.90 0.10 -24.18
C GLU C 616 -32.83 -0.97 -24.25
N VAL C 617 -32.96 -2.00 -23.43
CA VAL C 617 -31.90 -3.01 -23.28
C VAL C 617 -31.52 -3.74 -24.57
N PRO C 618 -32.47 -4.24 -25.42
CA PRO C 618 -32.18 -5.19 -26.50
C PRO C 618 -30.76 -5.20 -27.08
N TRP C 630 -24.80 -14.22 -28.35
CA TRP C 630 -24.90 -13.69 -27.00
C TRP C 630 -25.81 -12.45 -27.02
N ARG C 631 -27.05 -12.67 -27.44
CA ARG C 631 -28.12 -11.72 -27.19
C ARG C 631 -29.41 -12.48 -26.94
N VAL C 632 -29.29 -13.78 -26.68
CA VAL C 632 -30.44 -14.63 -26.41
C VAL C 632 -31.13 -14.14 -25.15
N TYR C 633 -30.33 -13.78 -24.15
CA TYR C 633 -30.86 -13.20 -22.90
C TYR C 633 -31.00 -11.68 -23.04
N SER C 634 -31.86 -11.27 -23.98
CA SER C 634 -32.19 -9.86 -24.16
C SER C 634 -33.68 -9.60 -24.26
N THR C 635 -34.49 -10.62 -24.52
CA THR C 635 -35.95 -10.50 -24.62
C THR C 635 -36.53 -11.83 -24.17
N GLY C 636 -37.84 -12.01 -24.36
CA GLY C 636 -38.49 -13.24 -23.98
C GLY C 636 -39.67 -13.04 -23.06
N SER C 637 -40.00 -11.78 -22.77
CA SER C 637 -41.13 -11.38 -21.95
C SER C 637 -40.93 -11.74 -20.48
N ASN C 638 -39.80 -12.39 -20.15
CA ASN C 638 -39.40 -12.60 -18.75
C ASN C 638 -38.46 -11.47 -18.34
N VAL C 639 -38.98 -10.26 -18.40
CA VAL C 639 -38.21 -9.03 -18.25
C VAL C 639 -38.76 -8.26 -17.06
N PHE C 640 -37.87 -7.87 -16.14
CA PHE C 640 -38.27 -7.20 -14.92
C PHE C 640 -37.34 -6.01 -14.69
N GLN C 641 -37.88 -4.95 -14.09
CA GLN C 641 -37.14 -3.71 -13.86
C GLN C 641 -36.90 -3.51 -12.38
N THR C 642 -35.66 -3.16 -12.03
CA THR C 642 -35.27 -2.88 -10.66
C THR C 642 -34.38 -1.64 -10.67
N ARG C 643 -34.20 -1.05 -9.49
CA ARG C 643 -33.29 0.08 -9.37
C ARG C 643 -31.86 -0.30 -9.73
N ALA C 644 -31.51 -1.59 -9.62
CA ALA C 644 -30.19 -2.05 -10.02
C ALA C 644 -30.05 -2.25 -11.52
N GLY C 645 -31.16 -2.24 -12.25
CA GLY C 645 -31.13 -2.43 -13.68
C GLY C 645 -32.21 -3.41 -14.11
N CYS C 646 -32.04 -3.98 -15.29
CA CYS C 646 -33.05 -4.89 -15.84
C CYS C 646 -32.61 -6.33 -15.64
N LEU C 647 -33.50 -7.14 -15.08
CA LEU C 647 -33.27 -8.56 -14.89
C LEU C 647 -34.06 -9.33 -15.94
N ILE C 648 -33.35 -10.12 -16.75
CA ILE C 648 -33.94 -10.90 -17.82
C ILE C 648 -33.64 -12.37 -17.55
N GLY C 649 -34.68 -13.20 -17.56
CA GLY C 649 -34.54 -14.61 -17.27
C GLY C 649 -35.04 -15.02 -15.91
N ALA C 650 -35.49 -14.08 -15.08
CA ALA C 650 -36.04 -14.37 -13.77
C ALA C 650 -37.48 -13.88 -13.71
N GLU C 651 -38.39 -14.76 -13.31
CA GLU C 651 -39.79 -14.39 -13.16
C GLU C 651 -40.00 -13.78 -11.78
N TYR C 652 -40.46 -12.53 -11.75
CA TYR C 652 -40.76 -11.88 -10.49
C TYR C 652 -42.02 -12.46 -9.87
N VAL C 653 -42.01 -12.63 -8.55
CA VAL C 653 -43.14 -13.20 -7.82
C VAL C 653 -43.47 -12.28 -6.66
N ASN C 654 -44.73 -12.36 -6.21
CA ASN C 654 -45.19 -11.55 -5.10
C ASN C 654 -44.83 -12.12 -3.73
N ASN C 655 -44.43 -13.39 -3.66
CA ASN C 655 -43.98 -13.95 -2.40
C ASN C 655 -42.62 -13.39 -2.01
N SER C 656 -42.36 -13.37 -0.71
CA SER C 656 -41.11 -12.88 -0.17
C SER C 656 -40.41 -13.98 0.61
N TYR C 657 -39.16 -14.25 0.27
CA TYR C 657 -38.33 -15.23 0.96
C TYR C 657 -37.09 -14.54 1.49
N GLU C 658 -36.32 -15.29 2.26
CA GLU C 658 -35.00 -14.82 2.67
C GLU C 658 -34.09 -14.70 1.45
N CYS C 659 -33.23 -13.69 1.47
CA CYS C 659 -32.37 -13.43 0.32
C CYS C 659 -31.45 -14.61 0.05
N ASP C 660 -31.38 -15.03 -1.21
CA ASP C 660 -30.50 -16.11 -1.62
C ASP C 660 -29.35 -15.60 -2.49
N ILE C 661 -29.66 -14.91 -3.58
CA ILE C 661 -28.66 -14.24 -4.39
C ILE C 661 -29.02 -12.76 -4.44
N PRO C 662 -28.22 -11.87 -3.85
CA PRO C 662 -28.60 -10.45 -3.80
C PRO C 662 -28.50 -9.80 -5.17
N ILE C 663 -29.59 -9.19 -5.59
CA ILE C 663 -29.62 -8.39 -6.83
C ILE C 663 -29.43 -6.92 -6.52
N GLY C 664 -30.16 -6.40 -5.54
CA GLY C 664 -30.02 -5.01 -5.16
C GLY C 664 -31.34 -4.31 -4.98
N ALA C 665 -31.33 -3.21 -4.21
CA ALA C 665 -32.52 -2.42 -3.91
C ALA C 665 -33.65 -3.28 -3.39
N GLY C 666 -33.31 -4.25 -2.53
CA GLY C 666 -34.27 -5.12 -1.92
C GLY C 666 -34.67 -6.32 -2.75
N ILE C 667 -34.17 -6.44 -3.97
CA ILE C 667 -34.52 -7.54 -4.87
C ILE C 667 -33.46 -8.62 -4.74
N CYS C 668 -33.91 -9.87 -4.60
CA CYS C 668 -33.06 -11.05 -4.57
C CYS C 668 -33.56 -12.06 -5.60
N ALA C 669 -32.77 -13.09 -5.84
CA ALA C 669 -33.10 -14.13 -6.81
C ALA C 669 -32.80 -15.50 -6.20
N SER C 670 -33.48 -16.52 -6.73
CA SER C 670 -33.34 -17.87 -6.21
C SER C 670 -33.78 -18.86 -7.28
N TYR C 671 -33.51 -20.14 -7.02
CA TYR C 671 -33.91 -21.23 -7.89
C TYR C 671 -35.17 -21.86 -7.31
N GLN C 672 -36.29 -21.72 -8.01
CA GLN C 672 -37.60 -22.09 -7.45
C GLN C 672 -37.69 -23.59 -7.18
N THR C 673 -37.67 -24.40 -8.24
CA THR C 673 -37.97 -25.83 -8.17
C THR C 673 -39.21 -26.13 -7.33
N GLN C 684 -36.31 -25.43 -10.93
CA GLN C 684 -37.11 -25.48 -12.14
C GLN C 684 -37.00 -24.17 -12.92
N SER C 685 -36.92 -23.06 -12.19
CA SER C 685 -36.78 -21.74 -12.82
C SER C 685 -36.17 -20.80 -11.81
N ILE C 686 -35.65 -19.69 -12.32
CA ILE C 686 -35.08 -18.64 -11.50
C ILE C 686 -36.15 -17.59 -11.24
N ILE C 687 -36.36 -17.27 -9.96
CA ILE C 687 -37.38 -16.32 -9.54
C ILE C 687 -36.70 -15.14 -8.85
N ALA C 688 -37.15 -13.94 -9.19
CA ALA C 688 -36.77 -12.72 -8.49
C ALA C 688 -37.91 -12.32 -7.54
N TYR C 689 -37.53 -11.70 -6.43
CA TYR C 689 -38.54 -11.35 -5.44
C TYR C 689 -38.00 -10.26 -4.51
N THR C 690 -38.92 -9.61 -3.81
CA THR C 690 -38.56 -8.68 -2.76
C THR C 690 -38.15 -9.49 -1.53
N MET C 691 -37.00 -9.14 -0.95
CA MET C 691 -36.49 -9.88 0.19
C MET C 691 -37.38 -9.71 1.41
N SER C 692 -37.50 -10.78 2.19
CA SER C 692 -38.29 -10.75 3.42
C SER C 692 -37.38 -10.44 4.60
N LEU C 693 -37.79 -9.44 5.40
CA LEU C 693 -37.02 -9.06 6.57
C LEU C 693 -37.30 -9.94 7.78
N GLY C 694 -38.35 -10.75 7.73
CA GLY C 694 -38.71 -11.61 8.83
C GLY C 694 -40.20 -11.61 9.10
N ALA C 695 -40.68 -12.56 9.89
CA ALA C 695 -42.09 -12.64 10.21
C ALA C 695 -42.49 -11.52 11.18
N GLU C 696 -43.75 -11.10 11.07
CA GLU C 696 -44.29 -10.08 11.96
C GLU C 696 -44.67 -10.69 13.31
N ASN C 697 -44.61 -9.86 14.34
CA ASN C 697 -44.94 -10.34 15.70
C ASN C 697 -45.39 -9.10 16.48
N SER C 698 -46.69 -8.95 16.67
CA SER C 698 -47.22 -7.87 17.47
C SER C 698 -47.16 -8.29 18.94
N VAL C 699 -46.22 -7.70 19.68
CA VAL C 699 -46.16 -7.95 21.12
C VAL C 699 -47.38 -7.35 21.79
N ALA C 700 -48.06 -8.16 22.60
CA ALA C 700 -49.30 -7.75 23.25
C ALA C 700 -48.95 -6.87 24.44
N TYR C 701 -48.67 -5.60 24.15
CA TYR C 701 -48.41 -4.63 25.20
C TYR C 701 -49.69 -4.31 25.96
N SER C 702 -49.55 -4.17 27.28
CA SER C 702 -50.66 -3.78 28.14
C SER C 702 -50.12 -3.04 29.34
N ASN C 703 -50.97 -2.23 29.95
CA ASN C 703 -50.56 -1.43 31.10
C ASN C 703 -50.35 -2.26 32.36
N ASN C 704 -50.84 -3.51 32.41
CA ASN C 704 -50.68 -4.32 33.60
C ASN C 704 -50.37 -5.79 33.31
N SER C 705 -49.94 -6.11 32.10
CA SER C 705 -49.67 -7.50 31.70
C SER C 705 -48.18 -7.71 31.56
N ILE C 706 -47.68 -8.80 32.13
CA ILE C 706 -46.28 -9.17 32.02
C ILE C 706 -46.20 -10.64 31.57
N ALA C 707 -45.13 -10.98 30.86
CA ALA C 707 -44.89 -12.35 30.43
C ALA C 707 -43.68 -12.88 31.17
N ILE C 708 -43.86 -13.95 31.94
CA ILE C 708 -42.80 -14.56 32.72
C ILE C 708 -42.51 -15.93 32.14
N PRO C 709 -41.27 -16.25 31.77
CA PRO C 709 -40.97 -17.61 31.33
C PRO C 709 -41.14 -18.62 32.46
N THR C 710 -41.60 -19.81 32.09
CA THR C 710 -41.77 -20.90 33.05
C THR C 710 -40.76 -22.01 32.85
N ASN C 711 -39.94 -21.96 31.81
CA ASN C 711 -38.97 -23.00 31.52
C ASN C 711 -37.77 -22.34 30.85
N PHE C 712 -36.78 -23.15 30.47
CA PHE C 712 -35.61 -22.60 29.81
C PHE C 712 -34.98 -23.64 28.91
N THR C 713 -34.17 -23.16 27.99
CA THR C 713 -33.39 -23.98 27.08
C THR C 713 -31.92 -23.62 27.23
N ILE C 714 -31.09 -24.64 27.37
CA ILE C 714 -29.64 -24.46 27.35
C ILE C 714 -29.17 -24.51 25.91
N SER C 715 -28.70 -23.39 25.40
CA SER C 715 -28.31 -23.28 24.00
C SER C 715 -26.79 -23.27 23.88
N VAL C 716 -26.28 -23.98 22.87
CA VAL C 716 -24.85 -23.96 22.55
C VAL C 716 -24.72 -23.53 21.11
N THR C 717 -24.01 -22.43 20.89
CA THR C 717 -23.82 -21.87 19.55
C THR C 717 -22.35 -21.66 19.27
N THR C 718 -21.98 -21.70 17.99
CA THR C 718 -20.58 -21.57 17.60
C THR C 718 -20.31 -20.17 17.05
N GLU C 719 -19.15 -19.64 17.40
CA GLU C 719 -18.62 -18.42 16.81
C GLU C 719 -17.22 -18.70 16.29
N ILE C 720 -16.99 -18.47 15.00
CA ILE C 720 -15.72 -18.78 14.36
C ILE C 720 -14.99 -17.47 14.11
N LEU C 721 -13.76 -17.35 14.61
CA LEU C 721 -12.98 -16.14 14.44
C LEU C 721 -11.61 -16.49 13.85
N PRO C 722 -11.21 -15.85 12.76
CA PRO C 722 -9.83 -15.96 12.31
C PRO C 722 -8.88 -15.31 13.29
N VAL C 723 -7.70 -15.92 13.46
CA VAL C 723 -6.69 -15.43 14.38
C VAL C 723 -5.40 -15.07 13.65
N SER C 724 -4.96 -15.92 12.72
CA SER C 724 -3.74 -15.68 11.98
C SER C 724 -3.96 -16.04 10.51
N MET C 725 -3.05 -15.57 9.67
CA MET C 725 -3.04 -15.95 8.27
C MET C 725 -1.66 -16.47 7.90
N THR C 726 -1.55 -16.94 6.66
CA THR C 726 -0.32 -17.54 6.17
C THR C 726 0.82 -16.52 6.22
N LYS C 727 1.97 -16.96 6.72
CA LYS C 727 3.17 -16.15 6.75
C LYS C 727 3.92 -16.34 5.43
N THR C 728 4.08 -15.26 4.68
CA THR C 728 4.66 -15.32 3.35
C THR C 728 6.03 -14.62 3.35
N SER C 729 6.97 -15.23 2.65
CA SER C 729 8.28 -14.64 2.38
C SER C 729 8.46 -14.56 0.87
N VAL C 730 9.03 -13.45 0.41
CA VAL C 730 9.25 -13.22 -1.01
C VAL C 730 10.74 -12.97 -1.22
N ASP C 731 11.35 -13.79 -2.08
CA ASP C 731 12.71 -13.54 -2.54
C ASP C 731 12.59 -12.53 -3.69
N CYS C 732 12.87 -11.26 -3.38
CA CYS C 732 12.60 -10.17 -4.32
C CYS C 732 13.40 -10.34 -5.60
N THR C 733 14.69 -10.67 -5.48
CA THR C 733 15.53 -10.85 -6.65
C THR C 733 15.05 -12.01 -7.49
N MET C 734 14.69 -13.13 -6.86
CA MET C 734 14.23 -14.29 -7.60
C MET C 734 12.93 -13.99 -8.36
N TYR C 735 12.01 -13.27 -7.72
CA TYR C 735 10.75 -12.94 -8.39
C TYR C 735 10.98 -11.99 -9.56
N ILE C 736 11.77 -10.94 -9.34
CA ILE C 736 11.87 -9.89 -10.36
C ILE C 736 12.80 -10.32 -11.50
N CYS C 737 13.92 -10.95 -11.17
CA CYS C 737 15.02 -11.17 -12.11
C CYS C 737 15.48 -12.61 -12.10
N GLY C 738 14.55 -13.57 -12.08
CA GLY C 738 14.88 -14.97 -11.90
C GLY C 738 15.91 -15.52 -12.86
N ASP C 739 17.10 -15.83 -12.34
CA ASP C 739 18.28 -16.42 -12.98
C ASP C 739 19.02 -15.43 -13.87
N SER C 740 18.50 -14.21 -14.07
CA SER C 740 19.15 -13.23 -14.92
C SER C 740 20.06 -12.35 -14.05
N THR C 741 21.37 -12.55 -14.18
CA THR C 741 22.31 -11.79 -13.37
C THR C 741 22.37 -10.33 -13.79
N GLU C 742 22.22 -10.05 -15.08
CA GLU C 742 22.17 -8.66 -15.54
C GLU C 742 20.99 -7.93 -14.93
N CYS C 743 19.84 -8.61 -14.83
CA CYS C 743 18.67 -7.98 -14.24
C CYS C 743 18.89 -7.67 -12.77
N SER C 744 19.59 -8.55 -12.05
CA SER C 744 19.88 -8.27 -10.63
C SER C 744 20.87 -7.11 -10.50
N ASN C 745 21.87 -7.05 -11.38
CA ASN C 745 22.78 -5.91 -11.37
C ASN C 745 22.03 -4.61 -11.60
N LEU C 746 21.07 -4.62 -12.52
CA LEU C 746 20.24 -3.44 -12.74
C LEU C 746 19.36 -3.15 -11.51
N LEU C 747 18.81 -4.20 -10.90
CA LEU C 747 17.93 -4.04 -9.75
C LEU C 747 18.66 -3.43 -8.57
N LEU C 748 19.99 -3.61 -8.51
CA LEU C 748 20.77 -3.01 -7.44
C LEU C 748 20.69 -1.48 -7.45
N GLN C 749 20.27 -0.87 -8.56
CA GLN C 749 20.19 0.57 -8.67
C GLN C 749 18.84 1.14 -8.26
N TYR C 750 17.93 0.31 -7.74
CA TYR C 750 16.60 0.78 -7.37
C TYR C 750 16.47 1.08 -5.88
N GLY C 751 17.56 1.03 -5.13
CA GLY C 751 17.52 1.48 -3.75
C GLY C 751 17.10 0.37 -2.81
N SER C 752 16.16 0.69 -1.93
CA SER C 752 15.77 -0.21 -0.85
C SER C 752 14.35 -0.74 -0.99
N PHE C 753 13.85 -0.84 -2.23
CA PHE C 753 12.49 -1.36 -2.43
C PHE C 753 12.36 -2.78 -1.88
N CYS C 754 13.29 -3.67 -2.27
CA CYS C 754 13.21 -5.05 -1.82
C CYS C 754 13.42 -5.14 -0.32
N THR C 755 14.30 -4.31 0.24
CA THR C 755 14.50 -4.29 1.68
C THR C 755 13.23 -3.85 2.41
N GLN C 756 12.54 -2.82 1.90
CA GLN C 756 11.30 -2.38 2.51
C GLN C 756 10.23 -3.45 2.44
N LEU C 757 10.13 -4.13 1.28
CA LEU C 757 9.14 -5.19 1.14
C LEU C 757 9.42 -6.34 2.11
N LYS C 758 10.70 -6.71 2.25
CA LYS C 758 11.06 -7.76 3.19
C LYS C 758 10.74 -7.34 4.63
N ARG C 759 11.01 -6.08 4.98
CA ARG C 759 10.69 -5.61 6.32
C ARG C 759 9.19 -5.67 6.58
N ALA C 760 8.38 -5.26 5.61
CA ALA C 760 6.93 -5.31 5.78
C ALA C 760 6.44 -6.73 5.95
N LEU C 761 6.92 -7.65 5.10
CA LEU C 761 6.48 -9.03 5.18
C LEU C 761 6.92 -9.68 6.49
N THR C 762 8.13 -9.37 6.95
CA THR C 762 8.61 -9.90 8.22
C THR C 762 7.79 -9.37 9.38
N GLY C 763 7.42 -8.09 9.34
CA GLY C 763 6.53 -7.55 10.36
C GLY C 763 5.19 -8.28 10.40
N ILE C 764 4.62 -8.53 9.22
CA ILE C 764 3.36 -9.28 9.15
C ILE C 764 3.53 -10.68 9.73
N ALA C 765 4.64 -11.35 9.37
CA ALA C 765 4.88 -12.71 9.84
C ALA C 765 4.99 -12.76 11.36
N VAL C 766 5.73 -11.81 11.95
CA VAL C 766 5.84 -11.75 13.41
C VAL C 766 4.48 -11.45 14.03
N GLU C 767 3.70 -10.57 13.39
CA GLU C 767 2.38 -10.24 13.91
C GLU C 767 1.47 -11.46 13.96
N GLN C 768 1.61 -12.39 13.02
CA GLN C 768 0.76 -13.58 13.04
C GLN C 768 1.02 -14.43 14.28
N ASP C 769 2.30 -14.65 14.61
CA ASP C 769 2.63 -15.39 15.81
C ASP C 769 2.21 -14.63 17.06
N LYS C 770 2.32 -13.30 17.03
CA LYS C 770 1.85 -12.51 18.16
C LYS C 770 0.34 -12.65 18.34
N ASN C 771 -0.41 -12.66 17.24
CA ASN C 771 -1.87 -12.84 17.31
C ASN C 771 -2.21 -14.18 17.95
N THR C 772 -1.56 -15.25 17.47
CA THR C 772 -1.84 -16.58 18.03
C THR C 772 -1.51 -16.61 19.52
N GLN C 773 -0.36 -16.04 19.91
CA GLN C 773 0.02 -16.03 21.30
C GLN C 773 -0.98 -15.25 22.16
N GLU C 774 -1.42 -14.09 21.68
CA GLU C 774 -2.36 -13.29 22.45
C GLU C 774 -3.71 -13.96 22.58
N VAL C 775 -4.11 -14.76 21.58
CA VAL C 775 -5.40 -15.45 21.69
C VAL C 775 -5.30 -16.64 22.63
N PHE C 776 -4.30 -17.51 22.43
CA PHE C 776 -4.30 -18.80 23.08
C PHE C 776 -3.42 -18.87 24.34
N ALA C 777 -2.39 -18.04 24.45
CA ALA C 777 -1.49 -18.11 25.60
C ALA C 777 -1.93 -17.14 26.70
N GLN C 778 -3.15 -17.34 27.18
CA GLN C 778 -3.70 -16.49 28.22
C GLN C 778 -3.38 -17.00 29.62
N VAL C 779 -3.15 -18.30 29.79
CA VAL C 779 -2.83 -18.89 31.08
C VAL C 779 -1.35 -19.24 31.13
N LYS C 780 -0.76 -19.12 32.32
CA LYS C 780 0.63 -19.53 32.50
C LYS C 780 0.74 -21.01 32.85
N GLN C 781 -0.19 -21.52 33.65
CA GLN C 781 -0.18 -22.91 34.05
C GLN C 781 -0.93 -23.76 33.03
N ILE C 782 -0.39 -24.92 32.72
CA ILE C 782 -1.01 -25.88 31.81
C ILE C 782 -1.85 -26.82 32.67
N TYR C 783 -3.12 -26.48 32.85
CA TYR C 783 -4.01 -27.28 33.69
C TYR C 783 -4.42 -28.56 32.97
N LYS C 784 -4.54 -29.63 33.75
CA LYS C 784 -4.97 -30.93 33.25
C LYS C 784 -6.27 -31.33 33.91
N THR C 785 -7.15 -31.96 33.14
CA THR C 785 -8.40 -32.47 33.68
C THR C 785 -8.13 -33.69 34.56
N PRO C 786 -8.98 -33.92 35.55
CA PRO C 786 -8.80 -35.09 36.43
C PRO C 786 -9.02 -36.38 35.66
N PRO C 787 -8.40 -37.48 36.09
CA PRO C 787 -8.62 -38.76 35.39
C PRO C 787 -10.06 -39.22 35.42
N ILE C 788 -10.79 -38.94 36.50
CA ILE C 788 -12.21 -39.27 36.59
C ILE C 788 -13.02 -38.09 36.09
N LYS C 789 -13.89 -38.33 35.12
CA LYS C 789 -14.55 -37.27 34.36
C LYS C 789 -16.04 -37.15 34.69
N TYR C 790 -16.40 -37.31 35.95
CA TYR C 790 -17.77 -37.03 36.38
C TYR C 790 -17.85 -35.57 36.82
N PHE C 791 -18.74 -34.81 36.18
CA PHE C 791 -18.92 -33.39 36.44
C PHE C 791 -20.38 -33.07 36.68
N GLY C 792 -21.03 -33.86 37.53
CA GLY C 792 -22.44 -33.65 37.82
C GLY C 792 -23.38 -34.07 36.74
N GLY C 793 -22.94 -34.96 35.85
CA GLY C 793 -23.74 -35.36 34.70
C GLY C 793 -23.46 -34.58 33.43
N PHE C 794 -22.67 -33.51 33.50
CA PHE C 794 -22.27 -32.78 32.32
C PHE C 794 -21.17 -33.55 31.59
N ASN C 795 -21.33 -33.73 30.29
CA ASN C 795 -20.45 -34.57 29.48
C ASN C 795 -19.63 -33.66 28.57
N PHE C 796 -18.32 -33.61 28.82
CA PHE C 796 -17.40 -32.76 28.07
C PHE C 796 -16.53 -33.57 27.11
N SER C 797 -16.86 -34.84 26.87
CA SER C 797 -15.99 -35.71 26.09
C SER C 797 -15.79 -35.19 24.66
N GLN C 798 -16.77 -34.47 24.13
CA GLN C 798 -16.68 -34.01 22.75
C GLN C 798 -15.74 -32.82 22.58
N ILE C 799 -15.42 -32.10 23.66
CA ILE C 799 -14.50 -30.97 23.58
C ILE C 799 -13.20 -31.21 24.31
N LEU C 800 -13.11 -32.26 25.12
CA LEU C 800 -11.87 -32.56 25.81
C LEU C 800 -10.94 -33.38 24.93
N PRO C 801 -9.63 -33.30 25.16
CA PRO C 801 -8.69 -34.02 24.29
C PRO C 801 -8.95 -35.53 24.29
N ASP C 802 -8.78 -36.13 23.11
CA ASP C 802 -9.01 -37.56 22.94
C ASP C 802 -7.68 -38.29 23.04
N PRO C 803 -7.46 -39.11 24.07
CA PRO C 803 -6.16 -39.79 24.20
C PRO C 803 -5.88 -40.80 23.11
N SER C 804 -6.90 -41.29 22.40
CA SER C 804 -6.73 -42.31 21.37
C SER C 804 -6.17 -41.78 20.07
N LYS C 805 -5.66 -40.55 20.06
CA LYS C 805 -5.14 -39.94 18.85
C LYS C 805 -3.80 -39.29 19.15
N PRO C 806 -2.85 -39.36 18.21
CA PRO C 806 -1.52 -38.78 18.48
C PRO C 806 -1.55 -37.28 18.74
N SER C 807 -2.43 -36.55 18.06
CA SER C 807 -2.48 -35.11 18.23
C SER C 807 -3.15 -34.70 19.53
N LYS C 808 -3.83 -35.63 20.20
CA LYS C 808 -4.60 -35.35 21.42
C LYS C 808 -5.65 -34.27 21.18
N ARG C 809 -6.19 -34.22 19.96
CA ARG C 809 -7.26 -33.28 19.65
C ARG C 809 -8.60 -33.81 20.13
N SER C 810 -9.49 -32.90 20.48
CA SER C 810 -10.85 -33.26 20.81
C SER C 810 -11.60 -33.69 19.56
N PRO C 811 -12.66 -34.49 19.70
CA PRO C 811 -13.45 -34.88 18.52
C PRO C 811 -13.95 -33.69 17.71
N ILE C 812 -14.45 -32.65 18.38
CA ILE C 812 -14.88 -31.45 17.66
C ILE C 812 -13.68 -30.77 17.01
N GLU C 813 -12.56 -30.68 17.73
CA GLU C 813 -11.35 -30.11 17.15
C GLU C 813 -10.85 -30.96 15.99
N ASP C 814 -10.96 -32.29 16.11
CA ASP C 814 -10.58 -33.16 15.00
C ASP C 814 -11.42 -32.89 13.77
N LEU C 815 -12.74 -32.73 13.95
CA LEU C 815 -13.60 -32.45 12.80
C LEU C 815 -13.29 -31.08 12.20
N LEU C 816 -13.07 -30.07 13.04
CA LEU C 816 -12.72 -28.75 12.53
C LEU C 816 -11.42 -28.79 11.75
N PHE C 817 -10.44 -29.57 12.22
CA PHE C 817 -9.18 -29.73 11.52
C PHE C 817 -9.36 -30.40 10.17
N ASN C 818 -10.40 -31.20 9.99
CA ASN C 818 -10.68 -31.86 8.73
C ASN C 818 -11.55 -31.02 7.80
N LYS C 819 -12.10 -29.91 8.27
CA LYS C 819 -13.02 -29.11 7.48
C LYS C 819 -12.36 -27.92 6.79
N VAL C 820 -11.19 -27.50 7.25
CA VAL C 820 -10.44 -26.41 6.64
C VAL C 820 -9.23 -27.02 5.95
N THR C 821 -9.12 -26.79 4.64
CA THR C 821 -8.04 -27.36 3.83
C THR C 821 -6.96 -26.31 3.65
N LEU C 822 -5.84 -26.50 4.34
CA LEU C 822 -4.71 -25.58 4.24
C LEU C 822 -4.06 -25.70 2.86
N ALA C 823 -3.39 -24.62 2.46
CA ALA C 823 -2.67 -24.59 1.20
C ALA C 823 -1.25 -25.13 1.33
N ASP C 824 -0.45 -24.54 2.22
CA ASP C 824 0.94 -24.95 2.39
C ASP C 824 1.22 -25.55 3.76
N ALA C 825 0.93 -24.82 4.84
CA ALA C 825 1.32 -25.06 6.22
C ALA C 825 2.81 -24.79 6.43
N GLY C 826 3.59 -24.54 5.38
CA GLY C 826 4.96 -24.12 5.49
C GLY C 826 5.94 -25.08 6.12
N PHE C 827 5.89 -26.35 5.74
CA PHE C 827 6.83 -27.35 6.24
C PHE C 827 7.87 -27.68 5.17
N ILE C 828 8.74 -28.63 5.50
CA ILE C 828 9.90 -28.90 4.65
C ILE C 828 9.47 -29.49 3.32
N LYS C 829 9.97 -28.91 2.24
CA LYS C 829 9.74 -29.41 0.89
C LYS C 829 11.06 -29.89 0.32
N GLN C 830 11.19 -31.20 0.13
CA GLN C 830 12.44 -31.81 -0.31
C GLN C 830 12.51 -31.81 -1.83
N TYR C 831 13.68 -31.43 -2.36
CA TYR C 831 13.88 -31.34 -3.80
C TYR C 831 13.65 -32.69 -4.46
N GLY C 832 12.61 -32.80 -5.28
CA GLY C 832 12.26 -34.03 -5.94
C GLY C 832 10.78 -34.37 -5.79
N ASP C 842 2.72 -29.02 -6.10
CA ASP C 842 2.56 -28.68 -7.51
C ASP C 842 2.49 -27.17 -7.70
N LEU C 843 1.38 -26.58 -7.28
CA LEU C 843 1.27 -25.13 -7.26
C LEU C 843 2.27 -24.52 -6.29
N ILE C 844 2.45 -25.16 -5.12
CA ILE C 844 3.44 -24.72 -4.16
C ILE C 844 4.83 -24.74 -4.77
N CYS C 845 5.12 -25.77 -5.58
CA CYS C 845 6.43 -25.86 -6.22
C CYS C 845 6.66 -24.73 -7.20
N ALA C 846 5.66 -24.39 -8.01
CA ALA C 846 5.79 -23.29 -8.95
C ALA C 846 5.99 -21.96 -8.20
N GLN C 847 5.21 -21.75 -7.15
CA GLN C 847 5.36 -20.52 -6.36
C GLN C 847 6.74 -20.44 -5.74
N LYS C 848 7.25 -21.56 -5.21
CA LYS C 848 8.58 -21.58 -4.62
C LYS C 848 9.64 -21.28 -5.67
N PHE C 849 9.50 -21.84 -6.87
CA PHE C 849 10.44 -21.55 -7.94
C PHE C 849 10.38 -20.10 -8.39
N LYS C 850 9.25 -19.43 -8.18
CA LYS C 850 9.18 -17.99 -8.45
C LYS C 850 9.63 -17.15 -7.26
N GLY C 851 10.08 -17.76 -6.18
CA GLY C 851 10.58 -17.04 -5.03
C GLY C 851 9.59 -16.75 -3.94
N LEU C 852 8.41 -17.37 -3.96
CA LEU C 852 7.37 -17.14 -2.96
C LEU C 852 7.29 -18.37 -2.07
N THR C 853 7.56 -18.20 -0.78
CA THR C 853 7.59 -19.30 0.16
C THR C 853 6.68 -19.00 1.35
N VAL C 854 6.29 -20.06 2.05
CA VAL C 854 5.45 -19.97 3.23
C VAL C 854 6.28 -20.36 4.44
N LEU C 855 6.24 -19.53 5.48
CA LEU C 855 6.96 -19.82 6.71
C LEU C 855 6.06 -20.50 7.73
N PRO C 856 6.57 -21.50 8.46
CA PRO C 856 5.72 -22.20 9.42
C PRO C 856 5.41 -21.31 10.61
N PRO C 857 4.22 -21.45 11.20
CA PRO C 857 3.93 -20.74 12.45
C PRO C 857 4.83 -21.22 13.57
N LEU C 858 5.06 -20.33 14.53
CA LEU C 858 5.90 -20.67 15.68
C LEU C 858 5.24 -21.74 16.54
N LEU C 859 3.95 -21.59 16.83
CA LEU C 859 3.21 -22.56 17.61
C LEU C 859 2.64 -23.63 16.69
N THR C 860 2.93 -24.89 17.00
CA THR C 860 2.37 -25.98 16.22
C THR C 860 0.89 -26.17 16.57
N ASP C 861 0.22 -27.00 15.76
CA ASP C 861 -1.18 -27.33 16.04
C ASP C 861 -1.31 -28.06 17.37
N GLU C 862 -0.34 -28.93 17.68
CA GLU C 862 -0.37 -29.62 18.95
C GLU C 862 -0.20 -28.66 20.12
N MET C 863 0.67 -27.65 19.99
CA MET C 863 0.84 -26.68 21.06
C MET C 863 -0.43 -25.86 21.28
N ILE C 864 -1.09 -25.46 20.19
CA ILE C 864 -2.34 -24.70 20.31
C ILE C 864 -3.42 -25.57 20.94
N ALA C 865 -3.48 -26.85 20.57
CA ALA C 865 -4.42 -27.76 21.22
C ALA C 865 -4.10 -27.93 22.69
N GLN C 866 -2.81 -27.93 23.06
CA GLN C 866 -2.44 -28.00 24.47
C GLN C 866 -2.93 -26.76 25.23
N TYR C 867 -2.76 -25.58 24.63
CA TYR C 867 -3.28 -24.37 25.27
C TYR C 867 -4.80 -24.42 25.42
N THR C 868 -5.49 -24.88 24.37
CA THR C 868 -6.94 -24.98 24.43
C THR C 868 -7.39 -25.96 25.51
N SER C 869 -6.72 -27.11 25.61
CA SER C 869 -7.08 -28.08 26.63
C SER C 869 -6.77 -27.56 28.03
N ALA C 870 -5.70 -26.79 28.19
CA ALA C 870 -5.42 -26.17 29.47
C ALA C 870 -6.52 -25.19 29.85
N LEU C 871 -6.98 -24.38 28.89
CA LEU C 871 -8.08 -23.46 29.16
C LEU C 871 -9.35 -24.20 29.55
N LEU C 872 -9.65 -25.30 28.83
CA LEU C 872 -10.83 -26.08 29.11
C LEU C 872 -10.75 -26.71 30.49
N ALA C 873 -9.60 -27.28 30.84
CA ALA C 873 -9.43 -27.88 32.16
C ALA C 873 -9.56 -26.83 33.25
N GLY C 874 -8.96 -25.66 33.05
CA GLY C 874 -9.06 -24.61 34.04
C GLY C 874 -10.49 -24.17 34.27
N THR C 875 -11.26 -23.97 33.20
CA THR C 875 -12.64 -23.50 33.38
C THR C 875 -13.54 -24.62 33.91
N ILE C 876 -13.27 -25.87 33.56
CA ILE C 876 -14.08 -26.97 34.06
C ILE C 876 -13.83 -27.21 35.54
N THR C 877 -12.58 -27.10 35.98
CA THR C 877 -12.25 -27.46 37.36
C THR C 877 -12.29 -26.28 38.33
N SER C 878 -12.13 -25.04 37.86
CA SER C 878 -12.02 -23.91 38.77
C SER C 878 -12.92 -22.73 38.39
N GLY C 879 -13.79 -22.89 37.40
CA GLY C 879 -14.66 -21.79 37.02
C GLY C 879 -13.88 -20.63 36.43
N TRP C 880 -14.18 -19.43 36.92
CA TRP C 880 -13.51 -18.21 36.46
C TRP C 880 -12.35 -17.81 37.36
N THR C 881 -12.03 -18.59 38.38
CA THR C 881 -11.01 -18.18 39.34
C THR C 881 -9.61 -18.23 38.75
N PHE C 882 -9.33 -19.17 37.86
CA PHE C 882 -7.98 -19.31 37.33
C PHE C 882 -7.58 -18.15 36.44
N GLY C 883 -8.55 -17.38 35.92
CA GLY C 883 -8.22 -16.23 35.11
C GLY C 883 -7.87 -14.99 35.89
N ALA C 884 -8.23 -14.94 37.17
CA ALA C 884 -7.97 -13.78 38.03
C ALA C 884 -6.88 -14.03 39.05
N GLY C 885 -6.31 -15.23 39.09
CA GLY C 885 -5.31 -15.58 40.07
C GLY C 885 -5.14 -17.07 40.19
N PRO C 886 -4.92 -17.56 41.42
CA PRO C 886 -4.79 -19.01 41.62
C PRO C 886 -6.08 -19.73 41.26
N ALA C 887 -5.93 -20.90 40.65
CA ALA C 887 -7.07 -21.72 40.32
C ALA C 887 -7.65 -22.34 41.58
N LEU C 888 -8.92 -22.05 41.87
CA LEU C 888 -9.61 -22.52 43.05
C LEU C 888 -10.65 -23.55 42.63
N GLN C 889 -10.42 -24.81 42.98
CA GLN C 889 -11.34 -25.86 42.58
C GLN C 889 -12.72 -25.62 43.18
N ILE C 890 -13.74 -25.98 42.42
CA ILE C 890 -15.13 -25.87 42.84
C ILE C 890 -15.90 -26.94 42.08
N PRO C 891 -16.83 -27.65 42.72
CA PRO C 891 -17.62 -28.65 41.97
C PRO C 891 -18.40 -27.99 40.85
N PHE C 892 -18.46 -28.68 39.71
CA PHE C 892 -19.06 -28.09 38.52
C PHE C 892 -20.53 -27.70 38.70
N PRO C 893 -21.40 -28.50 39.33
CA PRO C 893 -22.75 -28.00 39.62
C PRO C 893 -22.78 -26.74 40.45
N MET C 894 -21.85 -26.57 41.39
CA MET C 894 -21.81 -25.34 42.17
C MET C 894 -21.34 -24.15 41.32
N GLN C 895 -20.39 -24.38 40.41
CA GLN C 895 -20.00 -23.33 39.48
C GLN C 895 -21.16 -22.94 38.58
N MET C 896 -21.95 -23.93 38.13
CA MET C 896 -23.11 -23.63 37.33
C MET C 896 -24.17 -22.87 38.13
N ALA C 897 -24.28 -23.16 39.42
CA ALA C 897 -25.16 -22.37 40.28
C ALA C 897 -24.68 -20.92 40.38
N TYR C 898 -23.37 -20.73 40.49
CA TYR C 898 -22.80 -19.39 40.45
C TYR C 898 -23.18 -18.67 39.16
N ARG C 899 -23.04 -19.36 38.02
CA ARG C 899 -23.32 -18.74 36.73
C ARG C 899 -24.80 -18.46 36.55
N PHE C 900 -25.68 -19.30 37.11
CA PHE C 900 -27.11 -18.99 37.14
C PHE C 900 -27.37 -17.74 37.97
N ASN C 901 -26.71 -17.62 39.12
CA ASN C 901 -26.80 -16.39 39.90
C ASN C 901 -26.35 -15.18 39.07
N GLY C 902 -25.36 -15.38 38.20
CA GLY C 902 -24.87 -14.29 37.39
C GLY C 902 -25.92 -13.70 36.46
N ILE C 903 -26.86 -14.50 36.00
CA ILE C 903 -27.87 -14.06 35.06
C ILE C 903 -29.20 -13.76 35.76
N GLY C 904 -29.19 -13.59 37.08
CA GLY C 904 -30.39 -13.25 37.79
C GLY C 904 -31.35 -14.39 38.03
N VAL C 905 -30.88 -15.63 38.02
CA VAL C 905 -31.69 -16.81 38.33
C VAL C 905 -31.14 -17.41 39.62
N THR C 906 -32.04 -17.74 40.55
CA THR C 906 -31.62 -18.25 41.85
C THR C 906 -30.95 -19.61 41.72
N GLN C 907 -30.11 -19.93 42.71
CA GLN C 907 -29.30 -21.14 42.64
C GLN C 907 -30.15 -22.39 42.62
N ASN C 908 -31.22 -22.43 43.40
CA ASN C 908 -32.03 -23.64 43.52
C ASN C 908 -32.56 -24.08 42.17
N VAL C 909 -32.86 -23.12 41.29
CA VAL C 909 -33.38 -23.45 39.97
C VAL C 909 -32.44 -24.40 39.25
N LEU C 910 -31.14 -24.20 39.39
CA LEU C 910 -30.19 -25.12 38.80
C LEU C 910 -30.15 -26.44 39.56
N TYR C 911 -30.12 -26.38 40.89
CA TYR C 911 -30.00 -27.61 41.67
C TYR C 911 -31.24 -28.47 41.52
N GLU C 912 -32.42 -27.85 41.48
CA GLU C 912 -33.66 -28.60 41.32
C GLU C 912 -33.87 -29.10 39.89
N ASN C 913 -33.11 -28.61 38.93
CA ASN C 913 -33.20 -29.05 37.54
C ASN C 913 -31.86 -29.52 37.00
N GLN C 914 -31.03 -30.11 37.86
CA GLN C 914 -29.65 -30.41 37.46
C GLN C 914 -29.60 -31.44 36.34
N LYS C 915 -30.39 -32.52 36.47
CA LYS C 915 -30.38 -33.55 35.43
C LYS C 915 -30.91 -33.01 34.11
N LEU C 916 -31.98 -32.23 34.15
CA LEU C 916 -32.52 -31.65 32.93
C LEU C 916 -31.52 -30.72 32.26
N ILE C 917 -30.85 -29.88 33.05
CA ILE C 917 -29.86 -28.95 32.51
C ILE C 917 -28.70 -29.72 31.90
N ALA C 918 -28.21 -30.74 32.59
CA ALA C 918 -27.10 -31.53 32.07
C ALA C 918 -27.47 -32.23 30.78
N ASN C 919 -28.69 -32.79 30.71
CA ASN C 919 -29.14 -33.44 29.49
C ASN C 919 -29.27 -32.44 28.34
N GLN C 920 -29.80 -31.26 28.63
CA GLN C 920 -29.91 -30.23 27.59
C GLN C 920 -28.53 -29.83 27.07
N PHE C 921 -27.57 -29.64 27.98
CA PHE C 921 -26.22 -29.31 27.56
C PHE C 921 -25.60 -30.42 26.71
N ASN C 922 -25.78 -31.67 27.14
CA ASN C 922 -25.21 -32.79 26.39
C ASN C 922 -25.82 -32.89 25.00
N SER C 923 -27.14 -32.74 24.90
CA SER C 923 -27.78 -32.81 23.59
C SER C 923 -27.39 -31.64 22.70
N ALA C 924 -27.22 -30.44 23.28
CA ALA C 924 -26.78 -29.30 22.50
C ALA C 924 -25.36 -29.49 21.97
N ILE C 925 -24.47 -30.04 22.80
CA ILE C 925 -23.11 -30.32 22.33
C ILE C 925 -23.12 -31.38 21.24
N GLY C 926 -23.96 -32.41 21.41
CA GLY C 926 -24.08 -33.41 20.37
C GLY C 926 -24.61 -32.83 19.06
N LYS C 927 -25.57 -31.91 19.16
CA LYS C 927 -26.09 -31.25 17.96
C LYS C 927 -25.02 -30.39 17.30
N ILE C 928 -24.18 -29.73 18.10
CA ILE C 928 -23.05 -28.98 17.54
C ILE C 928 -22.14 -29.91 16.76
N GLN C 929 -21.82 -31.05 17.35
CA GLN C 929 -21.01 -32.06 16.67
C GLN C 929 -21.64 -32.46 15.34
N ASP C 930 -22.92 -32.83 15.37
CA ASP C 930 -23.59 -33.34 14.17
C ASP C 930 -23.68 -32.26 13.09
N SER C 931 -24.04 -31.03 13.46
CA SER C 931 -24.19 -29.97 12.49
C SER C 931 -22.86 -29.44 11.98
N LEU C 932 -21.77 -29.67 12.70
CA LEU C 932 -20.46 -29.38 12.14
C LEU C 932 -20.01 -30.49 11.20
N SER C 933 -20.41 -31.73 11.47
CA SER C 933 -20.07 -32.85 10.60
C SER C 933 -20.98 -32.97 9.39
N SER C 934 -22.00 -32.12 9.28
CA SER C 934 -22.93 -32.13 8.15
C SER C 934 -23.22 -30.72 7.68
N THR C 935 -22.18 -29.89 7.59
CA THR C 935 -22.33 -28.51 7.16
C THR C 935 -21.68 -28.29 5.81
N PRO C 936 -22.32 -27.59 4.88
CA PRO C 936 -21.68 -27.30 3.59
C PRO C 936 -20.45 -26.42 3.77
N SER C 937 -20.62 -25.27 4.41
CA SER C 937 -19.48 -24.42 4.75
C SER C 937 -19.84 -23.67 6.04
N ALA C 938 -19.46 -24.26 7.18
CA ALA C 938 -19.57 -23.56 8.45
C ALA C 938 -18.28 -22.84 8.79
N LEU C 939 -17.15 -23.35 8.30
CA LEU C 939 -15.84 -22.75 8.50
C LEU C 939 -15.47 -21.78 7.37
N GLY C 940 -16.47 -21.12 6.79
CA GLY C 940 -16.25 -20.27 5.63
C GLY C 940 -15.32 -19.10 5.87
N LYS C 941 -15.22 -18.61 7.11
CA LYS C 941 -14.34 -17.49 7.40
C LYS C 941 -12.88 -17.91 7.33
N LEU C 942 -12.54 -19.03 7.96
CA LEU C 942 -11.17 -19.52 7.93
C LEU C 942 -10.76 -19.92 6.52
N GLN C 943 -11.65 -20.63 5.82
CA GLN C 943 -11.39 -20.97 4.43
C GLN C 943 -11.27 -19.73 3.57
N ASP C 944 -12.04 -18.68 3.88
CA ASP C 944 -11.91 -17.42 3.15
C ASP C 944 -10.52 -16.83 3.33
N VAL C 945 -10.00 -16.87 4.55
CA VAL C 945 -8.64 -16.36 4.79
C VAL C 945 -7.62 -17.16 3.98
N VAL C 946 -7.73 -18.49 4.03
CA VAL C 946 -6.79 -19.34 3.32
C VAL C 946 -6.86 -19.08 1.81
N ASN C 947 -8.09 -18.99 1.28
CA ASN C 947 -8.27 -18.79 -0.15
C ASN C 947 -7.78 -17.41 -0.57
N HIS C 948 -7.99 -16.39 0.25
CA HIS C 948 -7.49 -15.05 -0.07
C HIS C 948 -5.97 -15.07 -0.18
N ASN C 949 -5.30 -15.71 0.77
CA ASN C 949 -3.84 -15.76 0.71
C ASN C 949 -3.35 -16.52 -0.52
N ALA C 950 -3.92 -17.71 -0.75
CA ALA C 950 -3.46 -18.52 -1.88
C ALA C 950 -3.75 -17.85 -3.21
N GLN C 951 -4.89 -17.16 -3.29
CA GLN C 951 -5.29 -16.48 -4.52
C GLN C 951 -4.44 -15.24 -4.77
N ALA C 952 -4.05 -14.53 -3.71
CA ALA C 952 -3.10 -13.43 -3.88
C ALA C 952 -1.76 -13.93 -4.40
N LEU C 953 -1.28 -15.05 -3.85
CA LEU C 953 -0.02 -15.61 -4.36
C LEU C 953 -0.16 -16.06 -5.81
N ASN C 954 -1.30 -16.66 -6.17
CA ASN C 954 -1.51 -17.08 -7.56
C ASN C 954 -1.55 -15.88 -8.50
N THR C 955 -2.18 -14.79 -8.08
CA THR C 955 -2.18 -13.58 -8.89
C THR C 955 -0.76 -13.04 -9.07
N LEU C 956 0.02 -13.05 -7.99
CA LEU C 956 1.42 -12.62 -8.08
C LEU C 956 2.18 -13.47 -9.09
N VAL C 957 1.96 -14.79 -9.08
CA VAL C 957 2.64 -15.67 -10.02
C VAL C 957 2.20 -15.38 -11.45
N LYS C 958 0.89 -15.21 -11.67
CA LYS C 958 0.41 -14.97 -13.03
C LYS C 958 0.84 -13.62 -13.58
N GLN C 959 1.14 -12.65 -12.71
CA GLN C 959 1.61 -11.36 -13.20
C GLN C 959 3.01 -11.43 -13.81
N LEU C 960 3.70 -12.55 -13.65
CA LEU C 960 5.03 -12.70 -14.25
C LEU C 960 4.97 -12.91 -15.76
N SER C 961 3.81 -13.25 -16.30
CA SER C 961 3.67 -13.43 -17.74
C SER C 961 3.29 -12.14 -18.46
N SER C 962 3.15 -11.03 -17.74
CA SER C 962 2.82 -9.76 -18.34
C SER C 962 4.06 -9.09 -18.91
N LYS C 963 3.85 -8.26 -19.93
CA LYS C 963 4.94 -7.59 -20.63
C LYS C 963 5.12 -6.14 -20.24
N PHE C 964 4.07 -5.48 -19.76
CA PHE C 964 4.14 -4.08 -19.32
C PHE C 964 4.65 -3.16 -20.42
N GLY C 965 4.30 -3.44 -21.67
CA GLY C 965 4.76 -2.64 -22.79
C GLY C 965 6.15 -2.96 -23.28
N ALA C 966 6.71 -4.11 -22.90
CA ALA C 966 8.00 -4.53 -23.40
C ALA C 966 7.82 -5.52 -24.55
N ILE C 967 8.94 -5.87 -25.18
CA ILE C 967 8.88 -6.78 -26.32
C ILE C 967 8.53 -8.19 -25.87
N SER C 968 8.91 -8.57 -24.65
CA SER C 968 8.61 -9.89 -24.12
C SER C 968 8.60 -9.83 -22.60
N SER C 969 8.05 -10.88 -22.00
CA SER C 969 8.07 -11.04 -20.55
C SER C 969 9.26 -11.87 -20.07
N VAL C 970 10.18 -12.20 -20.96
CA VAL C 970 11.37 -12.98 -20.63
C VAL C 970 12.57 -12.04 -20.66
N LEU C 971 13.26 -11.93 -19.53
CA LEU C 971 14.43 -11.06 -19.46
C LEU C 971 15.56 -11.55 -20.36
N ASN C 972 15.75 -12.86 -20.43
CA ASN C 972 16.83 -13.41 -21.23
C ASN C 972 16.62 -13.13 -22.71
N ASP C 973 15.37 -13.21 -23.19
CA ASP C 973 15.10 -12.89 -24.58
C ASP C 973 15.41 -11.43 -24.88
N ILE C 974 15.05 -10.53 -23.98
CA ILE C 974 15.35 -9.11 -24.18
C ILE C 974 16.85 -8.88 -24.22
N PHE C 975 17.59 -9.51 -23.31
CA PHE C 975 19.03 -9.33 -23.29
C PHE C 975 19.73 -9.99 -24.48
N SER C 976 19.12 -11.02 -25.06
CA SER C 976 19.72 -11.70 -26.20
C SER C 976 19.30 -11.13 -27.55
N ARG C 977 18.25 -10.31 -27.60
CA ARG C 977 17.76 -9.77 -28.86
C ARG C 977 18.08 -8.30 -29.07
N LEU C 978 18.48 -7.56 -28.03
CA LEU C 978 18.59 -6.11 -28.13
C LEU C 978 19.94 -5.62 -27.63
N ASP C 979 20.39 -4.53 -28.22
CA ASP C 979 21.56 -3.82 -27.72
C ASP C 979 21.23 -3.14 -26.40
N PRO C 980 22.25 -2.86 -25.58
CA PRO C 980 22.01 -2.28 -24.25
C PRO C 980 21.18 -1.00 -24.28
N PRO C 981 21.36 -0.11 -25.26
CA PRO C 981 20.56 1.13 -25.24
C PRO C 981 19.05 0.92 -25.23
N GLU C 982 18.53 -0.05 -25.98
CA GLU C 982 17.10 -0.34 -25.98
C GLU C 982 16.72 -1.42 -24.96
N ALA C 983 17.66 -2.32 -24.69
CA ALA C 983 17.47 -3.29 -23.61
C ALA C 983 17.22 -2.57 -22.29
N GLU C 984 17.85 -1.41 -22.09
CA GLU C 984 17.61 -0.64 -20.87
C GLU C 984 16.15 -0.22 -20.76
N VAL C 985 15.58 0.30 -21.85
CA VAL C 985 14.18 0.71 -21.84
C VAL C 985 13.28 -0.47 -21.55
N GLN C 986 13.49 -1.58 -22.26
CA GLN C 986 12.61 -2.74 -22.09
C GLN C 986 12.70 -3.33 -20.69
N ILE C 987 13.93 -3.51 -20.19
CA ILE C 987 14.13 -4.06 -18.85
C ILE C 987 13.60 -3.11 -17.80
N ASP C 988 13.71 -1.80 -18.02
CA ASP C 988 13.12 -0.85 -17.09
C ASP C 988 11.61 -1.04 -17.01
N ARG C 989 10.95 -1.19 -18.16
CA ARG C 989 9.52 -1.43 -18.14
C ARG C 989 9.18 -2.71 -17.37
N LEU C 990 9.91 -3.79 -17.64
CA LEU C 990 9.61 -5.07 -16.98
C LEU C 990 9.85 -4.97 -15.48
N ILE C 991 10.99 -4.41 -15.07
CA ILE C 991 11.33 -4.31 -13.66
C ILE C 991 10.34 -3.41 -12.93
N THR C 992 9.94 -2.30 -13.55
CA THR C 992 8.96 -1.43 -12.92
C THR C 992 7.62 -2.14 -12.76
N GLY C 993 7.19 -2.88 -13.78
CA GLY C 993 5.95 -3.63 -13.66
C GLY C 993 5.98 -4.66 -12.54
N ARG C 994 7.09 -5.40 -12.44
CA ARG C 994 7.16 -6.44 -11.43
C ARG C 994 7.34 -5.87 -10.02
N LEU C 995 8.07 -4.76 -9.89
CA LEU C 995 8.14 -4.06 -8.61
C LEU C 995 6.77 -3.55 -8.20
N GLN C 996 6.00 -3.02 -9.16
CA GLN C 996 4.65 -2.59 -8.86
C GLN C 996 3.78 -3.76 -8.40
N SER C 997 3.91 -4.91 -9.06
CA SER C 997 3.15 -6.09 -8.64
C SER C 997 3.50 -6.50 -7.22
N LEU C 998 4.80 -6.52 -6.90
CA LEU C 998 5.24 -6.87 -5.54
C LEU C 998 4.72 -5.86 -4.52
N GLN C 999 4.81 -4.57 -4.84
CA GLN C 999 4.36 -3.54 -3.92
C GLN C 999 2.86 -3.63 -3.69
N THR C 1000 2.09 -3.88 -4.75
CA THR C 1000 0.66 -4.06 -4.60
C THR C 1000 0.35 -5.26 -3.71
N TYR C 1001 1.05 -6.38 -3.94
CA TYR C 1001 0.85 -7.55 -3.10
C TYR C 1001 1.13 -7.24 -1.64
N VAL C 1002 2.22 -6.54 -1.37
CA VAL C 1002 2.61 -6.26 0.01
C VAL C 1002 1.62 -5.30 0.66
N THR C 1003 1.14 -4.29 -0.07
CA THR C 1003 0.15 -3.36 0.47
C THR C 1003 -1.14 -4.09 0.83
N GLN C 1004 -1.62 -4.95 -0.07
CA GLN C 1004 -2.84 -5.70 0.23
C GLN C 1004 -2.62 -6.67 1.37
N GLN C 1005 -1.41 -7.24 1.48
CA GLN C 1005 -1.10 -8.09 2.63
C GLN C 1005 -1.14 -7.29 3.92
N LEU C 1006 -0.64 -6.06 3.90
CA LEU C 1006 -0.68 -5.22 5.10
C LEU C 1006 -2.11 -4.91 5.52
N ILE C 1007 -2.96 -4.58 4.54
CA ILE C 1007 -4.37 -4.29 4.86
C ILE C 1007 -5.07 -5.54 5.39
N ARG C 1008 -4.84 -6.68 4.75
CA ARG C 1008 -5.40 -7.94 5.21
C ARG C 1008 -4.90 -8.29 6.60
N ALA C 1009 -3.63 -8.03 6.87
CA ALA C 1009 -3.05 -8.28 8.18
C ALA C 1009 -3.69 -7.40 9.24
N ALA C 1010 -4.00 -6.14 8.90
CA ALA C 1010 -4.70 -5.28 9.84
C ALA C 1010 -6.09 -5.82 10.15
N GLU C 1011 -6.80 -6.31 9.14
CA GLU C 1011 -8.11 -6.91 9.39
C GLU C 1011 -7.99 -8.15 10.27
N ILE C 1012 -7.01 -9.00 9.97
CA ILE C 1012 -6.80 -10.22 10.77
C ILE C 1012 -6.40 -9.86 12.20
N ARG C 1013 -5.62 -8.80 12.37
CA ARG C 1013 -5.23 -8.37 13.71
C ARG C 1013 -6.45 -7.88 14.49
N ALA C 1014 -7.35 -7.15 13.84
CA ALA C 1014 -8.59 -6.78 14.51
C ALA C 1014 -9.38 -8.02 14.92
N SER C 1015 -9.47 -9.01 14.03
CA SER C 1015 -10.17 -10.25 14.36
C SER C 1015 -9.50 -10.97 15.52
N ALA C 1016 -8.17 -11.00 15.56
CA ALA C 1016 -7.45 -11.68 16.62
C ALA C 1016 -7.58 -10.95 17.95
N ASN C 1017 -7.60 -9.62 17.92
CA ASN C 1017 -7.85 -8.84 19.14
C ASN C 1017 -9.25 -9.12 19.67
N LEU C 1018 -10.23 -9.21 18.77
CA LEU C 1018 -11.58 -9.58 19.18
C LEU C 1018 -11.61 -10.98 19.77
N ALA C 1019 -10.88 -11.92 19.16
CA ALA C 1019 -10.83 -13.28 19.67
C ALA C 1019 -10.20 -13.33 21.05
N ALA C 1020 -9.14 -12.55 21.27
CA ALA C 1020 -8.53 -12.48 22.59
C ALA C 1020 -9.48 -11.88 23.61
N THR C 1021 -10.23 -10.85 23.23
CA THR C 1021 -11.22 -10.27 24.12
C THR C 1021 -12.30 -11.29 24.48
N LYS C 1022 -12.77 -12.06 23.50
CA LYS C 1022 -13.74 -13.11 23.79
C LYS C 1022 -13.17 -14.17 24.71
N MET C 1023 -11.91 -14.56 24.48
CA MET C 1023 -11.26 -15.54 25.34
C MET C 1023 -11.22 -15.05 26.79
N SER C 1024 -10.87 -13.78 26.98
CA SER C 1024 -10.83 -13.23 28.33
C SER C 1024 -12.23 -13.13 28.95
N GLU C 1025 -13.18 -12.59 28.21
CA GLU C 1025 -14.48 -12.24 28.78
C GLU C 1025 -15.54 -13.32 28.65
N CYS C 1026 -15.43 -14.22 27.66
CA CYS C 1026 -16.40 -15.30 27.52
C CYS C 1026 -15.91 -16.62 28.10
N VAL C 1027 -14.61 -16.90 28.04
CA VAL C 1027 -14.06 -18.17 28.51
C VAL C 1027 -13.50 -18.04 29.92
N LEU C 1028 -12.73 -16.99 30.19
CA LEU C 1028 -12.14 -16.76 31.49
C LEU C 1028 -13.08 -16.07 32.47
N GLY C 1029 -14.30 -15.76 32.05
CA GLY C 1029 -15.29 -15.17 32.92
C GLY C 1029 -16.66 -15.25 32.29
N GLN C 1030 -17.65 -14.74 33.02
CA GLN C 1030 -19.01 -14.68 32.53
C GLN C 1030 -19.33 -13.23 32.15
N SER C 1031 -19.83 -13.04 30.94
CA SER C 1031 -20.02 -11.71 30.39
C SER C 1031 -21.47 -11.26 30.49
N LYS C 1032 -21.66 -10.02 30.93
CA LYS C 1032 -22.97 -9.38 30.92
C LYS C 1032 -23.22 -8.55 29.66
N ARG C 1033 -22.26 -8.52 28.73
CA ARG C 1033 -22.43 -7.77 27.50
C ARG C 1033 -23.35 -8.52 26.56
N VAL C 1034 -24.43 -7.87 26.13
CA VAL C 1034 -25.44 -8.54 25.33
C VAL C 1034 -24.87 -8.89 23.97
N ASP C 1035 -25.11 -10.13 23.54
CA ASP C 1035 -24.71 -10.67 22.24
C ASP C 1035 -23.19 -10.76 22.06
N PHE C 1036 -22.41 -10.59 23.12
CA PHE C 1036 -20.97 -10.71 22.97
C PHE C 1036 -20.49 -12.14 23.04
N CYS C 1037 -21.19 -12.99 23.81
CA CYS C 1037 -20.80 -14.39 23.95
C CYS C 1037 -21.97 -15.30 23.60
N GLY C 1038 -22.61 -15.04 22.45
CA GLY C 1038 -23.74 -15.83 22.00
C GLY C 1038 -25.06 -15.13 22.23
N LYS C 1039 -26.12 -15.74 21.72
CA LYS C 1039 -27.46 -15.22 21.85
C LYS C 1039 -28.14 -15.81 23.08
N GLY C 1040 -28.65 -14.95 23.94
CA GLY C 1040 -29.19 -15.34 25.22
C GLY C 1040 -28.31 -14.83 26.35
N TYR C 1041 -28.67 -15.24 27.57
CA TYR C 1041 -27.89 -14.85 28.74
C TYR C 1041 -26.69 -15.79 28.86
N HIS C 1042 -25.50 -15.22 28.79
CA HIS C 1042 -24.29 -16.02 28.72
C HIS C 1042 -24.06 -16.78 30.02
N LEU C 1043 -23.89 -18.09 29.90
CA LEU C 1043 -23.46 -18.91 31.03
C LEU C 1043 -21.96 -19.12 31.00
N MET C 1044 -21.43 -19.68 29.90
CA MET C 1044 -20.00 -19.97 29.82
C MET C 1044 -19.64 -20.19 28.36
N SER C 1045 -18.33 -20.28 28.11
CA SER C 1045 -17.86 -20.52 26.75
C SER C 1045 -16.69 -21.49 26.80
N PHE C 1046 -16.52 -22.23 25.70
CA PHE C 1046 -15.46 -23.23 25.58
C PHE C 1046 -14.70 -22.98 24.28
N PRO C 1047 -13.38 -22.79 24.32
CA PRO C 1047 -12.62 -22.63 23.08
C PRO C 1047 -12.22 -23.96 22.47
N GLN C 1048 -12.12 -23.94 21.14
CA GLN C 1048 -11.60 -25.06 20.36
C GLN C 1048 -10.69 -24.49 19.28
N SER C 1049 -9.50 -25.06 19.16
CA SER C 1049 -8.58 -24.61 18.12
C SER C 1049 -9.08 -25.02 16.75
N ALA C 1050 -8.80 -24.19 15.75
CA ALA C 1050 -9.12 -24.49 14.36
C ALA C 1050 -7.98 -23.97 13.51
N PRO C 1051 -7.81 -24.51 12.30
CA PRO C 1051 -6.73 -24.02 11.43
C PRO C 1051 -6.82 -22.52 11.19
N HIS C 1052 -5.83 -21.77 11.68
CA HIS C 1052 -5.74 -20.32 11.57
C HIS C 1052 -6.83 -19.59 12.34
N GLY C 1053 -7.44 -20.23 13.33
CA GLY C 1053 -8.51 -19.55 14.02
C GLY C 1053 -8.96 -20.27 15.26
N VAL C 1054 -10.04 -19.75 15.84
CA VAL C 1054 -10.60 -20.28 17.06
C VAL C 1054 -12.11 -20.39 16.90
N VAL C 1055 -12.69 -21.38 17.56
CA VAL C 1055 -14.13 -21.58 17.59
C VAL C 1055 -14.57 -21.53 19.04
N PHE C 1056 -15.51 -20.65 19.34
CA PHE C 1056 -16.07 -20.54 20.68
C PHE C 1056 -17.42 -21.24 20.69
N LEU C 1057 -17.60 -22.15 21.64
CA LEU C 1057 -18.88 -22.77 21.93
C LEU C 1057 -19.48 -22.00 23.10
N HIS C 1058 -20.47 -21.17 22.81
CA HIS C 1058 -21.14 -20.35 23.81
C HIS C 1058 -22.34 -21.12 24.35
N VAL C 1059 -22.34 -21.37 25.65
CA VAL C 1059 -23.46 -21.94 26.37
C VAL C 1059 -24.22 -20.81 27.04
N THR C 1060 -25.48 -20.63 26.64
CA THR C 1060 -26.34 -19.54 27.09
C THR C 1060 -27.67 -20.11 27.58
N TYR C 1061 -28.39 -19.26 28.31
CA TYR C 1061 -29.67 -19.59 28.92
C TYR C 1061 -30.76 -18.82 28.17
N VAL C 1062 -31.68 -19.54 27.53
CA VAL C 1062 -32.74 -18.92 26.75
C VAL C 1062 -34.06 -19.18 27.48
N PRO C 1063 -34.75 -18.16 27.94
CA PRO C 1063 -36.06 -18.38 28.57
C PRO C 1063 -37.04 -18.99 27.57
N ALA C 1064 -37.96 -19.80 28.08
CA ALA C 1064 -38.90 -20.52 27.23
C ALA C 1064 -40.21 -20.73 27.97
N GLN C 1065 -41.25 -21.00 27.18
CA GLN C 1065 -42.59 -21.31 27.69
C GLN C 1065 -43.09 -20.21 28.63
N GLU C 1066 -43.22 -19.02 28.06
CA GLU C 1066 -43.65 -17.86 28.82
C GLU C 1066 -45.15 -17.90 29.05
N LYS C 1067 -45.58 -17.29 30.15
CA LYS C 1067 -46.98 -17.23 30.54
C LYS C 1067 -47.36 -15.80 30.87
N ASN C 1068 -48.58 -15.42 30.49
CA ASN C 1068 -49.12 -14.12 30.82
C ASN C 1068 -49.53 -14.06 32.30
N PHE C 1069 -49.33 -12.89 32.90
CA PHE C 1069 -49.80 -12.62 34.26
C PHE C 1069 -50.18 -11.16 34.35
N THR C 1070 -51.03 -10.86 35.33
CA THR C 1070 -51.32 -9.48 35.70
C THR C 1070 -50.28 -9.02 36.70
N THR C 1071 -49.79 -7.80 36.53
CA THR C 1071 -48.73 -7.26 37.36
C THR C 1071 -49.13 -5.90 37.89
N ALA C 1072 -48.48 -5.49 38.97
CA ALA C 1072 -48.69 -4.19 39.59
C ALA C 1072 -47.35 -3.61 40.00
N PRO C 1073 -47.22 -2.28 40.01
CA PRO C 1073 -45.95 -1.69 40.45
C PRO C 1073 -45.68 -1.86 41.93
N ALA C 1074 -46.72 -1.77 42.76
CA ALA C 1074 -46.57 -1.86 44.20
C ALA C 1074 -47.83 -2.45 44.79
N ILE C 1075 -47.75 -2.86 46.05
CA ILE C 1075 -48.87 -3.45 46.78
C ILE C 1075 -49.16 -2.58 47.99
N CYS C 1076 -50.42 -2.17 48.14
CA CYS C 1076 -50.82 -1.33 49.26
C CYS C 1076 -51.31 -2.18 50.42
N HIS C 1077 -50.73 -1.97 51.60
CA HIS C 1077 -51.10 -2.74 52.77
C HIS C 1077 -50.90 -1.87 54.01
N ASP C 1078 -51.97 -1.73 54.81
CA ASP C 1078 -51.95 -0.90 56.01
C ASP C 1078 -51.58 0.55 55.70
N GLY C 1079 -51.92 1.02 54.51
CA GLY C 1079 -51.57 2.36 54.10
C GLY C 1079 -50.14 2.54 53.65
N LYS C 1080 -49.36 1.47 53.60
CA LYS C 1080 -47.97 1.54 53.16
C LYS C 1080 -47.80 0.86 51.81
N ALA C 1081 -46.98 1.46 50.96
CA ALA C 1081 -46.68 0.90 49.65
C ALA C 1081 -45.49 -0.03 49.75
N HIS C 1082 -45.64 -1.23 49.20
CA HIS C 1082 -44.60 -2.25 49.21
C HIS C 1082 -44.13 -2.49 47.78
N PHE C 1083 -42.83 -2.50 47.61
CA PHE C 1083 -42.18 -2.82 46.35
C PHE C 1083 -41.37 -4.10 46.50
N PRO C 1084 -41.34 -4.95 45.47
CA PRO C 1084 -40.63 -6.22 45.62
C PRO C 1084 -39.12 -6.00 45.67
N ARG C 1085 -38.47 -6.72 46.59
CA ARG C 1085 -37.03 -6.57 46.76
C ARG C 1085 -36.29 -7.03 45.51
N GLU C 1086 -36.40 -8.31 45.18
CA GLU C 1086 -35.78 -8.89 43.98
C GLU C 1086 -36.86 -9.72 43.28
N GLY C 1087 -37.65 -9.07 42.44
CA GLY C 1087 -38.70 -9.77 41.74
C GLY C 1087 -39.76 -8.80 41.23
N VAL C 1088 -40.88 -9.38 40.83
CA VAL C 1088 -42.00 -8.63 40.28
C VAL C 1088 -43.28 -9.23 40.85
N PHE C 1089 -44.25 -8.38 41.16
CA PHE C 1089 -45.56 -8.82 41.62
C PHE C 1089 -46.35 -9.37 40.43
N VAL C 1090 -46.90 -10.57 40.59
CA VAL C 1090 -47.75 -11.20 39.58
C VAL C 1090 -48.99 -11.73 40.28
N SER C 1091 -50.02 -12.00 39.49
CA SER C 1091 -51.23 -12.60 40.03
C SER C 1091 -51.75 -13.67 39.07
N ASN C 1092 -52.06 -14.84 39.61
CA ASN C 1092 -52.70 -15.89 38.83
C ASN C 1092 -54.09 -15.49 38.34
N GLY C 1093 -54.67 -14.45 38.93
CA GLY C 1093 -56.01 -14.03 38.62
C GLY C 1093 -56.76 -13.69 39.89
N THR C 1094 -56.43 -14.41 40.97
CA THR C 1094 -57.04 -14.20 42.28
C THR C 1094 -56.02 -13.83 43.34
N HIS C 1095 -54.94 -14.60 43.46
CA HIS C 1095 -53.92 -14.39 44.48
C HIS C 1095 -52.71 -13.66 43.90
N TRP C 1096 -52.06 -12.87 44.74
CA TRP C 1096 -50.89 -12.10 44.34
C TRP C 1096 -49.63 -12.71 44.96
N PHE C 1097 -48.62 -12.94 44.13
CA PHE C 1097 -47.33 -13.45 44.55
C PHE C 1097 -46.24 -12.52 44.05
N VAL C 1098 -45.01 -12.78 44.50
CA VAL C 1098 -43.82 -12.13 43.98
C VAL C 1098 -42.93 -13.22 43.41
N THR C 1099 -42.38 -12.97 42.22
CA THR C 1099 -41.60 -13.98 41.53
C THR C 1099 -40.30 -13.37 41.01
N GLN C 1100 -39.29 -14.21 40.87
CA GLN C 1100 -38.07 -13.77 40.19
C GLN C 1100 -38.38 -13.54 38.72
N ARG C 1101 -37.68 -12.58 38.13
CA ARG C 1101 -38.09 -11.99 36.86
C ARG C 1101 -37.75 -12.84 35.65
N ASN C 1102 -36.90 -13.85 35.77
CA ASN C 1102 -36.49 -14.65 34.63
C ASN C 1102 -36.91 -16.11 34.73
N PHE C 1103 -37.67 -16.48 35.76
CA PHE C 1103 -38.13 -17.85 35.91
C PHE C 1103 -39.32 -17.84 36.85
N TYR C 1104 -40.47 -18.32 36.39
CA TYR C 1104 -41.68 -18.22 37.21
C TYR C 1104 -41.56 -19.08 38.47
N GLU C 1105 -41.53 -18.43 39.62
CA GLU C 1105 -41.48 -19.11 40.91
C GLU C 1105 -42.21 -18.25 41.94
N PRO C 1106 -43.54 -18.38 42.01
CA PRO C 1106 -44.33 -17.47 42.85
C PRO C 1106 -44.08 -17.72 44.33
N GLN C 1107 -43.95 -16.64 45.08
CA GLN C 1107 -43.74 -16.68 46.51
C GLN C 1107 -44.81 -15.86 47.21
N ILE C 1108 -45.15 -16.26 48.44
CA ILE C 1108 -46.10 -15.49 49.24
C ILE C 1108 -45.50 -14.13 49.52
N ILE C 1109 -46.31 -13.08 49.33
CA ILE C 1109 -45.85 -11.72 49.53
C ILE C 1109 -45.75 -11.46 51.03
N THR C 1110 -44.54 -11.50 51.56
CA THR C 1110 -44.27 -11.27 52.96
C THR C 1110 -43.46 -9.99 53.12
N THR C 1111 -43.09 -9.70 54.37
CA THR C 1111 -42.23 -8.56 54.66
C THR C 1111 -40.76 -8.86 54.44
N ASP C 1112 -40.42 -10.09 54.08
CA ASP C 1112 -39.03 -10.47 53.81
C ASP C 1112 -38.64 -10.28 52.35
N ASN C 1113 -39.60 -10.33 51.42
CA ASN C 1113 -39.31 -10.16 50.00
C ASN C 1113 -39.85 -8.83 49.45
N THR C 1114 -40.29 -7.93 50.33
CA THR C 1114 -40.73 -6.60 49.92
C THR C 1114 -40.13 -5.57 50.86
N PHE C 1115 -40.09 -4.32 50.39
CA PHE C 1115 -39.71 -3.19 51.23
C PHE C 1115 -40.75 -2.09 51.09
N VAL C 1116 -40.73 -1.17 52.04
CA VAL C 1116 -41.77 -0.14 52.17
C VAL C 1116 -41.18 1.22 51.82
N SER C 1117 -41.93 2.00 51.06
CA SER C 1117 -41.51 3.36 50.70
C SER C 1117 -42.77 4.22 50.59
N GLY C 1118 -43.04 5.00 51.63
CA GLY C 1118 -44.15 5.92 51.60
C GLY C 1118 -45.51 5.24 51.69
N ASN C 1119 -46.54 6.01 51.34
CA ASN C 1119 -47.91 5.54 51.38
C ASN C 1119 -48.39 5.22 49.96
N CYS C 1120 -49.67 4.89 49.86
CA CYS C 1120 -50.25 4.37 48.61
C CYS C 1120 -50.81 5.47 47.71
N ASP C 1121 -50.62 6.75 48.07
CA ASP C 1121 -51.23 7.84 47.31
C ASP C 1121 -50.41 8.28 46.11
N VAL C 1122 -49.19 7.78 45.95
CA VAL C 1122 -48.26 8.27 44.94
C VAL C 1122 -48.14 7.32 43.77
N VAL C 1123 -47.98 6.02 44.05
CA VAL C 1123 -47.69 5.06 42.98
C VAL C 1123 -48.93 4.85 42.11
N ILE C 1124 -48.73 4.99 40.80
CA ILE C 1124 -49.78 4.76 39.82
C ILE C 1124 -49.89 3.26 39.57
N GLY C 1125 -51.10 2.72 39.71
CA GLY C 1125 -51.34 1.30 39.48
C GLY C 1125 -51.18 0.42 40.70
N ILE C 1126 -50.92 0.98 41.87
CA ILE C 1126 -50.79 0.23 43.11
C ILE C 1126 -52.05 -0.58 43.37
N VAL C 1127 -51.89 -1.76 43.98
CA VAL C 1127 -52.97 -2.72 44.13
C VAL C 1127 -53.06 -3.17 45.59
N ASN C 1128 -54.29 -3.28 46.09
CA ASN C 1128 -54.54 -3.69 47.46
C ASN C 1128 -54.34 -5.19 47.63
N ASN C 1129 -53.59 -5.56 48.66
CA ASN C 1129 -53.39 -6.97 49.00
C ASN C 1129 -52.79 -7.01 50.41
N THR C 1130 -52.76 -8.22 50.96
CA THR C 1130 -52.20 -8.45 52.29
C THR C 1130 -50.72 -8.82 52.17
N VAL C 1131 -49.92 -8.28 53.08
CA VAL C 1131 -48.50 -8.59 53.16
C VAL C 1131 -48.30 -9.34 54.48
N TYR C 1132 -48.13 -10.65 54.39
CA TYR C 1132 -48.05 -11.49 55.57
C TYR C 1132 -46.78 -11.19 56.36
N ASP C 1133 -46.90 -11.13 57.68
CA ASP C 1133 -45.75 -10.89 58.54
C ASP C 1133 -45.47 -12.12 59.39
N PRO C 1134 -44.31 -12.75 59.25
CA PRO C 1134 -43.96 -13.93 60.07
C PRO C 1134 -43.60 -13.54 61.51
N ALA D 27 0.98 59.59 -15.40
CA ALA D 27 -0.27 59.32 -14.68
C ALA D 27 -0.49 57.82 -14.51
N TYR D 28 -1.04 57.44 -13.36
CA TYR D 28 -1.26 56.03 -13.05
C TYR D 28 -2.65 55.88 -12.45
N THR D 29 -3.21 54.68 -12.57
CA THR D 29 -4.51 54.38 -12.00
C THR D 29 -4.54 52.92 -11.61
N ASN D 30 -5.57 52.55 -10.86
CA ASN D 30 -5.76 51.17 -10.43
C ASN D 30 -6.48 50.40 -11.53
N SER D 31 -6.01 49.19 -11.83
CA SER D 31 -6.68 48.36 -12.83
C SER D 31 -7.92 47.67 -12.26
N PHE D 32 -8.10 47.67 -10.95
CA PHE D 32 -9.25 47.05 -10.26
C PHE D 32 -9.29 45.58 -10.67
N THR D 33 -10.44 45.05 -11.08
CA THR D 33 -10.56 43.66 -11.52
C THR D 33 -10.93 43.58 -13.00
N ARG D 34 -10.31 44.42 -13.82
CA ARG D 34 -10.57 44.46 -15.25
C ARG D 34 -9.50 43.70 -16.01
N GLY D 35 -9.80 43.39 -17.26
CA GLY D 35 -8.86 42.72 -18.14
C GLY D 35 -9.05 41.23 -18.32
N VAL D 36 -10.13 40.66 -17.78
CA VAL D 36 -10.40 39.24 -17.92
C VAL D 36 -11.08 38.98 -19.26
N TYR D 37 -10.58 38.00 -20.00
CA TYR D 37 -11.17 37.58 -21.26
C TYR D 37 -11.45 36.09 -21.21
N TYR D 38 -12.16 35.60 -22.23
CA TYR D 38 -12.45 34.18 -22.33
C TYR D 38 -11.22 33.44 -22.84
N PRO D 39 -10.65 32.52 -22.06
CA PRO D 39 -9.39 31.87 -22.47
C PRO D 39 -9.54 30.88 -23.61
N ASP D 40 -10.75 30.44 -23.94
CA ASP D 40 -10.95 29.47 -25.00
C ASP D 40 -12.37 29.61 -25.54
N LYS D 41 -12.67 28.81 -26.56
CA LYS D 41 -13.98 28.81 -27.19
C LYS D 41 -14.95 27.83 -26.54
N VAL D 42 -14.57 27.25 -25.41
CA VAL D 42 -15.36 26.20 -24.77
C VAL D 42 -16.49 26.82 -23.97
N PHE D 43 -17.68 26.24 -24.08
CA PHE D 43 -18.84 26.63 -23.28
C PHE D 43 -18.82 25.82 -21.98
N ARG D 44 -18.77 26.52 -20.85
CA ARG D 44 -18.87 25.89 -19.54
C ARG D 44 -20.03 26.53 -18.79
N SER D 45 -20.78 25.71 -18.06
CA SER D 45 -22.06 26.14 -17.51
C SER D 45 -22.06 25.96 -16.00
N SER D 46 -22.11 27.08 -15.27
CA SER D 46 -22.30 27.09 -13.82
C SER D 46 -21.22 26.29 -13.10
N VAL D 47 -19.96 26.57 -13.45
CA VAL D 47 -18.81 25.88 -12.86
C VAL D 47 -17.77 26.92 -12.45
N LEU D 48 -16.71 26.44 -11.81
CA LEU D 48 -15.51 27.22 -11.54
C LEU D 48 -14.34 26.52 -12.21
N HIS D 49 -13.65 27.24 -13.10
CA HIS D 49 -12.58 26.65 -13.90
C HIS D 49 -11.28 27.41 -13.66
N SER D 50 -10.19 26.68 -13.57
CA SER D 50 -8.87 27.23 -13.32
C SER D 50 -8.09 27.28 -14.62
N THR D 51 -7.57 28.46 -14.96
CA THR D 51 -6.88 28.67 -16.22
C THR D 51 -5.55 29.34 -15.99
N GLN D 52 -4.48 28.77 -16.55
CA GLN D 52 -3.19 29.45 -16.64
C GLN D 52 -3.13 30.17 -17.98
N ASP D 53 -2.95 31.47 -17.94
CA ASP D 53 -2.90 32.25 -19.18
C ASP D 53 -2.26 33.60 -18.87
N LEU D 54 -2.11 34.42 -19.90
CA LEU D 54 -1.57 35.76 -19.75
C LEU D 54 -2.72 36.71 -19.42
N PHE D 55 -2.76 37.18 -18.19
CA PHE D 55 -3.83 38.04 -17.70
C PHE D 55 -3.25 39.34 -17.20
N LEU D 56 -4.13 40.34 -17.05
CA LEU D 56 -3.76 41.57 -16.37
C LEU D 56 -3.96 41.34 -14.88
N PRO D 57 -2.90 41.36 -14.06
CA PRO D 57 -3.06 41.07 -12.63
C PRO D 57 -4.03 42.04 -11.98
N PHE D 58 -4.82 41.53 -11.04
CA PHE D 58 -5.80 42.35 -10.36
C PHE D 58 -5.11 43.49 -9.60
N PHE D 59 -5.75 44.65 -9.60
CA PHE D 59 -5.27 45.83 -8.89
C PHE D 59 -3.86 46.22 -9.35
N SER D 60 -3.59 46.07 -10.64
CA SER D 60 -2.31 46.47 -11.19
C SER D 60 -2.26 47.98 -11.38
N ASN D 61 -1.05 48.49 -11.57
CA ASN D 61 -0.81 49.92 -11.78
C ASN D 61 -0.80 50.18 -13.29
N VAL D 62 -1.88 50.76 -13.80
CA VAL D 62 -2.11 50.92 -15.23
C VAL D 62 -1.81 52.36 -15.63
N THR D 63 -1.05 52.53 -16.71
CA THR D 63 -0.68 53.87 -17.16
C THR D 63 -1.88 54.58 -17.78
N TRP D 64 -2.00 55.87 -17.49
CA TRP D 64 -3.15 56.68 -17.88
C TRP D 64 -2.67 57.77 -18.83
N PHE D 65 -3.43 58.03 -19.89
CA PHE D 65 -3.14 59.11 -20.82
C PHE D 65 -4.41 59.92 -21.07
N HIS D 66 -4.23 61.22 -21.33
CA HIS D 66 -5.33 62.10 -21.67
C HIS D 66 -5.22 62.57 -23.12
N VAL D 67 -6.37 62.83 -23.71
CA VAL D 67 -6.43 63.35 -25.07
C VAL D 67 -7.35 64.56 -25.11
N ASN D 79 0.84 60.58 -28.25
CA ASN D 79 0.89 59.17 -28.64
C ASN D 79 2.29 58.59 -28.54
N PRO D 80 2.72 58.27 -27.32
CA PRO D 80 4.03 57.62 -27.16
C PRO D 80 4.01 56.21 -27.71
N VAL D 81 5.20 55.72 -28.06
CA VAL D 81 5.37 54.35 -28.52
C VAL D 81 5.57 53.48 -27.29
N LEU D 82 4.55 52.70 -26.95
CA LEU D 82 4.62 51.81 -25.80
C LEU D 82 5.22 50.46 -26.18
N PRO D 83 5.89 49.80 -25.25
CA PRO D 83 6.40 48.45 -25.52
C PRO D 83 5.28 47.43 -25.55
N PHE D 84 5.60 46.28 -26.14
CA PHE D 84 4.70 45.12 -26.24
C PHE D 84 5.43 43.95 -25.59
N ASN D 85 5.26 43.81 -24.27
CA ASN D 85 6.04 42.82 -23.53
C ASN D 85 5.51 41.40 -23.77
N ASP D 86 4.27 41.14 -23.37
CA ASP D 86 3.69 39.81 -23.48
C ASP D 86 2.24 39.86 -23.93
N GLY D 87 1.78 41.00 -24.40
CA GLY D 87 0.37 41.26 -24.60
C GLY D 87 -0.07 42.50 -23.83
N VAL D 88 -1.14 43.12 -24.32
CA VAL D 88 -1.52 44.45 -23.85
C VAL D 88 -3.02 44.51 -23.59
N TYR D 89 -3.37 45.14 -22.48
CA TYR D 89 -4.74 45.55 -22.20
C TYR D 89 -4.85 47.05 -22.43
N PHE D 90 -5.77 47.45 -23.31
CA PHE D 90 -5.90 48.83 -23.76
C PHE D 90 -7.35 49.24 -23.58
N ALA D 91 -7.60 50.19 -22.68
CA ALA D 91 -8.95 50.65 -22.41
C ALA D 91 -9.07 52.13 -22.77
N SER D 92 -10.29 52.57 -23.04
CA SER D 92 -10.53 53.97 -23.33
C SER D 92 -11.93 54.35 -22.88
N ILE D 93 -12.09 55.61 -22.47
CA ILE D 93 -13.39 56.18 -22.13
C ILE D 93 -13.55 57.47 -22.93
N GLU D 94 -14.35 57.41 -23.99
CA GLU D 94 -14.60 58.55 -24.86
C GLU D 94 -15.98 58.41 -25.46
N LYS D 95 -16.50 59.51 -26.00
CA LYS D 95 -17.83 59.52 -26.62
C LYS D 95 -17.75 60.02 -28.07
N SER D 96 -16.53 60.19 -28.59
CA SER D 96 -16.37 60.79 -29.91
C SER D 96 -15.53 59.98 -30.88
N ASN D 97 -15.20 58.72 -30.56
CA ASN D 97 -14.46 57.84 -31.48
C ASN D 97 -13.12 58.46 -31.88
N ILE D 98 -12.47 59.12 -30.91
CA ILE D 98 -11.19 59.76 -31.20
C ILE D 98 -10.13 58.70 -31.54
N ILE D 99 -10.01 57.68 -30.69
CA ILE D 99 -9.05 56.60 -30.96
C ILE D 99 -9.53 55.81 -32.16
N ARG D 100 -8.60 55.48 -33.06
CA ARG D 100 -8.98 54.86 -34.32
C ARG D 100 -8.24 53.56 -34.61
N GLY D 101 -7.01 53.39 -34.15
CA GLY D 101 -6.30 52.17 -34.45
C GLY D 101 -4.94 52.12 -33.80
N TRP D 102 -4.17 51.11 -34.20
CA TRP D 102 -2.86 50.85 -33.60
C TRP D 102 -1.92 50.33 -34.68
N ILE D 103 -0.63 50.52 -34.44
CA ILE D 103 0.43 50.00 -35.31
C ILE D 103 1.33 49.11 -34.47
N PHE D 104 1.46 47.84 -34.85
CA PHE D 104 2.20 46.84 -34.11
C PHE D 104 3.46 46.47 -34.87
N GLY D 105 4.61 46.61 -34.23
CA GLY D 105 5.87 46.23 -34.85
C GLY D 105 7.03 46.72 -34.01
N THR D 106 8.21 46.19 -34.32
CA THR D 106 9.43 46.57 -33.61
C THR D 106 9.82 48.01 -33.92
N SER D 114 5.73 44.74 -40.12
CA SER D 114 4.90 45.53 -39.22
C SER D 114 3.42 45.31 -39.50
N LEU D 115 2.58 45.61 -38.51
CA LEU D 115 1.14 45.40 -38.60
C LEU D 115 0.43 46.71 -38.31
N LEU D 116 -0.71 46.91 -38.98
CA LEU D 116 -1.47 48.14 -38.86
C LEU D 116 -2.95 47.83 -38.79
N ILE D 117 -3.66 48.47 -37.86
CA ILE D 117 -5.11 48.35 -37.72
C ILE D 117 -5.70 49.75 -37.69
N VAL D 118 -6.70 50.00 -38.54
CA VAL D 118 -7.45 51.24 -38.54
C VAL D 118 -8.92 50.89 -38.47
N ASN D 119 -9.65 51.50 -37.54
CA ASN D 119 -11.09 51.28 -37.43
C ASN D 119 -11.75 52.44 -38.14
N ASN D 120 -12.21 52.18 -39.36
CA ASN D 120 -12.93 53.17 -40.15
C ASN D 120 -14.38 52.72 -40.34
N ALA D 121 -15.26 53.70 -40.58
CA ALA D 121 -16.69 53.39 -40.72
C ALA D 121 -16.94 52.43 -41.88
N THR D 122 -16.14 52.52 -42.94
CA THR D 122 -16.26 51.56 -44.04
C THR D 122 -15.94 50.15 -43.57
N ASN D 123 -14.69 49.91 -43.16
CA ASN D 123 -14.27 48.63 -42.61
C ASN D 123 -13.12 48.87 -41.66
N VAL D 124 -12.91 47.89 -40.77
CA VAL D 124 -11.65 47.81 -40.04
C VAL D 124 -10.63 47.13 -40.93
N VAL D 125 -9.49 47.79 -41.12
CA VAL D 125 -8.49 47.35 -42.10
C VAL D 125 -7.25 46.89 -41.36
N ILE D 126 -6.85 45.65 -41.62
CA ILE D 126 -5.65 45.07 -41.02
C ILE D 126 -4.68 44.74 -42.15
N LYS D 127 -3.46 45.25 -42.04
CA LYS D 127 -2.47 45.12 -43.10
C LYS D 127 -1.12 44.81 -42.50
N VAL D 128 -0.38 43.90 -43.14
CA VAL D 128 0.95 43.53 -42.67
C VAL D 128 1.99 43.83 -43.74
N PHE D 163 0.08 39.68 -46.05
CA PHE D 163 -1.21 39.43 -45.39
C PHE D 163 -2.07 40.69 -45.45
N GLU D 164 -3.39 40.48 -45.54
CA GLU D 164 -4.34 41.57 -45.46
C GLU D 164 -5.67 41.01 -44.97
N TYR D 165 -6.44 41.85 -44.30
CA TYR D 165 -7.73 41.42 -43.75
C TYR D 165 -8.64 42.64 -43.66
N VAL D 166 -9.93 42.41 -43.90
CA VAL D 166 -10.93 43.47 -43.89
C VAL D 166 -12.23 42.88 -43.35
N SER D 167 -12.87 43.60 -42.42
CA SER D 167 -14.14 43.18 -41.85
C SER D 167 -14.80 44.38 -41.20
N GLN D 168 -15.88 44.11 -40.46
CA GLN D 168 -16.67 45.13 -39.77
C GLN D 168 -17.18 46.20 -40.73
N LYS D 182 -20.14 58.93 -21.98
CA LYS D 182 -18.93 58.32 -22.51
C LYS D 182 -19.01 56.80 -22.39
N ASN D 183 -18.37 56.10 -23.33
CA ASN D 183 -18.44 54.66 -23.42
C ASN D 183 -17.05 54.06 -23.27
N LEU D 184 -16.94 53.03 -22.42
CA LEU D 184 -15.67 52.34 -22.20
C LEU D 184 -15.49 51.25 -23.25
N ARG D 185 -14.31 51.23 -23.86
CA ARG D 185 -13.97 50.24 -24.87
C ARG D 185 -12.64 49.62 -24.48
N GLU D 186 -12.63 48.30 -24.28
CA GLU D 186 -11.45 47.59 -23.82
C GLU D 186 -11.04 46.54 -24.84
N PHE D 187 -9.73 46.38 -24.99
CA PHE D 187 -9.14 45.43 -25.93
C PHE D 187 -7.99 44.70 -25.25
N VAL D 188 -7.79 43.46 -25.66
CA VAL D 188 -6.63 42.66 -25.26
C VAL D 188 -5.96 42.16 -26.53
N PHE D 189 -4.67 42.45 -26.67
CA PHE D 189 -3.87 42.07 -27.83
C PHE D 189 -2.82 41.06 -27.39
N LYS D 190 -2.78 39.91 -28.06
CA LYS D 190 -1.80 38.86 -27.76
C LYS D 190 -1.13 38.42 -29.04
N ASN D 191 0.15 38.05 -28.93
CA ASN D 191 0.93 37.50 -30.03
C ASN D 191 1.55 36.19 -29.54
N ILE D 192 0.82 35.08 -29.72
CA ILE D 192 1.22 33.79 -29.20
C ILE D 192 1.21 32.77 -30.33
N ASP D 193 2.24 31.90 -30.33
CA ASP D 193 2.33 30.76 -31.23
C ASP D 193 2.15 31.15 -32.69
N GLY D 194 2.72 32.28 -33.09
CA GLY D 194 2.60 32.73 -34.47
C GLY D 194 1.25 33.30 -34.83
N TYR D 195 0.36 33.51 -33.86
CA TYR D 195 -0.97 34.04 -34.11
C TYR D 195 -1.18 35.33 -33.34
N PHE D 196 -1.91 36.26 -33.95
CA PHE D 196 -2.24 37.54 -33.34
C PHE D 196 -3.72 37.51 -32.98
N LYS D 197 -4.01 37.64 -31.70
CA LYS D 197 -5.37 37.50 -31.17
C LYS D 197 -5.82 38.80 -30.55
N ILE D 198 -7.08 39.15 -30.78
CA ILE D 198 -7.68 40.37 -30.26
C ILE D 198 -9.01 39.99 -29.61
N TYR D 199 -9.14 40.36 -28.33
CA TYR D 199 -10.38 40.28 -27.58
C TYR D 199 -10.85 41.70 -27.27
N SER D 200 -12.15 41.87 -27.07
CA SER D 200 -12.63 43.22 -26.81
C SER D 200 -13.98 43.17 -26.09
N LYS D 201 -14.33 44.31 -25.49
CA LYS D 201 -15.66 44.52 -24.95
C LYS D 201 -15.97 46.02 -24.99
N HIS D 202 -17.27 46.33 -25.02
CA HIS D 202 -17.76 47.70 -24.99
C HIS D 202 -18.84 47.81 -23.94
N THR D 203 -18.69 48.78 -23.03
CA THR D 203 -19.62 48.98 -21.93
C THR D 203 -20.21 50.39 -22.03
N PRO D 204 -21.54 50.53 -21.98
CA PRO D 204 -22.20 51.83 -22.07
C PRO D 204 -22.40 52.48 -20.70
N LEU D 213 -11.11 53.88 -13.75
CA LEU D 213 -11.81 52.78 -14.38
C LEU D 213 -12.97 52.31 -13.49
N PRO D 214 -14.03 51.81 -14.10
CA PRO D 214 -15.20 51.39 -13.32
C PRO D 214 -14.87 50.23 -12.38
N GLN D 215 -15.59 50.19 -11.26
CA GLN D 215 -15.41 49.16 -10.24
C GLN D 215 -16.35 47.98 -10.47
N GLY D 216 -16.18 47.31 -11.60
CA GLY D 216 -17.02 46.18 -11.96
C GLY D 216 -16.22 45.09 -12.66
N PHE D 217 -16.91 43.99 -12.93
CA PHE D 217 -16.34 42.86 -13.67
C PHE D 217 -17.07 42.72 -14.99
N SER D 218 -16.29 42.56 -16.07
CA SER D 218 -16.85 42.35 -17.40
C SER D 218 -15.80 41.66 -18.25
N ALA D 219 -16.13 40.47 -18.75
CA ALA D 219 -15.18 39.69 -19.52
C ALA D 219 -15.16 40.13 -20.98
N LEU D 220 -14.00 40.00 -21.60
CA LEU D 220 -13.82 40.39 -22.99
C LEU D 220 -13.96 39.17 -23.90
N GLU D 221 -14.93 39.22 -24.80
CA GLU D 221 -15.11 38.12 -25.72
C GLU D 221 -14.09 38.22 -26.87
N PRO D 222 -13.67 37.10 -27.43
CA PRO D 222 -12.70 37.15 -28.53
C PRO D 222 -13.27 37.87 -29.74
N LEU D 223 -12.41 38.62 -30.43
CA LEU D 223 -12.81 39.40 -31.59
C LEU D 223 -12.23 38.83 -32.88
N VAL D 224 -10.90 38.72 -32.98
CA VAL D 224 -10.29 38.23 -34.22
C VAL D 224 -9.07 37.40 -33.88
N ASP D 225 -8.77 36.44 -34.74
CA ASP D 225 -7.52 35.69 -34.70
C ASP D 225 -6.92 35.70 -36.11
N LEU D 226 -5.65 36.11 -36.21
CA LEU D 226 -4.99 36.28 -37.49
C LEU D 226 -3.67 35.52 -37.52
N PRO D 227 -3.35 34.86 -38.64
CA PRO D 227 -2.15 34.02 -38.69
C PRO D 227 -0.85 34.78 -38.89
N ILE D 228 -0.89 36.11 -39.03
CA ILE D 228 0.23 37.03 -39.21
C ILE D 228 1.59 36.34 -39.25
N GLY D 229 2.33 36.40 -38.14
CA GLY D 229 3.63 35.76 -38.06
C GLY D 229 4.77 36.69 -37.67
N ILE D 230 4.48 37.97 -37.48
CA ILE D 230 5.50 38.97 -37.20
C ILE D 230 5.88 38.95 -35.72
N ASN D 231 6.97 39.64 -35.38
CA ASN D 231 7.43 39.75 -33.99
C ASN D 231 7.08 41.15 -33.49
N ILE D 232 5.93 41.26 -32.82
CA ILE D 232 5.53 42.53 -32.25
C ILE D 232 6.31 42.80 -30.97
N THR D 233 6.94 43.97 -30.89
CA THR D 233 7.74 44.34 -29.74
C THR D 233 7.28 45.67 -29.16
N ARG D 234 6.74 46.55 -30.01
CA ARG D 234 6.18 47.81 -29.56
C ARG D 234 4.88 48.08 -30.32
N PHE D 235 4.11 49.04 -29.80
CA PHE D 235 2.86 49.43 -30.44
C PHE D 235 2.56 50.88 -30.09
N GLN D 236 1.67 51.48 -30.86
CA GLN D 236 1.27 52.87 -30.65
C GLN D 236 -0.13 53.07 -31.17
N THR D 237 -0.94 53.81 -30.40
CA THR D 237 -2.31 54.10 -30.79
C THR D 237 -2.36 55.14 -31.90
N LEU D 238 -3.41 55.06 -32.72
CA LEU D 238 -3.63 56.00 -33.82
C LEU D 238 -4.98 56.69 -33.61
N LEU D 239 -5.00 58.01 -33.72
CA LEU D 239 -6.24 58.75 -33.59
C LEU D 239 -6.35 59.81 -34.68
N ALA D 261 -8.14 60.11 -23.56
CA ALA D 261 -7.85 59.40 -22.32
C ALA D 261 -7.90 57.88 -22.52
N TYR D 262 -6.73 57.26 -22.59
CA TYR D 262 -6.65 55.81 -22.75
C TYR D 262 -5.66 55.24 -21.74
N TYR D 263 -5.95 54.02 -21.31
CA TYR D 263 -5.21 53.33 -20.26
C TYR D 263 -4.54 52.08 -20.83
N VAL D 264 -3.33 51.83 -20.37
CA VAL D 264 -2.52 50.72 -20.87
C VAL D 264 -2.03 49.88 -19.69
N GLY D 265 -2.21 48.57 -19.78
CA GLY D 265 -1.65 47.64 -18.83
C GLY D 265 -1.06 46.45 -19.56
N TYR D 266 -0.27 45.67 -18.83
CA TYR D 266 0.51 44.60 -19.43
C TYR D 266 0.14 43.25 -18.85
N LEU D 267 0.14 42.23 -19.71
CA LEU D 267 -0.24 40.88 -19.32
C LEU D 267 0.96 40.13 -18.74
N GLN D 268 0.67 39.19 -17.85
CA GLN D 268 1.66 38.36 -17.20
C GLN D 268 1.12 36.95 -17.09
N PRO D 269 1.99 35.94 -17.05
CA PRO D 269 1.53 34.56 -16.85
C PRO D 269 0.98 34.38 -15.44
N ARG D 270 -0.29 34.00 -15.35
CA ARG D 270 -0.96 33.91 -14.07
C ARG D 270 -2.03 32.83 -14.13
N THR D 271 -2.39 32.34 -12.95
CA THR D 271 -3.48 31.39 -12.79
C THR D 271 -4.70 32.13 -12.25
N PHE D 272 -5.82 32.00 -12.96
CA PHE D 272 -7.06 32.65 -12.58
C PHE D 272 -8.13 31.60 -12.37
N LEU D 273 -9.03 31.86 -11.42
CA LEU D 273 -10.18 31.00 -11.17
C LEU D 273 -11.41 31.75 -11.66
N LEU D 274 -11.93 31.35 -12.81
CA LEU D 274 -13.05 32.03 -13.45
C LEU D 274 -14.33 31.26 -13.18
N LYS D 275 -15.40 31.98 -12.85
CA LYS D 275 -16.69 31.39 -12.59
C LYS D 275 -17.60 31.59 -13.79
N TYR D 276 -18.18 30.50 -14.28
CA TYR D 276 -19.15 30.51 -15.36
C TYR D 276 -20.54 30.28 -14.79
N ASN D 277 -21.48 31.15 -15.16
CA ASN D 277 -22.88 30.92 -14.82
C ASN D 277 -23.48 29.88 -15.76
N GLU D 278 -24.78 29.62 -15.57
CA GLU D 278 -25.44 28.61 -16.40
C GLU D 278 -25.52 29.02 -17.87
N ASN D 279 -25.40 30.32 -18.15
CA ASN D 279 -25.44 30.81 -19.52
C ASN D 279 -24.06 30.81 -20.19
N GLY D 280 -23.03 30.30 -19.51
CA GLY D 280 -21.70 30.30 -20.07
C GLY D 280 -20.99 31.64 -19.98
N THR D 281 -21.46 32.55 -19.15
CA THR D 281 -20.89 33.88 -19.03
C THR D 281 -19.96 33.93 -17.81
N ILE D 282 -18.74 34.42 -18.03
CA ILE D 282 -17.78 34.61 -16.94
C ILE D 282 -18.26 35.79 -16.10
N THR D 283 -18.74 35.52 -14.89
CA THR D 283 -19.31 36.56 -14.04
C THR D 283 -18.40 36.98 -12.90
N ASP D 284 -17.30 36.27 -12.66
CA ASP D 284 -16.38 36.62 -11.59
C ASP D 284 -15.07 35.86 -11.79
N ALA D 285 -14.01 36.39 -11.19
CA ALA D 285 -12.70 35.76 -11.30
C ALA D 285 -11.91 36.03 -10.02
N VAL D 286 -10.98 35.13 -9.75
CA VAL D 286 -10.07 35.22 -8.61
C VAL D 286 -8.65 35.15 -9.13
N ASP D 287 -7.83 36.14 -8.78
CA ASP D 287 -6.41 36.17 -9.11
C ASP D 287 -5.67 35.46 -7.99
N CYS D 288 -5.19 34.25 -8.27
CA CYS D 288 -4.71 33.36 -7.21
C CYS D 288 -3.53 33.95 -6.45
N ALA D 289 -2.63 34.64 -7.15
CA ALA D 289 -1.40 35.14 -6.55
C ALA D 289 -1.54 36.52 -5.93
N LEU D 290 -2.75 37.07 -5.87
CA LEU D 290 -2.92 38.45 -5.40
C LEU D 290 -2.65 38.57 -3.91
N ASP D 291 -3.21 37.67 -3.10
CA ASP D 291 -3.13 37.77 -1.66
C ASP D 291 -3.40 36.39 -1.06
N PRO D 292 -3.15 36.21 0.24
CA PRO D 292 -3.38 34.88 0.83
C PRO D 292 -4.79 34.36 0.70
N LEU D 293 -5.80 35.23 0.81
CA LEU D 293 -7.18 34.78 0.71
C LEU D 293 -7.50 34.28 -0.69
N SER D 294 -6.99 34.96 -1.72
CA SER D 294 -7.21 34.51 -3.09
C SER D 294 -6.50 33.18 -3.34
N GLU D 295 -5.30 33.02 -2.78
CA GLU D 295 -4.60 31.75 -2.90
C GLU D 295 -5.36 30.62 -2.22
N THR D 296 -5.97 30.90 -1.06
CA THR D 296 -6.79 29.91 -0.39
C THR D 296 -8.03 29.56 -1.22
N LYS D 297 -8.66 30.57 -1.81
CA LYS D 297 -9.82 30.32 -2.65
C LYS D 297 -9.46 29.45 -3.85
N CYS D 298 -8.30 29.72 -4.47
CA CYS D 298 -7.87 28.89 -5.60
C CYS D 298 -7.51 27.49 -5.15
N THR D 299 -6.93 27.35 -3.95
CA THR D 299 -6.62 26.03 -3.43
C THR D 299 -7.88 25.20 -3.20
N LEU D 300 -8.91 25.83 -2.65
CA LEU D 300 -10.17 25.14 -2.37
C LEU D 300 -11.10 25.07 -3.57
N LYS D 301 -10.75 25.72 -4.68
CA LYS D 301 -11.58 25.75 -5.89
C LYS D 301 -12.98 26.27 -5.59
N SER D 302 -13.06 27.34 -4.81
CA SER D 302 -14.35 27.95 -4.49
C SER D 302 -14.15 29.43 -4.20
N PHE D 303 -15.24 30.18 -4.31
CA PHE D 303 -15.27 31.59 -3.96
C PHE D 303 -15.63 31.82 -2.50
N THR D 304 -16.04 30.77 -1.79
CA THR D 304 -16.40 30.85 -0.37
C THR D 304 -15.46 29.97 0.42
N VAL D 305 -14.91 30.52 1.51
CA VAL D 305 -13.98 29.80 2.37
C VAL D 305 -14.60 29.67 3.75
N GLU D 306 -14.69 28.44 4.24
CA GLU D 306 -15.13 28.21 5.61
C GLU D 306 -14.00 28.56 6.59
N LYS D 307 -14.38 28.80 7.83
CA LYS D 307 -13.41 29.10 8.87
C LYS D 307 -12.45 27.93 9.05
N GLY D 308 -11.17 28.23 9.17
CA GLY D 308 -10.17 27.21 9.40
C GLY D 308 -8.79 27.70 9.02
N ILE D 309 -7.86 26.76 9.01
CA ILE D 309 -6.48 26.99 8.61
C ILE D 309 -6.18 26.06 7.45
N TYR D 310 -5.60 26.62 6.38
CA TYR D 310 -5.46 25.90 5.12
C TYR D 310 -4.01 25.95 4.67
N GLN D 311 -3.43 24.78 4.40
CA GLN D 311 -2.12 24.72 3.76
C GLN D 311 -2.27 25.13 2.30
N THR D 312 -1.60 26.21 1.93
CA THR D 312 -1.84 26.84 0.64
C THR D 312 -0.70 26.71 -0.34
N SER D 313 0.54 26.91 0.10
CA SER D 313 1.69 26.88 -0.79
C SER D 313 2.95 26.75 0.08
N ASN D 314 4.10 26.89 -0.55
CA ASN D 314 5.37 26.91 0.15
C ASN D 314 6.11 28.20 -0.18
N PHE D 315 6.66 28.82 0.85
CA PHE D 315 7.54 29.96 0.65
C PHE D 315 8.98 29.49 0.50
N ARG D 316 9.72 30.18 -0.35
CA ARG D 316 11.10 29.84 -0.66
C ARG D 316 11.88 31.12 -0.90
N VAL D 317 12.96 31.31 -0.14
CA VAL D 317 13.81 32.48 -0.34
C VAL D 317 14.48 32.37 -1.70
N GLN D 318 14.41 33.45 -2.47
CA GLN D 318 14.91 33.38 -3.83
C GLN D 318 16.37 33.84 -3.91
N PRO D 319 17.16 33.24 -4.79
CA PRO D 319 18.56 33.65 -4.93
C PRO D 319 18.68 35.08 -5.47
N THR D 320 19.72 35.76 -5.02
CA THR D 320 19.99 37.13 -5.43
C THR D 320 21.03 37.24 -6.53
N GLU D 321 22.15 36.53 -6.41
CA GLU D 321 23.23 36.60 -7.37
C GLU D 321 23.57 35.22 -7.89
N SER D 322 24.26 35.20 -9.03
CA SER D 322 24.82 33.98 -9.60
C SER D 322 26.33 34.10 -9.55
N ILE D 323 26.99 33.14 -8.90
CA ILE D 323 28.45 33.13 -8.81
C ILE D 323 28.99 31.93 -9.55
N VAL D 324 30.18 32.10 -10.11
CA VAL D 324 30.86 31.05 -10.87
C VAL D 324 32.29 30.96 -10.36
N ARG D 325 32.73 29.76 -9.98
CA ARG D 325 34.08 29.54 -9.48
C ARG D 325 34.73 28.42 -10.29
N PHE D 326 35.57 28.81 -11.23
CA PHE D 326 36.39 27.91 -12.03
C PHE D 326 37.86 28.15 -11.72
N PRO D 327 38.73 27.19 -12.00
CA PRO D 327 40.16 27.39 -11.74
C PRO D 327 40.72 28.54 -12.56
N ASN D 328 41.71 29.22 -11.99
CA ASN D 328 42.25 30.45 -12.58
C ASN D 328 43.09 30.20 -13.83
N ILE D 329 43.38 28.94 -14.17
CA ILE D 329 44.18 28.65 -15.35
C ILE D 329 43.48 29.19 -16.59
N THR D 330 44.20 30.01 -17.36
CA THR D 330 43.66 30.60 -18.59
C THR D 330 44.40 30.12 -19.83
N ASN D 331 45.30 29.15 -19.69
CA ASN D 331 45.99 28.59 -20.83
C ASN D 331 45.08 27.65 -21.60
N LEU D 332 45.23 27.65 -22.92
CA LEU D 332 44.42 26.79 -23.79
C LEU D 332 45.05 25.42 -23.95
N CYS D 333 44.20 24.41 -24.13
CA CYS D 333 44.63 23.03 -24.23
C CYS D 333 45.28 22.75 -25.58
N PRO D 334 46.23 21.79 -25.64
CA PRO D 334 46.94 21.48 -26.88
C PRO D 334 46.14 20.61 -27.85
N PHE D 335 44.90 21.03 -28.13
CA PHE D 335 44.05 20.27 -29.04
C PHE D 335 44.58 20.34 -30.46
N ASP D 336 45.12 21.49 -30.87
CA ASP D 336 45.57 21.67 -32.25
C ASP D 336 46.73 20.74 -32.57
N GLU D 337 47.62 20.50 -31.61
CA GLU D 337 48.71 19.55 -31.83
C GLU D 337 48.17 18.14 -32.10
N VAL D 338 47.11 17.75 -31.41
CA VAL D 338 46.49 16.46 -31.65
C VAL D 338 45.82 16.43 -33.02
N PHE D 339 45.07 17.49 -33.34
CA PHE D 339 44.26 17.48 -34.57
C PHE D 339 45.06 17.85 -35.80
N ASN D 340 46.00 18.79 -35.68
CA ASN D 340 46.74 19.28 -36.84
C ASN D 340 48.12 18.65 -36.96
N ALA D 341 48.34 17.48 -36.38
CA ALA D 341 49.60 16.78 -36.54
C ALA D 341 49.70 16.21 -37.96
N THR D 342 50.88 16.36 -38.57
CA THR D 342 51.05 15.92 -39.96
C THR D 342 50.87 14.42 -40.10
N ARG D 343 51.37 13.63 -39.15
CA ARG D 343 51.24 12.18 -39.20
C ARG D 343 50.54 11.69 -37.94
N PHE D 344 49.75 10.64 -38.11
CA PHE D 344 49.01 10.02 -37.03
C PHE D 344 49.53 8.60 -36.80
N ALA D 345 49.51 8.17 -35.54
CA ALA D 345 49.97 6.83 -35.21
C ALA D 345 49.06 5.77 -35.84
N SER D 346 49.64 4.61 -36.09
CA SER D 346 48.88 3.48 -36.62
C SER D 346 47.90 2.98 -35.58
N VAL D 347 46.81 2.38 -36.06
CA VAL D 347 45.73 1.97 -35.16
C VAL D 347 46.20 0.88 -34.21
N TYR D 348 47.08 -0.01 -34.68
CA TYR D 348 47.59 -1.06 -33.81
C TYR D 348 48.41 -0.48 -32.67
N ALA D 349 49.08 0.64 -32.91
CA ALA D 349 49.88 1.32 -31.89
C ALA D 349 49.35 2.73 -31.68
N TRP D 350 48.04 2.87 -31.56
CA TRP D 350 47.36 4.15 -31.44
C TRP D 350 48.00 5.05 -30.39
N ASN D 351 47.97 6.36 -30.61
CA ASN D 351 48.62 7.27 -29.68
C ASN D 351 47.64 7.75 -28.61
N ARG D 352 48.13 7.89 -27.38
CA ARG D 352 47.33 8.42 -26.29
C ARG D 352 48.06 9.60 -25.67
N LYS D 353 47.35 10.72 -25.54
CA LYS D 353 47.92 11.97 -25.05
C LYS D 353 47.09 12.47 -23.87
N ARG D 354 47.78 12.95 -22.84
CA ARG D 354 47.14 13.50 -21.65
C ARG D 354 46.92 15.00 -21.81
N ILE D 355 45.70 15.44 -21.57
CA ILE D 355 45.35 16.85 -21.53
C ILE D 355 45.22 17.25 -20.07
N SER D 356 45.96 18.28 -19.65
CA SER D 356 46.01 18.63 -18.24
C SER D 356 46.26 20.12 -18.07
N ASN D 357 45.61 20.68 -17.04
CA ASN D 357 45.86 22.04 -16.56
C ASN D 357 45.77 23.06 -17.70
N CYS D 358 44.60 23.11 -18.33
CA CYS D 358 44.39 24.02 -19.44
C CYS D 358 42.90 24.26 -19.63
N VAL D 359 42.59 25.29 -20.42
CA VAL D 359 41.22 25.61 -20.78
C VAL D 359 40.91 24.91 -22.10
N ALA D 360 39.89 24.05 -22.08
CA ALA D 360 39.50 23.29 -23.26
C ALA D 360 38.42 24.07 -24.01
N ASP D 361 38.78 24.61 -25.17
CA ASP D 361 37.85 25.34 -26.02
C ASP D 361 37.46 24.43 -27.17
N TYR D 362 36.26 23.86 -27.10
CA TYR D 362 35.82 22.91 -28.11
C TYR D 362 35.25 23.58 -29.36
N SER D 363 35.10 24.90 -29.35
CA SER D 363 34.62 25.59 -30.55
C SER D 363 35.61 25.49 -31.70
N VAL D 364 36.90 25.30 -31.39
CA VAL D 364 37.92 25.15 -32.42
C VAL D 364 37.65 23.90 -33.26
N LEU D 365 37.03 22.88 -32.68
CA LEU D 365 36.77 21.64 -33.39
C LEU D 365 35.71 21.82 -34.48
N PHE D 374 31.38 13.28 -34.88
CA PHE D 374 31.30 13.84 -33.54
C PHE D 374 30.21 13.16 -32.72
N LYS D 375 30.37 11.86 -32.49
CA LYS D 375 29.40 11.12 -31.68
C LYS D 375 29.86 11.09 -30.24
N CYS D 376 29.04 11.66 -29.35
CA CYS D 376 29.37 11.75 -27.93
C CYS D 376 28.47 10.83 -27.13
N TYR D 377 29.06 10.15 -26.16
CA TYR D 377 28.36 9.20 -25.30
C TYR D 377 28.45 9.69 -23.87
N GLY D 378 27.29 9.81 -23.21
CA GLY D 378 27.23 10.33 -21.87
C GLY D 378 27.27 11.84 -21.76
N VAL D 379 27.34 12.55 -22.89
CA VAL D 379 27.47 14.01 -22.88
C VAL D 379 27.06 14.50 -24.26
N SER D 380 26.67 15.77 -24.33
CA SER D 380 26.32 16.41 -25.59
C SER D 380 27.42 17.37 -26.00
N PRO D 381 27.89 17.33 -27.26
CA PRO D 381 29.00 18.21 -27.66
C PRO D 381 28.68 19.69 -27.48
N THR D 382 27.44 20.11 -27.74
CA THR D 382 27.09 21.52 -27.64
C THR D 382 27.16 22.02 -26.20
N LYS D 383 27.25 21.13 -25.22
CA LYS D 383 27.43 21.50 -23.82
C LYS D 383 28.86 21.27 -23.33
N LEU D 384 29.74 20.73 -24.18
CA LEU D 384 31.08 20.37 -23.75
C LEU D 384 31.89 21.56 -23.23
N ASN D 385 31.55 22.77 -23.67
CA ASN D 385 32.26 23.96 -23.21
C ASN D 385 31.93 24.33 -21.77
N ASP D 386 30.92 23.71 -21.17
CA ASP D 386 30.42 24.13 -19.87
C ASP D 386 30.80 23.19 -18.73
N LEU D 387 31.68 22.21 -18.98
CA LEU D 387 31.97 21.18 -18.00
C LEU D 387 33.46 21.07 -17.72
N CYS D 388 33.77 20.53 -16.55
CA CYS D 388 35.14 20.30 -16.11
C CYS D 388 35.42 18.81 -16.12
N PHE D 389 36.60 18.42 -16.60
CA PHE D 389 36.99 17.03 -16.75
C PHE D 389 38.27 16.77 -15.97
N THR D 390 38.49 15.50 -15.63
CA THR D 390 39.65 15.13 -14.82
C THR D 390 40.64 14.26 -15.60
N ASN D 391 40.23 13.09 -16.06
CA ASN D 391 41.13 12.17 -16.78
C ASN D 391 40.87 12.20 -18.28
N VAL D 392 41.12 13.35 -18.89
CA VAL D 392 40.87 13.50 -20.31
C VAL D 392 42.10 13.04 -21.09
N TYR D 393 41.88 12.13 -22.04
CA TYR D 393 42.91 11.56 -22.88
C TYR D 393 42.43 11.53 -24.32
N ALA D 394 43.31 11.90 -25.23
CA ALA D 394 43.03 11.86 -26.67
C ALA D 394 43.75 10.66 -27.27
N ASP D 395 42.98 9.77 -27.90
CA ASP D 395 43.52 8.59 -28.56
C ASP D 395 43.35 8.77 -30.07
N SER D 396 44.45 8.71 -30.80
CA SER D 396 44.47 9.09 -32.20
C SER D 396 45.01 7.95 -33.05
N PHE D 397 44.37 7.75 -34.21
CA PHE D 397 44.85 6.78 -35.19
C PHE D 397 44.20 7.07 -36.54
N VAL D 398 44.54 6.25 -37.53
CA VAL D 398 43.98 6.33 -38.88
C VAL D 398 43.46 4.95 -39.25
N ILE D 399 42.25 4.92 -39.83
CA ILE D 399 41.55 3.68 -40.15
C ILE D 399 40.99 3.77 -41.56
N ARG D 400 40.46 2.64 -42.04
CA ARG D 400 39.97 2.52 -43.41
C ARG D 400 38.46 2.67 -43.45
N GLY D 401 38.02 3.92 -43.57
CA GLY D 401 36.64 4.19 -43.94
C GLY D 401 35.57 3.61 -43.03
N ASP D 402 34.90 2.56 -43.51
CA ASP D 402 33.72 1.99 -42.88
C ASP D 402 33.95 1.55 -41.43
N GLU D 403 35.18 1.18 -41.09
CA GLU D 403 35.48 0.75 -39.72
C GLU D 403 35.30 1.89 -38.72
N VAL D 404 34.92 3.07 -39.21
CA VAL D 404 34.48 4.15 -38.33
C VAL D 404 33.32 3.67 -37.46
N ARG D 405 32.44 2.85 -38.04
CA ARG D 405 31.33 2.29 -37.27
C ARG D 405 31.80 1.39 -36.14
N GLN D 406 33.04 0.91 -36.19
CA GLN D 406 33.56 0.01 -35.17
C GLN D 406 34.30 0.72 -34.05
N ILE D 407 34.44 2.05 -34.13
CA ILE D 407 34.97 2.84 -33.00
C ILE D 407 33.75 3.25 -32.18
N ALA D 408 33.29 2.34 -31.34
CA ALA D 408 32.10 2.53 -30.52
C ALA D 408 32.05 1.46 -29.44
N PRO D 409 31.37 1.70 -28.32
CA PRO D 409 31.25 0.66 -27.29
C PRO D 409 30.49 -0.55 -27.80
N GLY D 410 30.90 -1.73 -27.34
CA GLY D 410 30.21 -2.96 -27.64
C GLY D 410 30.38 -3.50 -29.04
N GLN D 411 30.84 -2.66 -29.97
CA GLN D 411 30.96 -3.07 -31.36
C GLN D 411 32.04 -4.15 -31.51
N THR D 412 31.87 -4.97 -32.55
CA THR D 412 32.77 -6.09 -32.79
C THR D 412 33.34 -6.00 -34.20
N GLY D 413 34.52 -6.57 -34.37
CA GLY D 413 35.22 -6.54 -35.63
C GLY D 413 36.71 -6.65 -35.41
N ASN D 414 37.45 -6.58 -36.51
CA ASN D 414 38.91 -6.70 -36.43
C ASN D 414 39.51 -5.60 -35.57
N ILE D 415 39.15 -4.35 -35.87
CA ILE D 415 39.68 -3.23 -35.11
C ILE D 415 39.12 -3.21 -33.70
N ALA D 416 37.84 -3.52 -33.53
CA ALA D 416 37.20 -3.49 -32.22
C ALA D 416 37.58 -4.68 -31.34
N ASP D 417 38.27 -5.67 -31.88
CA ASP D 417 38.72 -6.82 -31.10
C ASP D 417 40.22 -6.88 -30.90
N TYR D 418 41.01 -6.52 -31.91
CA TYR D 418 42.45 -6.70 -31.86
C TYR D 418 43.25 -5.41 -31.88
N ASN D 419 42.64 -4.28 -32.24
CA ASN D 419 43.35 -3.02 -32.37
C ASN D 419 42.92 -1.98 -31.34
N TYR D 420 41.62 -1.66 -31.27
CA TYR D 420 41.14 -0.63 -30.36
C TYR D 420 39.76 -1.02 -29.86
N LYS D 421 39.64 -1.30 -28.57
CA LYS D 421 38.36 -1.65 -27.95
C LYS D 421 38.00 -0.58 -26.93
N LEU D 422 36.83 0.02 -27.09
CA LEU D 422 36.34 0.99 -26.14
C LEU D 422 35.59 0.31 -25.00
N PRO D 423 35.49 0.94 -23.84
CA PRO D 423 34.75 0.34 -22.71
C PRO D 423 33.26 0.30 -23.00
N ASP D 424 32.59 -0.65 -22.34
CA ASP D 424 31.13 -0.70 -22.41
C ASP D 424 30.52 0.55 -21.79
N ASP D 425 31.07 0.99 -20.67
CA ASP D 425 30.63 2.23 -20.02
C ASP D 425 31.58 3.38 -20.41
N PHE D 426 31.58 3.69 -21.71
CA PHE D 426 32.44 4.73 -22.24
C PHE D 426 31.69 6.05 -22.32
N THR D 427 32.24 7.08 -21.70
CA THR D 427 31.76 8.45 -21.86
C THR D 427 32.86 9.26 -22.53
N GLY D 428 32.47 10.11 -23.46
CA GLY D 428 33.43 10.85 -24.25
C GLY D 428 32.96 10.92 -25.69
N CYS D 429 33.81 11.47 -26.56
CA CYS D 429 33.40 11.74 -27.92
C CYS D 429 34.38 11.15 -28.93
N VAL D 430 33.81 10.53 -29.97
CA VAL D 430 34.58 10.00 -31.08
C VAL D 430 34.38 10.98 -32.24
N ILE D 431 35.48 11.51 -32.76
CA ILE D 431 35.46 12.46 -33.87
C ILE D 431 36.35 11.89 -34.97
N ALA D 432 35.76 11.64 -36.14
CA ALA D 432 36.50 11.09 -37.27
C ALA D 432 36.21 11.93 -38.50
N TRP D 433 37.26 12.16 -39.28
CA TRP D 433 37.09 12.89 -40.54
C TRP D 433 37.95 12.23 -41.61
N ASN D 434 37.39 12.14 -42.81
CA ASN D 434 38.13 11.59 -43.94
C ASN D 434 39.35 12.47 -44.23
N SER D 435 40.51 11.83 -44.30
CA SER D 435 41.74 12.51 -44.68
C SER D 435 42.19 11.89 -46.00
N ASN D 436 41.61 12.40 -47.09
CA ASN D 436 42.02 11.96 -48.42
C ASN D 436 43.20 12.77 -48.92
N LYS D 437 43.07 14.09 -49.00
CA LYS D 437 44.20 14.93 -49.35
C LYS D 437 45.07 15.22 -48.13
N LEU D 438 45.35 14.20 -47.33
CA LEU D 438 46.33 14.26 -46.26
C LEU D 438 47.21 13.02 -46.31
N ASP D 439 46.60 11.89 -46.67
CA ASP D 439 47.23 10.58 -46.53
C ASP D 439 47.16 9.70 -47.77
N SER D 440 46.30 9.99 -48.74
CA SER D 440 46.17 9.14 -49.91
C SER D 440 47.44 9.18 -50.74
N LYS D 441 47.84 8.01 -51.23
CA LYS D 441 49.08 7.84 -51.98
C LYS D 441 48.79 7.12 -53.30
N VAL D 442 49.41 7.61 -54.38
CA VAL D 442 49.29 6.94 -55.68
C VAL D 442 50.46 5.97 -55.78
N SER D 443 50.31 4.83 -55.09
CA SER D 443 51.25 3.72 -55.03
C SER D 443 50.89 2.83 -53.84
N GLY D 444 50.18 3.40 -52.87
CA GLY D 444 49.79 2.65 -51.68
C GLY D 444 50.60 2.99 -50.46
N ASN D 445 50.01 3.74 -49.53
CA ASN D 445 50.67 4.08 -48.28
C ASN D 445 50.91 2.84 -47.45
N TYR D 446 52.06 2.78 -46.79
CA TYR D 446 52.41 1.69 -45.90
C TYR D 446 52.70 2.15 -44.48
N ASN D 447 52.31 3.37 -44.13
CA ASN D 447 52.60 3.95 -42.83
C ASN D 447 51.55 3.64 -41.78
N TYR D 448 50.47 2.98 -42.15
CA TYR D 448 49.35 2.70 -41.24
C TYR D 448 49.09 1.21 -41.22
N LEU D 449 49.49 0.55 -40.14
CA LEU D 449 49.36 -0.88 -39.97
C LEU D 449 48.25 -1.21 -38.97
N TYR D 450 47.78 -2.45 -39.05
CA TYR D 450 46.70 -2.90 -38.17
C TYR D 450 46.88 -4.39 -37.89
N ARG D 451 46.50 -4.80 -36.67
CA ARG D 451 46.61 -6.21 -36.27
C ARG D 451 45.41 -6.97 -36.82
N LEU D 452 45.66 -7.85 -37.78
CA LEU D 452 44.61 -8.62 -38.45
C LEU D 452 44.40 -10.00 -37.85
N PHE D 453 45.31 -10.47 -37.00
CA PHE D 453 45.17 -11.76 -36.33
C PHE D 453 45.64 -11.62 -34.89
N ARG D 454 44.93 -12.30 -33.98
CA ARG D 454 45.31 -12.29 -32.57
C ARG D 454 44.67 -13.49 -31.89
N LYS D 455 45.25 -13.86 -30.74
CA LYS D 455 44.73 -14.95 -29.92
C LYS D 455 43.32 -14.65 -29.41
N SER D 456 43.20 -13.62 -28.59
CA SER D 456 41.93 -13.25 -27.97
C SER D 456 41.72 -11.75 -28.11
N ASN D 457 40.45 -11.35 -28.06
CA ASN D 457 40.11 -9.94 -28.22
C ASN D 457 40.64 -9.11 -27.06
N LEU D 458 40.99 -7.86 -27.37
CA LEU D 458 41.62 -6.97 -26.41
C LEU D 458 40.66 -6.60 -25.28
N LYS D 459 41.24 -6.25 -24.15
CA LYS D 459 40.50 -5.60 -23.08
C LYS D 459 40.39 -4.11 -23.37
N PRO D 460 39.38 -3.44 -22.79
CA PRO D 460 39.21 -2.01 -23.05
C PRO D 460 40.46 -1.21 -22.75
N PHE D 461 40.82 -0.31 -23.68
CA PHE D 461 41.95 0.60 -23.53
C PHE D 461 43.25 -0.15 -23.28
N GLU D 462 43.41 -1.31 -23.89
CA GLU D 462 44.64 -2.09 -23.80
C GLU D 462 45.34 -2.09 -25.15
N ARG D 463 46.64 -1.81 -25.13
CA ARG D 463 47.45 -1.72 -26.34
C ARG D 463 48.33 -2.95 -26.47
N ASP D 464 48.59 -3.36 -27.71
CA ASP D 464 49.41 -4.53 -28.02
C ASP D 464 50.35 -4.17 -29.16
N ILE D 465 51.62 -3.90 -28.82
CA ILE D 465 52.62 -3.55 -29.81
C ILE D 465 53.61 -4.68 -30.06
N SER D 466 53.25 -5.91 -29.69
CA SER D 466 54.12 -7.07 -29.90
C SER D 466 54.35 -7.32 -31.38
N LEU D 489 50.61 -8.20 -38.51
CA LEU D 489 50.27 -6.82 -38.80
C LEU D 489 50.25 -6.56 -40.30
N ARG D 490 49.09 -6.14 -40.81
CA ARG D 490 48.89 -5.84 -42.23
C ARG D 490 48.86 -4.34 -42.44
N SER D 491 48.81 -3.94 -43.71
CA SER D 491 48.74 -2.54 -44.10
C SER D 491 47.49 -2.28 -44.92
N TYR D 492 47.02 -1.03 -44.85
CA TYR D 492 45.78 -0.66 -45.53
C TYR D 492 45.98 -0.31 -47.00
N SER D 493 47.14 0.24 -47.35
CA SER D 493 47.43 0.69 -48.72
C SER D 493 46.40 1.71 -49.19
N PHE D 494 46.37 2.85 -48.51
CA PHE D 494 45.44 3.90 -48.86
C PHE D 494 45.78 4.51 -50.22
N ARG D 495 44.74 4.76 -51.01
CA ARG D 495 44.87 5.32 -52.35
C ARG D 495 43.75 6.30 -52.58
N PRO D 496 43.96 7.35 -53.39
CA PRO D 496 42.92 8.34 -53.70
C PRO D 496 41.68 7.73 -54.33
N TYR D 505 40.73 7.60 -43.07
CA TYR D 505 40.01 8.40 -42.09
C TYR D 505 40.82 8.58 -40.81
N ARG D 506 40.98 9.83 -40.37
CA ARG D 506 41.67 10.13 -39.13
C ARG D 506 40.65 10.20 -38.00
N VAL D 507 40.90 9.42 -36.94
CA VAL D 507 39.96 9.26 -35.83
C VAL D 507 40.65 9.64 -34.53
N VAL D 508 39.97 10.46 -33.74
CA VAL D 508 40.42 10.86 -32.41
C VAL D 508 39.28 10.63 -31.42
N VAL D 509 39.59 9.94 -30.33
CA VAL D 509 38.64 9.60 -29.28
C VAL D 509 39.06 10.37 -28.03
N LEU D 510 38.20 11.29 -27.59
CA LEU D 510 38.41 12.01 -26.34
C LEU D 510 37.65 11.27 -25.24
N SER D 511 38.37 10.89 -24.19
CA SER D 511 37.77 10.23 -23.03
C SER D 511 38.03 11.07 -21.80
N PHE D 512 37.07 11.11 -20.88
CA PHE D 512 37.23 11.88 -19.66
C PHE D 512 36.26 11.35 -18.62
N GLU D 513 36.49 11.75 -17.38
CA GLU D 513 35.63 11.39 -16.26
C GLU D 513 34.90 12.61 -15.74
N LEU D 514 33.58 12.51 -15.62
CA LEU D 514 32.73 13.60 -15.17
C LEU D 514 32.22 13.38 -13.76
N LEU D 515 32.79 12.42 -13.03
CA LEU D 515 32.30 12.02 -11.71
C LEU D 515 33.16 12.71 -10.66
N HIS D 516 32.62 13.81 -10.11
CA HIS D 516 33.26 14.62 -9.07
C HIS D 516 34.76 14.81 -9.33
N ALA D 517 35.58 14.68 -8.28
CA ALA D 517 37.04 14.70 -8.34
C ALA D 517 37.55 16.11 -8.65
N PRO D 518 38.81 16.41 -8.34
CA PRO D 518 39.35 17.73 -8.69
C PRO D 518 39.33 17.94 -10.19
N ALA D 519 39.13 19.19 -10.59
CA ALA D 519 39.01 19.56 -11.99
C ALA D 519 40.37 19.99 -12.53
N THR D 520 40.91 19.21 -13.46
CA THR D 520 42.17 19.54 -14.12
C THR D 520 41.99 20.26 -15.45
N VAL D 521 40.91 19.98 -16.17
CA VAL D 521 40.61 20.62 -17.44
C VAL D 521 39.20 21.17 -17.36
N CYS D 522 39.04 22.46 -17.67
CA CYS D 522 37.76 23.14 -17.57
C CYS D 522 37.54 24.01 -18.80
N GLY D 523 36.28 24.13 -19.22
CA GLY D 523 35.92 24.98 -20.32
C GLY D 523 35.98 26.44 -19.96
N PRO D 524 35.90 27.32 -20.97
CA PRO D 524 35.94 28.77 -20.71
C PRO D 524 34.57 29.27 -20.25
N LYS D 525 34.47 29.64 -18.98
CA LYS D 525 33.22 30.10 -18.40
C LYS D 525 33.33 31.40 -17.63
N LYS D 526 34.54 31.98 -17.49
CA LYS D 526 34.78 33.15 -16.66
C LYS D 526 34.53 32.82 -15.19
N SER D 527 34.82 33.74 -14.30
CA SER D 527 34.66 33.47 -12.87
C SER D 527 34.35 34.78 -12.14
N THR D 528 33.52 34.67 -11.12
CA THR D 528 33.11 35.84 -10.34
C THR D 528 33.57 35.70 -8.90
N ASN D 529 33.15 36.64 -8.04
CA ASN D 529 33.54 36.61 -6.65
C ASN D 529 32.78 35.52 -5.90
N LEU D 530 33.31 35.17 -4.73
CA LEU D 530 32.71 34.18 -3.85
C LEU D 530 31.83 34.89 -2.83
N VAL D 531 30.51 34.73 -2.97
CA VAL D 531 29.55 35.37 -2.08
C VAL D 531 29.09 34.36 -1.04
N LYS D 532 29.12 34.76 0.22
CA LYS D 532 28.82 33.88 1.34
C LYS D 532 27.67 34.45 2.17
N ASN D 533 27.07 33.59 2.99
CA ASN D 533 25.98 33.91 3.90
C ASN D 533 24.72 34.41 3.19
N LYS D 534 24.64 34.27 1.88
CA LYS D 534 23.49 34.73 1.11
C LYS D 534 23.05 33.64 0.14
N CYS D 535 21.74 33.58 -0.11
CA CYS D 535 21.19 32.61 -1.05
C CYS D 535 21.56 33.01 -2.47
N VAL D 536 22.37 32.18 -3.14
CA VAL D 536 22.87 32.49 -4.47
C VAL D 536 22.79 31.25 -5.34
N ASN D 537 22.83 31.47 -6.65
CA ASN D 537 23.02 30.39 -7.63
C ASN D 537 24.52 30.21 -7.85
N PHE D 538 25.06 29.09 -7.38
CA PHE D 538 26.48 28.84 -7.44
C PHE D 538 26.80 27.79 -8.50
N ASN D 539 28.06 27.81 -8.95
CA ASN D 539 28.55 26.90 -9.98
C ASN D 539 30.04 26.68 -9.69
N PHE D 540 30.35 25.53 -9.09
CA PHE D 540 31.73 25.16 -8.76
C PHE D 540 32.18 24.08 -9.72
N ASN D 541 32.99 24.46 -10.71
CA ASN D 541 33.61 23.52 -11.65
C ASN D 541 32.58 22.68 -12.39
N GLY D 542 31.43 23.26 -12.71
CA GLY D 542 30.35 22.55 -13.36
C GLY D 542 29.28 22.02 -12.43
N LEU D 543 29.55 21.99 -11.12
CA LEU D 543 28.53 21.63 -10.14
C LEU D 543 27.64 22.84 -9.92
N LYS D 544 26.45 22.81 -10.49
CA LYS D 544 25.50 23.90 -10.36
C LYS D 544 24.57 23.65 -9.18
N GLY D 545 24.06 24.74 -8.61
CA GLY D 545 23.10 24.60 -7.53
C GLY D 545 22.66 25.95 -7.03
N THR D 546 21.78 25.93 -6.04
CA THR D 546 21.31 27.13 -5.38
C THR D 546 21.36 26.91 -3.87
N GLY D 547 21.83 27.91 -3.14
CA GLY D 547 21.87 27.81 -1.71
C GLY D 547 22.76 28.87 -1.08
N VAL D 548 22.97 28.71 0.21
CA VAL D 548 23.80 29.60 1.02
C VAL D 548 25.13 28.88 1.27
N LEU D 549 26.22 29.57 0.95
CA LEU D 549 27.57 29.04 1.12
C LEU D 549 28.18 29.64 2.38
N THR D 550 28.63 28.77 3.29
CA THR D 550 29.19 29.23 4.55
C THR D 550 30.56 28.62 4.78
N GLU D 551 31.38 29.30 5.57
CA GLU D 551 32.69 28.77 5.92
C GLU D 551 32.52 27.49 6.72
N SER D 552 33.36 26.50 6.42
CA SER D 552 33.20 25.15 6.93
C SER D 552 34.15 24.88 8.10
N ASN D 553 33.75 23.90 8.91
CA ASN D 553 34.63 23.30 9.91
C ASN D 553 35.04 21.89 9.53
N LYS D 554 34.72 21.45 8.31
CA LYS D 554 35.10 20.13 7.84
C LYS D 554 36.60 20.06 7.63
N LYS D 555 37.11 18.83 7.53
CA LYS D 555 38.53 18.57 7.33
C LYS D 555 38.67 17.67 6.10
N PHE D 556 38.76 18.28 4.92
CA PHE D 556 38.93 17.53 3.70
C PHE D 556 40.38 17.07 3.56
N LEU D 557 40.64 16.29 2.50
CA LEU D 557 41.95 15.79 2.16
C LEU D 557 42.32 16.23 0.74
N PRO D 558 43.62 16.31 0.42
CA PRO D 558 44.01 16.89 -0.87
C PRO D 558 43.37 16.22 -2.08
N PHE D 559 43.10 14.91 -2.02
CA PHE D 559 42.44 14.25 -3.13
C PHE D 559 40.93 14.49 -3.15
N GLN D 560 40.38 15.14 -2.13
CA GLN D 560 38.95 15.35 -2.01
C GLN D 560 38.57 16.75 -2.51
N GLN D 561 37.54 16.82 -3.35
CA GLN D 561 37.02 18.09 -3.84
C GLN D 561 35.59 18.38 -3.38
N PHE D 562 34.80 17.35 -3.11
CA PHE D 562 33.41 17.50 -2.74
C PHE D 562 33.11 16.68 -1.48
N GLY D 563 32.10 17.11 -0.74
CA GLY D 563 31.57 16.36 0.38
C GLY D 563 30.11 16.02 0.11
N ARG D 564 29.70 14.81 0.51
CA ARG D 564 28.38 14.31 0.20
C ARG D 564 27.65 13.89 1.48
N ASP D 565 26.33 14.08 1.47
CA ASP D 565 25.48 13.75 2.59
C ASP D 565 24.86 12.35 2.40
N ILE D 566 23.87 12.03 3.23
CA ILE D 566 23.24 10.72 3.18
C ILE D 566 22.62 10.46 1.81
N ALA D 567 21.91 11.45 1.28
CA ALA D 567 21.23 11.30 -0.01
C ALA D 567 22.15 11.39 -1.20
N ASP D 568 23.47 11.28 -1.00
CA ASP D 568 24.45 11.44 -2.08
C ASP D 568 24.36 12.81 -2.72
N THR D 569 24.00 13.82 -1.93
CA THR D 569 23.91 15.20 -2.38
C THR D 569 25.12 15.99 -1.89
N THR D 570 25.70 16.76 -2.80
CA THR D 570 26.88 17.56 -2.48
C THR D 570 26.51 18.63 -1.47
N ASP D 571 27.02 18.51 -0.24
CA ASP D 571 26.75 19.48 0.81
C ASP D 571 27.97 20.26 1.27
N ALA D 572 29.16 19.91 0.81
CA ALA D 572 30.36 20.69 1.12
C ALA D 572 31.26 20.69 -0.10
N VAL D 573 31.87 21.83 -0.39
CA VAL D 573 32.65 22.02 -1.61
C VAL D 573 33.92 22.77 -1.28
N ARG D 574 35.03 22.35 -1.88
CA ARG D 574 36.29 23.07 -1.79
C ARG D 574 36.36 24.11 -2.90
N ASP D 575 36.60 25.36 -2.54
CA ASP D 575 36.65 26.43 -3.52
C ASP D 575 37.82 26.20 -4.46
N PRO D 576 37.61 26.23 -5.78
CA PRO D 576 38.71 25.90 -6.70
C PRO D 576 39.93 26.80 -6.57
N GLN D 577 39.73 28.09 -6.25
CA GLN D 577 40.84 29.02 -6.20
C GLN D 577 41.40 29.17 -4.78
N THR D 578 40.58 29.59 -3.83
CA THR D 578 41.07 29.80 -2.47
C THR D 578 41.34 28.50 -1.73
N LEU D 579 40.85 27.37 -2.25
CA LEU D 579 41.03 26.05 -1.64
C LEU D 579 40.43 25.97 -0.24
N GLU D 580 39.41 26.77 0.02
CA GLU D 580 38.69 26.70 1.28
C GLU D 580 37.46 25.83 1.14
N ILE D 581 36.97 25.33 2.28
CA ILE D 581 35.83 24.42 2.31
C ILE D 581 34.60 25.20 2.74
N LEU D 582 33.49 24.97 2.06
CA LEU D 582 32.25 25.68 2.30
C LEU D 582 31.09 24.70 2.40
N ASP D 583 30.30 24.85 3.46
CA ASP D 583 29.00 24.18 3.55
C ASP D 583 28.00 24.82 2.60
N ILE D 584 27.09 23.99 2.09
CA ILE D 584 26.05 24.40 1.16
C ILE D 584 24.71 24.08 1.81
N THR D 585 24.04 25.08 2.31
CA THR D 585 22.72 24.73 2.77
C THR D 585 21.68 25.23 1.78
N PRO D 586 20.54 24.55 1.63
CA PRO D 586 19.48 25.09 0.77
C PRO D 586 18.91 26.38 1.36
N CYS D 587 18.43 27.24 0.47
CA CYS D 587 17.87 28.51 0.91
C CYS D 587 16.61 28.26 1.75
N SER D 588 16.35 29.17 2.67
CA SER D 588 15.27 29.00 3.63
C SER D 588 13.94 28.81 2.92
N PHE D 589 13.15 27.86 3.41
CA PHE D 589 11.88 27.52 2.79
C PHE D 589 10.98 26.87 3.84
N GLY D 590 9.70 26.79 3.52
CA GLY D 590 8.77 26.15 4.42
C GLY D 590 7.36 26.23 3.88
N GLY D 591 6.44 25.62 4.64
CA GLY D 591 5.05 25.68 4.27
C GLY D 591 4.40 26.98 4.71
N VAL D 592 3.30 27.33 4.03
CA VAL D 592 2.53 28.53 4.34
C VAL D 592 1.09 28.11 4.57
N SER D 593 0.54 28.46 5.73
CA SER D 593 -0.85 28.19 6.06
C SER D 593 -1.59 29.51 6.20
N VAL D 594 -2.84 29.53 5.76
CA VAL D 594 -3.68 30.72 5.86
C VAL D 594 -4.79 30.45 6.86
N ILE D 595 -4.93 31.34 7.83
CA ILE D 595 -5.96 31.26 8.85
C ILE D 595 -7.06 32.25 8.49
N THR D 596 -8.27 31.74 8.30
CA THR D 596 -9.41 32.53 7.88
C THR D 596 -10.58 32.32 8.84
N PRO D 597 -11.24 33.38 9.30
CA PRO D 597 -12.49 33.21 10.06
C PRO D 597 -13.68 32.85 9.19
N GLY D 598 -13.50 32.72 7.89
CA GLY D 598 -14.59 32.49 6.96
C GLY D 598 -14.92 33.74 6.18
N THR D 599 -15.07 33.60 4.85
CA THR D 599 -15.40 34.75 4.03
C THR D 599 -16.80 35.29 4.34
N ASN D 600 -17.70 34.43 4.84
CA ASN D 600 -19.00 34.90 5.27
C ASN D 600 -18.90 35.85 6.45
N THR D 601 -17.77 35.87 7.14
CA THR D 601 -17.54 36.76 8.26
C THR D 601 -16.62 37.93 7.92
N SER D 602 -15.46 37.65 7.32
CA SER D 602 -14.51 38.70 7.00
C SER D 602 -13.56 38.21 5.90
N ASN D 603 -12.90 39.16 5.25
CA ASN D 603 -11.82 38.88 4.32
C ASN D 603 -10.45 38.96 4.99
N GLN D 604 -10.41 39.25 6.29
CA GLN D 604 -9.16 39.33 7.03
C GLN D 604 -8.58 37.93 7.24
N VAL D 605 -7.27 37.80 7.05
CA VAL D 605 -6.58 36.52 7.19
C VAL D 605 -5.32 36.72 8.02
N ALA D 606 -4.82 35.61 8.55
CA ALA D 606 -3.49 35.54 9.14
C ALA D 606 -2.67 34.50 8.38
N VAL D 607 -1.36 34.61 8.45
CA VAL D 607 -0.46 33.74 7.71
C VAL D 607 0.54 33.12 8.67
N LEU D 608 0.66 31.79 8.63
CA LEU D 608 1.66 31.06 9.41
C LEU D 608 2.71 30.51 8.47
N TYR D 609 3.96 30.94 8.65
CA TYR D 609 5.11 30.37 7.97
C TYR D 609 5.66 29.28 8.86
N GLN D 610 5.54 28.03 8.42
CA GLN D 610 5.75 26.88 9.30
C GLN D 610 7.23 26.54 9.42
N GLY D 611 7.64 26.24 10.65
CA GLY D 611 9.00 25.81 10.93
C GLY D 611 10.06 26.84 10.57
N VAL D 612 9.75 28.11 10.77
CA VAL D 612 10.65 29.20 10.41
C VAL D 612 10.39 30.36 11.36
N ASN D 613 11.46 30.91 11.92
CA ASN D 613 11.34 32.08 12.79
C ASN D 613 11.23 33.35 11.96
N CYS D 614 10.75 34.40 12.60
CA CYS D 614 10.35 35.62 11.90
C CYS D 614 11.52 36.41 11.34
N THR D 615 12.77 36.05 11.69
CA THR D 615 13.92 36.77 11.17
C THR D 615 14.15 36.53 9.69
N GLU D 616 13.74 35.37 9.17
CA GLU D 616 13.99 35.00 7.78
C GLU D 616 12.74 35.00 6.92
N VAL D 617 11.63 35.57 7.39
CA VAL D 617 10.40 35.61 6.61
C VAL D 617 10.51 36.65 5.51
N LEU D 626 10.54 36.26 -2.24
CA LEU D 626 9.72 35.18 -1.68
C LEU D 626 8.83 34.58 -2.75
N THR D 627 8.65 33.26 -2.67
CA THR D 627 7.85 32.56 -3.67
C THR D 627 6.39 33.01 -3.75
N PRO D 628 5.66 33.24 -2.64
CA PRO D 628 4.23 33.59 -2.75
C PRO D 628 3.96 34.92 -3.48
N THR D 629 4.97 35.79 -3.51
CA THR D 629 4.98 37.06 -4.24
C THR D 629 4.04 38.10 -3.62
N TRP D 630 3.20 37.70 -2.67
CA TRP D 630 2.48 38.69 -1.85
C TRP D 630 3.14 38.85 -0.49
N ARG D 631 2.83 39.95 0.19
CA ARG D 631 3.40 40.27 1.49
C ARG D 631 2.29 40.61 2.47
N VAL D 632 2.54 40.38 3.75
CA VAL D 632 1.54 40.63 4.79
C VAL D 632 2.17 41.27 6.02
N ASN D 638 1.81 42.73 15.09
CA ASN D 638 1.08 41.61 14.50
C ASN D 638 2.05 40.55 13.97
N VAL D 639 3.20 40.44 14.63
CA VAL D 639 4.18 39.39 14.34
C VAL D 639 4.41 38.61 15.62
N PHE D 640 4.31 37.29 15.53
CA PHE D 640 4.38 36.43 16.71
C PHE D 640 5.19 35.19 16.36
N GLN D 641 5.90 34.66 17.36
CA GLN D 641 6.71 33.47 17.21
C GLN D 641 6.08 32.33 17.96
N THR D 642 5.93 31.18 17.30
CA THR D 642 5.40 29.97 17.91
C THR D 642 6.29 28.81 17.51
N ARG D 643 6.17 27.71 18.25
CA ARG D 643 6.86 26.49 17.88
C ARG D 643 6.41 25.99 16.51
N ALA D 644 5.23 26.41 16.06
CA ALA D 644 4.76 26.06 14.73
C ALA D 644 5.33 26.97 13.64
N GLY D 645 5.89 28.12 14.01
CA GLY D 645 6.49 29.01 13.03
C GLY D 645 6.13 30.45 13.32
N CYS D 646 6.24 31.29 12.29
CA CYS D 646 6.00 32.72 12.41
C CYS D 646 4.57 33.04 12.00
N LEU D 647 3.82 33.65 12.92
CA LEU D 647 2.43 34.03 12.67
C LEU D 647 2.35 35.53 12.44
N ILE D 648 1.81 35.92 11.30
CA ILE D 648 1.72 37.32 10.90
C ILE D 648 0.25 37.65 10.66
N GLY D 649 -0.23 38.73 11.27
CA GLY D 649 -1.60 39.14 11.13
C GLY D 649 -2.51 38.78 12.29
N ALA D 650 -1.97 38.27 13.38
CA ALA D 650 -2.74 37.94 14.56
C ALA D 650 -2.08 38.56 15.78
N GLU D 651 -2.88 39.14 16.66
CA GLU D 651 -2.38 39.73 17.89
C GLU D 651 -2.48 38.70 19.01
N TYR D 652 -1.35 38.43 19.67
CA TYR D 652 -1.34 37.49 20.77
C TYR D 652 -1.93 38.16 22.01
N VAL D 653 -2.97 37.55 22.56
CA VAL D 653 -3.61 38.04 23.77
C VAL D 653 -3.28 37.12 24.92
N ASN D 654 -3.33 37.66 26.13
CA ASN D 654 -3.01 36.91 27.33
C ASN D 654 -4.19 36.09 27.87
N ASN D 655 -5.41 36.36 27.41
CA ASN D 655 -6.55 35.56 27.82
C ASN D 655 -6.52 34.20 27.15
N SER D 656 -7.19 33.23 27.77
CA SER D 656 -7.28 31.88 27.26
C SER D 656 -8.73 31.52 26.99
N TYR D 657 -8.99 31.02 25.79
CA TYR D 657 -10.32 30.59 25.38
C TYR D 657 -10.24 29.17 24.84
N GLU D 658 -11.41 28.57 24.63
CA GLU D 658 -11.46 27.27 23.96
C GLU D 658 -10.92 27.42 22.53
N CYS D 659 -10.23 26.38 22.06
CA CYS D 659 -9.61 26.44 20.76
C CYS D 659 -10.65 26.59 19.65
N ASP D 660 -10.48 27.61 18.83
CA ASP D 660 -11.33 27.81 17.65
C ASP D 660 -10.66 27.32 16.38
N ILE D 661 -9.49 27.87 16.06
CA ILE D 661 -8.69 27.42 14.93
C ILE D 661 -7.34 26.97 15.47
N PRO D 662 -7.02 25.68 15.42
CA PRO D 662 -5.74 25.21 15.96
C PRO D 662 -4.56 25.69 15.13
N ILE D 663 -3.58 26.28 15.79
CA ILE D 663 -2.31 26.63 15.16
C ILE D 663 -1.24 25.58 15.48
N GLY D 664 -1.05 25.28 16.74
CA GLY D 664 -0.11 24.25 17.14
C GLY D 664 0.59 24.62 18.43
N ALA D 665 1.10 23.59 19.10
CA ALA D 665 1.86 23.74 20.35
C ALA D 665 1.10 24.58 21.37
N GLY D 666 -0.20 24.30 21.50
CA GLY D 666 -1.04 25.01 22.43
C GLY D 666 -1.55 26.35 21.97
N ILE D 667 -1.18 26.79 20.77
CA ILE D 667 -1.60 28.09 20.26
C ILE D 667 -2.78 27.88 19.31
N CYS D 668 -3.84 28.66 19.51
CA CYS D 668 -5.02 28.66 18.66
C CYS D 668 -5.31 30.09 18.22
N ALA D 669 -6.16 30.22 17.21
CA ALA D 669 -6.54 31.52 16.67
C ALA D 669 -8.05 31.64 16.66
N SER D 670 -8.52 32.89 16.69
CA SER D 670 -9.95 33.15 16.68
C SER D 670 -10.19 34.55 16.12
N TYR D 671 -11.43 34.80 15.73
CA TYR D 671 -11.86 36.10 15.26
C TYR D 671 -12.61 36.80 16.39
N GLN D 672 -11.98 37.81 16.98
CA GLN D 672 -12.58 38.52 18.11
C GLN D 672 -13.44 39.69 17.64
N GLN D 684 -13.82 41.58 14.61
CA GLN D 684 -13.17 42.86 14.36
C GLN D 684 -11.67 42.66 14.11
N SER D 685 -11.11 41.61 14.70
CA SER D 685 -9.68 41.35 14.58
C SER D 685 -9.43 39.86 14.81
N ILE D 686 -8.25 39.42 14.39
CA ILE D 686 -7.81 38.03 14.57
C ILE D 686 -6.83 37.98 15.73
N ILE D 687 -7.11 37.14 16.72
CA ILE D 687 -6.30 37.01 17.91
C ILE D 687 -5.71 35.61 17.98
N ALA D 688 -4.49 35.52 18.48
CA ALA D 688 -3.85 34.25 18.78
C ALA D 688 -3.70 34.13 20.29
N TYR D 689 -3.90 32.93 20.82
CA TYR D 689 -3.89 32.76 22.26
C TYR D 689 -3.48 31.33 22.61
N THR D 690 -3.11 31.15 23.87
CA THR D 690 -2.92 29.81 24.40
C THR D 690 -4.27 29.22 24.76
N MET D 691 -4.57 28.05 24.21
CA MET D 691 -5.87 27.44 24.43
C MET D 691 -6.02 27.04 25.90
N SER D 692 -7.25 27.11 26.39
CA SER D 692 -7.57 26.70 27.74
C SER D 692 -8.12 25.28 27.72
N LEU D 693 -7.83 24.54 28.79
CA LEU D 693 -8.29 23.17 28.92
C LEU D 693 -9.64 23.04 29.61
N GLY D 694 -10.16 24.13 30.15
CA GLY D 694 -11.41 24.09 30.89
C GLY D 694 -11.34 24.89 32.18
N ALA D 695 -12.47 25.01 32.87
CA ALA D 695 -12.51 25.78 34.11
C ALA D 695 -11.85 25.00 35.23
N GLU D 696 -10.96 25.66 35.96
CA GLU D 696 -10.36 25.05 37.15
C GLU D 696 -11.45 24.71 38.16
N ASN D 697 -11.26 23.57 38.84
CA ASN D 697 -12.24 23.11 39.81
C ASN D 697 -11.49 22.40 40.92
N SER D 698 -11.94 22.61 42.16
CA SER D 698 -11.36 21.97 43.33
C SER D 698 -12.48 21.23 44.06
N VAL D 699 -12.31 19.93 44.21
CA VAL D 699 -13.27 19.12 44.96
C VAL D 699 -12.97 19.25 46.44
N ALA D 700 -13.99 19.55 47.23
CA ALA D 700 -13.84 19.75 48.67
C ALA D 700 -13.67 18.39 49.34
N TYR D 701 -12.48 17.82 49.20
CA TYR D 701 -12.18 16.53 49.79
C TYR D 701 -11.88 16.66 51.28
N SER D 702 -12.39 15.69 52.05
CA SER D 702 -12.03 15.53 53.45
C SER D 702 -12.32 14.09 53.83
N ASN D 703 -11.77 13.67 54.96
CA ASN D 703 -11.87 12.27 55.34
C ASN D 703 -13.23 11.88 55.91
N ASN D 704 -14.17 12.81 56.06
CA ASN D 704 -15.47 12.43 56.60
C ASN D 704 -16.64 13.15 55.92
N SER D 705 -16.48 13.68 54.72
CA SER D 705 -17.55 14.38 54.03
C SER D 705 -17.87 13.71 52.71
N ILE D 706 -19.17 13.60 52.40
CA ILE D 706 -19.64 12.97 51.16
C ILE D 706 -20.71 13.84 50.55
N ALA D 707 -20.68 13.97 49.23
CA ALA D 707 -21.72 14.68 48.48
C ALA D 707 -22.65 13.67 47.85
N ILE D 708 -23.94 13.79 48.13
CA ILE D 708 -24.94 12.86 47.63
C ILE D 708 -25.98 13.65 46.84
N PRO D 709 -26.30 13.25 45.62
CA PRO D 709 -27.34 13.96 44.86
C PRO D 709 -28.70 13.80 45.52
N THR D 710 -29.49 14.88 45.44
CA THR D 710 -30.86 14.86 45.93
C THR D 710 -31.87 14.88 44.79
N ASN D 711 -31.41 15.02 43.55
CA ASN D 711 -32.30 15.07 42.41
C ASN D 711 -31.57 14.47 41.22
N PHE D 712 -32.24 14.45 40.07
CA PHE D 712 -31.63 13.89 38.88
C PHE D 712 -32.21 14.57 37.66
N THR D 713 -31.52 14.41 36.54
CA THR D 713 -32.00 14.86 35.23
C THR D 713 -31.89 13.70 34.26
N ILE D 714 -32.95 13.47 33.51
CA ILE D 714 -32.94 12.50 32.42
C ILE D 714 -32.35 13.17 31.19
N SER D 715 -31.19 12.72 30.76
CA SER D 715 -30.50 13.31 29.64
C SER D 715 -30.63 12.41 28.41
N VAL D 716 -30.89 13.01 27.26
CA VAL D 716 -30.95 12.28 26.00
C VAL D 716 -29.90 12.90 25.08
N THR D 717 -28.86 12.13 24.77
CA THR D 717 -27.79 12.59 23.91
C THR D 717 -27.78 11.78 22.62
N THR D 718 -27.02 12.27 21.65
CA THR D 718 -26.99 11.73 20.30
C THR D 718 -25.59 11.24 19.97
N GLU D 719 -25.50 10.04 19.40
CA GLU D 719 -24.25 9.51 18.89
C GLU D 719 -24.46 9.05 17.45
N ILE D 720 -23.65 9.57 16.54
CA ILE D 720 -23.80 9.31 15.11
C ILE D 720 -22.63 8.44 14.66
N LEU D 721 -22.94 7.32 14.02
CA LEU D 721 -21.91 6.38 13.59
C LEU D 721 -22.10 6.04 12.12
N PRO D 722 -21.06 6.21 11.29
CA PRO D 722 -21.12 5.67 9.93
C PRO D 722 -21.20 4.15 9.95
N VAL D 723 -21.96 3.60 9.02
CA VAL D 723 -22.13 2.15 8.90
C VAL D 723 -21.64 1.64 7.56
N SER D 724 -21.93 2.36 6.48
CA SER D 724 -21.58 1.90 5.14
C SER D 724 -21.17 3.11 4.30
N MET D 725 -20.41 2.82 3.25
CA MET D 725 -20.00 3.82 2.29
C MET D 725 -20.64 3.53 0.94
N THR D 726 -20.41 4.43 0.00
CA THR D 726 -20.93 4.25 -1.35
C THR D 726 -20.26 3.06 -2.03
N LYS D 727 -21.08 2.18 -2.62
CA LYS D 727 -20.57 1.05 -3.37
C LYS D 727 -20.22 1.49 -4.79
N THR D 728 -18.94 1.39 -5.14
CA THR D 728 -18.43 1.94 -6.39
C THR D 728 -17.98 0.81 -7.30
N SER D 729 -18.22 0.98 -8.60
CA SER D 729 -17.74 0.07 -9.62
C SER D 729 -17.03 0.86 -10.70
N VAL D 730 -15.97 0.28 -11.27
CA VAL D 730 -15.12 0.96 -12.24
C VAL D 730 -15.04 0.10 -13.49
N ASP D 731 -15.24 0.73 -14.65
CA ASP D 731 -15.04 0.08 -15.95
C ASP D 731 -13.58 0.26 -16.34
N CYS D 732 -12.88 -0.85 -16.60
CA CYS D 732 -11.46 -0.82 -16.89
C CYS D 732 -11.15 0.06 -18.10
N THR D 733 -11.60 -0.38 -19.27
CA THR D 733 -11.21 0.26 -20.52
C THR D 733 -11.84 1.64 -20.65
N MET D 734 -13.08 1.79 -20.18
CA MET D 734 -13.75 3.08 -20.31
C MET D 734 -13.01 4.18 -19.55
N TYR D 735 -12.48 3.86 -18.37
CA TYR D 735 -11.66 4.84 -17.67
C TYR D 735 -10.30 4.99 -18.33
N ILE D 736 -9.65 3.88 -18.67
CA ILE D 736 -8.28 3.97 -19.17
C ILE D 736 -8.25 4.44 -20.62
N CYS D 737 -9.08 3.82 -21.48
CA CYS D 737 -9.10 4.15 -22.90
C CYS D 737 -10.28 5.06 -23.26
N GLY D 738 -11.49 4.63 -22.96
CA GLY D 738 -12.66 5.45 -23.24
C GLY D 738 -13.13 5.32 -24.68
N ASP D 739 -13.46 4.11 -25.10
CA ASP D 739 -13.93 3.79 -26.45
C ASP D 739 -12.87 4.01 -27.51
N SER D 740 -11.59 3.92 -27.15
CA SER D 740 -10.49 3.93 -28.10
C SER D 740 -10.00 2.50 -28.26
N THR D 741 -9.93 2.04 -29.51
CA THR D 741 -9.65 0.64 -29.77
C THR D 741 -8.17 0.28 -29.73
N GLU D 742 -7.29 1.17 -30.18
CA GLU D 742 -5.87 0.88 -30.09
C GLU D 742 -5.41 0.80 -28.64
N CYS D 743 -5.90 1.72 -27.80
CA CYS D 743 -5.59 1.65 -26.38
C CYS D 743 -6.15 0.37 -25.76
N SER D 744 -7.37 -0.01 -26.16
CA SER D 744 -7.98 -1.22 -25.61
C SER D 744 -7.17 -2.45 -25.98
N ASN D 745 -6.68 -2.51 -27.21
CA ASN D 745 -5.83 -3.62 -27.62
C ASN D 745 -4.48 -3.59 -26.91
N LEU D 746 -3.95 -2.42 -26.62
CA LEU D 746 -2.70 -2.30 -25.88
C LEU D 746 -2.85 -2.64 -24.41
N LEU D 747 -4.06 -2.53 -23.87
CA LEU D 747 -4.27 -2.69 -22.43
C LEU D 747 -4.20 -4.14 -21.97
N LEU D 748 -4.32 -5.10 -22.89
CA LEU D 748 -4.30 -6.51 -22.52
C LEU D 748 -2.90 -7.02 -22.21
N GLN D 749 -1.88 -6.17 -22.28
CA GLN D 749 -0.52 -6.56 -21.92
C GLN D 749 -0.27 -6.48 -20.42
N TYR D 750 -1.30 -6.16 -19.64
CA TYR D 750 -1.24 -6.21 -18.18
C TYR D 750 -2.20 -7.27 -17.65
N GLY D 751 -3.48 -7.21 -18.05
CA GLY D 751 -4.42 -8.29 -17.83
C GLY D 751 -4.96 -8.43 -16.41
N SER D 752 -4.13 -8.91 -15.50
CA SER D 752 -4.60 -9.18 -14.14
C SER D 752 -4.87 -7.91 -13.34
N PHE D 753 -4.35 -6.76 -13.81
CA PHE D 753 -4.46 -5.52 -13.04
C PHE D 753 -5.91 -5.19 -12.71
N CYS D 754 -6.72 -4.91 -13.73
CA CYS D 754 -8.05 -4.43 -13.41
C CYS D 754 -9.01 -5.55 -13.06
N THR D 755 -8.66 -6.80 -13.38
CA THR D 755 -9.40 -7.93 -12.81
C THR D 755 -9.28 -7.93 -11.29
N GLN D 756 -8.06 -7.76 -10.78
CA GLN D 756 -7.89 -7.69 -9.33
C GLN D 756 -8.47 -6.40 -8.76
N LEU D 757 -8.45 -5.31 -9.53
CA LEU D 757 -9.09 -4.07 -9.09
C LEU D 757 -10.59 -4.25 -8.92
N LYS D 758 -11.24 -4.84 -9.92
CA LYS D 758 -12.67 -5.11 -9.83
C LYS D 758 -12.98 -6.06 -8.70
N ARG D 759 -12.13 -7.06 -8.48
CA ARG D 759 -12.32 -7.97 -7.36
C ARG D 759 -12.28 -7.24 -6.03
N ALA D 760 -11.31 -6.34 -5.85
CA ALA D 760 -11.22 -5.58 -4.61
C ALA D 760 -12.45 -4.70 -4.40
N LEU D 761 -12.89 -4.02 -5.47
CA LEU D 761 -14.06 -3.17 -5.36
C LEU D 761 -15.32 -3.97 -5.03
N THR D 762 -15.46 -5.15 -5.64
CA THR D 762 -16.61 -6.01 -5.34
C THR D 762 -16.58 -6.49 -3.90
N GLY D 763 -15.39 -6.85 -3.40
CA GLY D 763 -15.26 -7.16 -1.99
C GLY D 763 -15.69 -6.03 -1.09
N ILE D 764 -15.30 -4.79 -1.45
CA ILE D 764 -15.72 -3.64 -0.67
C ILE D 764 -17.23 -3.49 -0.67
N ALA D 765 -17.86 -3.66 -1.84
CA ALA D 765 -19.32 -3.48 -1.94
C ALA D 765 -20.06 -4.52 -1.10
N VAL D 766 -19.66 -5.79 -1.21
CA VAL D 766 -20.31 -6.82 -0.41
C VAL D 766 -20.05 -6.58 1.08
N GLU D 767 -18.88 -6.03 1.42
CA GLU D 767 -18.63 -5.67 2.81
C GLU D 767 -19.58 -4.57 3.28
N GLN D 768 -19.91 -3.63 2.39
CA GLN D 768 -20.85 -2.57 2.77
C GLN D 768 -22.22 -3.16 3.09
N ASP D 769 -22.69 -4.07 2.24
CA ASP D 769 -23.97 -4.73 2.51
C ASP D 769 -23.91 -5.54 3.81
N LYS D 770 -22.77 -6.20 4.06
CA LYS D 770 -22.60 -6.93 5.30
C LYS D 770 -22.63 -6.02 6.52
N ASN D 771 -22.00 -4.84 6.41
CA ASN D 771 -22.01 -3.86 7.48
C ASN D 771 -23.43 -3.47 7.84
N THR D 772 -24.22 -3.10 6.81
CA THR D 772 -25.60 -2.72 7.07
C THR D 772 -26.38 -3.87 7.71
N GLN D 773 -26.19 -5.09 7.20
CA GLN D 773 -26.89 -6.25 7.75
C GLN D 773 -26.54 -6.49 9.20
N GLU D 774 -25.24 -6.42 9.54
CA GLU D 774 -24.83 -6.71 10.91
C GLU D 774 -25.26 -5.61 11.87
N VAL D 775 -25.44 -4.39 11.38
CA VAL D 775 -25.92 -3.33 12.27
C VAL D 775 -27.42 -3.44 12.49
N PHE D 776 -28.21 -3.51 11.42
CA PHE D 776 -29.65 -3.30 11.55
C PHE D 776 -30.48 -4.59 11.60
N ALA D 777 -29.91 -5.74 11.25
CA ALA D 777 -30.68 -6.98 11.20
C ALA D 777 -30.40 -7.89 12.39
N GLN D 778 -30.24 -7.31 13.59
CA GLN D 778 -29.97 -8.11 14.77
C GLN D 778 -31.18 -8.97 15.16
N VAL D 779 -32.39 -8.45 15.00
CA VAL D 779 -33.60 -9.17 15.33
C VAL D 779 -34.18 -9.78 14.07
N LYS D 780 -34.75 -10.98 14.19
CA LYS D 780 -35.36 -11.65 13.05
C LYS D 780 -36.87 -11.47 12.98
N GLN D 781 -37.52 -11.19 14.11
CA GLN D 781 -38.93 -10.83 14.09
C GLN D 781 -39.08 -9.34 13.82
N ILE D 782 -40.13 -8.98 13.09
CA ILE D 782 -40.43 -7.58 12.80
C ILE D 782 -41.56 -7.20 13.75
N TYR D 783 -41.19 -6.65 14.90
CA TYR D 783 -42.16 -6.29 15.93
C TYR D 783 -42.91 -5.03 15.52
N LYS D 784 -44.22 -5.05 15.70
CA LYS D 784 -45.07 -3.90 15.42
C LYS D 784 -45.40 -3.17 16.72
N THR D 785 -45.46 -1.85 16.64
CA THR D 785 -45.88 -1.05 17.78
C THR D 785 -47.40 -1.18 17.97
N PRO D 786 -47.87 -1.22 19.22
CA PRO D 786 -49.30 -1.44 19.47
C PRO D 786 -50.13 -0.25 19.03
N PRO D 787 -51.44 -0.44 18.78
CA PRO D 787 -52.28 0.67 18.33
C PRO D 787 -52.35 1.82 19.34
N ILE D 788 -52.71 1.51 20.57
CA ILE D 788 -52.71 2.50 21.63
C ILE D 788 -51.27 2.82 22.01
N LYS D 789 -50.94 4.11 22.06
CA LYS D 789 -49.57 4.56 22.25
C LYS D 789 -49.37 5.20 23.62
N TYR D 790 -49.99 4.64 24.66
CA TYR D 790 -49.77 5.10 26.02
C TYR D 790 -48.70 4.24 26.68
N PHE D 791 -47.69 4.90 27.24
CA PHE D 791 -46.57 4.22 27.89
C PHE D 791 -46.26 4.88 29.22
N GLY D 792 -47.31 5.11 30.01
CA GLY D 792 -47.14 5.73 31.32
C GLY D 792 -46.66 7.16 31.27
N GLY D 793 -47.06 7.92 30.25
CA GLY D 793 -46.69 9.31 30.11
C GLY D 793 -45.51 9.56 29.21
N PHE D 794 -44.80 8.52 28.79
CA PHE D 794 -43.67 8.68 27.89
C PHE D 794 -44.17 8.81 26.46
N ASN D 795 -43.65 9.81 25.75
CA ASN D 795 -44.10 10.17 24.41
C ASN D 795 -42.99 9.82 23.42
N PHE D 796 -43.21 8.78 22.62
CA PHE D 796 -42.24 8.30 21.65
C PHE D 796 -42.59 8.70 20.22
N SER D 797 -43.47 9.69 20.04
CA SER D 797 -43.96 10.02 18.70
C SER D 797 -42.85 10.52 17.79
N GLN D 798 -41.83 11.17 18.34
CA GLN D 798 -40.78 11.74 17.50
C GLN D 798 -39.77 10.71 17.03
N ILE D 799 -39.76 9.52 17.63
CA ILE D 799 -38.89 8.44 17.18
C ILE D 799 -39.66 7.28 16.57
N LEU D 800 -40.96 7.18 16.79
CA LEU D 800 -41.77 6.14 16.19
C LEU D 800 -42.17 6.54 14.77
N PRO D 801 -42.44 5.55 13.90
CA PRO D 801 -42.79 5.88 12.51
C PRO D 801 -44.03 6.75 12.42
N ASP D 802 -43.99 7.68 11.48
CA ASP D 802 -45.11 8.59 11.25
C ASP D 802 -45.92 8.06 10.07
N PRO D 803 -47.13 7.54 10.28
CA PRO D 803 -47.87 6.91 9.18
C PRO D 803 -48.24 7.88 8.06
N SER D 804 -48.51 9.14 8.39
CA SER D 804 -48.96 10.09 7.38
C SER D 804 -47.91 10.30 6.30
N LYS D 805 -46.65 10.40 6.69
CA LYS D 805 -45.58 10.54 5.72
C LYS D 805 -45.48 9.27 4.87
N PRO D 806 -45.35 9.39 3.54
CA PRO D 806 -45.31 8.18 2.70
C PRO D 806 -44.17 7.24 3.02
N SER D 807 -43.02 7.75 3.47
CA SER D 807 -41.85 6.89 3.69
C SER D 807 -41.93 6.09 4.98
N LYS D 808 -42.93 6.33 5.82
CA LYS D 808 -43.08 5.69 7.14
C LYS D 808 -41.90 5.95 8.06
N ARG D 809 -41.16 7.03 7.83
CA ARG D 809 -40.05 7.40 8.68
C ARG D 809 -40.54 8.21 9.87
N SER D 810 -39.77 8.17 10.96
CA SER D 810 -40.09 8.98 12.12
C SER D 810 -39.72 10.44 11.85
N PRO D 811 -40.29 11.37 12.61
CA PRO D 811 -39.91 12.79 12.42
C PRO D 811 -38.42 13.04 12.58
N ILE D 812 -37.76 12.40 13.55
CA ILE D 812 -36.33 12.57 13.71
C ILE D 812 -35.57 11.95 12.54
N GLU D 813 -36.02 10.78 12.08
CA GLU D 813 -35.42 10.18 10.90
C GLU D 813 -35.66 11.03 9.67
N ASP D 814 -36.83 11.67 9.58
CA ASP D 814 -37.08 12.61 8.49
C ASP D 814 -36.09 13.76 8.51
N LEU D 815 -35.86 14.33 9.69
CA LEU D 815 -34.89 15.41 9.81
C LEU D 815 -33.49 14.94 9.44
N LEU D 816 -33.11 13.74 9.89
CA LEU D 816 -31.79 13.21 9.58
C LEU D 816 -31.60 13.01 8.09
N PHE D 817 -32.61 12.47 7.41
CA PHE D 817 -32.50 12.23 5.98
C PHE D 817 -32.59 13.51 5.17
N ASN D 818 -33.18 14.57 5.71
CA ASN D 818 -33.11 15.86 5.06
C ASN D 818 -31.79 16.58 5.35
N LYS D 819 -31.11 16.22 6.44
CA LYS D 819 -29.92 16.94 6.87
C LYS D 819 -28.66 16.53 6.14
N VAL D 820 -28.66 15.40 5.43
CA VAL D 820 -27.47 14.93 4.73
C VAL D 820 -27.64 15.08 3.23
N ASP D 842 -25.97 15.97 -12.29
CA ASP D 842 -25.23 16.03 -13.55
C ASP D 842 -23.80 15.54 -13.35
N LEU D 843 -23.30 15.70 -12.12
CA LEU D 843 -21.98 15.16 -11.79
C LEU D 843 -22.00 13.64 -11.84
N ILE D 844 -23.09 13.02 -11.40
CA ILE D 844 -23.19 11.56 -11.42
C ILE D 844 -23.11 11.04 -12.84
N CYS D 845 -23.84 11.66 -13.77
CA CYS D 845 -23.81 11.22 -15.16
C CYS D 845 -22.44 11.46 -15.78
N ALA D 846 -21.81 12.59 -15.47
CA ALA D 846 -20.47 12.86 -15.99
C ALA D 846 -19.47 11.81 -15.52
N GLN D 847 -19.54 11.44 -14.24
CA GLN D 847 -18.66 10.39 -13.73
C GLN D 847 -18.99 9.04 -14.36
N LYS D 848 -20.28 8.77 -14.58
CA LYS D 848 -20.67 7.52 -15.20
C LYS D 848 -20.13 7.40 -16.61
N PHE D 849 -20.09 8.50 -17.34
CA PHE D 849 -19.54 8.47 -18.71
C PHE D 849 -18.05 8.23 -18.75
N LYS D 850 -17.38 8.14 -17.60
CA LYS D 850 -15.96 7.81 -17.55
C LYS D 850 -15.73 6.46 -16.87
N GLY D 851 -16.79 5.64 -16.77
CA GLY D 851 -16.66 4.30 -16.27
C GLY D 851 -16.85 4.13 -14.78
N LEU D 852 -17.18 5.19 -14.04
CA LEU D 852 -17.33 5.14 -12.60
C LEU D 852 -18.82 5.19 -12.25
N THR D 853 -19.34 4.09 -11.69
CA THR D 853 -20.76 3.99 -11.38
C THR D 853 -20.95 3.64 -9.91
N VAL D 854 -22.16 3.87 -9.42
CA VAL D 854 -22.54 3.61 -8.04
C VAL D 854 -23.61 2.52 -8.03
N LEU D 855 -23.36 1.47 -7.25
CA LEU D 855 -24.30 0.38 -7.07
C LEU D 855 -25.25 0.67 -5.89
N PRO D 856 -26.53 0.35 -6.02
CA PRO D 856 -27.45 0.59 -4.92
C PRO D 856 -27.19 -0.37 -3.78
N PRO D 857 -27.41 0.04 -2.54
CA PRO D 857 -27.31 -0.90 -1.42
C PRO D 857 -28.38 -1.97 -1.50
N LEU D 858 -28.06 -3.14 -0.94
CA LEU D 858 -29.01 -4.25 -0.96
C LEU D 858 -30.27 -3.92 -0.17
N LEU D 859 -30.12 -3.31 1.00
CA LEU D 859 -31.25 -2.92 1.83
C LEU D 859 -31.64 -1.49 1.49
N THR D 860 -32.91 -1.29 1.13
CA THR D 860 -33.38 0.05 0.85
C THR D 860 -33.53 0.84 2.15
N ASP D 861 -33.67 2.17 1.99
CA ASP D 861 -33.90 3.01 3.16
C ASP D 861 -35.19 2.61 3.87
N GLU D 862 -36.21 2.18 3.12
CA GLU D 862 -37.45 1.73 3.73
C GLU D 862 -37.23 0.46 4.55
N MET D 863 -36.44 -0.48 4.05
CA MET D 863 -36.17 -1.70 4.82
C MET D 863 -35.37 -1.41 6.08
N ILE D 864 -34.40 -0.51 6.00
CA ILE D 864 -33.65 -0.12 7.19
C ILE D 864 -34.56 0.57 8.19
N ALA D 865 -35.48 1.40 7.71
CA ALA D 865 -36.47 2.01 8.59
C ALA D 865 -37.37 0.95 9.23
N GLN D 866 -37.73 -0.09 8.49
CA GLN D 866 -38.52 -1.18 9.06
C GLN D 866 -37.75 -1.89 10.17
N TYR D 867 -36.47 -2.15 9.93
CA TYR D 867 -35.65 -2.78 10.97
C TYR D 867 -35.56 -1.89 12.22
N THR D 868 -35.36 -0.59 12.00
CA THR D 868 -35.27 0.33 13.12
C THR D 868 -36.57 0.39 13.91
N SER D 869 -37.70 0.42 13.21
CA SER D 869 -38.99 0.45 13.89
C SER D 869 -39.24 -0.86 14.62
N ALA D 870 -38.82 -1.99 14.06
CA ALA D 870 -38.96 -3.26 14.77
C ALA D 870 -38.15 -3.26 16.06
N LEU D 871 -36.92 -2.74 16.00
CA LEU D 871 -36.09 -2.65 17.21
C LEU D 871 -36.75 -1.73 18.24
N LEU D 872 -37.27 -0.58 17.80
CA LEU D 872 -37.92 0.35 18.71
C LEU D 872 -39.16 -0.27 19.36
N ALA D 873 -39.99 -0.95 18.57
CA ALA D 873 -41.18 -1.59 19.12
C ALA D 873 -40.79 -2.69 20.11
N GLY D 874 -39.77 -3.48 19.76
CA GLY D 874 -39.32 -4.52 20.67
C GLY D 874 -38.85 -3.96 22.00
N THR D 875 -38.04 -2.89 21.96
CA THR D 875 -37.53 -2.34 23.21
C THR D 875 -38.61 -1.62 24.01
N ILE D 876 -39.57 -0.99 23.33
CA ILE D 876 -40.64 -0.30 24.04
C ILE D 876 -41.60 -1.28 24.68
N THR D 877 -41.93 -2.38 24.01
CA THR D 877 -42.94 -3.29 24.52
C THR D 877 -42.38 -4.45 25.35
N SER D 878 -41.09 -4.75 25.25
CA SER D 878 -40.55 -5.91 25.96
C SER D 878 -39.21 -5.63 26.63
N GLY D 879 -38.70 -4.40 26.59
CA GLY D 879 -37.43 -4.10 27.22
C GLY D 879 -36.29 -4.82 26.55
N TRP D 880 -35.47 -5.48 27.37
CA TRP D 880 -34.29 -6.19 26.88
C TRP D 880 -34.55 -7.67 26.63
N THR D 881 -35.79 -8.14 26.80
CA THR D 881 -36.06 -9.57 26.71
C THR D 881 -35.98 -10.08 25.29
N PHE D 882 -36.43 -9.29 24.32
CA PHE D 882 -36.47 -9.75 22.93
C PHE D 882 -35.08 -9.93 22.33
N GLY D 883 -34.04 -9.35 22.94
CA GLY D 883 -32.69 -9.59 22.47
C GLY D 883 -32.11 -10.92 22.91
N ALA D 884 -32.63 -11.47 24.01
CA ALA D 884 -32.11 -12.71 24.58
C ALA D 884 -33.00 -13.91 24.35
N GLY D 885 -34.19 -13.71 23.76
CA GLY D 885 -35.12 -14.79 23.55
C GLY D 885 -36.46 -14.28 23.05
N PRO D 886 -37.54 -14.97 23.41
CA PRO D 886 -38.87 -14.48 23.07
C PRO D 886 -39.15 -13.14 23.73
N ALA D 887 -39.84 -12.27 23.00
CA ALA D 887 -40.19 -10.96 23.54
C ALA D 887 -41.23 -11.12 24.65
N LEU D 888 -40.87 -10.71 25.86
CA LEU D 888 -41.74 -10.79 27.02
C LEU D 888 -42.28 -9.40 27.31
N GLN D 889 -43.59 -9.22 27.13
CA GLN D 889 -44.19 -7.91 27.33
C GLN D 889 -44.09 -7.50 28.80
N ILE D 890 -43.98 -6.20 29.01
CA ILE D 890 -43.89 -5.62 30.35
C ILE D 890 -44.30 -4.16 30.23
N PRO D 891 -45.07 -3.62 31.16
CA PRO D 891 -45.43 -2.19 31.08
C PRO D 891 -44.19 -1.31 31.13
N PHE D 892 -44.22 -0.23 30.35
CA PHE D 892 -43.05 0.63 30.25
C PHE D 892 -42.59 1.21 31.58
N PRO D 893 -43.47 1.69 32.47
CA PRO D 893 -42.97 2.12 33.80
C PRO D 893 -42.28 1.01 34.57
N MET D 894 -42.71 -0.25 34.43
CA MET D 894 -42.03 -1.33 35.10
C MET D 894 -40.66 -1.60 34.49
N GLN D 895 -40.53 -1.52 33.16
CA GLN D 895 -39.23 -1.63 32.53
C GLN D 895 -38.31 -0.50 32.97
N MET D 896 -38.84 0.71 33.09
CA MET D 896 -38.07 1.82 33.62
C MET D 896 -37.62 1.59 35.05
N ALA D 897 -38.49 1.00 35.87
CA ALA D 897 -38.09 0.65 37.23
C ALA D 897 -36.96 -0.37 37.22
N TYR D 898 -37.04 -1.35 36.30
CA TYR D 898 -35.97 -2.32 36.15
C TYR D 898 -34.65 -1.64 35.82
N ARG D 899 -34.68 -0.71 34.87
CA ARG D 899 -33.46 -0.02 34.45
C ARG D 899 -32.93 0.91 35.54
N PHE D 900 -33.82 1.51 36.33
CA PHE D 900 -33.37 2.27 37.50
C PHE D 900 -32.69 1.37 38.52
N ASN D 901 -33.23 0.16 38.72
CA ASN D 901 -32.53 -0.82 39.55
C ASN D 901 -31.16 -1.15 38.97
N GLY D 902 -31.04 -1.13 37.64
CA GLY D 902 -29.76 -1.45 37.02
C GLY D 902 -28.64 -0.51 37.44
N ILE D 903 -28.96 0.77 37.62
CA ILE D 903 -27.94 1.77 37.92
C ILE D 903 -27.86 2.04 39.41
N GLY D 904 -28.39 1.11 40.23
CA GLY D 904 -28.29 1.24 41.66
C GLY D 904 -29.24 2.22 42.31
N VAL D 905 -30.37 2.49 41.69
CA VAL D 905 -31.40 3.37 42.25
C VAL D 905 -32.66 2.53 42.48
N THR D 906 -33.21 2.62 43.68
CA THR D 906 -34.33 1.75 44.03
C THR D 906 -35.55 2.06 43.16
N GLN D 907 -36.43 1.07 43.02
CA GLN D 907 -37.55 1.18 42.10
C GLN D 907 -38.49 2.31 42.47
N ASN D 908 -38.76 2.47 43.78
CA ASN D 908 -39.73 3.46 44.22
C ASN D 908 -39.38 4.86 43.74
N VAL D 909 -38.08 5.16 43.61
CA VAL D 909 -37.65 6.48 43.16
C VAL D 909 -38.28 6.82 41.82
N LEU D 910 -38.37 5.84 40.92
CA LEU D 910 -38.99 6.12 39.64
C LEU D 910 -40.51 6.12 39.74
N TYR D 911 -41.07 5.24 40.59
CA TYR D 911 -42.53 5.20 40.70
C TYR D 911 -43.06 6.47 41.38
N GLU D 912 -42.33 6.99 42.35
CA GLU D 912 -42.74 8.21 43.03
C GLU D 912 -42.51 9.44 42.17
N ASN D 913 -41.64 9.37 41.17
CA ASN D 913 -41.34 10.50 40.30
C ASN D 913 -41.68 10.18 38.85
N GLN D 914 -42.72 9.39 38.62
CA GLN D 914 -43.01 8.90 37.27
C GLN D 914 -43.33 10.06 36.32
N LYS D 915 -44.21 10.97 36.76
CA LYS D 915 -44.62 12.07 35.88
C LYS D 915 -43.45 13.00 35.57
N LEU D 916 -42.64 13.33 36.59
CA LEU D 916 -41.49 14.19 36.36
C LEU D 916 -40.47 13.55 35.44
N ILE D 917 -40.22 12.25 35.61
CA ILE D 917 -39.29 11.54 34.74
C ILE D 917 -39.79 11.52 33.31
N ALA D 918 -41.09 11.24 33.12
CA ALA D 918 -41.67 11.23 31.79
C ALA D 918 -41.58 12.61 31.14
N ASN D 919 -41.84 13.67 31.92
CA ASN D 919 -41.76 15.02 31.37
C ASN D 919 -40.33 15.38 30.99
N GLN D 920 -39.35 15.01 31.83
CA GLN D 920 -37.95 15.26 31.49
C GLN D 920 -37.55 14.53 30.22
N PHE D 921 -37.96 13.26 30.08
CA PHE D 921 -37.63 12.51 28.88
C PHE D 921 -38.28 13.15 27.65
N ASN D 922 -39.54 13.56 27.75
CA ASN D 922 -40.22 14.17 26.63
C ASN D 922 -39.56 15.48 26.23
N SER D 923 -39.18 16.29 27.22
CA SER D 923 -38.51 17.56 26.93
C SER D 923 -37.16 17.33 26.26
N ALA D 924 -36.39 16.35 26.74
CA ALA D 924 -35.10 16.06 26.13
C ALA D 924 -35.26 15.55 24.70
N ILE D 925 -36.24 14.68 24.47
CA ILE D 925 -36.50 14.18 23.12
C ILE D 925 -36.89 15.31 22.19
N GLY D 926 -37.74 16.23 22.68
CA GLY D 926 -38.12 17.39 21.88
C GLY D 926 -36.96 18.31 21.59
N LYS D 927 -36.04 18.46 22.54
CA LYS D 927 -34.85 19.27 22.30
C LYS D 927 -33.87 18.61 21.35
N ILE D 928 -33.95 17.28 21.19
CA ILE D 928 -33.09 16.59 20.22
C ILE D 928 -33.33 17.15 18.82
N GLN D 929 -34.59 17.34 18.46
CA GLN D 929 -34.91 17.86 17.13
C GLN D 929 -34.30 19.22 16.90
N ASP D 930 -34.44 20.12 17.88
CA ASP D 930 -33.85 21.46 17.74
C ASP D 930 -32.33 21.39 17.70
N SER D 931 -31.73 20.54 18.53
CA SER D 931 -30.27 20.43 18.56
C SER D 931 -29.73 19.94 17.22
N LEU D 932 -30.42 18.99 16.60
CA LEU D 932 -29.97 18.51 15.29
C LEU D 932 -30.23 19.53 14.20
N SER D 933 -31.42 20.13 14.20
CA SER D 933 -31.83 21.00 13.09
C SER D 933 -31.04 22.31 13.09
N SER D 934 -30.88 22.92 14.27
CA SER D 934 -30.18 24.19 14.36
C SER D 934 -28.70 24.04 14.01
N THR D 935 -28.05 23.05 14.60
CA THR D 935 -26.63 22.84 14.35
C THR D 935 -26.42 22.25 12.96
N PRO D 936 -25.66 22.91 12.09
CA PRO D 936 -25.40 22.35 10.76
C PRO D 936 -24.26 21.34 10.76
N SER D 937 -23.43 21.39 11.79
CA SER D 937 -22.28 20.50 11.93
C SER D 937 -22.60 19.25 12.73
N ALA D 938 -23.88 19.02 13.06
CA ALA D 938 -24.24 17.90 13.91
C ALA D 938 -23.90 16.56 13.27
N LEU D 939 -24.20 16.41 11.98
CA LEU D 939 -24.03 15.15 11.27
C LEU D 939 -22.75 15.14 10.44
N GLY D 940 -21.66 15.71 10.99
CA GLY D 940 -20.44 15.86 10.24
C GLY D 940 -19.79 14.55 9.85
N LYS D 941 -20.03 13.48 10.61
CA LYS D 941 -19.37 12.20 10.33
C LYS D 941 -19.90 11.56 9.04
N LEU D 942 -21.22 11.48 8.90
CA LEU D 942 -21.81 10.92 7.69
C LEU D 942 -21.49 11.78 6.47
N GLN D 943 -21.59 13.10 6.62
CA GLN D 943 -21.23 13.99 5.53
C GLN D 943 -19.76 13.87 5.18
N ASP D 944 -18.90 13.61 6.17
CA ASP D 944 -17.49 13.38 5.89
C ASP D 944 -17.29 12.11 5.07
N VAL D 945 -18.05 11.06 5.37
CA VAL D 945 -17.97 9.85 4.56
C VAL D 945 -18.37 10.16 3.11
N VAL D 946 -19.49 10.87 2.95
CA VAL D 946 -19.96 11.23 1.61
C VAL D 946 -18.92 12.08 0.88
N ASN D 947 -18.33 13.04 1.60
CA ASN D 947 -17.36 13.95 0.98
C ASN D 947 -16.07 13.23 0.63
N HIS D 948 -15.66 12.26 1.44
CA HIS D 948 -14.48 11.47 1.10
C HIS D 948 -14.72 10.67 -0.17
N ASN D 949 -15.90 10.05 -0.30
CA ASN D 949 -16.20 9.33 -1.53
C ASN D 949 -16.20 10.26 -2.73
N ALA D 950 -16.85 11.42 -2.58
CA ALA D 950 -16.93 12.37 -3.69
C ALA D 950 -15.55 12.89 -4.07
N GLN D 951 -14.71 13.19 -3.08
CA GLN D 951 -13.38 13.71 -3.36
C GLN D 951 -12.51 12.66 -4.03
N ALA D 952 -12.60 11.40 -3.60
CA ALA D 952 -11.84 10.35 -4.27
C ALA D 952 -12.28 10.19 -5.72
N LEU D 953 -13.59 10.21 -5.96
CA LEU D 953 -14.07 10.09 -7.33
C LEU D 953 -13.65 11.29 -8.18
N ASN D 954 -13.71 12.50 -7.62
CA ASN D 954 -13.31 13.69 -8.36
C ASN D 954 -11.83 13.68 -8.67
N THR D 955 -10.99 13.23 -7.74
CA THR D 955 -9.57 13.09 -8.02
C THR D 955 -9.32 12.07 -9.12
N LEU D 956 -10.03 10.94 -9.08
CA LEU D 956 -9.89 9.95 -10.13
C LEU D 956 -10.29 10.53 -11.48
N VAL D 957 -11.34 11.35 -11.51
CA VAL D 957 -11.78 11.95 -12.77
C VAL D 957 -10.75 12.95 -13.28
N LYS D 958 -10.26 13.82 -12.39
CA LYS D 958 -9.33 14.86 -12.82
C LYS D 958 -7.96 14.30 -13.16
N GLN D 959 -7.64 13.08 -12.73
CA GLN D 959 -6.39 12.47 -13.17
C GLN D 959 -6.41 12.10 -14.64
N LEU D 960 -7.57 12.14 -15.30
CA LEU D 960 -7.63 11.86 -16.73
C LEU D 960 -7.07 13.00 -17.57
N SER D 961 -6.98 14.21 -17.02
CA SER D 961 -6.31 15.32 -17.69
C SER D 961 -4.81 15.31 -17.47
N SER D 962 -4.30 14.48 -16.57
CA SER D 962 -2.87 14.39 -16.34
C SER D 962 -2.18 13.75 -17.53
N LYS D 963 -1.09 14.36 -17.98
CA LYS D 963 -0.32 13.81 -19.08
C LYS D 963 0.73 12.79 -18.65
N PHE D 964 1.11 12.82 -17.37
CA PHE D 964 2.12 11.89 -16.83
C PHE D 964 3.42 11.98 -17.63
N GLY D 965 3.74 13.17 -18.11
CA GLY D 965 4.94 13.39 -18.88
C GLY D 965 4.86 13.04 -20.35
N ALA D 966 3.67 13.01 -20.93
CA ALA D 966 3.50 12.70 -22.34
C ALA D 966 3.17 13.99 -23.11
N ILE D 967 2.98 13.84 -24.43
CA ILE D 967 2.69 15.00 -25.27
C ILE D 967 1.36 15.62 -24.88
N SER D 968 0.35 14.78 -24.67
CA SER D 968 -0.98 15.25 -24.30
C SER D 968 -1.68 14.15 -23.52
N SER D 969 -2.88 14.48 -23.02
CA SER D 969 -3.70 13.53 -22.26
C SER D 969 -4.80 12.92 -23.11
N VAL D 970 -4.76 13.10 -24.43
CA VAL D 970 -5.75 12.56 -25.35
C VAL D 970 -5.08 11.50 -26.20
N LEU D 971 -5.66 10.30 -26.23
CA LEU D 971 -5.05 9.18 -26.95
C LEU D 971 -5.06 9.41 -28.45
N ASN D 972 -6.16 9.94 -28.98
CA ASN D 972 -6.27 10.11 -30.43
C ASN D 972 -5.24 11.09 -30.97
N ASP D 973 -4.92 12.12 -30.19
CA ASP D 973 -3.86 13.04 -30.61
C ASP D 973 -2.52 12.32 -30.74
N ILE D 974 -2.20 11.44 -29.78
CA ILE D 974 -0.96 10.69 -29.85
C ILE D 974 -0.97 9.72 -31.02
N PHE D 975 -2.14 9.12 -31.31
CA PHE D 975 -2.21 8.10 -32.35
C PHE D 975 -2.24 8.68 -33.75
N SER D 976 -2.76 9.89 -33.93
CA SER D 976 -2.88 10.48 -35.25
C SER D 976 -1.85 11.57 -35.48
N ARG D 977 -0.84 11.65 -34.61
CA ARG D 977 0.21 12.65 -34.78
C ARG D 977 1.60 12.10 -34.50
N LEU D 978 1.82 10.79 -34.54
CA LEU D 978 3.10 10.23 -34.14
C LEU D 978 3.30 8.89 -34.83
N ASP D 979 4.56 8.47 -34.91
CA ASP D 979 4.88 7.16 -35.46
C ASP D 979 4.34 6.07 -34.55
N PRO D 980 3.74 5.01 -35.09
CA PRO D 980 3.15 3.96 -34.24
C PRO D 980 4.16 3.37 -33.26
N PRO D 981 5.43 3.15 -33.64
CA PRO D 981 6.40 2.70 -32.64
C PRO D 981 6.53 3.62 -31.44
N GLU D 982 6.47 4.94 -31.64
CA GLU D 982 6.48 5.89 -30.53
C GLU D 982 5.09 6.19 -30.00
N ALA D 983 4.06 6.02 -30.81
CA ALA D 983 2.70 6.14 -30.33
C ALA D 983 2.42 5.12 -29.24
N GLU D 984 2.88 3.88 -29.43
CA GLU D 984 2.73 2.87 -28.40
C GLU D 984 3.45 3.28 -27.12
N VAL D 985 4.65 3.87 -27.25
CA VAL D 985 5.42 4.24 -26.07
C VAL D 985 4.69 5.32 -25.27
N GLN D 986 4.22 6.37 -25.96
CA GLN D 986 3.54 7.46 -25.26
C GLN D 986 2.20 7.01 -24.70
N ILE D 987 1.46 6.19 -25.45
CA ILE D 987 0.20 5.65 -24.95
C ILE D 987 0.44 4.76 -23.74
N ASP D 988 1.56 4.03 -23.73
CA ASP D 988 1.90 3.24 -22.55
C ASP D 988 2.22 4.13 -21.36
N ARG D 989 2.88 5.26 -21.59
CA ARG D 989 3.08 6.23 -20.53
C ARG D 989 1.74 6.66 -19.91
N LEU D 990 0.80 7.06 -20.77
CA LEU D 990 -0.52 7.47 -20.29
C LEU D 990 -1.23 6.31 -19.59
N ILE D 991 -1.12 5.11 -20.13
CA ILE D 991 -1.84 3.95 -19.59
C ILE D 991 -1.30 3.57 -18.23
N THR D 992 0.02 3.60 -18.06
CA THR D 992 0.61 3.35 -16.74
C THR D 992 0.17 4.41 -15.76
N GLY D 993 0.14 5.68 -16.18
CA GLY D 993 -0.37 6.72 -15.29
C GLY D 993 -1.78 6.46 -14.83
N ARG D 994 -2.66 6.07 -15.76
CA ARG D 994 -4.06 5.87 -15.40
C ARG D 994 -4.27 4.62 -14.58
N LEU D 995 -3.53 3.55 -14.88
CA LEU D 995 -3.60 2.34 -14.05
C LEU D 995 -3.09 2.61 -12.65
N GLN D 996 -2.03 3.40 -12.53
CA GLN D 996 -1.54 3.81 -11.22
C GLN D 996 -2.60 4.62 -10.47
N SER D 997 -3.30 5.50 -11.18
CA SER D 997 -4.39 6.26 -10.55
C SER D 997 -5.48 5.34 -10.04
N LEU D 998 -5.88 4.35 -10.84
CA LEU D 998 -6.91 3.42 -10.42
C LEU D 998 -6.46 2.59 -9.22
N GLN D 999 -5.20 2.14 -9.23
CA GLN D 999 -4.70 1.34 -8.11
C GLN D 999 -4.63 2.18 -6.83
N THR D 1000 -4.20 3.43 -6.95
CA THR D 1000 -4.21 4.32 -5.78
C THR D 1000 -5.62 4.50 -5.25
N TYR D 1001 -6.59 4.71 -6.15
CA TYR D 1001 -7.98 4.85 -5.73
C TYR D 1001 -8.44 3.60 -4.98
N VAL D 1002 -8.12 2.42 -5.51
CA VAL D 1002 -8.59 1.19 -4.88
C VAL D 1002 -7.91 0.97 -3.53
N THR D 1003 -6.63 1.31 -3.42
CA THR D 1003 -5.94 1.15 -2.14
C THR D 1003 -6.55 2.08 -1.09
N GLN D 1004 -6.80 3.34 -1.44
CA GLN D 1004 -7.43 4.24 -0.49
C GLN D 1004 -8.85 3.82 -0.16
N GLN D 1005 -9.58 3.26 -1.14
CA GLN D 1005 -10.91 2.75 -0.87
C GLN D 1005 -10.85 1.57 0.11
N LEU D 1006 -9.84 0.71 -0.03
CA LEU D 1006 -9.70 -0.40 0.91
C LEU D 1006 -9.41 0.09 2.31
N ILE D 1007 -8.55 1.10 2.44
CA ILE D 1007 -8.24 1.64 3.77
C ILE D 1007 -9.48 2.29 4.39
N ARG D 1008 -10.21 3.08 3.59
CA ARG D 1008 -11.43 3.70 4.08
C ARG D 1008 -12.50 2.67 4.41
N ALA D 1009 -12.57 1.58 3.64
CA ALA D 1009 -13.51 0.51 3.92
C ALA D 1009 -13.17 -0.18 5.22
N ALA D 1010 -11.88 -0.36 5.52
CA ALA D 1010 -11.49 -0.92 6.81
C ALA D 1010 -11.92 0.00 7.96
N GLU D 1011 -11.73 1.31 7.79
CA GLU D 1011 -12.18 2.24 8.82
C GLU D 1011 -13.70 2.19 9.00
N ILE D 1012 -14.44 2.16 7.89
CA ILE D 1012 -15.89 2.08 7.96
C ILE D 1012 -16.33 0.76 8.57
N ARG D 1013 -15.61 -0.33 8.31
CA ARG D 1013 -15.94 -1.61 8.91
C ARG D 1013 -15.74 -1.57 10.42
N ALA D 1014 -14.68 -0.91 10.89
CA ALA D 1014 -14.51 -0.73 12.33
C ALA D 1014 -15.66 0.09 12.91
N SER D 1015 -16.08 1.15 12.21
CA SER D 1015 -17.20 1.95 12.66
C SER D 1015 -18.49 1.13 12.71
N ALA D 1016 -18.72 0.28 11.70
CA ALA D 1016 -19.92 -0.52 11.65
C ALA D 1016 -19.92 -1.62 12.72
N ASN D 1017 -18.74 -2.19 13.00
CA ASN D 1017 -18.64 -3.16 14.09
C ASN D 1017 -18.94 -2.49 15.43
N LEU D 1018 -18.44 -1.27 15.63
CA LEU D 1018 -18.77 -0.53 16.85
C LEU D 1018 -20.26 -0.22 16.93
N ALA D 1019 -20.88 0.15 15.79
CA ALA D 1019 -22.30 0.42 15.78
C ALA D 1019 -23.12 -0.82 16.09
N ALA D 1020 -22.70 -1.98 15.57
CA ALA D 1020 -23.38 -3.23 15.89
C ALA D 1020 -23.23 -3.58 17.37
N THR D 1021 -22.04 -3.36 17.92
CA THR D 1021 -21.82 -3.57 19.35
C THR D 1021 -22.72 -2.67 20.18
N LYS D 1022 -22.85 -1.41 19.79
CA LYS D 1022 -23.71 -0.49 20.53
C LYS D 1022 -25.19 -0.86 20.37
N MET D 1023 -25.59 -1.33 19.20
CA MET D 1023 -26.96 -1.81 19.03
C MET D 1023 -27.24 -2.99 19.94
N SER D 1024 -26.29 -3.91 20.06
CA SER D 1024 -26.49 -5.07 20.93
C SER D 1024 -26.49 -4.66 22.40
N GLU D 1025 -25.56 -3.79 22.79
CA GLU D 1025 -25.31 -3.54 24.21
C GLU D 1025 -26.01 -2.30 24.75
N CYS D 1026 -26.39 -1.35 23.90
CA CYS D 1026 -27.11 -0.16 24.35
C CYS D 1026 -28.59 -0.19 24.02
N VAL D 1027 -28.98 -0.86 22.95
CA VAL D 1027 -30.38 -0.92 22.54
C VAL D 1027 -31.06 -2.21 23.00
N LEU D 1028 -30.37 -3.34 22.84
CA LEU D 1028 -30.91 -4.62 23.25
C LEU D 1028 -30.63 -4.96 24.70
N GLY D 1029 -29.93 -4.09 25.42
CA GLY D 1029 -29.69 -4.29 26.84
C GLY D 1029 -29.31 -2.97 27.48
N GLN D 1030 -29.05 -3.03 28.78
CA GLN D 1030 -28.58 -1.89 29.54
C GLN D 1030 -27.11 -2.12 29.88
N SER D 1031 -26.26 -1.16 29.54
CA SER D 1031 -24.82 -1.32 29.61
C SER D 1031 -24.26 -0.68 30.87
N LYS D 1032 -23.39 -1.40 31.57
CA LYS D 1032 -22.63 -0.87 32.69
C LYS D 1032 -21.31 -0.24 32.27
N ARG D 1033 -20.96 -0.30 30.99
CA ARG D 1033 -19.68 0.22 30.52
C ARG D 1033 -19.73 1.75 30.52
N VAL D 1034 -18.79 2.38 31.21
CA VAL D 1034 -18.81 3.82 31.39
C VAL D 1034 -18.56 4.52 30.06
N ASP D 1035 -19.44 5.45 29.70
CA ASP D 1035 -19.40 6.29 28.51
C ASP D 1035 -19.55 5.50 27.22
N PHE D 1036 -19.96 4.24 27.28
CA PHE D 1036 -20.19 3.48 26.05
C PHE D 1036 -21.53 3.83 25.41
N CYS D 1037 -22.53 4.16 26.22
CA CYS D 1037 -23.87 4.45 25.71
C CYS D 1037 -24.32 5.83 26.20
N GLY D 1038 -23.47 6.83 26.03
CA GLY D 1038 -23.77 8.19 26.44
C GLY D 1038 -23.15 8.54 27.78
N LYS D 1039 -23.16 9.83 28.08
CA LYS D 1039 -22.60 10.35 29.32
C LYS D 1039 -23.63 10.26 30.44
N GLY D 1040 -23.23 9.67 31.56
CA GLY D 1040 -24.12 9.40 32.66
C GLY D 1040 -24.35 7.91 32.82
N TYR D 1041 -25.24 7.58 33.75
CA TYR D 1041 -25.59 6.19 34.00
C TYR D 1041 -26.63 5.77 32.97
N HIS D 1042 -26.25 4.84 32.09
CA HIS D 1042 -27.08 4.48 30.96
C HIS D 1042 -28.39 3.85 31.41
N LEU D 1043 -29.50 4.37 30.88
CA LEU D 1043 -30.81 3.76 31.08
C LEU D 1043 -31.22 2.93 29.86
N MET D 1044 -31.27 3.55 28.69
CA MET D 1044 -31.61 2.82 27.47
C MET D 1044 -31.17 3.63 26.26
N SER D 1045 -31.34 3.05 25.08
CA SER D 1045 -30.97 3.72 23.85
C SER D 1045 -31.97 3.37 22.76
N PHE D 1046 -32.18 4.32 21.85
CA PHE D 1046 -33.10 4.17 20.74
C PHE D 1046 -32.37 4.39 19.42
N PRO D 1047 -32.45 3.47 18.47
CA PRO D 1047 -31.81 3.68 17.17
C PRO D 1047 -32.69 4.43 16.19
N GLN D 1048 -32.04 5.22 15.34
CA GLN D 1048 -32.68 5.89 14.21
C GLN D 1048 -31.79 5.74 13.00
N SER D 1049 -32.37 5.36 11.86
CA SER D 1049 -31.57 5.19 10.65
C SER D 1049 -31.20 6.55 10.09
N ALA D 1050 -30.01 6.64 9.52
CA ALA D 1050 -29.50 7.84 8.88
C ALA D 1050 -28.91 7.43 7.53
N PRO D 1051 -28.82 8.37 6.57
CA PRO D 1051 -28.52 8.00 5.17
C PRO D 1051 -27.46 6.91 5.01
N HIS D 1052 -26.28 7.09 5.58
CA HIS D 1052 -25.24 6.08 5.48
C HIS D 1052 -24.81 5.57 6.85
N GLY D 1053 -25.70 5.59 7.83
CA GLY D 1053 -25.30 5.21 9.16
C GLY D 1053 -26.44 5.13 10.15
N VAL D 1054 -26.10 5.23 11.42
CA VAL D 1054 -27.06 5.07 12.49
C VAL D 1054 -26.88 6.20 13.48
N VAL D 1055 -27.96 6.57 14.15
CA VAL D 1055 -27.96 7.59 15.20
C VAL D 1055 -28.59 6.96 16.44
N PHE D 1056 -27.82 6.88 17.51
CA PHE D 1056 -28.30 6.36 18.77
C PHE D 1056 -28.71 7.53 19.66
N LEU D 1057 -29.92 7.45 20.20
CA LEU D 1057 -30.41 8.40 21.19
C LEU D 1057 -30.25 7.70 22.54
N HIS D 1058 -29.25 8.12 23.30
CA HIS D 1058 -28.94 7.53 24.59
C HIS D 1058 -29.69 8.27 25.68
N VAL D 1059 -30.52 7.56 26.42
CA VAL D 1059 -31.21 8.07 27.61
C VAL D 1059 -30.42 7.60 28.82
N THR D 1060 -29.85 8.58 29.55
CA THR D 1060 -29.03 8.36 30.71
C THR D 1060 -29.58 9.15 31.91
N TYR D 1061 -29.17 8.72 33.09
CA TYR D 1061 -29.56 9.31 34.35
C TYR D 1061 -28.37 10.10 34.89
N VAL D 1062 -28.52 11.41 35.01
CA VAL D 1062 -27.44 12.27 35.50
C VAL D 1062 -27.83 12.79 36.87
N PRO D 1063 -27.06 12.49 37.92
CA PRO D 1063 -27.38 13.03 39.24
C PRO D 1063 -27.26 14.54 39.26
N ALA D 1064 -28.05 15.18 40.13
CA ALA D 1064 -28.08 16.64 40.20
C ALA D 1064 -28.49 17.07 41.60
N GLN D 1065 -28.17 18.33 41.91
CA GLN D 1065 -28.50 18.94 43.20
C GLN D 1065 -27.87 18.17 44.35
N GLU D 1066 -26.56 18.05 44.30
CA GLU D 1066 -25.84 17.34 45.35
C GLU D 1066 -25.84 18.15 46.65
N LYS D 1067 -25.85 17.45 47.77
CA LYS D 1067 -25.76 18.05 49.09
C LYS D 1067 -24.64 17.42 49.89
N ASN D 1068 -24.01 18.22 50.74
CA ASN D 1068 -22.96 17.74 51.61
C ASN D 1068 -23.54 17.02 52.82
N PHE D 1069 -22.85 15.98 53.28
CA PHE D 1069 -23.20 15.29 54.51
C PHE D 1069 -21.92 14.80 55.17
N THR D 1070 -22.01 14.58 56.47
CA THR D 1070 -20.94 13.93 57.20
C THR D 1070 -21.16 12.43 57.17
N THR D 1071 -20.09 11.68 56.94
CA THR D 1071 -20.17 10.24 56.75
C THR D 1071 -19.21 9.54 57.68
N ALA D 1072 -19.51 8.28 57.97
CA ALA D 1072 -18.67 7.42 58.79
C ALA D 1072 -18.59 6.05 58.14
N PRO D 1073 -17.44 5.37 58.28
CA PRO D 1073 -17.34 4.01 57.73
C PRO D 1073 -18.25 3.01 58.40
N ALA D 1074 -18.48 3.17 59.71
CA ALA D 1074 -19.26 2.20 60.46
C ALA D 1074 -19.88 2.90 61.68
N ILE D 1075 -20.90 2.27 62.23
CA ILE D 1075 -21.60 2.78 63.41
C ILE D 1075 -21.33 1.82 64.56
N CYS D 1076 -20.84 2.35 65.68
CA CYS D 1076 -20.58 1.53 66.85
C CYS D 1076 -21.81 1.50 67.74
N HIS D 1077 -22.25 0.29 68.11
CA HIS D 1077 -23.44 0.14 68.93
C HIS D 1077 -23.33 -1.17 69.69
N ASP D 1078 -23.47 -1.10 71.02
CA ASP D 1078 -23.33 -2.26 71.90
C ASP D 1078 -21.98 -2.93 71.71
N GLY D 1079 -20.95 -2.13 71.49
CA GLY D 1079 -19.62 -2.66 71.25
C GLY D 1079 -19.45 -3.36 69.93
N LYS D 1080 -20.43 -3.27 69.04
CA LYS D 1080 -20.40 -3.95 67.75
C LYS D 1080 -20.31 -2.93 66.63
N ALA D 1081 -19.54 -3.26 65.59
CA ALA D 1081 -19.40 -2.40 64.43
C ALA D 1081 -20.44 -2.78 63.38
N HIS D 1082 -21.21 -1.80 62.93
CA HIS D 1082 -22.23 -1.99 61.93
C HIS D 1082 -21.81 -1.30 60.64
N PHE D 1083 -21.90 -2.03 59.54
CA PHE D 1083 -21.63 -1.52 58.21
C PHE D 1083 -22.91 -1.52 57.38
N PRO D 1084 -23.14 -0.50 56.57
CA PRO D 1084 -24.40 -0.43 55.83
C PRO D 1084 -24.53 -1.55 54.81
N ARG D 1085 -25.70 -2.16 54.77
CA ARG D 1085 -25.90 -3.31 53.91
C ARG D 1085 -25.85 -2.92 52.43
N GLU D 1086 -26.63 -1.91 52.04
CA GLU D 1086 -26.66 -1.44 50.66
C GLU D 1086 -26.72 0.09 50.60
N GLY D 1087 -25.90 0.75 51.41
CA GLY D 1087 -25.90 2.19 51.40
C GLY D 1087 -24.67 2.79 52.03
N VAL D 1088 -24.83 4.04 52.49
CA VAL D 1088 -23.77 4.80 53.12
C VAL D 1088 -24.37 5.56 54.29
N PHE D 1089 -23.60 5.67 55.36
CA PHE D 1089 -24.03 6.41 56.55
C PHE D 1089 -23.86 7.91 56.31
N VAL D 1090 -24.91 8.67 56.60
CA VAL D 1090 -24.89 10.12 56.49
C VAL D 1090 -25.51 10.73 57.74
N SER D 1091 -25.34 12.03 57.89
CA SER D 1091 -25.82 12.74 59.07
C SER D 1091 -26.26 14.14 58.69
N ASN D 1092 -27.44 14.55 59.18
CA ASN D 1092 -27.81 15.96 59.15
C ASN D 1092 -26.77 16.81 59.89
N GLY D 1093 -26.16 16.23 60.92
CA GLY D 1093 -25.30 16.96 61.84
C GLY D 1093 -25.52 16.47 63.25
N THR D 1094 -26.74 16.01 63.54
CA THR D 1094 -27.07 15.44 64.85
C THR D 1094 -27.49 13.98 64.79
N HIS D 1095 -28.48 13.64 63.97
CA HIS D 1095 -28.89 12.26 63.79
C HIS D 1095 -28.12 11.60 62.65
N TRP D 1096 -28.22 10.27 62.58
CA TRP D 1096 -27.50 9.48 61.59
C TRP D 1096 -28.47 8.60 60.85
N PHE D 1097 -28.42 8.63 59.52
CA PHE D 1097 -29.24 7.82 58.65
C PHE D 1097 -28.35 6.98 57.74
N VAL D 1098 -28.99 6.04 57.04
CA VAL D 1098 -28.35 5.29 55.97
C VAL D 1098 -29.11 5.59 54.69
N THR D 1099 -28.39 5.79 53.60
CA THR D 1099 -29.02 6.17 52.35
C THR D 1099 -28.39 5.42 51.18
N GLN D 1100 -29.15 5.28 50.10
CA GLN D 1100 -28.59 4.77 48.87
C GLN D 1100 -27.63 5.78 48.27
N ARG D 1101 -26.64 5.29 47.53
CA ARG D 1101 -25.50 6.12 47.18
C ARG D 1101 -25.85 7.19 46.16
N ASN D 1102 -26.73 6.87 45.21
CA ASN D 1102 -26.97 7.74 44.06
C ASN D 1102 -28.23 8.59 44.18
N PHE D 1103 -28.90 8.56 45.33
CA PHE D 1103 -30.10 9.38 45.53
C PHE D 1103 -30.31 9.53 47.02
N TYR D 1104 -30.44 10.77 47.49
CA TYR D 1104 -30.60 11.00 48.93
C TYR D 1104 -31.96 10.49 49.38
N GLU D 1105 -31.95 9.37 50.10
CA GLU D 1105 -33.16 8.80 50.70
C GLU D 1105 -32.81 8.33 52.10
N PRO D 1106 -32.71 9.25 53.06
CA PRO D 1106 -32.26 8.86 54.41
C PRO D 1106 -33.24 7.91 55.07
N GLN D 1107 -32.69 6.93 55.77
CA GLN D 1107 -33.47 5.91 56.46
C GLN D 1107 -32.96 5.75 57.88
N ILE D 1108 -33.86 5.37 58.78
CA ILE D 1108 -33.48 5.11 60.16
C ILE D 1108 -32.49 3.95 60.20
N ILE D 1109 -31.38 4.13 60.90
CA ILE D 1109 -30.38 3.08 61.01
C ILE D 1109 -30.92 1.96 61.90
N THR D 1110 -31.31 0.86 61.28
CA THR D 1110 -31.81 -0.30 61.99
C THR D 1110 -30.88 -1.48 61.76
N THR D 1111 -31.14 -2.57 62.48
CA THR D 1111 -30.39 -3.80 62.33
C THR D 1111 -30.76 -4.56 61.06
N ASP D 1112 -31.72 -4.06 60.30
CA ASP D 1112 -32.16 -4.72 59.08
C ASP D 1112 -31.58 -4.12 57.81
N ASN D 1113 -30.98 -2.93 57.88
CA ASN D 1113 -30.29 -2.35 56.74
C ASN D 1113 -28.79 -2.22 56.97
N THR D 1114 -28.27 -2.86 58.03
CA THR D 1114 -26.84 -2.94 58.29
C THR D 1114 -26.48 -4.38 58.62
N PHE D 1115 -25.18 -4.64 58.72
CA PHE D 1115 -24.69 -5.94 59.15
C PHE D 1115 -23.51 -5.73 60.09
N VAL D 1116 -23.32 -6.69 61.00
CA VAL D 1116 -22.38 -6.57 62.10
C VAL D 1116 -21.10 -7.31 61.73
N SER D 1117 -19.95 -6.70 62.08
CA SER D 1117 -18.65 -7.34 61.85
C SER D 1117 -17.65 -6.79 62.86
N GLY D 1118 -17.36 -7.58 63.89
CA GLY D 1118 -16.33 -7.22 64.84
C GLY D 1118 -16.74 -6.16 65.85
N ASN D 1119 -15.75 -5.71 66.61
CA ASN D 1119 -15.94 -4.70 67.63
C ASN D 1119 -15.65 -3.31 67.08
N CYS D 1120 -15.77 -2.30 67.94
CA CYS D 1120 -15.42 -0.93 67.56
C CYS D 1120 -13.97 -0.60 67.92
N ASP D 1121 -13.04 -1.44 67.50
CA ASP D 1121 -11.63 -1.26 67.83
C ASP D 1121 -10.70 -1.23 66.64
N VAL D 1122 -11.14 -1.66 65.46
CA VAL D 1122 -10.29 -1.78 64.30
C VAL D 1122 -10.63 -0.74 63.24
N VAL D 1123 -11.91 -0.47 63.03
CA VAL D 1123 -12.33 0.43 61.96
C VAL D 1123 -11.97 1.86 62.32
N ILE D 1124 -11.22 2.52 61.43
CA ILE D 1124 -10.83 3.92 61.63
C ILE D 1124 -11.98 4.80 61.18
N GLY D 1125 -12.45 5.67 62.08
CA GLY D 1125 -13.54 6.58 61.77
C GLY D 1125 -14.90 6.13 62.27
N ILE D 1126 -14.97 5.02 63.02
CA ILE D 1126 -16.25 4.54 63.51
C ILE D 1126 -16.89 5.58 64.44
N VAL D 1127 -18.21 5.66 64.41
CA VAL D 1127 -18.97 6.67 65.12
C VAL D 1127 -20.02 6.01 66.00
N ASN D 1128 -20.15 6.48 67.23
CA ASN D 1128 -21.15 5.97 68.15
C ASN D 1128 -22.54 6.48 67.77
N ASN D 1129 -23.50 5.56 67.74
CA ASN D 1129 -24.89 5.89 67.46
C ASN D 1129 -25.74 4.69 67.83
N THR D 1130 -27.05 4.88 67.76
CA THR D 1130 -28.02 3.85 68.11
C THR D 1130 -28.48 3.12 66.85
N VAL D 1131 -28.41 1.79 66.89
CA VAL D 1131 -28.93 0.96 65.81
C VAL D 1131 -30.23 0.33 66.29
N TYR D 1132 -31.36 0.92 65.87
CA TYR D 1132 -32.65 0.47 66.35
C TYR D 1132 -32.93 -0.97 65.92
N ASP D 1133 -33.61 -1.71 66.78
CA ASP D 1133 -33.94 -3.10 66.48
C ASP D 1133 -35.45 -3.29 66.38
N THR E 28 60.85 20.19 -35.92
CA THR E 28 60.59 18.76 -35.77
C THR E 28 61.12 18.00 -36.98
N PHE E 29 62.37 17.57 -36.89
CA PHE E 29 63.02 16.91 -38.03
C PHE E 29 62.39 15.56 -38.33
N ASP E 30 62.08 14.78 -37.29
CA ASP E 30 61.64 13.40 -37.48
C ASP E 30 60.32 13.33 -38.25
N ASP E 31 59.44 14.31 -38.05
CA ASP E 31 58.12 14.26 -38.66
C ASP E 31 58.09 14.96 -40.02
N TYR E 32 59.01 14.59 -40.91
CA TYR E 32 59.09 15.22 -42.22
C TYR E 32 59.91 14.33 -43.15
N ALA E 33 59.89 14.69 -44.43
CA ALA E 33 60.65 13.99 -45.46
C ALA E 33 61.64 14.95 -46.11
N MET E 34 62.87 14.47 -46.30
CA MET E 34 63.93 15.30 -46.85
C MET E 34 64.21 14.95 -48.31
N SER E 52 61.68 9.39 -46.74
CA SER E 52 60.56 9.34 -45.80
C SER E 52 61.03 9.57 -44.37
N TRP E 53 60.07 9.86 -43.48
CA TRP E 53 60.40 10.06 -42.08
C TRP E 53 60.96 8.78 -41.45
N ASN E 54 60.39 7.64 -41.81
CA ASN E 54 60.80 6.35 -41.30
C ASN E 54 61.81 5.65 -42.20
N SER E 55 62.28 6.33 -43.25
CA SER E 55 63.25 5.81 -44.21
C SER E 55 62.74 4.57 -44.94
N GLY E 56 61.43 4.47 -45.19
CA GLY E 56 60.87 3.35 -45.91
C GLY E 56 60.72 3.63 -47.40
N ARG E 72 68.98 8.96 -43.16
CA ARG E 72 68.71 10.11 -42.29
C ARG E 72 68.83 9.72 -40.82
N ASP E 73 68.79 10.73 -39.95
CA ASP E 73 68.94 10.53 -38.51
C ASP E 73 67.85 11.36 -37.82
N ASN E 74 66.72 10.71 -37.51
CA ASN E 74 65.61 11.42 -36.88
C ASN E 74 66.02 12.01 -35.53
N ALA E 75 66.94 11.37 -34.82
CA ALA E 75 67.45 11.88 -33.56
C ALA E 75 68.63 12.83 -33.81
N LYS E 98 62.82 20.68 -47.35
CA LYS E 98 61.79 20.01 -46.56
C LYS E 98 60.45 19.99 -47.28
N ASP E 99 59.90 18.80 -47.48
CA ASP E 99 58.58 18.63 -48.05
C ASP E 99 57.52 19.04 -47.04
N LYS E 100 56.38 19.52 -47.53
CA LYS E 100 55.29 19.90 -46.65
C LYS E 100 54.77 18.71 -45.85
N THR E 101 54.79 17.52 -46.45
CA THR E 101 54.16 16.35 -45.86
C THR E 101 55.19 15.48 -45.15
N TYR E 102 54.70 14.55 -44.34
CA TYR E 102 55.58 13.67 -43.58
C TYR E 102 56.44 12.80 -44.49
N ASP E 103 55.85 12.19 -45.51
CA ASP E 103 56.59 11.44 -46.53
C ASP E 103 55.90 11.61 -47.87
N SER E 104 56.25 10.74 -48.82
CA SER E 104 55.58 10.67 -50.11
C SER E 104 54.07 10.41 -50.02
N PRO E 105 53.56 9.54 -49.11
CA PRO E 105 52.11 9.27 -49.09
C PRO E 105 51.21 10.49 -48.99
N GLY E 106 51.79 11.67 -48.80
CA GLY E 106 51.02 12.88 -48.95
C GLY E 106 51.05 13.38 -50.36
N TYR E 107 50.73 12.51 -51.33
CA TYR E 107 50.79 12.89 -52.74
C TYR E 107 49.54 13.65 -53.18
N PHE E 108 49.16 14.64 -52.37
CA PHE E 108 48.25 15.69 -52.78
C PHE E 108 48.69 17.03 -52.21
N LEU E 109 49.61 17.03 -51.24
CA LEU E 109 50.12 18.24 -50.62
C LEU E 109 51.64 18.35 -50.71
N ASN E 110 52.31 17.45 -51.43
CA ASN E 110 53.75 17.46 -51.58
C ASN E 110 54.24 18.76 -52.22
#